data_2JRE
#
_entry.id   2JRE
#
_entity_poly.entity_id   1
_entity_poly.type   'polypeptide(L)'
_entity_poly.pdbx_seq_one_letter_code
;GSHGYSDASGFSLYSVELFREKDTSSLGISISGMRDQSTTGEATGIYVKSLIPGSAAALDGRIEPNDKILRVDDVNVQGM
AQSDVVEVLRNAGNPVRLLLIRRLPLLE
;
_entity_poly.pdbx_strand_id   A
#
# COMPACT_ATOMS: atom_id res chain seq x y z
N GLY A 1 15.02 10.50 9.61
CA GLY A 1 14.17 9.32 9.95
C GLY A 1 14.95 8.21 10.61
N SER A 2 14.47 7.75 11.76
CA SER A 2 15.14 6.67 12.49
C SER A 2 14.35 5.37 12.37
N HIS A 3 13.13 5.46 11.88
CA HIS A 3 12.27 4.29 11.72
C HIS A 3 12.90 3.29 10.74
N GLY A 4 13.14 2.07 11.22
CA GLY A 4 13.73 1.05 10.37
C GLY A 4 13.03 -0.30 10.50
N TYR A 5 13.02 -0.85 11.71
CA TYR A 5 12.38 -2.13 11.96
C TYR A 5 12.95 -3.21 11.05
N SER A 6 14.27 -3.27 10.94
CA SER A 6 14.94 -4.26 10.10
C SER A 6 14.88 -5.63 10.74
N ASP A 7 13.97 -6.48 10.24
CA ASP A 7 13.81 -7.84 10.77
C ASP A 7 13.49 -7.81 12.25
N ALA A 8 12.20 -7.68 12.57
CA ALA A 8 11.76 -7.64 13.97
C ALA A 8 10.42 -8.33 14.13
N SER A 9 10.44 -9.55 14.65
CA SER A 9 9.21 -10.32 14.87
C SER A 9 8.44 -10.50 13.56
N GLY A 10 9.14 -10.36 12.43
CA GLY A 10 8.50 -10.52 11.14
C GLY A 10 7.83 -9.25 10.66
N PHE A 11 8.47 -8.12 10.89
CA PHE A 11 7.92 -6.83 10.47
C PHE A 11 9.04 -5.90 10.00
N SER A 12 8.97 -5.48 8.74
CA SER A 12 9.97 -4.58 8.17
C SER A 12 9.33 -3.59 7.22
N LEU A 13 9.86 -2.36 7.20
CA LEU A 13 9.35 -1.32 6.33
C LEU A 13 9.89 -1.48 4.91
N TYR A 14 8.99 -1.49 3.95
CA TYR A 14 9.38 -1.64 2.55
C TYR A 14 8.83 -0.49 1.71
N SER A 15 9.66 0.02 0.80
CA SER A 15 9.26 1.14 -0.05
C SER A 15 9.61 0.87 -1.51
N VAL A 16 8.66 1.09 -2.40
CA VAL A 16 8.86 0.87 -3.82
C VAL A 16 8.71 2.18 -4.60
N GLU A 17 9.30 2.23 -5.80
CA GLU A 17 9.22 3.43 -6.62
C GLU A 17 8.35 3.20 -7.85
N LEU A 18 7.18 3.84 -7.87
CA LEU A 18 6.26 3.72 -8.99
C LEU A 18 6.02 5.08 -9.63
N PHE A 19 5.42 5.07 -10.82
CA PHE A 19 5.16 6.32 -11.54
C PHE A 19 3.84 6.27 -12.30
N ARG A 20 3.04 7.31 -12.15
CA ARG A 20 1.75 7.39 -12.84
C ARG A 20 1.88 8.23 -14.11
N GLU A 21 2.11 7.56 -15.23
CA GLU A 21 2.26 8.24 -16.52
C GLU A 21 1.38 7.63 -17.58
N LYS A 22 0.48 6.74 -17.16
CA LYS A 22 -0.43 6.08 -18.09
C LYS A 22 -1.86 6.56 -17.88
N ASP A 23 -2.65 6.52 -18.96
CA ASP A 23 -4.04 6.97 -18.91
C ASP A 23 -4.94 5.87 -18.33
N THR A 24 -4.31 4.90 -17.66
CA THR A 24 -5.05 3.80 -17.07
C THR A 24 -5.89 4.27 -15.88
N SER A 25 -5.65 5.51 -15.46
CA SER A 25 -6.38 6.10 -14.34
C SER A 25 -6.20 5.27 -13.07
N SER A 26 -5.15 4.45 -13.04
CA SER A 26 -4.86 3.62 -11.88
C SER A 26 -3.44 3.08 -11.92
N LEU A 27 -2.92 2.69 -10.76
CA LEU A 27 -1.57 2.16 -10.66
C LEU A 27 -1.59 0.64 -10.52
N GLY A 28 -2.78 0.11 -10.28
CA GLY A 28 -2.93 -1.34 -10.14
C GLY A 28 -2.99 -1.76 -8.69
N ILE A 29 -3.42 -0.85 -7.83
CA ILE A 29 -3.53 -1.12 -6.40
C ILE A 29 -4.99 -1.37 -6.00
N SER A 30 -5.27 -2.59 -5.55
CA SER A 30 -6.61 -2.97 -5.14
C SER A 30 -6.68 -3.17 -3.63
N ILE A 31 -7.22 -2.18 -2.93
CA ILE A 31 -7.33 -2.25 -1.47
C ILE A 31 -8.74 -2.66 -1.05
N SER A 32 -8.85 -3.14 0.19
CA SER A 32 -10.13 -3.56 0.74
C SER A 32 -10.16 -3.38 2.25
N GLY A 33 -11.34 -3.04 2.77
CA GLY A 33 -11.47 -2.84 4.20
C GLY A 33 -11.75 -4.13 4.95
N MET A 34 -11.30 -4.19 6.20
CA MET A 34 -11.49 -5.38 7.02
C MET A 34 -12.75 -5.24 7.88
N ARG A 35 -13.37 -6.37 8.20
CA ARG A 35 -14.59 -6.37 9.00
C ARG A 35 -14.30 -6.86 10.42
N ASP A 36 -14.06 -5.92 11.33
CA ASP A 36 -13.78 -6.25 12.73
C ASP A 36 -15.02 -6.07 13.58
N GLN A 37 -15.32 -7.06 14.41
CA GLN A 37 -16.49 -7.02 15.28
C GLN A 37 -16.08 -7.15 16.74
N SER A 38 -14.78 -7.06 17.00
CA SER A 38 -14.26 -7.17 18.37
C SER A 38 -12.91 -6.46 18.50
N THR A 39 -12.69 -5.83 19.65
CA THR A 39 -11.46 -5.11 19.90
C THR A 39 -10.38 -6.05 20.44
N THR A 40 -9.17 -5.93 19.89
CA THR A 40 -8.06 -6.76 20.31
C THR A 40 -6.72 -6.08 20.03
N GLY A 41 -6.76 -4.75 19.93
CA GLY A 41 -5.55 -3.99 19.66
C GLY A 41 -5.56 -3.37 18.29
N GLU A 42 -5.88 -4.17 17.28
CA GLU A 42 -5.93 -3.69 15.90
C GLU A 42 -7.36 -3.58 15.40
N ALA A 43 -7.60 -2.67 14.47
CA ALA A 43 -8.93 -2.47 13.92
C ALA A 43 -8.87 -1.67 12.62
N THR A 44 -9.60 -2.14 11.61
CA THR A 44 -9.64 -1.49 10.30
C THR A 44 -8.23 -1.22 9.77
N GLY A 45 -8.15 -0.45 8.69
CA GLY A 45 -6.87 -0.13 8.10
C GLY A 45 -6.84 -0.40 6.60
N ILE A 46 -6.13 0.42 5.86
CA ILE A 46 -6.02 0.26 4.41
C ILE A 46 -4.87 -0.68 4.05
N TYR A 47 -5.20 -1.74 3.30
CA TYR A 47 -4.19 -2.71 2.89
C TYR A 47 -4.51 -3.29 1.53
N VAL A 48 -3.48 -3.61 0.75
CA VAL A 48 -3.65 -4.19 -0.58
C VAL A 48 -3.84 -5.69 -0.51
N LYS A 49 -4.78 -6.20 -1.29
CA LYS A 49 -5.08 -7.62 -1.33
C LYS A 49 -5.01 -8.16 -2.76
N SER A 50 -5.26 -7.27 -3.72
CA SER A 50 -5.22 -7.65 -5.13
C SER A 50 -4.48 -6.61 -5.97
N LEU A 51 -4.22 -6.95 -7.22
CA LEU A 51 -3.50 -6.04 -8.12
C LEU A 51 -4.08 -6.10 -9.53
N ILE A 52 -3.82 -5.06 -10.33
CA ILE A 52 -4.31 -5.00 -11.70
C ILE A 52 -3.17 -5.24 -12.69
N PRO A 53 -3.08 -6.46 -13.27
CA PRO A 53 -2.03 -6.80 -14.24
C PRO A 53 -1.98 -5.81 -15.41
N GLY A 54 -0.77 -5.40 -15.77
CA GLY A 54 -0.59 -4.46 -16.88
C GLY A 54 -0.36 -3.04 -16.39
N SER A 55 -0.60 -2.80 -15.11
CA SER A 55 -0.41 -1.48 -14.53
C SER A 55 1.03 -1.29 -14.06
N ALA A 56 1.32 -0.10 -13.53
CA ALA A 56 2.66 0.21 -13.04
C ALA A 56 3.04 -0.69 -11.87
N ALA A 57 2.21 -0.70 -10.85
CA ALA A 57 2.46 -1.50 -9.65
C ALA A 57 2.70 -2.97 -10.00
N ALA A 58 1.82 -3.53 -10.83
CA ALA A 58 1.93 -4.93 -11.23
C ALA A 58 3.22 -5.19 -12.01
N LEU A 59 3.40 -4.46 -13.10
CA LEU A 59 4.58 -4.61 -13.95
C LEU A 59 5.86 -4.34 -13.18
N ASP A 60 5.74 -3.62 -12.06
CA ASP A 60 6.90 -3.30 -11.24
C ASP A 60 7.60 -4.55 -10.76
N GLY A 61 6.82 -5.50 -10.23
CA GLY A 61 7.39 -6.74 -9.75
C GLY A 61 7.52 -6.77 -8.24
N ARG A 62 8.11 -5.71 -7.67
CA ARG A 62 8.29 -5.62 -6.22
C ARG A 62 6.95 -5.57 -5.50
N ILE A 63 5.92 -5.12 -6.21
CA ILE A 63 4.59 -5.02 -5.63
C ILE A 63 3.93 -6.40 -5.55
N GLU A 64 3.99 -7.00 -4.37
CA GLU A 64 3.39 -8.31 -4.16
C GLU A 64 2.13 -8.21 -3.30
N PRO A 65 1.23 -9.19 -3.41
CA PRO A 65 -0.03 -9.20 -2.64
C PRO A 65 0.22 -9.31 -1.15
N ASN A 66 -0.85 -9.17 -0.37
CA ASN A 66 -0.76 -9.25 1.09
C ASN A 66 0.22 -8.22 1.65
N ASP A 67 -0.22 -6.95 1.67
CA ASP A 67 0.61 -5.87 2.17
C ASP A 67 -0.26 -4.78 2.78
N LYS A 68 0.28 -4.05 3.75
CA LYS A 68 -0.46 -2.99 4.41
C LYS A 68 0.11 -1.62 4.04
N ILE A 69 -0.69 -0.82 3.33
CA ILE A 69 -0.27 0.52 2.93
C ILE A 69 -0.19 1.45 4.14
N LEU A 70 0.83 2.30 4.17
CA LEU A 70 1.01 3.23 5.28
C LEU A 70 0.92 4.68 4.80
N ARG A 71 1.87 5.08 3.96
CA ARG A 71 1.89 6.45 3.45
C ARG A 71 2.31 6.49 1.99
N VAL A 72 1.59 7.27 1.20
CA VAL A 72 1.89 7.43 -0.22
C VAL A 72 2.84 8.61 -0.41
N ASP A 73 3.30 8.84 -1.64
CA ASP A 73 4.21 9.95 -1.93
C ASP A 73 3.72 11.26 -1.32
N ASP A 74 4.42 11.72 -0.29
CA ASP A 74 4.08 12.97 0.39
C ASP A 74 2.63 12.98 0.87
N VAL A 75 2.08 11.79 1.10
CA VAL A 75 0.70 11.65 1.56
C VAL A 75 0.57 10.51 2.56
N ASN A 76 -0.40 10.62 3.46
CA ASN A 76 -0.63 9.60 4.47
C ASN A 76 -2.04 9.02 4.36
N VAL A 77 -2.14 7.69 4.34
CA VAL A 77 -3.44 7.03 4.22
C VAL A 77 -3.83 6.33 5.52
N GLN A 78 -3.17 6.71 6.61
CA GLN A 78 -3.45 6.12 7.92
C GLN A 78 -4.61 6.83 8.60
N GLY A 79 -5.52 7.39 7.81
CA GLY A 79 -6.66 8.10 8.37
C GLY A 79 -7.60 8.62 7.30
N MET A 80 -7.52 8.07 6.10
CA MET A 80 -8.38 8.49 4.99
C MET A 80 -9.25 7.34 4.51
N ALA A 81 -10.46 7.67 4.08
CA ALA A 81 -11.39 6.66 3.60
C ALA A 81 -10.84 5.95 2.36
N GLN A 82 -11.31 4.73 2.12
CA GLN A 82 -10.85 3.95 0.97
C GLN A 82 -10.96 4.75 -0.33
N SER A 83 -12.17 5.20 -0.63
CA SER A 83 -12.42 5.99 -1.84
C SER A 83 -11.50 7.19 -1.92
N ASP A 84 -11.25 7.81 -0.77
CA ASP A 84 -10.38 8.99 -0.71
C ASP A 84 -8.98 8.65 -1.19
N VAL A 85 -8.45 7.52 -0.72
CA VAL A 85 -7.11 7.08 -1.10
C VAL A 85 -7.03 6.86 -2.61
N VAL A 86 -8.13 6.41 -3.20
CA VAL A 86 -8.18 6.17 -4.63
C VAL A 86 -8.01 7.48 -5.40
N GLU A 87 -8.69 8.53 -4.94
CA GLU A 87 -8.60 9.83 -5.58
C GLU A 87 -7.17 10.32 -5.61
N VAL A 88 -6.46 10.12 -4.50
CA VAL A 88 -5.07 10.53 -4.38
C VAL A 88 -4.21 9.91 -5.49
N LEU A 89 -4.31 8.59 -5.61
CA LEU A 89 -3.54 7.86 -6.63
C LEU A 89 -3.80 8.43 -8.01
N ARG A 90 -5.03 8.86 -8.25
CA ARG A 90 -5.41 9.42 -9.54
C ARG A 90 -4.86 10.84 -9.69
N ASN A 91 -4.73 11.54 -8.57
CA ASN A 91 -4.23 12.91 -8.57
C ASN A 91 -2.72 12.93 -8.80
N ALA A 92 -2.08 11.78 -8.58
CA ALA A 92 -0.63 11.66 -8.76
C ALA A 92 -0.20 12.14 -10.15
N GLY A 93 -0.31 11.27 -11.15
CA GLY A 93 0.08 11.64 -12.50
C GLY A 93 1.56 11.89 -12.61
N ASN A 94 2.30 11.51 -11.57
CA ASN A 94 3.76 11.70 -11.54
C ASN A 94 4.43 10.57 -10.77
N PRO A 95 5.77 10.43 -10.89
CA PRO A 95 6.51 9.39 -10.16
C PRO A 95 6.29 9.50 -8.66
N VAL A 96 5.49 8.58 -8.11
CA VAL A 96 5.18 8.60 -6.69
C VAL A 96 5.88 7.46 -5.94
N ARG A 97 6.11 7.68 -4.66
CA ARG A 97 6.76 6.69 -3.81
C ARG A 97 5.72 5.99 -2.94
N LEU A 98 5.92 4.69 -2.72
CA LEU A 98 4.99 3.91 -1.91
C LEU A 98 5.66 3.42 -0.64
N LEU A 99 5.00 3.62 0.50
CA LEU A 99 5.53 3.18 1.78
C LEU A 99 4.57 2.21 2.45
N LEU A 100 4.87 0.92 2.33
CA LEU A 100 4.03 -0.12 2.92
C LEU A 100 4.84 -1.09 3.75
N ILE A 101 4.19 -1.71 4.73
CA ILE A 101 4.86 -2.67 5.60
C ILE A 101 4.53 -4.10 5.18
N ARG A 102 5.53 -4.98 5.20
CA ARG A 102 5.35 -6.36 4.82
C ARG A 102 5.92 -7.30 5.87
N ARG A 103 5.14 -8.32 6.24
CA ARG A 103 5.58 -9.28 7.24
C ARG A 103 6.45 -10.35 6.61
N LEU A 104 7.59 -10.64 7.24
CA LEU A 104 8.50 -11.65 6.76
C LEU A 104 8.33 -12.97 7.53
N PRO A 105 8.56 -14.11 6.87
CA PRO A 105 8.42 -15.43 7.49
C PRO A 105 9.63 -15.81 8.33
N LEU A 106 9.44 -16.79 9.21
CA LEU A 106 10.51 -17.27 10.07
C LEU A 106 10.62 -18.79 10.01
N LEU A 107 11.50 -19.26 9.14
CA LEU A 107 11.71 -20.70 8.98
C LEU A 107 12.86 -21.20 9.86
N GLU A 108 12.55 -22.20 10.69
CA GLU A 108 13.54 -22.77 11.59
C GLU A 108 14.17 -21.70 12.48
N GLY A 1 21.57 4.84 9.40
CA GLY A 1 20.30 5.55 9.73
C GLY A 1 19.71 5.10 11.05
N SER A 2 18.67 5.80 11.50
CA SER A 2 18.02 5.46 12.76
C SER A 2 16.70 4.75 12.51
N HIS A 3 15.74 5.47 11.92
CA HIS A 3 14.43 4.91 11.63
C HIS A 3 14.54 3.71 10.70
N GLY A 4 13.89 2.62 11.07
CA GLY A 4 13.93 1.40 10.26
C GLY A 4 14.18 0.17 11.09
N TYR A 5 13.40 -0.88 10.84
CA TYR A 5 13.54 -2.13 11.57
C TYR A 5 14.22 -3.19 10.72
N SER A 6 14.68 -4.25 11.39
CA SER A 6 15.35 -5.35 10.69
C SER A 6 14.84 -6.69 11.20
N ASP A 7 13.70 -7.13 10.64
CA ASP A 7 13.09 -8.40 11.02
C ASP A 7 12.78 -8.41 12.53
N ALA A 8 11.72 -7.71 12.91
CA ALA A 8 11.30 -7.63 14.31
C ALA A 8 9.97 -8.34 14.53
N SER A 9 10.03 -9.52 15.13
CA SER A 9 8.84 -10.31 15.42
C SER A 9 8.05 -10.60 14.14
N GLY A 10 8.73 -10.53 13.00
CA GLY A 10 8.08 -10.79 11.72
C GLY A 10 7.49 -9.54 11.11
N PHE A 11 8.13 -8.39 11.35
CA PHE A 11 7.67 -7.12 10.81
C PHE A 11 8.84 -6.28 10.32
N SER A 12 8.67 -5.67 9.14
CA SER A 12 9.71 -4.83 8.56
C SER A 12 9.11 -3.78 7.63
N LEU A 13 9.66 -2.58 7.68
CA LEU A 13 9.18 -1.49 6.85
C LEU A 13 9.72 -1.60 5.43
N TYR A 14 8.82 -1.68 4.46
CA TYR A 14 9.20 -1.81 3.07
C TYR A 14 8.79 -0.55 2.28
N SER A 15 9.54 -0.26 1.22
CA SER A 15 9.25 0.91 0.39
C SER A 15 9.69 0.67 -1.05
N VAL A 16 8.83 1.06 -1.99
CA VAL A 16 9.13 0.90 -3.41
C VAL A 16 8.88 2.21 -4.17
N GLU A 17 9.68 2.45 -5.21
CA GLU A 17 9.54 3.67 -6.00
C GLU A 17 8.75 3.41 -7.27
N LEU A 18 7.62 4.08 -7.40
CA LEU A 18 6.76 3.93 -8.57
C LEU A 18 6.65 5.24 -9.34
N PHE A 19 6.12 5.18 -10.56
CA PHE A 19 5.96 6.36 -11.39
C PHE A 19 4.94 6.13 -12.49
N ARG A 20 4.00 7.06 -12.62
CA ARG A 20 2.96 6.94 -13.65
C ARG A 20 3.13 8.03 -14.71
N GLU A 21 3.78 7.68 -15.82
CA GLU A 21 3.99 8.63 -16.90
C GLU A 21 2.92 8.48 -17.97
N LYS A 22 2.26 7.34 -17.98
CA LYS A 22 1.21 7.07 -18.95
C LYS A 22 -0.13 7.65 -18.48
N ASP A 23 -1.06 7.82 -19.43
CA ASP A 23 -2.36 8.37 -19.11
C ASP A 23 -3.38 7.25 -18.89
N THR A 24 -2.95 6.19 -18.21
CA THR A 24 -3.82 5.06 -17.93
C THR A 24 -4.87 5.42 -16.89
N SER A 25 -4.66 6.55 -16.20
CA SER A 25 -5.58 7.02 -15.17
C SER A 25 -5.75 5.97 -14.07
N SER A 26 -4.82 5.03 -13.98
CA SER A 26 -4.88 3.98 -12.98
C SER A 26 -3.48 3.44 -12.67
N LEU A 27 -3.32 2.90 -11.47
CA LEU A 27 -2.04 2.33 -11.04
C LEU A 27 -2.13 0.82 -10.86
N GLY A 28 -3.34 0.34 -10.60
CA GLY A 28 -3.54 -1.09 -10.41
C GLY A 28 -3.66 -1.48 -8.96
N ILE A 29 -3.17 -0.62 -8.06
CA ILE A 29 -3.22 -0.89 -6.63
C ILE A 29 -4.67 -1.00 -6.15
N SER A 30 -5.05 -2.22 -5.78
CA SER A 30 -6.42 -2.49 -5.31
C SER A 30 -6.42 -2.85 -3.83
N ILE A 31 -6.87 -1.91 -3.00
CA ILE A 31 -6.92 -2.13 -1.56
C ILE A 31 -8.23 -2.82 -1.15
N SER A 32 -8.40 -3.02 0.14
CA SER A 32 -9.60 -3.68 0.66
C SER A 32 -9.86 -3.29 2.11
N GLY A 33 -11.14 -3.20 2.48
CA GLY A 33 -11.49 -2.85 3.84
C GLY A 33 -11.43 -4.04 4.78
N MET A 34 -10.79 -3.86 5.92
CA MET A 34 -10.66 -4.94 6.90
C MET A 34 -12.03 -5.45 7.34
N ARG A 35 -12.09 -6.72 7.71
CA ARG A 35 -13.33 -7.33 8.16
C ARG A 35 -13.08 -8.47 9.13
N ASP A 36 -14.09 -8.79 9.94
CA ASP A 36 -13.97 -9.85 10.93
C ASP A 36 -15.36 -10.37 11.32
N GLN A 37 -15.40 -11.57 11.91
CA GLN A 37 -16.66 -12.17 12.33
C GLN A 37 -16.98 -11.85 13.79
N SER A 38 -16.42 -10.74 14.29
CA SER A 38 -16.65 -10.33 15.66
C SER A 38 -16.20 -8.89 15.89
N THR A 39 -17.19 -7.98 15.93
CA THR A 39 -16.90 -6.56 16.14
C THR A 39 -17.29 -6.12 17.55
N THR A 40 -16.42 -5.35 18.18
CA THR A 40 -16.67 -4.86 19.53
C THR A 40 -15.81 -3.64 19.85
N GLY A 41 -15.32 -2.99 18.78
CA GLY A 41 -14.50 -1.81 18.96
C GLY A 41 -14.24 -1.10 17.65
N GLU A 42 -14.67 -1.70 16.55
CA GLU A 42 -14.48 -1.13 15.22
C GLU A 42 -13.00 -0.87 14.94
N ALA A 43 -12.33 -1.87 14.36
CA ALA A 43 -10.92 -1.75 14.04
C ALA A 43 -10.65 -2.17 12.60
N THR A 44 -10.68 -1.20 11.69
CA THR A 44 -10.45 -1.46 10.28
C THR A 44 -9.24 -0.68 9.77
N GLY A 45 -8.61 -1.19 8.70
CA GLY A 45 -7.46 -0.52 8.15
C GLY A 45 -7.35 -0.68 6.64
N ILE A 46 -6.40 0.03 6.04
CA ILE A 46 -6.20 -0.03 4.59
C ILE A 46 -5.04 -0.95 4.25
N TYR A 47 -5.28 -1.88 3.31
CA TYR A 47 -4.26 -2.83 2.89
C TYR A 47 -4.55 -3.38 1.50
N VAL A 48 -3.50 -3.57 0.71
CA VAL A 48 -3.65 -4.10 -0.64
C VAL A 48 -3.88 -5.60 -0.62
N LYS A 49 -4.94 -6.06 -1.28
CA LYS A 49 -5.27 -7.47 -1.32
C LYS A 49 -5.15 -8.02 -2.75
N SER A 50 -5.26 -7.13 -3.74
CA SER A 50 -5.17 -7.53 -5.14
C SER A 50 -4.50 -6.46 -5.98
N LEU A 51 -4.04 -6.86 -7.17
CA LEU A 51 -3.39 -5.95 -8.10
C LEU A 51 -3.93 -6.14 -9.51
N ILE A 52 -3.84 -5.09 -10.33
CA ILE A 52 -4.32 -5.15 -11.70
C ILE A 52 -3.17 -5.44 -12.66
N PRO A 53 -3.18 -6.62 -13.32
CA PRO A 53 -2.12 -6.98 -14.27
C PRO A 53 -2.04 -6.02 -15.45
N GLY A 54 -0.82 -5.64 -15.82
CA GLY A 54 -0.63 -4.72 -16.93
C GLY A 54 -0.43 -3.29 -16.46
N SER A 55 -0.92 -2.99 -15.26
CA SER A 55 -0.79 -1.66 -14.69
C SER A 55 0.64 -1.38 -14.26
N ALA A 56 0.91 -0.13 -13.90
CA ALA A 56 2.25 0.27 -13.46
C ALA A 56 2.68 -0.50 -12.22
N ALA A 57 1.87 -0.43 -11.17
CA ALA A 57 2.16 -1.11 -9.91
C ALA A 57 2.47 -2.58 -10.14
N ALA A 58 1.72 -3.21 -11.05
CA ALA A 58 1.92 -4.62 -11.37
C ALA A 58 3.25 -4.85 -12.07
N LEU A 59 3.54 -4.03 -13.08
CA LEU A 59 4.78 -4.16 -13.84
C LEU A 59 6.00 -3.93 -12.95
N ASP A 60 5.78 -3.27 -11.82
CA ASP A 60 6.87 -2.98 -10.89
C ASP A 60 7.49 -4.27 -10.35
N GLY A 61 6.62 -5.16 -9.86
CA GLY A 61 7.10 -6.44 -9.33
C GLY A 61 7.27 -6.43 -7.83
N ARG A 62 7.94 -5.40 -7.31
CA ARG A 62 8.18 -5.29 -5.88
C ARG A 62 6.88 -5.24 -5.10
N ILE A 63 5.82 -4.72 -5.73
CA ILE A 63 4.52 -4.61 -5.09
C ILE A 63 3.81 -5.95 -5.07
N GLU A 64 3.66 -6.51 -3.87
CA GLU A 64 2.98 -7.80 -3.70
C GLU A 64 1.51 -7.57 -3.35
N PRO A 65 0.59 -8.40 -3.90
CA PRO A 65 -0.84 -8.27 -3.62
C PRO A 65 -1.23 -8.78 -2.23
N ASN A 66 -0.44 -8.40 -1.23
CA ASN A 66 -0.70 -8.81 0.15
C ASN A 66 0.17 -8.00 1.12
N ASP A 67 -0.15 -6.71 1.23
CA ASP A 67 0.61 -5.82 2.12
C ASP A 67 -0.31 -4.77 2.73
N LYS A 68 0.21 -4.02 3.70
CA LYS A 68 -0.55 -2.97 4.36
C LYS A 68 0.04 -1.60 4.07
N ILE A 69 -0.63 -0.84 3.18
CA ILE A 69 -0.17 0.50 2.82
C ILE A 69 -0.09 1.40 4.05
N LEU A 70 0.89 2.30 4.04
CA LEU A 70 1.08 3.22 5.16
C LEU A 70 1.08 4.67 4.68
N ARG A 71 2.10 5.05 3.91
CA ARG A 71 2.20 6.43 3.41
C ARG A 71 2.51 6.46 1.92
N VAL A 72 1.78 7.31 1.20
CA VAL A 72 1.98 7.47 -0.23
C VAL A 72 2.88 8.68 -0.52
N ASP A 73 3.26 8.86 -1.77
CA ASP A 73 4.10 9.98 -2.17
C ASP A 73 3.55 11.31 -1.65
N ASP A 74 4.22 11.89 -0.66
CA ASP A 74 3.81 13.17 -0.08
C ASP A 74 2.41 13.10 0.52
N VAL A 75 1.90 11.89 0.68
CA VAL A 75 0.56 11.68 1.24
C VAL A 75 0.56 10.57 2.28
N ASN A 76 -0.43 10.60 3.18
CA ASN A 76 -0.54 9.57 4.22
C ASN A 76 -1.94 8.99 4.25
N VAL A 77 -2.04 7.66 4.20
CA VAL A 77 -3.33 6.99 4.22
C VAL A 77 -3.62 6.36 5.58
N GLN A 78 -2.99 6.90 6.62
CA GLN A 78 -3.19 6.38 7.97
C GLN A 78 -4.34 7.11 8.66
N GLY A 79 -5.34 7.49 7.88
CA GLY A 79 -6.49 8.19 8.44
C GLY A 79 -7.42 8.75 7.37
N MET A 80 -7.37 8.16 6.18
CA MET A 80 -8.21 8.60 5.08
C MET A 80 -9.14 7.48 4.62
N ALA A 81 -10.38 7.84 4.30
CA ALA A 81 -11.37 6.87 3.85
C ALA A 81 -10.90 6.12 2.60
N GLN A 82 -11.44 4.92 2.39
CA GLN A 82 -11.08 4.11 1.23
C GLN A 82 -11.16 4.91 -0.06
N SER A 83 -12.34 5.45 -0.34
CA SER A 83 -12.56 6.24 -1.54
C SER A 83 -11.54 7.37 -1.67
N ASP A 84 -11.22 7.99 -0.54
CA ASP A 84 -10.25 9.08 -0.54
C ASP A 84 -8.89 8.63 -1.03
N VAL A 85 -8.45 7.47 -0.56
CA VAL A 85 -7.15 6.91 -0.95
C VAL A 85 -7.09 6.70 -2.46
N VAL A 86 -8.19 6.21 -3.03
CA VAL A 86 -8.26 5.96 -4.48
C VAL A 86 -8.09 7.25 -5.26
N GLU A 87 -8.68 8.33 -4.74
CA GLU A 87 -8.60 9.63 -5.40
C GLU A 87 -7.14 10.08 -5.51
N VAL A 88 -6.39 9.92 -4.43
CA VAL A 88 -4.99 10.31 -4.40
C VAL A 88 -4.20 9.60 -5.51
N LEU A 89 -4.30 8.28 -5.52
CA LEU A 89 -3.60 7.47 -6.51
C LEU A 89 -3.94 7.90 -7.93
N ARG A 90 -5.19 8.33 -8.13
CA ARG A 90 -5.64 8.77 -9.45
C ARG A 90 -5.20 10.20 -9.74
N ASN A 91 -4.81 10.93 -8.69
CA ASN A 91 -4.36 12.31 -8.84
C ASN A 91 -2.86 12.38 -9.08
N ALA A 92 -2.17 11.27 -8.80
CA ALA A 92 -0.72 11.20 -8.99
C ALA A 92 -0.32 11.58 -10.42
N GLY A 93 -0.33 10.60 -11.32
CA GLY A 93 0.03 10.86 -12.70
C GLY A 93 1.49 11.28 -12.83
N ASN A 94 2.26 11.06 -11.78
CA ASN A 94 3.68 11.41 -11.76
C ASN A 94 4.48 10.40 -10.93
N PRO A 95 5.82 10.52 -10.90
CA PRO A 95 6.66 9.61 -10.09
C PRO A 95 6.27 9.68 -8.61
N VAL A 96 5.63 8.63 -8.12
CA VAL A 96 5.19 8.59 -6.73
C VAL A 96 5.87 7.46 -5.95
N ARG A 97 6.21 7.76 -4.70
CA ARG A 97 6.85 6.79 -3.83
C ARG A 97 5.79 6.09 -2.98
N LEU A 98 6.02 4.80 -2.70
CA LEU A 98 5.07 4.02 -1.92
C LEU A 98 5.73 3.45 -0.67
N LEU A 99 5.03 3.53 0.45
CA LEU A 99 5.53 3.01 1.72
C LEU A 99 4.54 2.01 2.31
N LEU A 100 4.87 0.73 2.21
CA LEU A 100 4.01 -0.32 2.73
C LEU A 100 4.79 -1.29 3.62
N ILE A 101 4.12 -1.82 4.63
CA ILE A 101 4.75 -2.75 5.56
C ILE A 101 4.43 -4.19 5.20
N ARG A 102 5.40 -5.08 5.39
CA ARG A 102 5.23 -6.50 5.08
C ARG A 102 5.71 -7.37 6.23
N ARG A 103 4.97 -8.42 6.53
CA ARG A 103 5.33 -9.34 7.61
C ARG A 103 6.20 -10.47 7.09
N LEU A 104 7.31 -10.72 7.79
CA LEU A 104 8.23 -11.78 7.40
C LEU A 104 7.98 -13.06 8.21
N PRO A 105 7.95 -14.23 7.56
CA PRO A 105 7.72 -15.50 8.23
C PRO A 105 8.99 -16.06 8.86
N LEU A 106 8.83 -17.00 9.78
CA LEU A 106 9.96 -17.62 10.45
C LEU A 106 9.88 -19.14 10.38
N LEU A 107 10.61 -19.72 9.44
CA LEU A 107 10.63 -21.17 9.27
C LEU A 107 11.41 -21.85 10.37
N GLU A 108 10.71 -22.63 11.20
CA GLU A 108 11.35 -23.34 12.30
C GLU A 108 11.34 -24.84 12.05
N GLY A 1 13.95 10.63 13.25
CA GLY A 1 13.78 9.16 13.14
C GLY A 1 12.58 8.78 12.30
N SER A 2 12.79 7.95 11.28
CA SER A 2 11.71 7.51 10.40
C SER A 2 11.98 6.10 9.89
N HIS A 3 13.15 5.89 9.31
CA HIS A 3 13.51 4.58 8.77
C HIS A 3 14.07 3.69 9.87
N GLY A 4 13.55 2.46 9.95
CA GLY A 4 14.01 1.53 10.96
C GLY A 4 13.18 0.25 10.98
N TYR A 5 13.07 -0.36 12.15
CA TYR A 5 12.30 -1.58 12.32
C TYR A 5 12.80 -2.68 11.37
N SER A 6 14.11 -2.88 11.35
CA SER A 6 14.70 -3.90 10.49
C SER A 6 14.63 -5.27 11.14
N ASP A 7 13.83 -6.16 10.54
CA ASP A 7 13.67 -7.51 11.06
C ASP A 7 13.17 -7.48 12.51
N ALA A 8 11.86 -7.33 12.68
CA ALA A 8 11.27 -7.28 14.01
C ALA A 8 10.10 -8.25 14.14
N SER A 9 10.40 -9.47 14.59
CA SER A 9 9.38 -10.50 14.77
C SER A 9 8.59 -10.74 13.49
N GLY A 10 9.23 -10.49 12.34
CA GLY A 10 8.56 -10.69 11.07
C GLY A 10 7.87 -9.43 10.56
N PHE A 11 8.49 -8.28 10.83
CA PHE A 11 7.94 -7.00 10.39
C PHE A 11 9.04 -6.08 9.89
N SER A 12 8.94 -5.69 8.62
CA SER A 12 9.93 -4.81 8.01
C SER A 12 9.26 -3.77 7.11
N LEU A 13 9.84 -2.58 7.08
CA LEU A 13 9.32 -1.49 6.26
C LEU A 13 9.78 -1.64 4.82
N TYR A 14 8.82 -1.72 3.91
CA TYR A 14 9.12 -1.86 2.48
C TYR A 14 8.70 -0.61 1.71
N SER A 15 9.41 -0.33 0.62
CA SER A 15 9.11 0.82 -0.21
C SER A 15 9.50 0.58 -1.67
N VAL A 16 8.64 1.02 -2.58
CA VAL A 16 8.87 0.85 -4.00
C VAL A 16 8.70 2.18 -4.75
N GLU A 17 9.49 2.39 -5.78
CA GLU A 17 9.42 3.63 -6.56
C GLU A 17 8.53 3.45 -7.79
N LEU A 18 7.42 4.17 -7.81
CA LEU A 18 6.47 4.11 -8.92
C LEU A 18 6.35 5.47 -9.59
N PHE A 19 5.75 5.50 -10.77
CA PHE A 19 5.57 6.75 -11.51
C PHE A 19 4.43 6.64 -12.51
N ARG A 20 3.58 7.66 -12.55
CA ARG A 20 2.46 7.67 -13.48
C ARG A 20 2.52 8.89 -14.39
N GLU A 21 1.81 8.81 -15.52
CA GLU A 21 1.78 9.91 -16.47
C GLU A 21 0.66 9.72 -17.48
N LYS A 22 0.37 8.46 -17.80
CA LYS A 22 -0.69 8.12 -18.75
C LYS A 22 -2.06 8.48 -18.18
N ASP A 23 -3.06 8.55 -19.06
CA ASP A 23 -4.42 8.88 -18.65
C ASP A 23 -5.18 7.62 -18.23
N THR A 24 -4.41 6.59 -17.85
CA THR A 24 -5.01 5.33 -17.41
C THR A 24 -5.85 5.52 -16.16
N SER A 25 -5.54 6.57 -15.41
CA SER A 25 -6.26 6.88 -14.18
C SER A 25 -6.21 5.71 -13.20
N SER A 26 -5.17 4.88 -13.31
CA SER A 26 -5.01 3.73 -12.43
C SER A 26 -3.54 3.37 -12.26
N LEU A 27 -3.22 2.74 -11.13
CA LEU A 27 -1.84 2.33 -10.84
C LEU A 27 -1.76 0.82 -10.66
N GLY A 28 -2.91 0.16 -10.67
CA GLY A 28 -2.95 -1.27 -10.51
C GLY A 28 -3.04 -1.68 -9.05
N ILE A 29 -3.43 -0.74 -8.20
CA ILE A 29 -3.56 -1.00 -6.77
C ILE A 29 -5.01 -1.30 -6.41
N SER A 30 -5.26 -2.51 -5.94
CA SER A 30 -6.60 -2.93 -5.56
C SER A 30 -6.70 -3.11 -4.04
N ILE A 31 -7.06 -2.04 -3.35
CA ILE A 31 -7.19 -2.07 -1.90
C ILE A 31 -8.58 -2.53 -1.47
N SER A 32 -8.73 -2.85 -0.19
CA SER A 32 -10.01 -3.29 0.34
C SER A 32 -10.15 -2.89 1.82
N GLY A 33 -11.32 -2.36 2.16
CA GLY A 33 -11.56 -1.95 3.53
C GLY A 33 -11.52 -3.11 4.51
N MET A 34 -10.78 -2.93 5.60
CA MET A 34 -10.65 -3.98 6.61
C MET A 34 -12.00 -4.25 7.28
N ARG A 35 -12.38 -5.52 7.35
CA ARG A 35 -13.64 -5.92 7.95
C ARG A 35 -13.68 -5.56 9.43
N ASP A 36 -14.88 -5.56 10.00
CA ASP A 36 -15.06 -5.22 11.41
C ASP A 36 -14.93 -6.47 12.29
N GLN A 37 -14.01 -6.39 13.26
CA GLN A 37 -13.79 -7.51 14.18
C GLN A 37 -14.29 -7.18 15.57
N SER A 38 -14.33 -8.19 16.43
CA SER A 38 -14.80 -8.01 17.80
C SER A 38 -13.65 -7.67 18.73
N THR A 39 -12.61 -7.06 18.19
CA THR A 39 -11.43 -6.68 18.97
C THR A 39 -11.29 -5.17 19.05
N THR A 40 -11.00 -4.66 20.24
CA THR A 40 -10.84 -3.23 20.45
C THR A 40 -9.41 -2.78 20.15
N GLY A 41 -8.56 -3.75 19.77
CA GLY A 41 -7.18 -3.44 19.47
C GLY A 41 -7.03 -2.81 18.10
N GLU A 42 -7.57 -3.47 17.08
CA GLU A 42 -7.49 -2.98 15.71
C GLU A 42 -8.88 -2.70 15.16
N ALA A 43 -9.00 -1.65 14.34
CA ALA A 43 -10.28 -1.28 13.76
C ALA A 43 -10.11 -0.71 12.36
N THR A 44 -10.76 -1.33 11.39
CA THR A 44 -10.72 -0.89 9.99
C THR A 44 -9.27 -0.73 9.50
N GLY A 45 -9.13 -0.18 8.31
CA GLY A 45 -7.80 0.03 7.75
C GLY A 45 -7.75 -0.25 6.26
N ILE A 46 -6.90 0.50 5.55
CA ILE A 46 -6.75 0.34 4.11
C ILE A 46 -5.49 -0.46 3.78
N TYR A 47 -5.68 -1.57 3.07
CA TYR A 47 -4.57 -2.43 2.69
C TYR A 47 -4.80 -3.04 1.30
N VAL A 48 -3.71 -3.37 0.61
CA VAL A 48 -3.80 -3.97 -0.71
C VAL A 48 -4.00 -5.48 -0.63
N LYS A 49 -5.05 -5.96 -1.29
CA LYS A 49 -5.36 -7.39 -1.30
C LYS A 49 -5.06 -8.00 -2.66
N SER A 50 -5.14 -7.20 -3.71
CA SER A 50 -4.88 -7.68 -5.06
C SER A 50 -4.26 -6.60 -5.94
N LEU A 51 -3.84 -7.00 -7.15
CA LEU A 51 -3.21 -6.08 -8.09
C LEU A 51 -3.84 -6.23 -9.48
N ILE A 52 -3.57 -5.26 -10.35
CA ILE A 52 -4.10 -5.29 -11.71
C ILE A 52 -3.00 -5.64 -12.71
N PRO A 53 -2.99 -6.88 -13.24
CA PRO A 53 -1.98 -7.31 -14.21
C PRO A 53 -1.91 -6.39 -15.43
N GLY A 54 -0.71 -5.96 -15.77
CA GLY A 54 -0.53 -5.08 -16.92
C GLY A 54 -0.43 -3.62 -16.53
N SER A 55 -0.50 -3.34 -15.23
CA SER A 55 -0.43 -1.98 -14.73
C SER A 55 0.96 -1.67 -14.19
N ALA A 56 1.21 -0.40 -13.88
CA ALA A 56 2.51 0.03 -13.37
C ALA A 56 2.95 -0.81 -12.17
N ALA A 57 2.13 -0.82 -11.12
CA ALA A 57 2.44 -1.58 -9.92
C ALA A 57 2.67 -3.06 -10.23
N ALA A 58 1.97 -3.56 -11.25
CA ALA A 58 2.10 -4.97 -11.64
C ALA A 58 3.39 -5.20 -12.41
N LEU A 59 3.92 -4.15 -13.03
CA LEU A 59 5.15 -4.25 -13.80
C LEU A 59 6.36 -4.35 -12.88
N ASP A 60 6.33 -3.62 -11.77
CA ASP A 60 7.42 -3.64 -10.81
C ASP A 60 7.69 -5.05 -10.32
N GLY A 61 6.63 -5.76 -9.95
CA GLY A 61 6.77 -7.12 -9.47
C GLY A 61 7.14 -7.18 -8.00
N ARG A 62 7.94 -6.22 -7.55
CA ARG A 62 8.37 -6.18 -6.16
C ARG A 62 7.19 -5.93 -5.23
N ILE A 63 6.09 -5.43 -5.79
CA ILE A 63 4.89 -5.15 -5.00
C ILE A 63 4.00 -6.39 -4.91
N GLU A 64 3.95 -6.98 -3.72
CA GLU A 64 3.15 -8.16 -3.49
C GLU A 64 1.68 -7.78 -3.23
N PRO A 65 0.72 -8.52 -3.80
CA PRO A 65 -0.71 -8.24 -3.61
C PRO A 65 -1.21 -8.70 -2.24
N ASN A 66 -0.54 -8.25 -1.19
CA ASN A 66 -0.92 -8.61 0.18
C ASN A 66 -0.06 -7.85 1.18
N ASP A 67 -0.31 -6.55 1.31
CA ASP A 67 0.45 -5.71 2.24
C ASP A 67 -0.44 -4.63 2.83
N LYS A 68 0.07 -3.93 3.84
CA LYS A 68 -0.68 -2.87 4.50
C LYS A 68 -0.08 -1.50 4.18
N ILE A 69 -0.78 -0.73 3.34
CA ILE A 69 -0.32 0.60 2.96
C ILE A 69 -0.26 1.52 4.18
N LEU A 70 0.76 2.37 4.22
CA LEU A 70 0.93 3.30 5.33
C LEU A 70 0.92 4.76 4.85
N ARG A 71 1.85 5.08 3.97
CA ARG A 71 1.95 6.44 3.45
C ARG A 71 2.33 6.44 1.97
N VAL A 72 1.72 7.36 1.22
CA VAL A 72 2.00 7.49 -0.21
C VAL A 72 2.89 8.71 -0.44
N ASP A 73 3.33 8.90 -1.68
CA ASP A 73 4.20 10.04 -2.01
C ASP A 73 3.64 11.35 -1.44
N ASP A 74 4.32 11.87 -0.42
CA ASP A 74 3.91 13.12 0.22
C ASP A 74 2.46 13.06 0.71
N VAL A 75 2.02 11.86 1.08
CA VAL A 75 0.65 11.67 1.56
C VAL A 75 0.61 10.59 2.64
N ASN A 76 -0.33 10.75 3.58
CA ASN A 76 -0.49 9.78 4.67
C ASN A 76 -1.89 9.18 4.64
N VAL A 77 -1.97 7.86 4.46
CA VAL A 77 -3.25 7.18 4.41
C VAL A 77 -3.56 6.46 5.73
N GLN A 78 -2.96 6.95 6.81
CA GLN A 78 -3.17 6.35 8.13
C GLN A 78 -4.32 7.04 8.86
N GLY A 79 -5.41 7.31 8.12
CA GLY A 79 -6.57 7.95 8.72
C GLY A 79 -7.44 8.64 7.69
N MET A 80 -7.58 8.03 6.51
CA MET A 80 -8.41 8.60 5.45
C MET A 80 -9.34 7.55 4.88
N ALA A 81 -10.52 7.98 4.46
CA ALA A 81 -11.52 7.07 3.89
C ALA A 81 -10.93 6.30 2.71
N GLN A 82 -11.31 5.04 2.59
CA GLN A 82 -10.82 4.19 1.50
C GLN A 82 -10.94 4.90 0.16
N SER A 83 -12.14 5.36 -0.15
CA SER A 83 -12.39 6.06 -1.42
C SER A 83 -11.43 7.23 -1.59
N ASP A 84 -11.22 7.98 -0.51
CA ASP A 84 -10.32 9.13 -0.55
C ASP A 84 -8.91 8.71 -0.97
N VAL A 85 -8.44 7.60 -0.42
CA VAL A 85 -7.11 7.10 -0.74
C VAL A 85 -6.99 6.84 -2.25
N VAL A 86 -8.03 6.27 -2.83
CA VAL A 86 -8.04 5.98 -4.26
C VAL A 86 -7.91 7.26 -5.07
N GLU A 87 -8.54 8.33 -4.60
CA GLU A 87 -8.49 9.62 -5.29
C GLU A 87 -7.05 10.10 -5.41
N VAL A 88 -6.32 10.05 -4.30
CA VAL A 88 -4.92 10.47 -4.29
C VAL A 88 -4.11 9.74 -5.35
N LEU A 89 -4.18 8.41 -5.33
CA LEU A 89 -3.44 7.59 -6.29
C LEU A 89 -3.85 7.90 -7.72
N ARG A 90 -5.10 8.32 -7.90
CA ARG A 90 -5.62 8.65 -9.23
C ARG A 90 -5.29 10.09 -9.59
N ASN A 91 -4.84 10.87 -8.62
CA ASN A 91 -4.50 12.27 -8.84
C ASN A 91 -2.99 12.46 -9.01
N ALA A 92 -2.23 11.40 -8.69
CA ALA A 92 -0.77 11.44 -8.81
C ALA A 92 -0.34 11.90 -10.19
N GLY A 93 -0.26 10.97 -11.13
CA GLY A 93 0.16 11.31 -12.49
C GLY A 93 1.60 11.75 -12.55
N ASN A 94 2.36 11.44 -11.50
CA ASN A 94 3.76 11.79 -11.40
C ASN A 94 4.54 10.71 -10.65
N PRO A 95 5.90 10.78 -10.65
CA PRO A 95 6.72 9.80 -9.93
C PRO A 95 6.39 9.81 -8.43
N VAL A 96 5.67 8.78 -7.98
CA VAL A 96 5.27 8.69 -6.58
C VAL A 96 5.95 7.52 -5.87
N ARG A 97 6.13 7.67 -4.56
CA ARG A 97 6.75 6.64 -3.75
C ARG A 97 5.68 5.91 -2.94
N LEU A 98 5.89 4.62 -2.74
CA LEU A 98 4.94 3.80 -2.00
C LEU A 98 5.55 3.28 -0.70
N LEU A 99 5.03 3.73 0.43
CA LEU A 99 5.52 3.28 1.74
C LEU A 99 4.53 2.31 2.38
N LEU A 100 4.86 1.02 2.32
CA LEU A 100 4.00 -0.02 2.89
C LEU A 100 4.79 -0.98 3.75
N ILE A 101 4.08 -1.72 4.61
CA ILE A 101 4.71 -2.68 5.49
C ILE A 101 4.37 -4.11 5.08
N ARG A 102 5.36 -5.00 5.14
CA ARG A 102 5.18 -6.40 4.77
C ARG A 102 5.79 -7.32 5.81
N ARG A 103 5.08 -8.41 6.12
CA ARG A 103 5.56 -9.38 7.10
C ARG A 103 6.48 -10.39 6.45
N LEU A 104 7.69 -10.53 7.01
CA LEU A 104 8.67 -11.47 6.48
C LEU A 104 8.19 -12.91 6.63
N PRO A 105 8.62 -13.81 5.72
CA PRO A 105 8.23 -15.22 5.74
C PRO A 105 9.05 -16.03 6.72
N LEU A 106 8.96 -15.68 7.99
CA LEU A 106 9.69 -16.38 9.05
C LEU A 106 8.92 -17.60 9.52
N LEU A 107 9.51 -18.78 9.37
CA LEU A 107 8.89 -20.03 9.78
C LEU A 107 9.19 -20.33 11.24
N GLU A 108 8.44 -21.26 11.82
CA GLU A 108 8.63 -21.64 13.22
C GLU A 108 9.74 -22.69 13.35
N GLY A 1 20.66 1.55 3.70
CA GLY A 1 20.48 0.32 4.52
C GLY A 1 19.38 0.48 5.56
N SER A 2 19.71 1.15 6.66
CA SER A 2 18.76 1.37 7.74
C SER A 2 17.95 2.63 7.52
N HIS A 3 16.68 2.60 7.94
CA HIS A 3 15.80 3.75 7.80
C HIS A 3 14.79 3.79 8.93
N GLY A 4 14.51 2.63 9.52
CA GLY A 4 13.56 2.55 10.62
C GLY A 4 13.67 1.25 11.39
N TYR A 5 12.71 0.36 11.18
CA TYR A 5 12.71 -0.93 11.86
C TYR A 5 13.40 -1.99 11.03
N SER A 6 14.36 -2.68 11.64
CA SER A 6 15.12 -3.72 10.97
C SER A 6 14.80 -5.09 11.55
N ASP A 7 13.86 -5.79 10.94
CA ASP A 7 13.44 -7.12 11.40
C ASP A 7 13.04 -7.07 12.87
N ALA A 8 11.83 -6.60 13.13
CA ALA A 8 11.32 -6.50 14.49
C ALA A 8 10.00 -7.27 14.65
N SER A 9 10.08 -8.41 15.34
CA SER A 9 8.90 -9.24 15.57
C SER A 9 8.22 -9.62 14.25
N GLY A 10 9.01 -9.64 13.18
CA GLY A 10 8.46 -9.99 11.87
C GLY A 10 7.76 -8.82 11.22
N PHE A 11 8.36 -7.64 11.30
CA PHE A 11 7.78 -6.44 10.70
C PHE A 11 8.87 -5.55 10.14
N SER A 12 8.89 -5.41 8.82
CA SER A 12 9.90 -4.59 8.14
C SER A 12 9.23 -3.58 7.22
N LEU A 13 9.76 -2.36 7.20
CA LEU A 13 9.22 -1.30 6.36
C LEU A 13 9.73 -1.44 4.93
N TYR A 14 8.80 -1.58 3.99
CA TYR A 14 9.16 -1.73 2.59
C TYR A 14 8.71 -0.52 1.76
N SER A 15 9.53 -0.14 0.79
CA SER A 15 9.23 1.00 -0.06
C SER A 15 9.65 0.74 -1.50
N VAL A 16 8.71 0.92 -2.43
CA VAL A 16 8.98 0.71 -3.84
C VAL A 16 8.79 2.01 -4.63
N GLU A 17 9.63 2.21 -5.64
CA GLU A 17 9.55 3.42 -6.46
C GLU A 17 8.74 3.17 -7.73
N LEU A 18 7.61 3.84 -7.84
CA LEU A 18 6.73 3.71 -9.01
C LEU A 18 6.64 5.03 -9.75
N PHE A 19 6.12 4.98 -10.98
CA PHE A 19 5.98 6.18 -11.78
C PHE A 19 4.91 6.00 -12.85
N ARG A 20 4.03 6.98 -12.97
CA ARG A 20 2.96 6.92 -13.97
C ARG A 20 3.16 7.98 -15.04
N GLU A 21 3.15 7.55 -16.30
CA GLU A 21 3.33 8.47 -17.42
C GLU A 21 2.18 8.35 -18.41
N LYS A 22 1.32 7.36 -18.20
CA LYS A 22 0.18 7.14 -19.07
C LYS A 22 -1.05 7.89 -18.54
N ASP A 23 -1.99 8.16 -19.43
CA ASP A 23 -3.21 8.86 -19.06
C ASP A 23 -4.28 7.88 -18.59
N THR A 24 -3.83 6.81 -17.94
CA THR A 24 -4.74 5.78 -17.44
C THR A 24 -5.27 6.14 -16.06
N SER A 25 -4.54 7.02 -15.36
CA SER A 25 -4.92 7.46 -14.03
C SER A 25 -5.04 6.29 -13.07
N SER A 26 -4.46 5.15 -13.44
CA SER A 26 -4.51 3.96 -12.61
C SER A 26 -3.10 3.39 -12.37
N LEU A 27 -2.87 2.89 -11.17
CA LEU A 27 -1.57 2.32 -10.82
C LEU A 27 -1.69 0.82 -10.57
N GLY A 28 -2.92 0.34 -10.45
CA GLY A 28 -3.15 -1.07 -10.22
C GLY A 28 -3.22 -1.45 -8.75
N ILE A 29 -3.69 -0.51 -7.92
CA ILE A 29 -3.80 -0.75 -6.49
C ILE A 29 -5.24 -1.08 -6.10
N SER A 30 -5.47 -2.31 -5.66
CA SER A 30 -6.81 -2.74 -5.25
C SER A 30 -6.87 -2.94 -3.74
N ILE A 31 -7.37 -1.93 -3.04
CA ILE A 31 -7.48 -1.99 -1.58
C ILE A 31 -8.79 -2.65 -1.15
N SER A 32 -8.78 -3.24 0.04
CA SER A 32 -9.97 -3.91 0.57
C SER A 32 -10.26 -3.47 1.99
N GLY A 33 -11.54 -3.27 2.29
CA GLY A 33 -11.92 -2.85 3.63
C GLY A 33 -11.81 -3.95 4.65
N MET A 34 -11.39 -3.60 5.86
CA MET A 34 -11.24 -4.58 6.93
C MET A 34 -12.45 -4.57 7.86
N ARG A 35 -13.27 -5.61 7.76
CA ARG A 35 -14.47 -5.72 8.59
C ARG A 35 -14.21 -6.60 9.81
N ASP A 36 -14.46 -6.05 11.00
CA ASP A 36 -14.26 -6.78 12.25
C ASP A 36 -15.54 -7.48 12.68
N GLN A 37 -15.38 -8.55 13.46
CA GLN A 37 -16.51 -9.32 13.96
C GLN A 37 -17.20 -8.61 15.12
N SER A 38 -16.91 -7.32 15.28
CA SER A 38 -17.51 -6.54 16.36
C SER A 38 -17.31 -5.04 16.12
N THR A 39 -18.08 -4.23 16.82
CA THR A 39 -17.99 -2.78 16.69
C THR A 39 -17.67 -2.11 18.03
N THR A 40 -16.80 -1.12 17.99
CA THR A 40 -16.42 -0.40 19.21
C THR A 40 -15.80 0.95 18.87
N GLY A 41 -15.88 1.34 17.61
CA GLY A 41 -15.32 2.61 17.18
C GLY A 41 -14.73 2.54 15.79
N GLU A 42 -13.40 2.62 15.71
CA GLU A 42 -12.70 2.56 14.44
C GLU A 42 -12.02 1.20 14.25
N ALA A 43 -12.17 0.65 13.06
CA ALA A 43 -11.58 -0.66 12.74
C ALA A 43 -11.50 -0.88 11.24
N THR A 44 -10.75 -0.02 10.56
CA THR A 44 -10.59 -0.11 9.12
C THR A 44 -9.12 -0.02 8.72
N GLY A 45 -8.72 -0.85 7.77
CA GLY A 45 -7.33 -0.85 7.32
C GLY A 45 -7.22 -0.83 5.80
N ILE A 46 -6.46 0.14 5.29
CA ILE A 46 -6.26 0.26 3.85
C ILE A 46 -5.07 -0.56 3.39
N TYR A 47 -5.30 -1.86 3.15
CA TYR A 47 -4.25 -2.75 2.72
C TYR A 47 -4.56 -3.32 1.33
N VAL A 48 -3.54 -3.37 0.48
CA VAL A 48 -3.70 -3.90 -0.87
C VAL A 48 -3.99 -5.39 -0.84
N LYS A 49 -5.22 -5.75 -1.20
CA LYS A 49 -5.65 -7.15 -1.21
C LYS A 49 -5.30 -7.80 -2.55
N SER A 50 -5.25 -7.01 -3.61
CA SER A 50 -4.94 -7.52 -4.94
C SER A 50 -4.33 -6.43 -5.82
N LEU A 51 -3.78 -6.85 -6.95
CA LEU A 51 -3.16 -5.92 -7.89
C LEU A 51 -3.79 -6.05 -9.27
N ILE A 52 -3.53 -5.06 -10.13
CA ILE A 52 -4.06 -5.06 -11.48
C ILE A 52 -2.96 -5.24 -12.51
N PRO A 53 -2.87 -6.42 -13.17
CA PRO A 53 -1.84 -6.70 -14.17
C PRO A 53 -1.92 -5.75 -15.35
N GLY A 54 -0.78 -5.20 -15.74
CA GLY A 54 -0.72 -4.27 -16.85
C GLY A 54 -0.51 -2.84 -16.41
N SER A 55 -0.60 -2.59 -15.11
CA SER A 55 -0.43 -1.25 -14.56
C SER A 55 1.04 -1.02 -14.18
N ALA A 56 1.29 0.12 -13.53
CA ALA A 56 2.64 0.47 -13.12
C ALA A 56 3.10 -0.41 -11.96
N ALA A 57 2.29 -0.47 -10.90
CA ALA A 57 2.61 -1.27 -9.73
C ALA A 57 2.83 -2.74 -10.09
N ALA A 58 1.98 -3.27 -10.96
CA ALA A 58 2.08 -4.66 -11.38
C ALA A 58 3.36 -4.92 -12.17
N LEU A 59 3.57 -4.13 -13.21
CA LEU A 59 4.75 -4.29 -14.05
C LEU A 59 6.04 -4.02 -13.28
N ASP A 60 5.92 -3.32 -12.15
CA ASP A 60 7.07 -3.00 -11.32
C ASP A 60 7.80 -4.26 -10.90
N GLY A 61 7.05 -5.24 -10.39
CA GLY A 61 7.64 -6.50 -9.96
C GLY A 61 7.92 -6.54 -8.47
N ARG A 62 8.43 -5.44 -7.93
CA ARG A 62 8.74 -5.36 -6.50
C ARG A 62 7.46 -5.33 -5.66
N ILE A 63 6.35 -4.94 -6.28
CA ILE A 63 5.07 -4.87 -5.59
C ILE A 63 4.53 -6.28 -5.32
N GLU A 64 4.06 -6.50 -4.09
CA GLU A 64 3.51 -7.79 -3.70
C GLU A 64 2.15 -7.62 -3.03
N PRO A 65 1.17 -8.48 -3.38
CA PRO A 65 -0.17 -8.41 -2.79
C PRO A 65 -0.17 -8.73 -1.31
N ASN A 66 -1.30 -8.47 -0.65
CA ASN A 66 -1.45 -8.73 0.78
C ASN A 66 -0.44 -7.91 1.58
N ASP A 67 -0.49 -6.58 1.39
CA ASP A 67 0.41 -5.67 2.09
C ASP A 67 -0.37 -4.51 2.70
N LYS A 68 0.13 -3.98 3.82
CA LYS A 68 -0.53 -2.88 4.49
C LYS A 68 0.09 -1.53 4.09
N ILE A 69 -0.71 -0.68 3.46
CA ILE A 69 -0.25 0.63 3.03
C ILE A 69 -0.19 1.60 4.21
N LEU A 70 0.89 2.36 4.29
CA LEU A 70 1.07 3.32 5.37
C LEU A 70 0.89 4.75 4.85
N ARG A 71 1.72 5.14 3.90
CA ARG A 71 1.66 6.47 3.33
C ARG A 71 2.22 6.51 1.91
N VAL A 72 1.52 7.22 1.03
CA VAL A 72 1.94 7.35 -0.36
C VAL A 72 2.89 8.53 -0.50
N ASP A 73 3.42 8.71 -1.71
CA ASP A 73 4.34 9.82 -1.98
C ASP A 73 3.79 11.15 -1.49
N ASP A 74 4.41 11.69 -0.44
CA ASP A 74 4.00 12.97 0.14
C ASP A 74 2.54 12.96 0.56
N VAL A 75 2.00 11.77 0.82
CA VAL A 75 0.61 11.63 1.23
C VAL A 75 0.47 10.53 2.28
N ASN A 76 -0.43 10.73 3.24
CA ASN A 76 -0.66 9.75 4.29
C ASN A 76 -2.05 9.13 4.16
N VAL A 77 -2.13 7.81 4.37
CA VAL A 77 -3.40 7.10 4.26
C VAL A 77 -3.76 6.42 5.59
N GLN A 78 -3.21 6.95 6.68
CA GLN A 78 -3.47 6.40 8.00
C GLN A 78 -4.61 7.14 8.69
N GLY A 79 -5.69 7.39 7.95
CA GLY A 79 -6.82 8.09 8.51
C GLY A 79 -7.77 8.61 7.44
N MET A 80 -7.76 7.97 6.28
CA MET A 80 -8.63 8.37 5.17
C MET A 80 -9.49 7.20 4.71
N ALA A 81 -10.74 7.49 4.37
CA ALA A 81 -11.67 6.46 3.91
C ALA A 81 -11.20 5.85 2.59
N GLN A 82 -11.75 4.69 2.25
CA GLN A 82 -11.39 3.99 1.02
C GLN A 82 -11.43 4.93 -0.18
N SER A 83 -12.56 5.62 -0.35
CA SER A 83 -12.74 6.54 -1.45
C SER A 83 -11.62 7.58 -1.51
N ASP A 84 -11.24 8.10 -0.35
CA ASP A 84 -10.18 9.11 -0.28
C ASP A 84 -8.85 8.55 -0.78
N VAL A 85 -8.52 7.34 -0.37
CA VAL A 85 -7.27 6.71 -0.78
C VAL A 85 -7.21 6.54 -2.30
N VAL A 86 -8.32 6.09 -2.88
CA VAL A 86 -8.40 5.87 -4.32
C VAL A 86 -8.15 7.17 -5.08
N GLU A 87 -8.71 8.26 -4.57
CA GLU A 87 -8.54 9.56 -5.21
C GLU A 87 -7.07 9.95 -5.29
N VAL A 88 -6.35 9.74 -4.19
CA VAL A 88 -4.93 10.07 -4.14
C VAL A 88 -4.13 9.34 -5.22
N LEU A 89 -4.22 8.02 -5.22
CA LEU A 89 -3.51 7.19 -6.19
C LEU A 89 -3.78 7.65 -7.62
N ARG A 90 -5.00 8.10 -7.87
CA ARG A 90 -5.39 8.58 -9.19
C ARG A 90 -4.84 9.98 -9.46
N ASN A 91 -4.69 10.76 -8.40
CA ASN A 91 -4.18 12.12 -8.52
C ASN A 91 -2.69 12.11 -8.86
N ALA A 92 -2.03 11.01 -8.56
CA ALA A 92 -0.60 10.87 -8.85
C ALA A 92 -0.31 11.05 -10.34
N GLY A 93 -0.42 9.96 -11.09
CA GLY A 93 -0.17 10.04 -12.53
C GLY A 93 1.26 10.48 -12.85
N ASN A 94 2.13 10.40 -11.85
CA ASN A 94 3.52 10.80 -12.01
C ASN A 94 4.45 9.94 -11.14
N PRO A 95 5.79 10.11 -11.25
CA PRO A 95 6.74 9.35 -10.43
C PRO A 95 6.46 9.53 -8.94
N VAL A 96 5.89 8.51 -8.31
CA VAL A 96 5.57 8.57 -6.89
C VAL A 96 6.17 7.40 -6.12
N ARG A 97 6.49 7.65 -4.85
CA ARG A 97 7.06 6.63 -3.98
C ARG A 97 5.96 5.99 -3.13
N LEU A 98 6.10 4.70 -2.87
CA LEU A 98 5.11 3.98 -2.08
C LEU A 98 5.73 3.39 -0.83
N LEU A 99 5.15 3.72 0.33
CA LEU A 99 5.65 3.21 1.60
C LEU A 99 4.63 2.25 2.24
N LEU A 100 4.88 0.96 2.08
CA LEU A 100 4.00 -0.07 2.63
C LEU A 100 4.76 -1.02 3.54
N ILE A 101 4.13 -1.44 4.62
CA ILE A 101 4.74 -2.36 5.57
C ILE A 101 4.29 -3.79 5.31
N ARG A 102 5.22 -4.73 5.46
CA ARG A 102 4.94 -6.15 5.26
C ARG A 102 5.59 -7.00 6.34
N ARG A 103 4.81 -7.90 6.91
CA ARG A 103 5.30 -8.79 7.96
C ARG A 103 5.96 -10.03 7.36
N LEU A 104 7.04 -10.48 8.00
CA LEU A 104 7.77 -11.65 7.54
C LEU A 104 7.14 -12.93 8.09
N PRO A 105 7.20 -14.04 7.32
CA PRO A 105 6.63 -15.33 7.74
C PRO A 105 7.57 -16.08 8.67
N LEU A 106 7.87 -15.47 9.80
CA LEU A 106 8.76 -16.06 10.79
C LEU A 106 8.00 -17.00 11.71
N LEU A 107 8.28 -18.30 11.61
CA LEU A 107 7.62 -19.29 12.44
C LEU A 107 8.41 -19.54 13.72
N GLU A 108 7.99 -18.86 14.79
CA GLU A 108 8.67 -19.00 16.08
C GLU A 108 8.26 -20.30 16.77
N GLY A 1 19.32 3.29 6.98
CA GLY A 1 18.38 3.15 5.82
C GLY A 1 17.01 2.67 6.25
N SER A 2 16.89 2.28 7.53
CA SER A 2 15.62 1.80 8.06
C SER A 2 14.81 2.94 8.67
N HIS A 3 13.52 2.69 8.87
CA HIS A 3 12.64 3.70 9.45
C HIS A 3 11.70 3.08 10.48
N GLY A 4 12.15 1.98 11.08
CA GLY A 4 11.34 1.32 12.08
C GLY A 4 11.99 0.06 12.62
N TYR A 5 11.52 -1.09 12.17
CA TYR A 5 12.08 -2.37 12.62
C TYR A 5 12.89 -3.03 11.51
N SER A 6 13.78 -3.92 11.89
CA SER A 6 14.62 -4.63 10.94
C SER A 6 14.39 -6.14 11.01
N ASP A 7 13.51 -6.64 10.15
CA ASP A 7 13.19 -8.06 10.11
C ASP A 7 12.72 -8.55 11.47
N ALA A 8 11.81 -7.80 12.09
CA ALA A 8 11.28 -8.16 13.39
C ALA A 8 9.96 -8.93 13.27
N SER A 9 9.98 -10.19 13.66
CA SER A 9 8.80 -11.05 13.59
C SER A 9 8.25 -11.10 12.17
N GLY A 10 9.13 -10.88 11.19
CA GLY A 10 8.71 -10.91 9.79
C GLY A 10 8.29 -9.55 9.28
N PHE A 11 7.67 -8.76 10.14
CA PHE A 11 7.23 -7.42 9.77
C PHE A 11 8.41 -6.52 9.45
N SER A 12 8.53 -6.13 8.18
CA SER A 12 9.61 -5.27 7.74
C SER A 12 9.09 -4.18 6.80
N LEU A 13 9.62 -2.97 6.96
CA LEU A 13 9.22 -1.84 6.12
C LEU A 13 9.88 -1.92 4.76
N TYR A 14 9.07 -1.97 3.70
CA TYR A 14 9.57 -2.03 2.34
C TYR A 14 9.21 -0.79 1.56
N SER A 15 10.22 -0.19 0.93
CA SER A 15 10.01 1.03 0.14
C SER A 15 9.96 0.71 -1.36
N VAL A 16 9.01 1.32 -2.06
CA VAL A 16 8.86 1.12 -3.49
C VAL A 16 8.75 2.46 -4.22
N GLU A 17 9.05 2.46 -5.52
CA GLU A 17 8.99 3.68 -6.31
C GLU A 17 8.32 3.43 -7.66
N LEU A 18 7.14 4.03 -7.84
CA LEU A 18 6.39 3.88 -9.09
C LEU A 18 6.12 5.24 -9.72
N PHE A 19 5.69 5.23 -10.97
CA PHE A 19 5.39 6.47 -11.69
C PHE A 19 4.15 6.31 -12.57
N ARG A 20 3.23 7.26 -12.46
CA ARG A 20 2.01 7.21 -13.26
C ARG A 20 2.09 8.19 -14.43
N GLU A 21 2.53 7.68 -15.58
CA GLU A 21 2.65 8.52 -16.78
C GLU A 21 1.98 7.84 -17.98
N LYS A 22 1.42 6.66 -17.75
CA LYS A 22 0.75 5.91 -18.80
C LYS A 22 -0.72 6.31 -18.89
N ASP A 23 -1.34 6.00 -20.03
CA ASP A 23 -2.74 6.33 -20.25
C ASP A 23 -3.65 5.26 -19.67
N THR A 24 -3.29 4.75 -18.50
CA THR A 24 -4.07 3.71 -17.84
C THR A 24 -4.99 4.31 -16.77
N SER A 25 -4.66 5.52 -16.34
CA SER A 25 -5.45 6.22 -15.32
C SER A 25 -5.56 5.40 -14.04
N SER A 26 -4.68 4.40 -13.91
CA SER A 26 -4.68 3.54 -12.73
C SER A 26 -3.29 3.00 -12.45
N LEU A 27 -3.02 2.67 -11.19
CA LEU A 27 -1.73 2.13 -10.78
C LEU A 27 -1.81 0.62 -10.57
N GLY A 28 -3.02 0.12 -10.36
CA GLY A 28 -3.22 -1.30 -10.14
C GLY A 28 -3.41 -1.65 -8.69
N ILE A 29 -3.45 -0.64 -7.83
CA ILE A 29 -3.63 -0.86 -6.40
C ILE A 29 -5.08 -1.19 -6.08
N SER A 30 -5.33 -2.45 -5.72
CA SER A 30 -6.68 -2.90 -5.37
C SER A 30 -6.79 -3.20 -3.88
N ILE A 31 -7.22 -2.19 -3.12
CA ILE A 31 -7.37 -2.35 -1.68
C ILE A 31 -8.78 -2.80 -1.32
N SER A 32 -8.97 -3.21 -0.07
CA SER A 32 -10.26 -3.68 0.40
C SER A 32 -10.56 -3.13 1.80
N GLY A 33 -11.83 -2.79 2.04
CA GLY A 33 -12.22 -2.26 3.32
C GLY A 33 -12.05 -3.27 4.45
N MET A 34 -11.37 -2.85 5.51
CA MET A 34 -11.13 -3.71 6.65
C MET A 34 -12.44 -4.07 7.35
N ARG A 35 -12.53 -5.31 7.82
CA ARG A 35 -13.72 -5.78 8.51
C ARG A 35 -13.44 -5.98 10.00
N ASP A 36 -14.16 -5.24 10.84
CA ASP A 36 -13.98 -5.33 12.28
C ASP A 36 -15.10 -6.13 12.93
N GLN A 37 -16.32 -5.60 12.86
CA GLN A 37 -17.48 -6.25 13.46
C GLN A 37 -17.30 -6.44 14.96
N SER A 38 -17.49 -5.36 15.71
CA SER A 38 -17.35 -5.39 17.16
C SER A 38 -15.95 -5.85 17.57
N THR A 39 -15.03 -4.90 17.65
CA THR A 39 -13.64 -5.20 18.03
C THR A 39 -13.11 -4.19 19.03
N THR A 40 -12.42 -4.67 20.06
CA THR A 40 -11.86 -3.82 21.09
C THR A 40 -10.33 -3.77 20.98
N GLY A 41 -9.82 -4.14 19.81
CA GLY A 41 -8.38 -4.13 19.59
C GLY A 41 -7.98 -3.22 18.46
N GLU A 42 -8.23 -3.65 17.22
CA GLU A 42 -7.88 -2.86 16.05
C GLU A 42 -9.09 -2.06 15.56
N ALA A 43 -8.83 -1.13 14.66
CA ALA A 43 -9.89 -0.28 14.11
C ALA A 43 -9.61 0.05 12.64
N THR A 44 -10.35 -0.61 11.74
CA THR A 44 -10.21 -0.39 10.31
C THR A 44 -8.76 -0.50 9.87
N GLY A 45 -8.47 -0.07 8.65
CA GLY A 45 -7.12 -0.13 8.14
C GLY A 45 -7.07 -0.38 6.64
N ILE A 46 -6.34 0.46 5.92
CA ILE A 46 -6.22 0.33 4.48
C ILE A 46 -5.09 -0.64 4.11
N TYR A 47 -5.42 -1.67 3.33
CA TYR A 47 -4.42 -2.65 2.92
C TYR A 47 -4.74 -3.21 1.55
N VAL A 48 -3.70 -3.50 0.77
CA VAL A 48 -3.87 -4.05 -0.57
C VAL A 48 -4.06 -5.57 -0.50
N LYS A 49 -5.14 -6.04 -1.11
CA LYS A 49 -5.44 -7.46 -1.13
C LYS A 49 -5.18 -8.06 -2.51
N SER A 50 -5.19 -7.21 -3.53
CA SER A 50 -4.97 -7.65 -4.89
C SER A 50 -4.38 -6.55 -5.75
N LEU A 51 -3.93 -6.91 -6.96
CA LEU A 51 -3.33 -5.95 -7.87
C LEU A 51 -3.89 -6.13 -9.28
N ILE A 52 -3.66 -5.14 -10.13
CA ILE A 52 -4.13 -5.18 -11.51
C ILE A 52 -2.96 -5.41 -12.48
N PRO A 53 -2.77 -6.66 -12.94
CA PRO A 53 -1.68 -7.00 -13.87
C PRO A 53 -1.63 -6.07 -15.07
N GLY A 54 -0.42 -5.73 -15.49
CA GLY A 54 -0.24 -4.85 -16.63
C GLY A 54 -0.05 -3.40 -16.22
N SER A 55 -0.53 -3.06 -15.03
CA SER A 55 -0.40 -1.70 -14.53
C SER A 55 1.01 -1.41 -14.05
N ALA A 56 1.23 -0.20 -13.53
CA ALA A 56 2.54 0.20 -13.04
C ALA A 56 2.95 -0.62 -11.82
N ALA A 57 2.12 -0.59 -10.79
CA ALA A 57 2.39 -1.31 -9.55
C ALA A 57 2.59 -2.80 -9.83
N ALA A 58 1.87 -3.33 -10.81
CA ALA A 58 1.97 -4.73 -11.17
C ALA A 58 3.30 -5.05 -11.83
N LEU A 59 3.73 -4.17 -12.73
CA LEU A 59 4.99 -4.35 -13.43
C LEU A 59 6.18 -4.21 -12.49
N ASP A 60 5.95 -3.57 -11.34
CA ASP A 60 7.00 -3.37 -10.35
C ASP A 60 7.60 -4.70 -9.92
N GLY A 61 6.73 -5.66 -9.62
CA GLY A 61 7.19 -6.97 -9.19
C GLY A 61 7.25 -7.12 -7.69
N ARG A 62 7.88 -6.16 -7.02
CA ARG A 62 8.01 -6.20 -5.56
C ARG A 62 6.64 -6.10 -4.89
N ILE A 63 5.80 -5.22 -5.40
CA ILE A 63 4.46 -5.02 -4.86
C ILE A 63 3.62 -6.29 -5.01
N GLU A 64 3.27 -6.90 -3.88
CA GLU A 64 2.46 -8.11 -3.89
C GLU A 64 1.29 -8.00 -2.93
N PRO A 65 0.23 -8.82 -3.12
CA PRO A 65 -0.95 -8.81 -2.26
C PRO A 65 -0.59 -9.03 -0.79
N ASN A 66 -1.60 -8.93 0.07
CA ASN A 66 -1.39 -9.12 1.51
C ASN A 66 -0.43 -8.06 2.07
N ASP A 67 -0.50 -6.85 1.53
CA ASP A 67 0.36 -5.76 1.97
C ASP A 67 -0.47 -4.68 2.66
N LYS A 68 0.16 -3.94 3.58
CA LYS A 68 -0.53 -2.87 4.29
C LYS A 68 0.08 -1.51 3.97
N ILE A 69 -0.63 -0.72 3.16
CA ILE A 69 -0.17 0.61 2.79
C ILE A 69 -0.06 1.52 4.00
N LEU A 70 1.06 2.20 4.12
CA LEU A 70 1.28 3.12 5.24
C LEU A 70 1.10 4.57 4.79
N ARG A 71 1.98 5.03 3.92
CA ARG A 71 1.91 6.40 3.42
C ARG A 71 2.37 6.48 1.97
N VAL A 72 1.62 7.21 1.16
CA VAL A 72 1.94 7.41 -0.24
C VAL A 72 2.87 8.60 -0.41
N ASP A 73 3.33 8.85 -1.63
CA ASP A 73 4.22 9.97 -1.90
C ASP A 73 3.68 11.27 -1.30
N ASP A 74 4.35 11.76 -0.26
CA ASP A 74 3.96 13.01 0.40
C ASP A 74 2.52 12.96 0.89
N VAL A 75 2.01 11.75 1.15
CA VAL A 75 0.64 11.57 1.62
C VAL A 75 0.56 10.40 2.60
N ASN A 76 -0.37 10.48 3.55
CA ASN A 76 -0.56 9.42 4.53
C ASN A 76 -1.97 8.84 4.43
N VAL A 77 -2.06 7.51 4.39
CA VAL A 77 -3.36 6.85 4.29
C VAL A 77 -3.78 6.24 5.62
N GLN A 78 -3.28 6.81 6.70
CA GLN A 78 -3.60 6.32 8.04
C GLN A 78 -4.76 7.10 8.65
N GLY A 79 -5.59 7.69 7.79
CA GLY A 79 -6.73 8.46 8.26
C GLY A 79 -7.64 8.91 7.14
N MET A 80 -7.51 8.28 5.97
CA MET A 80 -8.33 8.63 4.82
C MET A 80 -9.19 7.44 4.38
N ALA A 81 -10.45 7.69 4.09
CA ALA A 81 -11.38 6.64 3.67
C ALA A 81 -10.94 6.04 2.33
N GLN A 82 -11.43 4.85 2.05
CA GLN A 82 -11.08 4.15 0.81
C GLN A 82 -11.23 5.08 -0.40
N SER A 83 -12.42 5.67 -0.54
CA SER A 83 -12.69 6.57 -1.65
C SER A 83 -11.66 7.69 -1.73
N ASP A 84 -11.15 8.10 -0.57
CA ASP A 84 -10.14 9.17 -0.52
C ASP A 84 -8.79 8.67 -1.01
N VAL A 85 -8.43 7.44 -0.63
CA VAL A 85 -7.17 6.86 -1.04
C VAL A 85 -7.13 6.66 -2.55
N VAL A 86 -8.30 6.42 -3.15
CA VAL A 86 -8.42 6.21 -4.58
C VAL A 86 -8.18 7.51 -5.35
N GLU A 87 -8.85 8.58 -4.94
CA GLU A 87 -8.70 9.87 -5.60
C GLU A 87 -7.25 10.35 -5.52
N VAL A 88 -6.56 9.96 -4.45
CA VAL A 88 -5.16 10.35 -4.27
C VAL A 88 -4.28 9.73 -5.34
N LEU A 89 -4.33 8.40 -5.44
CA LEU A 89 -3.54 7.67 -6.42
C LEU A 89 -3.80 8.18 -7.84
N ARG A 90 -5.04 8.58 -8.11
CA ARG A 90 -5.40 9.08 -9.42
C ARG A 90 -4.92 10.52 -9.62
N ASN A 91 -4.93 11.29 -8.55
CA ASN A 91 -4.49 12.69 -8.61
C ASN A 91 -2.97 12.76 -8.81
N ALA A 92 -2.28 11.65 -8.53
CA ALA A 92 -0.84 11.59 -8.68
C ALA A 92 -0.41 11.91 -10.11
N GLY A 93 -0.44 10.90 -10.98
CA GLY A 93 -0.05 11.10 -12.37
C GLY A 93 1.40 11.50 -12.51
N ASN A 94 2.20 11.17 -11.48
CA ASN A 94 3.61 11.49 -11.47
C ASN A 94 4.40 10.40 -10.73
N PRO A 95 5.74 10.43 -10.79
CA PRO A 95 6.58 9.46 -10.08
C PRO A 95 6.36 9.53 -8.58
N VAL A 96 5.44 8.71 -8.07
CA VAL A 96 5.12 8.70 -6.65
C VAL A 96 5.77 7.54 -5.91
N ARG A 97 6.16 7.78 -4.67
CA ARG A 97 6.79 6.76 -3.85
C ARG A 97 5.74 6.02 -3.04
N LEU A 98 5.86 4.70 -2.99
CA LEU A 98 4.92 3.86 -2.26
C LEU A 98 5.58 3.24 -1.04
N LEU A 99 5.28 3.77 0.15
CA LEU A 99 5.83 3.24 1.38
C LEU A 99 4.83 2.30 2.04
N LEU A 100 5.12 1.01 1.98
CA LEU A 100 4.25 0.00 2.56
C LEU A 100 5.03 -1.05 3.33
N ILE A 101 4.32 -1.82 4.14
CA ILE A 101 4.95 -2.87 4.94
C ILE A 101 4.54 -4.25 4.44
N ARG A 102 5.53 -5.14 4.29
CA ARG A 102 5.29 -6.49 3.82
C ARG A 102 5.54 -7.50 4.93
N ARG A 103 4.59 -8.40 5.14
CA ARG A 103 4.72 -9.41 6.18
C ARG A 103 5.40 -10.67 5.64
N LEU A 104 6.64 -10.89 6.06
CA LEU A 104 7.40 -12.04 5.62
C LEU A 104 6.74 -13.34 6.09
N PRO A 105 6.61 -14.35 5.21
CA PRO A 105 5.99 -15.63 5.55
C PRO A 105 6.96 -16.55 6.29
N LEU A 106 7.44 -16.09 7.43
CA LEU A 106 8.38 -16.85 8.24
C LEU A 106 7.64 -17.74 9.23
N LEU A 107 7.78 -19.05 9.07
CA LEU A 107 7.13 -20.01 9.95
C LEU A 107 7.85 -20.08 11.29
N GLU A 108 7.11 -20.41 12.34
CA GLU A 108 7.68 -20.52 13.67
C GLU A 108 8.65 -21.69 13.77
N GLY A 1 13.05 5.33 3.32
CA GLY A 1 14.00 4.30 3.80
C GLY A 1 13.41 3.42 4.87
N SER A 2 14.11 3.31 6.00
CA SER A 2 13.65 2.49 7.11
C SER A 2 13.90 3.19 8.45
N HIS A 3 12.94 3.08 9.36
CA HIS A 3 13.06 3.70 10.67
C HIS A 3 11.97 3.19 11.61
N GLY A 4 12.33 2.24 12.46
CA GLY A 4 11.36 1.68 13.40
C GLY A 4 11.59 0.21 13.65
N TYR A 5 10.70 -0.62 13.10
CA TYR A 5 10.80 -2.06 13.26
C TYR A 5 11.98 -2.62 12.48
N SER A 6 12.62 -3.65 13.03
CA SER A 6 13.77 -4.28 12.38
C SER A 6 13.70 -5.80 12.50
N ASP A 7 13.20 -6.44 11.45
CA ASP A 7 13.08 -7.91 11.43
C ASP A 7 12.28 -8.40 12.63
N ALA A 8 11.28 -7.64 13.03
CA ALA A 8 10.44 -7.99 14.17
C ALA A 8 9.18 -8.73 13.71
N SER A 9 9.09 -10.01 14.06
CA SER A 9 7.95 -10.84 13.70
C SER A 9 7.74 -10.84 12.19
N GLY A 10 8.81 -10.55 11.45
CA GLY A 10 8.72 -10.53 10.00
C GLY A 10 8.30 -9.18 9.46
N PHE A 11 7.52 -8.44 10.25
CA PHE A 11 7.04 -7.13 9.84
C PHE A 11 8.20 -6.17 9.58
N SER A 12 8.42 -5.84 8.32
CA SER A 12 9.49 -4.94 7.92
C SER A 12 8.97 -3.86 6.97
N LEU A 13 9.53 -2.66 7.05
CA LEU A 13 9.12 -1.56 6.20
C LEU A 13 9.79 -1.65 4.82
N TYR A 14 8.97 -1.69 3.79
CA TYR A 14 9.47 -1.77 2.42
C TYR A 14 8.98 -0.58 1.58
N SER A 15 9.90 0.07 0.88
CA SER A 15 9.55 1.22 0.06
C SER A 15 10.04 1.04 -1.37
N VAL A 16 9.15 1.31 -2.33
CA VAL A 16 9.48 1.18 -3.74
C VAL A 16 9.07 2.44 -4.51
N GLU A 17 9.79 2.72 -5.59
CA GLU A 17 9.49 3.91 -6.40
C GLU A 17 8.70 3.54 -7.66
N LEU A 18 7.50 4.09 -7.77
CA LEU A 18 6.64 3.84 -8.92
C LEU A 18 6.28 5.16 -9.60
N PHE A 19 5.74 5.07 -10.81
CA PHE A 19 5.35 6.25 -11.56
C PHE A 19 4.06 6.02 -12.32
N ARG A 20 3.12 6.97 -12.20
CA ARG A 20 1.84 6.86 -12.89
C ARG A 20 1.83 7.73 -14.14
N GLU A 21 1.94 7.08 -15.30
CA GLU A 21 1.94 7.80 -16.58
C GLU A 21 1.27 6.96 -17.67
N LYS A 22 0.66 5.86 -17.27
CA LYS A 22 -0.02 4.98 -18.22
C LYS A 22 -1.48 5.39 -18.41
N ASP A 23 -2.10 4.91 -19.48
CA ASP A 23 -3.49 5.22 -19.77
C ASP A 23 -4.43 4.28 -19.01
N THR A 24 -4.02 3.90 -17.81
CA THR A 24 -4.83 3.00 -16.99
C THR A 24 -5.62 3.79 -15.96
N SER A 25 -5.33 5.09 -15.86
CA SER A 25 -6.01 5.97 -14.91
C SER A 25 -5.85 5.48 -13.48
N SER A 26 -4.90 4.58 -13.28
CA SER A 26 -4.64 4.02 -11.95
C SER A 26 -3.22 3.45 -11.86
N LEU A 27 -2.91 2.86 -10.71
CA LEU A 27 -1.59 2.28 -10.48
C LEU A 27 -1.69 0.77 -10.30
N GLY A 28 -2.91 0.26 -10.28
CA GLY A 28 -3.11 -1.16 -10.12
C GLY A 28 -3.36 -1.54 -8.66
N ILE A 29 -3.47 -0.53 -7.81
CA ILE A 29 -3.70 -0.75 -6.39
C ILE A 29 -5.18 -1.06 -6.12
N SER A 30 -5.46 -2.32 -5.77
CA SER A 30 -6.83 -2.74 -5.48
C SER A 30 -6.98 -3.11 -4.02
N ILE A 31 -7.41 -2.14 -3.21
CA ILE A 31 -7.59 -2.36 -1.78
C ILE A 31 -9.03 -2.76 -1.47
N SER A 32 -9.24 -3.32 -0.28
CA SER A 32 -10.57 -3.75 0.13
C SER A 32 -11.02 -3.00 1.39
N GLY A 33 -12.23 -2.46 1.34
CA GLY A 33 -12.75 -1.72 2.48
C GLY A 33 -13.01 -2.61 3.69
N MET A 34 -12.27 -2.34 4.76
CA MET A 34 -12.42 -3.12 5.99
C MET A 34 -13.65 -2.67 6.77
N ARG A 35 -14.63 -3.57 6.89
CA ARG A 35 -15.87 -3.29 7.61
C ARG A 35 -15.58 -2.83 9.04
N ASP A 36 -16.51 -2.09 9.61
CA ASP A 36 -16.36 -1.58 10.97
C ASP A 36 -17.28 -2.34 11.94
N GLN A 37 -18.29 -3.01 11.37
CA GLN A 37 -19.24 -3.77 12.17
C GLN A 37 -20.03 -2.86 13.11
N SER A 38 -20.86 -3.46 13.95
CA SER A 38 -21.66 -2.71 14.91
C SER A 38 -20.90 -2.47 16.20
N THR A 39 -19.58 -2.53 16.12
CA THR A 39 -18.73 -2.33 17.29
C THR A 39 -18.54 -0.85 17.59
N THR A 40 -18.60 -0.50 18.86
CA THR A 40 -18.44 0.88 19.29
C THR A 40 -17.00 1.35 19.13
N GLY A 41 -16.13 0.43 18.73
CA GLY A 41 -14.73 0.76 18.55
C GLY A 41 -14.29 0.63 17.11
N GLU A 42 -13.94 1.76 16.50
CA GLU A 42 -13.49 1.77 15.10
C GLU A 42 -12.13 1.10 14.95
N ALA A 43 -11.97 0.30 13.90
CA ALA A 43 -10.72 -0.38 13.64
C ALA A 43 -10.50 -0.60 12.15
N THR A 44 -10.87 0.40 11.36
CA THR A 44 -10.73 0.32 9.91
C THR A 44 -9.25 0.25 9.52
N GLY A 45 -8.98 -0.43 8.40
CA GLY A 45 -7.60 -0.55 7.93
C GLY A 45 -7.51 -0.65 6.43
N ILE A 46 -6.57 0.09 5.85
CA ILE A 46 -6.36 0.09 4.40
C ILE A 46 -5.22 -0.85 4.02
N TYR A 47 -5.55 -1.91 3.29
CA TYR A 47 -4.55 -2.87 2.86
C TYR A 47 -4.86 -3.40 1.45
N VAL A 48 -3.83 -3.51 0.63
CA VAL A 48 -3.98 -4.01 -0.74
C VAL A 48 -4.37 -5.48 -0.73
N LYS A 49 -5.44 -5.81 -1.45
CA LYS A 49 -5.93 -7.18 -1.55
C LYS A 49 -5.47 -7.83 -2.86
N SER A 50 -5.33 -7.02 -3.90
CA SER A 50 -4.91 -7.52 -5.20
C SER A 50 -4.29 -6.42 -6.04
N LEU A 51 -3.71 -6.81 -7.18
CA LEU A 51 -3.07 -5.87 -8.09
C LEU A 51 -3.58 -6.04 -9.52
N ILE A 52 -3.78 -4.93 -10.22
CA ILE A 52 -4.26 -4.97 -11.59
C ILE A 52 -3.14 -5.35 -12.56
N PRO A 53 -3.27 -6.48 -13.28
CA PRO A 53 -2.25 -6.94 -14.22
C PRO A 53 -2.14 -6.03 -15.44
N GLY A 54 -1.04 -5.28 -15.52
CA GLY A 54 -0.84 -4.38 -16.64
C GLY A 54 -0.53 -2.96 -16.18
N SER A 55 -0.60 -2.73 -14.88
CA SER A 55 -0.31 -1.41 -14.31
C SER A 55 1.14 -1.30 -13.88
N ALA A 56 1.49 -0.18 -13.25
CA ALA A 56 2.85 0.05 -12.79
C ALA A 56 3.18 -0.81 -11.58
N ALA A 57 2.24 -0.90 -10.64
CA ALA A 57 2.43 -1.69 -9.43
C ALA A 57 2.65 -3.16 -9.75
N ALA A 58 1.84 -3.67 -10.69
CA ALA A 58 1.94 -5.07 -11.08
C ALA A 58 3.23 -5.35 -11.84
N LEU A 59 3.47 -4.60 -12.91
CA LEU A 59 4.67 -4.76 -13.72
C LEU A 59 5.93 -4.55 -12.89
N ASP A 60 5.78 -3.87 -11.75
CA ASP A 60 6.91 -3.62 -10.87
C ASP A 60 7.55 -4.92 -10.40
N GLY A 61 6.71 -5.84 -9.91
CA GLY A 61 7.21 -7.12 -9.44
C GLY A 61 7.39 -7.18 -7.93
N ARG A 62 8.05 -6.17 -7.38
CA ARG A 62 8.29 -6.12 -5.94
C ARG A 62 6.98 -6.08 -5.17
N ILE A 63 6.05 -5.25 -5.62
CA ILE A 63 4.75 -5.12 -4.97
C ILE A 63 3.93 -6.39 -5.12
N GLU A 64 3.68 -7.06 -3.99
CA GLU A 64 2.91 -8.30 -3.99
C GLU A 64 1.63 -8.13 -3.18
N PRO A 65 0.49 -8.69 -3.66
CA PRO A 65 -0.80 -8.60 -2.96
C PRO A 65 -0.68 -8.92 -1.47
N ASN A 66 -1.74 -8.61 -0.72
CA ASN A 66 -1.77 -8.86 0.72
C ASN A 66 -0.70 -8.03 1.42
N ASP A 67 -0.82 -6.71 1.31
CA ASP A 67 0.13 -5.79 1.93
C ASP A 67 -0.61 -4.65 2.62
N LYS A 68 0.04 -4.03 3.60
CA LYS A 68 -0.58 -2.93 4.34
C LYS A 68 0.09 -1.59 3.99
N ILE A 69 -0.67 -0.73 3.33
CA ILE A 69 -0.17 0.58 2.93
C ILE A 69 -0.06 1.51 4.15
N LEU A 70 0.98 2.35 4.16
CA LEU A 70 1.20 3.28 5.26
C LEU A 70 1.10 4.72 4.79
N ARG A 71 2.04 5.14 3.95
CA ARG A 71 2.06 6.52 3.45
C ARG A 71 2.45 6.56 1.98
N VAL A 72 1.81 7.47 1.24
CA VAL A 72 2.09 7.65 -0.18
C VAL A 72 3.00 8.87 -0.38
N ASP A 73 3.44 9.10 -1.61
CA ASP A 73 4.29 10.24 -1.92
C ASP A 73 3.70 11.53 -1.36
N ASP A 74 4.34 12.06 -0.31
CA ASP A 74 3.89 13.30 0.32
C ASP A 74 2.43 13.20 0.76
N VAL A 75 1.99 12.00 1.10
CA VAL A 75 0.61 11.78 1.53
C VAL A 75 0.55 10.67 2.58
N ASN A 76 -0.46 10.75 3.46
CA ASN A 76 -0.63 9.76 4.51
C ASN A 76 -2.00 9.07 4.39
N VAL A 77 -2.01 7.74 4.33
CA VAL A 77 -3.25 7.00 4.20
C VAL A 77 -3.63 6.29 5.50
N GLN A 78 -3.07 6.75 6.62
CA GLN A 78 -3.36 6.16 7.91
C GLN A 78 -4.48 6.92 8.61
N GLY A 79 -5.28 7.64 7.81
CA GLY A 79 -6.38 8.41 8.36
C GLY A 79 -7.40 8.77 7.30
N MET A 80 -7.30 8.14 6.14
CA MET A 80 -8.23 8.41 5.04
C MET A 80 -9.00 7.15 4.67
N ALA A 81 -10.27 7.33 4.30
CA ALA A 81 -11.12 6.22 3.91
C ALA A 81 -10.70 5.65 2.56
N GLN A 82 -11.25 4.49 2.22
CA GLN A 82 -10.94 3.82 0.95
C GLN A 82 -11.06 4.78 -0.22
N SER A 83 -12.25 5.37 -0.37
CA SER A 83 -12.52 6.30 -1.47
C SER A 83 -11.45 7.39 -1.57
N ASP A 84 -11.06 7.94 -0.42
CA ASP A 84 -10.05 9.00 -0.38
C ASP A 84 -8.72 8.53 -0.96
N VAL A 85 -8.24 7.38 -0.49
CA VAL A 85 -6.97 6.83 -0.95
C VAL A 85 -6.98 6.59 -2.46
N VAL A 86 -8.14 6.19 -2.99
CA VAL A 86 -8.27 5.94 -4.42
C VAL A 86 -8.05 7.20 -5.24
N GLU A 87 -8.70 8.29 -4.84
CA GLU A 87 -8.57 9.56 -5.54
C GLU A 87 -7.11 10.01 -5.60
N VAL A 88 -6.39 9.83 -4.49
CA VAL A 88 -4.99 10.21 -4.41
C VAL A 88 -4.15 9.52 -5.49
N LEU A 89 -4.16 8.20 -5.47
CA LEU A 89 -3.40 7.42 -6.44
C LEU A 89 -3.73 7.80 -7.88
N ARG A 90 -4.98 8.21 -8.10
CA ARG A 90 -5.42 8.61 -9.44
C ARG A 90 -5.01 10.04 -9.74
N ASN A 91 -4.80 10.83 -8.70
CA ASN A 91 -4.41 12.24 -8.87
C ASN A 91 -2.90 12.36 -9.06
N ALA A 92 -2.19 11.28 -8.76
CA ALA A 92 -0.73 11.26 -8.91
C ALA A 92 -0.30 11.69 -10.31
N GLY A 93 -0.35 10.75 -11.26
CA GLY A 93 0.05 11.07 -12.63
C GLY A 93 1.51 11.43 -12.73
N ASN A 94 2.26 11.12 -11.67
CA ASN A 94 3.69 11.42 -11.63
C ASN A 94 4.43 10.33 -10.84
N PRO A 95 5.78 10.31 -10.90
CA PRO A 95 6.58 9.33 -10.15
C PRO A 95 6.38 9.50 -8.65
N VAL A 96 5.51 8.67 -8.07
CA VAL A 96 5.22 8.73 -6.65
C VAL A 96 5.88 7.60 -5.86
N ARG A 97 6.14 7.87 -4.59
CA ARG A 97 6.76 6.89 -3.71
C ARG A 97 5.70 6.10 -2.98
N LEU A 98 5.95 4.81 -2.80
CA LEU A 98 5.01 3.94 -2.12
C LEU A 98 5.62 3.36 -0.86
N LEU A 99 5.22 3.90 0.30
CA LEU A 99 5.73 3.43 1.58
C LEU A 99 4.72 2.48 2.23
N LEU A 100 4.98 1.18 2.09
CA LEU A 100 4.09 0.18 2.65
C LEU A 100 4.87 -0.84 3.49
N ILE A 101 4.15 -1.64 4.28
CA ILE A 101 4.78 -2.64 5.13
C ILE A 101 4.40 -4.05 4.70
N ARG A 102 5.42 -4.89 4.54
CA ARG A 102 5.23 -6.28 4.14
C ARG A 102 5.51 -7.22 5.30
N ARG A 103 4.78 -8.33 5.36
CA ARG A 103 4.97 -9.31 6.43
C ARG A 103 5.79 -10.50 5.93
N LEU A 104 6.89 -10.78 6.62
CA LEU A 104 7.76 -11.88 6.26
C LEU A 104 7.40 -13.14 7.05
N PRO A 105 7.43 -14.32 6.41
CA PRO A 105 7.11 -15.59 7.07
C PRO A 105 8.29 -16.16 7.84
N LEU A 106 8.03 -17.16 8.68
CA LEU A 106 9.09 -17.79 9.48
C LEU A 106 9.00 -19.31 9.38
N LEU A 107 10.15 -19.95 9.19
CA LEU A 107 10.22 -21.41 9.08
C LEU A 107 10.82 -22.02 10.34
N GLU A 108 10.24 -23.13 10.78
CA GLU A 108 10.72 -23.82 11.96
C GLU A 108 11.48 -25.09 11.60
N GLY A 1 8.31 6.73 21.77
CA GLY A 1 7.87 7.13 20.40
C GLY A 1 8.94 6.88 19.35
N SER A 2 8.65 5.99 18.42
CA SER A 2 9.60 5.67 17.35
C SER A 2 8.87 5.22 16.10
N HIS A 3 9.49 5.43 14.95
CA HIS A 3 8.90 5.04 13.67
C HIS A 3 9.93 4.31 12.79
N GLY A 4 10.26 3.09 13.19
CA GLY A 4 11.22 2.31 12.42
C GLY A 4 11.41 0.91 12.99
N TYR A 5 10.98 -0.09 12.23
CA TYR A 5 11.09 -1.49 12.67
C TYR A 5 12.06 -2.27 11.77
N SER A 6 13.32 -2.33 12.19
CA SER A 6 14.33 -3.04 11.42
C SER A 6 14.25 -4.54 11.69
N ASP A 7 13.33 -5.20 10.97
CA ASP A 7 13.13 -6.64 11.12
C ASP A 7 12.80 -7.00 12.56
N ALA A 8 11.52 -6.89 12.92
CA ALA A 8 11.06 -7.21 14.26
C ALA A 8 9.78 -8.02 14.23
N SER A 9 9.86 -9.26 14.72
CA SER A 9 8.70 -10.15 14.75
C SER A 9 8.15 -10.38 13.35
N GLY A 10 9.01 -10.22 12.34
CA GLY A 10 8.59 -10.42 10.98
C GLY A 10 8.24 -9.12 10.27
N PHE A 11 7.58 -8.21 11.00
CA PHE A 11 7.21 -6.93 10.44
C PHE A 11 8.42 -6.16 9.93
N SER A 12 8.62 -6.16 8.63
CA SER A 12 9.74 -5.47 8.01
C SER A 12 9.26 -4.29 7.16
N LEU A 13 10.08 -3.25 7.08
CA LEU A 13 9.74 -2.08 6.29
C LEU A 13 10.12 -2.25 4.83
N TYR A 14 9.14 -2.05 3.95
CA TYR A 14 9.36 -2.18 2.51
C TYR A 14 9.05 -0.87 1.80
N SER A 15 9.92 -0.48 0.87
CA SER A 15 9.71 0.76 0.12
C SER A 15 10.01 0.56 -1.36
N VAL A 16 9.06 0.94 -2.21
CA VAL A 16 9.20 0.82 -3.65
C VAL A 16 8.88 2.13 -4.35
N GLU A 17 9.58 2.42 -5.44
CA GLU A 17 9.35 3.66 -6.18
C GLU A 17 8.65 3.39 -7.51
N LEU A 18 7.45 3.96 -7.65
CA LEU A 18 6.66 3.78 -8.86
C LEU A 18 6.56 5.10 -9.63
N PHE A 19 6.12 5.03 -10.88
CA PHE A 19 5.99 6.22 -11.70
C PHE A 19 4.91 6.03 -12.76
N ARG A 20 4.03 7.03 -12.89
CA ARG A 20 2.94 6.97 -13.87
C ARG A 20 3.01 8.15 -14.82
N GLU A 21 2.45 7.99 -16.01
CA GLU A 21 2.44 9.06 -17.01
C GLU A 21 1.51 8.71 -18.16
N LYS A 22 0.50 7.89 -17.88
CA LYS A 22 -0.47 7.49 -18.90
C LYS A 22 -1.87 7.99 -18.55
N ASP A 23 -2.76 7.95 -19.54
CA ASP A 23 -4.14 8.40 -19.33
C ASP A 23 -5.01 7.26 -18.83
N THR A 24 -4.39 6.30 -18.15
CA THR A 24 -5.12 5.16 -17.60
C THR A 24 -5.85 5.54 -16.32
N SER A 25 -5.34 6.58 -15.66
CA SER A 25 -5.93 7.07 -14.42
C SER A 25 -6.00 5.97 -13.37
N SER A 26 -5.18 4.94 -13.53
CA SER A 26 -5.15 3.82 -12.60
C SER A 26 -3.72 3.36 -12.33
N LEU A 27 -3.46 2.94 -11.10
CA LEU A 27 -2.14 2.45 -10.71
C LEU A 27 -2.17 0.97 -10.38
N GLY A 28 -3.28 0.32 -10.74
CA GLY A 28 -3.41 -1.11 -10.49
C GLY A 28 -3.29 -1.45 -9.01
N ILE A 29 -3.83 -0.58 -8.15
CA ILE A 29 -3.78 -0.80 -6.72
C ILE A 29 -5.15 -1.14 -6.16
N SER A 30 -5.32 -2.40 -5.75
CA SER A 30 -6.59 -2.85 -5.19
C SER A 30 -6.48 -3.02 -3.69
N ILE A 31 -7.19 -2.16 -2.94
CA ILE A 31 -7.18 -2.22 -1.49
C ILE A 31 -8.48 -2.75 -0.93
N SER A 32 -8.47 -3.08 0.35
CA SER A 32 -9.66 -3.60 1.02
C SER A 32 -9.77 -3.05 2.43
N GLY A 33 -10.98 -2.62 2.81
CA GLY A 33 -11.20 -2.08 4.14
C GLY A 33 -11.62 -3.13 5.14
N MET A 34 -10.66 -3.91 5.63
CA MET A 34 -10.95 -4.95 6.59
C MET A 34 -10.52 -4.51 8.00
N ARG A 35 -11.51 -4.33 8.87
CA ARG A 35 -11.23 -3.91 10.24
C ARG A 35 -11.29 -5.08 11.20
N ASP A 36 -10.55 -4.98 12.30
CA ASP A 36 -10.51 -6.04 13.31
C ASP A 36 -11.05 -5.53 14.64
N GLN A 37 -11.82 -6.37 15.31
CA GLN A 37 -12.41 -6.01 16.60
C GLN A 37 -11.57 -6.56 17.75
N SER A 38 -11.72 -5.95 18.92
CA SER A 38 -10.98 -6.36 20.11
C SER A 38 -9.48 -6.34 19.85
N THR A 39 -8.96 -5.16 19.52
CA THR A 39 -7.54 -4.99 19.24
C THR A 39 -6.72 -5.07 20.52
N THR A 40 -5.47 -5.50 20.37
CA THR A 40 -4.57 -5.65 21.51
C THR A 40 -3.11 -5.45 21.09
N GLY A 41 -2.91 -5.14 19.82
CA GLY A 41 -1.57 -4.93 19.30
C GLY A 41 -1.55 -4.74 17.79
N GLU A 42 -2.26 -5.62 17.08
CA GLU A 42 -2.33 -5.55 15.64
C GLU A 42 -3.48 -4.66 15.18
N ALA A 43 -3.40 -4.17 13.95
CA ALA A 43 -4.44 -3.29 13.40
C ALA A 43 -4.45 -3.34 11.87
N THR A 44 -5.58 -3.75 11.31
CA THR A 44 -5.72 -3.84 9.86
C THR A 44 -6.61 -2.73 9.32
N GLY A 45 -6.11 -1.99 8.34
CA GLY A 45 -6.88 -0.92 7.74
C GLY A 45 -6.83 -0.93 6.23
N ILE A 46 -6.24 0.09 5.64
CA ILE A 46 -6.12 0.19 4.18
C ILE A 46 -4.93 -0.62 3.70
N TYR A 47 -5.19 -1.83 3.20
CA TYR A 47 -4.13 -2.69 2.70
C TYR A 47 -4.44 -3.20 1.30
N VAL A 48 -3.40 -3.30 0.47
CA VAL A 48 -3.55 -3.78 -0.90
C VAL A 48 -3.70 -5.30 -0.91
N LYS A 49 -4.88 -5.78 -1.30
CA LYS A 49 -5.15 -7.21 -1.34
C LYS A 49 -4.77 -7.81 -2.69
N SER A 50 -4.83 -7.00 -3.74
CA SER A 50 -4.49 -7.47 -5.08
C SER A 50 -4.01 -6.32 -5.97
N LEU A 51 -3.62 -6.65 -7.19
CA LEU A 51 -3.14 -5.66 -8.15
C LEU A 51 -3.73 -5.90 -9.53
N ILE A 52 -3.84 -4.84 -10.32
CA ILE A 52 -4.39 -4.94 -11.66
C ILE A 52 -3.29 -5.23 -12.69
N PRO A 53 -3.25 -6.45 -13.25
CA PRO A 53 -2.24 -6.83 -14.25
C PRO A 53 -2.24 -5.91 -15.46
N GLY A 54 -1.07 -5.33 -15.76
CA GLY A 54 -0.95 -4.44 -16.90
C GLY A 54 -0.77 -2.99 -16.47
N SER A 55 -0.83 -2.74 -15.16
CA SER A 55 -0.67 -1.39 -14.64
C SER A 55 0.74 -1.18 -14.11
N ALA A 56 1.02 0.04 -13.64
CA ALA A 56 2.34 0.38 -13.11
C ALA A 56 2.74 -0.52 -11.95
N ALA A 57 1.93 -0.52 -10.90
CA ALA A 57 2.19 -1.33 -9.72
C ALA A 57 2.42 -2.80 -10.07
N ALA A 58 1.51 -3.37 -10.85
CA ALA A 58 1.61 -4.77 -11.25
C ALA A 58 2.91 -5.06 -12.00
N LEU A 59 3.32 -4.13 -12.85
CA LEU A 59 4.55 -4.29 -13.63
C LEU A 59 5.79 -4.19 -12.74
N ASP A 60 5.64 -3.53 -11.60
CA ASP A 60 6.76 -3.36 -10.66
C ASP A 60 7.27 -4.71 -10.19
N GLY A 61 6.38 -5.51 -9.61
CA GLY A 61 6.75 -6.82 -9.13
C GLY A 61 7.02 -6.85 -7.63
N ARG A 62 7.78 -5.89 -7.15
CA ARG A 62 8.13 -5.82 -5.73
C ARG A 62 6.88 -5.68 -4.86
N ILE A 63 5.82 -5.12 -5.43
CA ILE A 63 4.58 -4.93 -4.70
C ILE A 63 3.85 -6.27 -4.51
N GLU A 64 3.96 -6.82 -3.31
CA GLU A 64 3.31 -8.09 -2.99
C GLU A 64 1.95 -7.86 -2.35
N PRO A 65 0.91 -8.62 -2.77
CA PRO A 65 -0.44 -8.48 -2.23
C PRO A 65 -0.49 -8.69 -0.72
N ASN A 66 -1.65 -8.42 -0.14
CA ASN A 66 -1.83 -8.58 1.31
C ASN A 66 -0.85 -7.71 2.09
N ASP A 67 -0.45 -6.59 1.48
CA ASP A 67 0.49 -5.67 2.11
C ASP A 67 -0.25 -4.47 2.68
N LYS A 68 0.18 -4.02 3.86
CA LYS A 68 -0.45 -2.87 4.52
C LYS A 68 0.19 -1.56 4.06
N ILE A 69 -0.65 -0.63 3.61
CA ILE A 69 -0.18 0.67 3.15
C ILE A 69 -0.14 1.67 4.29
N LEU A 70 0.94 2.44 4.37
CA LEU A 70 1.09 3.44 5.43
C LEU A 70 0.91 4.85 4.89
N ARG A 71 1.81 5.26 4.00
CA ARG A 71 1.74 6.60 3.43
C ARG A 71 2.27 6.62 1.99
N VAL A 72 1.54 7.30 1.13
CA VAL A 72 1.91 7.42 -0.28
C VAL A 72 2.79 8.66 -0.48
N ASP A 73 3.29 8.86 -1.69
CA ASP A 73 4.14 10.00 -2.01
C ASP A 73 3.53 11.31 -1.48
N ASP A 74 4.16 11.87 -0.44
CA ASP A 74 3.69 13.13 0.16
C ASP A 74 2.23 13.05 0.57
N VAL A 75 1.77 11.85 0.90
CA VAL A 75 0.38 11.64 1.32
C VAL A 75 0.30 10.54 2.38
N ASN A 76 -0.65 10.68 3.30
CA ASN A 76 -0.84 9.69 4.36
C ASN A 76 -2.21 9.04 4.24
N VAL A 77 -2.23 7.70 4.24
CA VAL A 77 -3.48 6.96 4.11
C VAL A 77 -3.84 6.27 5.43
N GLN A 78 -3.37 6.83 6.54
CA GLN A 78 -3.65 6.27 7.85
C GLN A 78 -4.82 6.98 8.52
N GLY A 79 -5.69 7.57 7.70
CA GLY A 79 -6.84 8.28 8.24
C GLY A 79 -7.82 8.68 7.16
N MET A 80 -7.69 8.10 5.98
CA MET A 80 -8.59 8.40 4.87
C MET A 80 -9.38 7.17 4.44
N ALA A 81 -10.64 7.38 4.08
CA ALA A 81 -11.49 6.29 3.64
C ALA A 81 -11.01 5.70 2.33
N GLN A 82 -11.51 4.51 1.98
CA GLN A 82 -11.12 3.84 0.75
C GLN A 82 -11.22 4.78 -0.46
N SER A 83 -12.41 5.33 -0.66
CA SER A 83 -12.65 6.24 -1.78
C SER A 83 -11.61 7.36 -1.83
N ASP A 84 -11.25 7.89 -0.66
CA ASP A 84 -10.27 8.96 -0.58
C ASP A 84 -8.90 8.49 -1.05
N VAL A 85 -8.46 7.33 -0.58
CA VAL A 85 -7.18 6.77 -0.97
C VAL A 85 -7.08 6.60 -2.48
N VAL A 86 -8.22 6.29 -3.10
CA VAL A 86 -8.28 6.11 -4.54
C VAL A 86 -8.04 7.43 -5.27
N GLU A 87 -8.65 8.50 -4.78
CA GLU A 87 -8.50 9.81 -5.39
C GLU A 87 -7.03 10.21 -5.46
N VAL A 88 -6.31 10.02 -4.36
CA VAL A 88 -4.89 10.35 -4.29
C VAL A 88 -4.10 9.57 -5.34
N LEU A 89 -4.22 8.25 -5.30
CA LEU A 89 -3.52 7.38 -6.23
C LEU A 89 -3.89 7.70 -7.67
N ARG A 90 -5.05 8.32 -7.87
CA ARG A 90 -5.52 8.68 -9.20
C ARG A 90 -5.01 10.06 -9.61
N ASN A 91 -4.67 10.88 -8.62
CA ASN A 91 -4.17 12.23 -8.89
C ASN A 91 -2.67 12.22 -9.12
N ALA A 92 -2.02 11.12 -8.74
CA ALA A 92 -0.57 10.99 -8.90
C ALA A 92 -0.17 11.16 -10.38
N GLY A 93 -0.18 10.08 -11.13
CA GLY A 93 0.18 10.14 -12.53
C GLY A 93 1.62 10.59 -12.74
N ASN A 94 2.44 10.43 -11.70
CA ASN A 94 3.84 10.83 -11.76
C ASN A 94 4.70 9.89 -10.91
N PRO A 95 6.05 10.05 -10.95
CA PRO A 95 6.95 9.21 -10.14
C PRO A 95 6.66 9.37 -8.64
N VAL A 96 5.79 8.51 -8.12
CA VAL A 96 5.42 8.56 -6.71
C VAL A 96 6.08 7.44 -5.91
N ARG A 97 6.26 7.68 -4.62
CA ARG A 97 6.87 6.71 -3.73
C ARG A 97 5.79 5.97 -2.94
N LEU A 98 6.03 4.69 -2.67
CA LEU A 98 5.06 3.87 -1.94
C LEU A 98 5.69 3.31 -0.66
N LEU A 99 5.29 3.86 0.49
CA LEU A 99 5.80 3.41 1.77
C LEU A 99 4.80 2.47 2.42
N LEU A 100 5.12 1.18 2.45
CA LEU A 100 4.23 0.18 3.03
C LEU A 100 4.98 -0.80 3.91
N ILE A 101 4.25 -1.52 4.76
CA ILE A 101 4.84 -2.50 5.66
C ILE A 101 4.27 -3.89 5.41
N ARG A 102 5.13 -4.90 5.48
CA ARG A 102 4.72 -6.29 5.26
C ARG A 102 5.35 -7.22 6.29
N ARG A 103 4.55 -8.12 6.83
CA ARG A 103 5.03 -9.07 7.82
C ARG A 103 5.61 -10.31 7.16
N LEU A 104 6.68 -10.84 7.72
CA LEU A 104 7.34 -12.02 7.18
C LEU A 104 6.63 -13.28 7.66
N PRO A 105 6.60 -14.34 6.83
CA PRO A 105 5.97 -15.62 7.18
C PRO A 105 6.84 -16.47 8.08
N LEU A 106 7.15 -15.94 9.25
CA LEU A 106 7.99 -16.64 10.22
C LEU A 106 7.14 -17.44 11.19
N LEU A 107 7.35 -18.75 11.23
CA LEU A 107 6.60 -19.63 12.11
C LEU A 107 7.25 -19.67 13.50
N GLU A 108 6.40 -19.75 14.53
CA GLU A 108 6.87 -19.78 15.90
C GLU A 108 7.70 -21.04 16.16
N GLY A 1 10.69 10.12 17.32
CA GLY A 1 11.31 8.77 17.27
C GLY A 1 10.41 7.73 16.62
N SER A 2 10.45 7.66 15.30
CA SER A 2 9.64 6.71 14.56
C SER A 2 10.41 6.13 13.37
N HIS A 3 9.77 5.20 12.67
CA HIS A 3 10.39 4.57 11.49
C HIS A 3 11.73 3.95 11.84
N GLY A 4 11.72 2.66 12.17
CA GLY A 4 12.95 1.97 12.52
C GLY A 4 12.72 0.50 12.82
N TYR A 5 11.86 -0.14 12.04
CA TYR A 5 11.55 -1.56 12.24
C TYR A 5 12.34 -2.42 11.26
N SER A 6 13.67 -2.28 11.27
CA SER A 6 14.52 -3.05 10.38
C SER A 6 14.53 -4.53 10.78
N ASP A 7 13.68 -5.31 10.13
CA ASP A 7 13.58 -6.74 10.41
C ASP A 7 13.26 -6.98 11.88
N ALA A 8 11.98 -6.96 12.21
CA ALA A 8 11.55 -7.17 13.59
C ALA A 8 10.39 -8.16 13.66
N SER A 9 10.73 -9.41 14.01
CA SER A 9 9.72 -10.48 14.12
C SER A 9 8.98 -10.68 12.81
N GLY A 10 9.58 -10.23 11.72
CA GLY A 10 8.94 -10.38 10.41
C GLY A 10 8.40 -9.06 9.87
N PHE A 11 8.00 -8.17 10.77
CA PHE A 11 7.47 -6.88 10.36
C PHE A 11 8.59 -5.92 9.94
N SER A 12 8.84 -5.85 8.65
CA SER A 12 9.88 -4.98 8.11
C SER A 12 9.26 -3.92 7.21
N LEU A 13 9.85 -2.72 7.22
CA LEU A 13 9.36 -1.62 6.40
C LEU A 13 9.93 -1.69 4.98
N TYR A 14 9.03 -1.74 4.00
CA TYR A 14 9.43 -1.81 2.59
C TYR A 14 8.98 -0.58 1.82
N SER A 15 9.75 -0.20 0.81
CA SER A 15 9.43 0.97 0.00
C SER A 15 9.92 0.80 -1.43
N VAL A 16 9.03 1.05 -2.39
CA VAL A 16 9.38 0.92 -3.80
C VAL A 16 9.06 2.22 -4.54
N GLU A 17 9.78 2.47 -5.63
CA GLU A 17 9.57 3.68 -6.42
C GLU A 17 8.75 3.40 -7.68
N LEU A 18 7.59 4.04 -7.76
CA LEU A 18 6.69 3.88 -8.91
C LEU A 18 6.59 5.20 -9.67
N PHE A 19 6.05 5.14 -10.88
CA PHE A 19 5.89 6.34 -11.70
C PHE A 19 4.78 6.16 -12.74
N ARG A 20 3.96 7.19 -12.91
CA ARG A 20 2.87 7.14 -13.89
C ARG A 20 2.88 8.38 -14.78
N GLU A 21 2.35 8.22 -15.99
CA GLU A 21 2.29 9.33 -16.95
C GLU A 21 1.18 9.11 -17.97
N LYS A 22 0.94 7.85 -18.32
CA LYS A 22 -0.10 7.49 -19.27
C LYS A 22 -1.47 7.95 -18.78
N ASP A 23 -2.44 7.99 -19.69
CA ASP A 23 -3.80 8.40 -19.34
C ASP A 23 -4.67 7.19 -19.00
N THR A 24 -4.06 6.17 -18.40
CA THR A 24 -4.78 4.97 -18.03
C THR A 24 -5.58 5.18 -16.75
N SER A 25 -5.29 6.28 -16.06
CA SER A 25 -5.97 6.64 -14.82
C SER A 25 -5.99 5.47 -13.83
N SER A 26 -5.04 4.55 -13.98
CA SER A 26 -4.96 3.39 -13.11
C SER A 26 -3.51 3.04 -12.78
N LEU A 27 -3.24 2.76 -11.51
CA LEU A 27 -1.89 2.42 -11.06
C LEU A 27 -1.76 0.92 -10.83
N GLY A 28 -2.90 0.26 -10.62
CA GLY A 28 -2.90 -1.17 -10.38
C GLY A 28 -2.99 -1.51 -8.91
N ILE A 29 -3.27 -0.51 -8.09
CA ILE A 29 -3.38 -0.71 -6.65
C ILE A 29 -4.83 -0.96 -6.24
N SER A 30 -5.11 -2.19 -5.82
CA SER A 30 -6.45 -2.56 -5.39
C SER A 30 -6.48 -2.85 -3.89
N ILE A 31 -7.20 -2.01 -3.14
CA ILE A 31 -7.30 -2.17 -1.70
C ILE A 31 -8.63 -2.83 -1.31
N SER A 32 -8.81 -3.06 -0.01
CA SER A 32 -10.03 -3.68 0.50
C SER A 32 -10.21 -3.35 1.98
N GLY A 33 -11.42 -2.93 2.33
CA GLY A 33 -11.71 -2.58 3.71
C GLY A 33 -12.10 -3.80 4.53
N MET A 34 -11.34 -4.06 5.60
CA MET A 34 -11.62 -5.19 6.47
C MET A 34 -12.88 -4.95 7.28
N ARG A 35 -13.71 -5.98 7.41
CA ARG A 35 -14.97 -5.87 8.15
C ARG A 35 -14.75 -6.22 9.63
N ASP A 36 -15.39 -5.45 10.50
CA ASP A 36 -15.28 -5.68 11.95
C ASP A 36 -16.59 -5.39 12.64
N GLN A 37 -17.24 -6.44 13.13
CA GLN A 37 -18.52 -6.31 13.83
C GLN A 37 -18.32 -6.37 15.34
N SER A 38 -17.07 -6.24 15.77
CA SER A 38 -16.73 -6.29 17.18
C SER A 38 -15.74 -5.19 17.54
N THR A 39 -16.08 -4.40 18.55
CA THR A 39 -15.22 -3.31 18.99
C THR A 39 -14.35 -3.73 20.17
N THR A 40 -13.08 -3.34 20.13
CA THR A 40 -12.14 -3.69 21.19
C THR A 40 -10.91 -2.79 21.15
N GLY A 41 -10.94 -1.78 20.28
CA GLY A 41 -9.82 -0.87 20.15
C GLY A 41 -9.51 -0.53 18.71
N GLU A 42 -8.77 -1.41 18.04
CA GLU A 42 -8.40 -1.20 16.64
C GLU A 42 -9.64 -1.20 15.75
N ALA A 43 -9.49 -0.67 14.54
CA ALA A 43 -10.58 -0.60 13.59
C ALA A 43 -10.11 -1.01 12.20
N THR A 44 -10.86 -0.59 11.19
CA THR A 44 -10.53 -0.90 9.80
C THR A 44 -9.15 -0.37 9.42
N GLY A 45 -8.72 -0.67 8.20
CA GLY A 45 -7.43 -0.22 7.72
C GLY A 45 -7.30 -0.30 6.22
N ILE A 46 -6.36 0.47 5.66
CA ILE A 46 -6.14 0.48 4.23
C ILE A 46 -4.96 -0.42 3.84
N TYR A 47 -5.27 -1.55 3.23
CA TYR A 47 -4.24 -2.50 2.83
C TYR A 47 -4.55 -3.08 1.44
N VAL A 48 -3.52 -3.22 0.61
CA VAL A 48 -3.67 -3.76 -0.73
C VAL A 48 -3.89 -5.27 -0.68
N LYS A 49 -5.03 -5.72 -1.20
CA LYS A 49 -5.35 -7.14 -1.20
C LYS A 49 -5.06 -7.77 -2.56
N SER A 50 -5.02 -6.94 -3.61
CA SER A 50 -4.76 -7.43 -4.95
C SER A 50 -4.18 -6.34 -5.85
N LEU A 51 -3.72 -6.74 -7.03
CA LEU A 51 -3.14 -5.81 -8.00
C LEU A 51 -3.81 -6.00 -9.37
N ILE A 52 -3.51 -5.08 -10.29
CA ILE A 52 -4.08 -5.15 -11.63
C ILE A 52 -3.01 -5.50 -12.66
N PRO A 53 -2.92 -6.78 -13.06
CA PRO A 53 -1.93 -7.24 -14.05
C PRO A 53 -2.01 -6.45 -15.35
N GLY A 54 -0.97 -5.66 -15.61
CA GLY A 54 -0.95 -4.87 -16.83
C GLY A 54 -0.73 -3.39 -16.55
N SER A 55 -0.57 -3.04 -15.28
CA SER A 55 -0.36 -1.65 -14.88
C SER A 55 1.06 -1.46 -14.34
N ALA A 56 1.35 -0.25 -13.88
CA ALA A 56 2.67 0.08 -13.35
C ALA A 56 3.01 -0.80 -12.15
N ALA A 57 2.11 -0.82 -11.16
CA ALA A 57 2.31 -1.62 -9.95
C ALA A 57 2.61 -3.08 -10.29
N ALA A 58 1.81 -3.64 -11.21
CA ALA A 58 1.98 -5.03 -11.62
C ALA A 58 3.31 -5.24 -12.33
N LEU A 59 3.71 -4.25 -13.12
CA LEU A 59 4.97 -4.34 -13.86
C LEU A 59 6.16 -4.14 -12.93
N ASP A 60 5.90 -3.54 -11.77
CA ASP A 60 6.96 -3.29 -10.79
C ASP A 60 7.49 -4.61 -10.22
N GLY A 61 6.59 -5.46 -9.75
CA GLY A 61 6.99 -6.75 -9.21
C GLY A 61 7.29 -6.70 -7.71
N ARG A 62 8.01 -5.68 -7.28
CA ARG A 62 8.36 -5.53 -5.87
C ARG A 62 7.11 -5.44 -5.00
N ILE A 63 6.00 -5.04 -5.60
CA ILE A 63 4.73 -4.91 -4.88
C ILE A 63 4.03 -6.25 -4.75
N GLU A 64 4.00 -6.79 -3.53
CA GLU A 64 3.36 -8.07 -3.28
C GLU A 64 1.98 -7.88 -2.66
N PRO A 65 0.96 -8.62 -3.14
CA PRO A 65 -0.41 -8.52 -2.62
C PRO A 65 -0.49 -8.77 -1.11
N ASN A 66 -1.66 -8.53 -0.55
CA ASN A 66 -1.89 -8.72 0.88
C ASN A 66 -0.95 -7.85 1.71
N ASP A 67 -0.52 -6.73 1.14
CA ASP A 67 0.38 -5.81 1.83
C ASP A 67 -0.40 -4.71 2.53
N LYS A 68 0.21 -4.09 3.53
CA LYS A 68 -0.44 -3.01 4.26
C LYS A 68 0.16 -1.66 3.90
N ILE A 69 -0.68 -0.73 3.46
CA ILE A 69 -0.24 0.61 3.09
C ILE A 69 -0.21 1.53 4.29
N LEU A 70 0.81 2.38 4.37
CA LEU A 70 0.95 3.32 5.47
C LEU A 70 0.86 4.75 4.98
N ARG A 71 1.78 5.13 4.09
CA ARG A 71 1.81 6.48 3.55
C ARG A 71 2.27 6.48 2.09
N VAL A 72 1.60 7.29 1.28
CA VAL A 72 1.94 7.40 -0.14
C VAL A 72 2.91 8.57 -0.35
N ASP A 73 3.40 8.72 -1.57
CA ASP A 73 4.32 9.81 -1.90
C ASP A 73 3.82 11.15 -1.37
N ASP A 74 4.48 11.66 -0.34
CA ASP A 74 4.11 12.95 0.26
C ASP A 74 2.64 12.96 0.68
N VAL A 75 2.12 11.79 1.02
CA VAL A 75 0.73 11.65 1.45
C VAL A 75 0.60 10.57 2.51
N ASN A 76 -0.40 10.72 3.39
CA ASN A 76 -0.63 9.75 4.45
C ASN A 76 -2.03 9.15 4.35
N VAL A 77 -2.12 7.81 4.37
CA VAL A 77 -3.40 7.14 4.26
C VAL A 77 -3.82 6.54 5.60
N GLN A 78 -3.29 7.10 6.69
CA GLN A 78 -3.62 6.61 8.02
C GLN A 78 -4.72 7.45 8.65
N GLY A 79 -5.69 7.85 7.83
CA GLY A 79 -6.79 8.66 8.31
C GLY A 79 -7.74 9.10 7.21
N MET A 80 -7.82 8.30 6.16
CA MET A 80 -8.70 8.61 5.03
C MET A 80 -9.54 7.40 4.64
N ALA A 81 -10.80 7.64 4.28
CA ALA A 81 -11.70 6.57 3.88
C ALA A 81 -11.28 5.97 2.54
N GLN A 82 -11.78 4.78 2.25
CA GLN A 82 -11.45 4.07 1.00
C GLN A 82 -11.55 5.01 -0.20
N SER A 83 -12.71 5.61 -0.39
CA SER A 83 -12.94 6.51 -1.52
C SER A 83 -11.85 7.58 -1.60
N ASP A 84 -11.48 8.14 -0.46
CA ASP A 84 -10.44 9.17 -0.42
C ASP A 84 -9.09 8.62 -0.87
N VAL A 85 -8.74 7.42 -0.42
CA VAL A 85 -7.47 6.81 -0.79
C VAL A 85 -7.38 6.62 -2.30
N VAL A 86 -8.49 6.26 -2.92
CA VAL A 86 -8.53 6.07 -4.37
C VAL A 86 -8.31 7.38 -5.10
N GLU A 87 -8.86 8.46 -4.54
CA GLU A 87 -8.72 9.78 -5.15
C GLU A 87 -7.25 10.19 -5.26
N VAL A 88 -6.53 10.04 -4.16
CA VAL A 88 -5.10 10.37 -4.13
C VAL A 88 -4.32 9.60 -5.20
N LEU A 89 -4.48 8.28 -5.19
CA LEU A 89 -3.79 7.43 -6.14
C LEU A 89 -4.05 7.88 -7.58
N ARG A 90 -5.25 8.41 -7.82
CA ARG A 90 -5.63 8.88 -9.14
C ARG A 90 -5.07 10.27 -9.41
N ASN A 91 -4.82 11.02 -8.34
CA ASN A 91 -4.28 12.38 -8.46
C ASN A 91 -2.78 12.34 -8.76
N ALA A 92 -2.17 11.20 -8.50
CA ALA A 92 -0.73 11.04 -8.72
C ALA A 92 -0.38 11.26 -10.20
N GLY A 93 -0.42 10.18 -10.99
CA GLY A 93 -0.09 10.29 -12.40
C GLY A 93 1.32 10.79 -12.64
N ASN A 94 2.17 10.61 -11.63
CA ASN A 94 3.57 11.05 -11.71
C ASN A 94 4.47 10.11 -10.91
N PRO A 95 5.81 10.29 -10.97
CA PRO A 95 6.74 9.45 -10.20
C PRO A 95 6.47 9.54 -8.70
N VAL A 96 5.73 8.56 -8.18
CA VAL A 96 5.39 8.53 -6.77
C VAL A 96 6.03 7.35 -6.04
N ARG A 97 6.29 7.53 -4.75
CA ARG A 97 6.89 6.50 -3.92
C ARG A 97 5.81 5.82 -3.07
N LEU A 98 5.98 4.52 -2.84
CA LEU A 98 5.02 3.76 -2.05
C LEU A 98 5.65 3.24 -0.77
N LEU A 99 5.15 3.71 0.38
CA LEU A 99 5.64 3.29 1.67
C LEU A 99 4.67 2.31 2.32
N LEU A 100 4.96 1.01 2.22
CA LEU A 100 4.10 -0.02 2.79
C LEU A 100 4.90 -0.99 3.65
N ILE A 101 4.20 -1.68 4.55
CA ILE A 101 4.84 -2.64 5.43
C ILE A 101 4.43 -4.07 5.07
N ARG A 102 5.38 -4.99 5.13
CA ARG A 102 5.13 -6.39 4.82
C ARG A 102 5.61 -7.30 5.93
N ARG A 103 4.88 -8.39 6.16
CA ARG A 103 5.23 -9.35 7.21
C ARG A 103 5.89 -10.58 6.60
N LEU A 104 6.89 -11.11 7.29
CA LEU A 104 7.61 -12.29 6.83
C LEU A 104 7.00 -13.56 7.40
N PRO A 105 7.05 -14.68 6.66
CA PRO A 105 6.49 -15.96 7.10
C PRO A 105 7.41 -16.70 8.07
N LEU A 106 7.64 -16.06 9.22
CA LEU A 106 8.50 -16.65 10.26
C LEU A 106 7.65 -17.27 11.37
N LEU A 107 7.57 -18.60 11.36
CA LEU A 107 6.80 -19.31 12.37
C LEU A 107 7.62 -19.51 13.64
N GLU A 108 7.34 -18.69 14.65
CA GLU A 108 8.06 -18.77 15.92
C GLU A 108 7.08 -19.02 17.07
N GLY A 1 17.98 8.58 12.71
CA GLY A 1 18.54 8.00 13.97
C GLY A 1 17.58 7.04 14.64
N SER A 2 16.34 7.02 14.16
CA SER A 2 15.32 6.15 14.73
C SER A 2 14.35 5.68 13.65
N HIS A 3 13.35 4.90 14.06
CA HIS A 3 12.35 4.38 13.14
C HIS A 3 13.00 3.60 11.99
N GLY A 4 13.30 2.33 12.25
CA GLY A 4 13.92 1.51 11.24
C GLY A 4 13.76 0.02 11.52
N TYR A 5 12.53 -0.47 11.41
CA TYR A 5 12.24 -1.88 11.66
C TYR A 5 12.81 -2.75 10.54
N SER A 6 13.33 -3.92 10.90
CA SER A 6 13.91 -4.83 9.93
C SER A 6 13.85 -6.27 10.45
N ASP A 7 12.99 -7.08 9.85
CA ASP A 7 12.84 -8.48 10.24
C ASP A 7 12.51 -8.59 11.73
N ALA A 8 11.72 -7.64 12.23
CA ALA A 8 11.33 -7.63 13.64
C ALA A 8 9.91 -8.13 13.83
N SER A 9 9.77 -9.21 14.57
CA SER A 9 8.45 -9.80 14.84
C SER A 9 7.74 -10.16 13.54
N GLY A 10 8.51 -10.33 12.47
CA GLY A 10 7.94 -10.68 11.19
C GLY A 10 7.43 -9.47 10.43
N PHE A 11 8.10 -8.34 10.61
CA PHE A 11 7.71 -7.09 9.94
C PHE A 11 8.95 -6.38 9.39
N SER A 12 8.87 -5.97 8.13
CA SER A 12 9.98 -5.26 7.49
C SER A 12 9.47 -4.08 6.68
N LEU A 13 10.15 -2.94 6.82
CA LEU A 13 9.78 -1.73 6.10
C LEU A 13 10.20 -1.82 4.64
N TYR A 14 9.23 -1.76 3.74
CA TYR A 14 9.49 -1.82 2.31
C TYR A 14 9.02 -0.56 1.59
N SER A 15 9.89 0.00 0.76
CA SER A 15 9.55 1.21 0.01
C SER A 15 10.02 1.11 -1.43
N VAL A 16 9.10 1.35 -2.37
CA VAL A 16 9.42 1.28 -3.78
C VAL A 16 9.00 2.56 -4.50
N GLU A 17 9.83 3.01 -5.44
CA GLU A 17 9.54 4.22 -6.20
C GLU A 17 8.86 3.92 -7.53
N LEU A 18 7.62 4.38 -7.67
CA LEU A 18 6.86 4.18 -8.90
C LEU A 18 6.59 5.51 -9.58
N PHE A 19 6.15 5.46 -10.83
CA PHE A 19 5.88 6.68 -11.59
C PHE A 19 4.72 6.47 -12.55
N ARG A 20 3.68 7.30 -12.42
CA ARG A 20 2.52 7.18 -13.30
C ARG A 20 2.64 8.16 -14.47
N GLU A 21 3.12 7.66 -15.61
CA GLU A 21 3.29 8.48 -16.80
C GLU A 21 2.24 8.13 -17.85
N LYS A 22 1.67 6.93 -17.71
CA LYS A 22 0.65 6.47 -18.65
C LYS A 22 -0.72 7.04 -18.29
N ASP A 23 -1.56 7.25 -19.30
CA ASP A 23 -2.90 7.79 -19.09
C ASP A 23 -3.90 6.68 -18.78
N THR A 24 -3.51 5.79 -17.85
CA THR A 24 -4.36 4.68 -17.46
C THR A 24 -5.32 5.08 -16.33
N SER A 25 -5.09 6.26 -15.77
CA SER A 25 -5.92 6.78 -14.69
C SER A 25 -5.93 5.82 -13.49
N SER A 26 -4.92 4.95 -13.43
CA SER A 26 -4.82 3.98 -12.34
C SER A 26 -3.39 3.51 -12.17
N LEU A 27 -3.09 2.94 -10.99
CA LEU A 27 -1.76 2.44 -10.70
C LEU A 27 -1.77 0.93 -10.55
N GLY A 28 -2.97 0.37 -10.40
CA GLY A 28 -3.10 -1.07 -10.24
C GLY A 28 -3.14 -1.49 -8.79
N ILE A 29 -3.66 -0.61 -7.94
CA ILE A 29 -3.76 -0.89 -6.51
C ILE A 29 -5.21 -1.10 -6.10
N SER A 30 -5.56 -2.35 -5.77
CA SER A 30 -6.92 -2.66 -5.35
C SER A 30 -6.97 -3.04 -3.87
N ILE A 31 -7.37 -2.09 -3.04
CA ILE A 31 -7.46 -2.30 -1.60
C ILE A 31 -8.85 -2.78 -1.20
N SER A 32 -9.03 -3.01 0.10
CA SER A 32 -10.32 -3.47 0.62
C SER A 32 -10.69 -2.71 1.89
N GLY A 33 -11.96 -2.32 1.98
CA GLY A 33 -12.42 -1.58 3.15
C GLY A 33 -12.39 -2.42 4.41
N MET A 34 -11.36 -2.23 5.23
CA MET A 34 -11.22 -2.97 6.46
C MET A 34 -12.31 -2.58 7.46
N ARG A 35 -12.72 -3.55 8.28
CA ARG A 35 -13.76 -3.30 9.27
C ARG A 35 -13.52 -4.11 10.54
N ASP A 36 -14.17 -3.72 11.62
CA ASP A 36 -14.02 -4.41 12.91
C ASP A 36 -15.38 -4.60 13.57
N GLN A 37 -15.65 -5.83 14.03
CA GLN A 37 -16.90 -6.14 14.68
C GLN A 37 -16.66 -6.71 16.07
N SER A 38 -16.95 -5.91 17.10
CA SER A 38 -16.77 -6.34 18.49
C SER A 38 -15.34 -6.79 18.73
N THR A 39 -14.38 -6.04 18.19
CA THR A 39 -12.96 -6.36 18.34
C THR A 39 -12.36 -5.64 19.54
N THR A 40 -11.51 -6.35 20.28
CA THR A 40 -10.87 -5.77 21.46
C THR A 40 -9.56 -5.09 21.08
N GLY A 41 -9.38 -4.82 19.79
CA GLY A 41 -8.17 -4.17 19.32
C GLY A 41 -8.43 -3.24 18.15
N GLU A 42 -8.72 -1.98 18.46
CA GLU A 42 -8.99 -0.99 17.43
C GLU A 42 -7.73 -0.67 16.64
N ALA A 43 -7.53 -1.37 15.54
CA ALA A 43 -6.36 -1.17 14.69
C ALA A 43 -6.74 -1.17 13.21
N THR A 44 -7.61 -0.23 12.83
CA THR A 44 -8.05 -0.13 11.45
C THR A 44 -6.99 0.53 10.56
N GLY A 45 -7.02 0.21 9.28
CA GLY A 45 -6.07 0.78 8.35
C GLY A 45 -6.39 0.44 6.90
N ILE A 46 -5.41 0.62 6.02
CA ILE A 46 -5.60 0.34 4.61
C ILE A 46 -4.54 -0.66 4.11
N TYR A 47 -5.00 -1.69 3.41
CA TYR A 47 -4.09 -2.71 2.89
C TYR A 47 -4.57 -3.24 1.54
N VAL A 48 -3.63 -3.57 0.66
CA VAL A 48 -3.96 -4.08 -0.66
C VAL A 48 -4.25 -5.58 -0.61
N LYS A 49 -5.38 -5.98 -1.17
CA LYS A 49 -5.78 -7.38 -1.19
C LYS A 49 -5.51 -8.01 -2.55
N SER A 50 -5.46 -7.18 -3.59
CA SER A 50 -5.21 -7.66 -4.95
C SER A 50 -4.60 -6.57 -5.82
N LEU A 51 -3.89 -7.00 -6.86
CA LEU A 51 -3.26 -6.07 -7.79
C LEU A 51 -3.89 -6.17 -9.18
N ILE A 52 -3.66 -5.16 -10.01
CA ILE A 52 -4.22 -5.14 -11.36
C ILE A 52 -3.12 -5.34 -12.42
N PRO A 53 -3.00 -6.56 -12.97
CA PRO A 53 -1.99 -6.86 -13.99
C PRO A 53 -2.01 -5.88 -15.16
N GLY A 54 -0.83 -5.60 -15.71
CA GLY A 54 -0.73 -4.68 -16.83
C GLY A 54 -0.48 -3.25 -16.39
N SER A 55 -0.83 -2.95 -15.14
CA SER A 55 -0.63 -1.62 -14.59
C SER A 55 0.81 -1.41 -14.13
N ALA A 56 1.09 -0.24 -13.58
CA ALA A 56 2.44 0.09 -13.11
C ALA A 56 2.83 -0.79 -11.91
N ALA A 57 2.00 -0.77 -10.87
CA ALA A 57 2.26 -1.54 -9.67
C ALA A 57 2.49 -3.02 -9.98
N ALA A 58 1.72 -3.55 -10.91
CA ALA A 58 1.84 -4.96 -11.30
C ALA A 58 3.14 -5.22 -12.06
N LEU A 59 3.48 -4.32 -12.97
CA LEU A 59 4.69 -4.46 -13.76
C LEU A 59 5.93 -4.21 -12.91
N ASP A 60 5.74 -3.55 -11.78
CA ASP A 60 6.84 -3.24 -10.87
C ASP A 60 7.52 -4.52 -10.39
N GLY A 61 6.73 -5.41 -9.79
CA GLY A 61 7.27 -6.67 -9.31
C GLY A 61 7.49 -6.67 -7.80
N ARG A 62 8.15 -5.63 -7.30
CA ARG A 62 8.43 -5.52 -5.87
C ARG A 62 7.14 -5.58 -5.05
N ILE A 63 6.06 -5.07 -5.62
CA ILE A 63 4.77 -5.05 -4.94
C ILE A 63 4.12 -6.45 -4.98
N GLU A 64 3.72 -6.94 -3.80
CA GLU A 64 3.10 -8.25 -3.69
C GLU A 64 1.75 -8.15 -2.98
N PRO A 65 0.72 -8.87 -3.47
CA PRO A 65 -0.62 -8.86 -2.87
C PRO A 65 -0.60 -9.17 -1.38
N ASN A 66 -1.70 -8.89 -0.70
CA ASN A 66 -1.81 -9.14 0.74
C ASN A 66 -0.76 -8.33 1.51
N ASP A 67 -0.64 -7.05 1.14
CA ASP A 67 0.32 -6.17 1.79
C ASP A 67 -0.41 -5.00 2.47
N LYS A 68 0.27 -4.37 3.42
CA LYS A 68 -0.33 -3.25 4.15
C LYS A 68 0.25 -1.92 3.68
N ILE A 69 -0.62 -0.98 3.33
CA ILE A 69 -0.19 0.34 2.88
C ILE A 69 -0.18 1.33 4.03
N LEU A 70 0.81 2.21 4.04
CA LEU A 70 0.93 3.21 5.09
C LEU A 70 0.66 4.61 4.55
N ARG A 71 1.61 5.15 3.79
CA ARG A 71 1.47 6.49 3.24
C ARG A 71 2.16 6.61 1.88
N VAL A 72 1.48 7.28 0.95
CA VAL A 72 2.01 7.50 -0.39
C VAL A 72 2.92 8.73 -0.39
N ASP A 73 3.55 9.02 -1.52
CA ASP A 73 4.43 10.16 -1.65
C ASP A 73 3.85 11.43 -1.02
N ASP A 74 4.43 11.84 0.11
CA ASP A 74 4.01 13.05 0.82
C ASP A 74 2.50 13.04 1.11
N VAL A 75 1.92 11.85 1.24
CA VAL A 75 0.49 11.74 1.53
C VAL A 75 0.21 10.48 2.35
N ASN A 76 -0.71 10.60 3.31
CA ASN A 76 -1.07 9.47 4.16
C ASN A 76 -2.38 8.86 3.67
N VAL A 77 -2.50 7.54 3.72
CA VAL A 77 -3.71 6.87 3.26
C VAL A 77 -4.34 6.01 4.35
N GLN A 78 -3.57 5.72 5.40
CA GLN A 78 -4.08 4.90 6.50
C GLN A 78 -4.78 5.76 7.53
N GLY A 79 -5.30 6.91 7.08
CA GLY A 79 -6.00 7.81 7.97
C GLY A 79 -7.21 8.45 7.33
N MET A 80 -7.48 8.08 6.08
CA MET A 80 -8.63 8.62 5.35
C MET A 80 -9.53 7.49 4.87
N ALA A 81 -10.68 7.86 4.32
CA ALA A 81 -11.63 6.88 3.82
C ALA A 81 -11.11 6.21 2.56
N GLN A 82 -11.78 5.14 2.13
CA GLN A 82 -11.36 4.41 0.94
C GLN A 82 -11.36 5.32 -0.30
N SER A 83 -12.44 6.08 -0.46
CA SER A 83 -12.57 6.99 -1.59
C SER A 83 -11.40 7.96 -1.65
N ASP A 84 -10.85 8.32 -0.49
CA ASP A 84 -9.72 9.24 -0.42
C ASP A 84 -8.44 8.58 -0.92
N VAL A 85 -8.27 7.31 -0.58
CA VAL A 85 -7.08 6.57 -1.00
C VAL A 85 -7.08 6.34 -2.51
N VAL A 86 -8.26 6.13 -3.06
CA VAL A 86 -8.40 5.89 -4.49
C VAL A 86 -8.12 7.14 -5.31
N GLU A 87 -8.72 8.26 -4.90
CA GLU A 87 -8.53 9.52 -5.62
C GLU A 87 -7.06 9.91 -5.65
N VAL A 88 -6.35 9.72 -4.54
CA VAL A 88 -4.93 10.04 -4.47
C VAL A 88 -4.13 9.26 -5.50
N LEU A 89 -4.27 7.94 -5.47
CA LEU A 89 -3.55 7.07 -6.40
C LEU A 89 -3.86 7.44 -7.85
N ARG A 90 -5.05 8.01 -8.07
CA ARG A 90 -5.47 8.40 -9.41
C ARG A 90 -5.04 9.84 -9.72
N ASN A 91 -4.66 10.59 -8.69
CA ASN A 91 -4.23 11.97 -8.85
C ASN A 91 -2.72 12.07 -9.01
N ALA A 92 -2.04 10.95 -8.76
CA ALA A 92 -0.57 10.91 -8.87
C ALA A 92 -0.10 11.51 -10.19
N GLY A 93 -0.07 10.69 -11.25
CA GLY A 93 0.37 11.16 -12.55
C GLY A 93 1.82 11.63 -12.54
N ASN A 94 2.54 11.26 -11.49
CA ASN A 94 3.94 11.64 -11.34
C ASN A 94 4.73 10.55 -10.61
N PRO A 95 6.07 10.64 -10.57
CA PRO A 95 6.91 9.66 -9.86
C PRO A 95 6.65 9.71 -8.36
N VAL A 96 5.73 8.87 -7.90
CA VAL A 96 5.38 8.83 -6.48
C VAL A 96 6.06 7.66 -5.78
N ARG A 97 6.27 7.81 -4.47
CA ARG A 97 6.90 6.77 -3.67
C ARG A 97 5.83 6.04 -2.85
N LEU A 98 5.96 4.72 -2.79
CA LEU A 98 5.01 3.90 -2.06
C LEU A 98 5.62 3.37 -0.77
N LEU A 99 5.15 3.90 0.37
CA LEU A 99 5.66 3.45 1.67
C LEU A 99 4.68 2.46 2.29
N LEU A 100 5.00 1.18 2.19
CA LEU A 100 4.15 0.13 2.73
C LEU A 100 4.95 -0.85 3.59
N ILE A 101 4.25 -1.61 4.41
CA ILE A 101 4.88 -2.59 5.28
C ILE A 101 4.47 -4.01 4.88
N ARG A 102 5.44 -4.90 4.84
CA ARG A 102 5.20 -6.30 4.49
C ARG A 102 5.65 -7.23 5.60
N ARG A 103 4.80 -8.19 5.94
CA ARG A 103 5.13 -9.14 6.99
C ARG A 103 5.84 -10.37 6.43
N LEU A 104 6.89 -10.79 7.10
CA LEU A 104 7.67 -11.95 6.68
C LEU A 104 7.33 -13.16 7.55
N PRO A 105 7.45 -14.39 6.98
CA PRO A 105 7.14 -15.61 7.71
C PRO A 105 8.30 -16.05 8.60
N LEU A 106 8.00 -16.92 9.56
CA LEU A 106 9.01 -17.41 10.50
C LEU A 106 9.41 -18.84 10.16
N LEU A 107 10.70 -19.13 10.28
CA LEU A 107 11.22 -20.47 10.00
C LEU A 107 11.55 -21.20 11.29
N GLU A 108 10.61 -22.00 11.76
CA GLU A 108 10.79 -22.77 12.99
C GLU A 108 11.08 -21.84 14.17
N GLY A 1 19.61 3.39 8.38
CA GLY A 1 20.39 4.20 9.35
C GLY A 1 19.68 4.34 10.68
N SER A 2 18.61 5.14 10.70
CA SER A 2 17.85 5.37 11.92
C SER A 2 16.79 4.29 12.10
N HIS A 3 15.89 4.17 11.13
CA HIS A 3 14.82 3.17 11.18
C HIS A 3 15.31 1.82 10.64
N GLY A 4 15.53 0.88 11.55
CA GLY A 4 15.99 -0.44 11.13
C GLY A 4 14.83 -1.40 10.89
N TYR A 5 14.37 -2.04 11.96
CA TYR A 5 13.27 -2.99 11.87
C TYR A 5 13.57 -4.09 10.86
N SER A 6 14.85 -4.41 10.72
CA SER A 6 15.27 -5.45 9.78
C SER A 6 14.85 -6.83 10.28
N ASP A 7 13.74 -7.34 9.74
CA ASP A 7 13.23 -8.65 10.14
C ASP A 7 12.96 -8.70 11.64
N ALA A 8 11.92 -8.00 12.07
CA ALA A 8 11.55 -7.97 13.48
C ALA A 8 10.14 -8.51 13.70
N SER A 9 10.06 -9.69 14.29
CA SER A 9 8.77 -10.34 14.57
C SER A 9 7.96 -10.51 13.30
N GLY A 10 8.64 -10.47 12.15
CA GLY A 10 7.95 -10.64 10.88
C GLY A 10 7.33 -9.36 10.39
N PHE A 11 7.93 -8.22 10.72
CA PHE A 11 7.44 -6.92 10.30
C PHE A 11 8.58 -5.99 9.93
N SER A 12 8.65 -5.61 8.66
CA SER A 12 9.70 -4.72 8.18
C SER A 12 9.14 -3.72 7.18
N LEU A 13 9.54 -2.46 7.32
CA LEU A 13 9.09 -1.40 6.43
C LEU A 13 9.78 -1.50 5.07
N TYR A 14 8.99 -1.65 4.02
CA TYR A 14 9.52 -1.76 2.66
C TYR A 14 9.10 -0.57 1.80
N SER A 15 10.08 0.11 1.24
CA SER A 15 9.81 1.26 0.38
C SER A 15 9.97 0.89 -1.09
N VAL A 16 9.12 1.47 -1.93
CA VAL A 16 9.16 1.20 -3.37
C VAL A 16 8.99 2.50 -4.16
N GLU A 17 9.45 2.50 -5.41
CA GLU A 17 9.35 3.68 -6.27
C GLU A 17 8.56 3.36 -7.54
N LEU A 18 7.39 3.99 -7.68
CA LEU A 18 6.54 3.79 -8.84
C LEU A 18 6.32 5.11 -9.59
N PHE A 19 5.79 5.02 -10.81
CA PHE A 19 5.54 6.20 -11.61
C PHE A 19 4.34 5.99 -12.53
N ARG A 20 3.40 6.94 -12.50
CA ARG A 20 2.20 6.84 -13.33
C ARG A 20 2.26 7.82 -14.49
N GLU A 21 2.48 7.29 -15.69
CA GLU A 21 2.56 8.11 -16.90
C GLU A 21 1.67 7.55 -18.01
N LYS A 22 1.09 6.38 -17.77
CA LYS A 22 0.22 5.75 -18.75
C LYS A 22 -1.18 6.34 -18.70
N ASP A 23 -2.02 5.98 -19.68
CA ASP A 23 -3.38 6.47 -19.75
C ASP A 23 -4.34 5.51 -19.07
N THR A 24 -3.86 4.79 -18.07
CA THR A 24 -4.67 3.83 -17.34
C THR A 24 -5.48 4.53 -16.25
N SER A 25 -5.09 5.76 -15.94
CA SER A 25 -5.77 6.55 -14.92
C SER A 25 -5.72 5.85 -13.56
N SER A 26 -4.78 4.93 -13.40
CA SER A 26 -4.64 4.18 -12.15
C SER A 26 -3.24 3.57 -12.04
N LEU A 27 -2.98 2.95 -10.89
CA LEU A 27 -1.69 2.32 -10.64
C LEU A 27 -1.85 0.80 -10.49
N GLY A 28 -3.09 0.36 -10.39
CA GLY A 28 -3.36 -1.07 -10.24
C GLY A 28 -3.36 -1.51 -8.80
N ILE A 29 -3.49 -0.56 -7.88
CA ILE A 29 -3.50 -0.87 -6.46
C ILE A 29 -4.93 -1.11 -5.97
N SER A 30 -5.23 -2.38 -5.67
CA SER A 30 -6.56 -2.75 -5.19
C SER A 30 -6.55 -2.98 -3.68
N ILE A 31 -7.05 -2.00 -2.94
CA ILE A 31 -7.11 -2.09 -1.49
C ILE A 31 -8.50 -2.47 -1.00
N SER A 32 -8.59 -2.86 0.26
CA SER A 32 -9.86 -3.25 0.85
C SER A 32 -9.87 -2.92 2.35
N GLY A 33 -11.04 -2.54 2.85
CA GLY A 33 -11.16 -2.21 4.25
C GLY A 33 -11.70 -3.35 5.09
N MET A 34 -10.96 -3.71 6.13
CA MET A 34 -11.37 -4.80 7.01
C MET A 34 -12.31 -4.29 8.09
N ARG A 35 -13.57 -4.73 8.04
CA ARG A 35 -14.58 -4.31 9.00
C ARG A 35 -14.93 -5.47 9.95
N ASP A 36 -15.08 -5.15 11.22
CA ASP A 36 -15.41 -6.16 12.23
C ASP A 36 -16.57 -5.69 13.10
N GLN A 37 -17.22 -6.64 13.78
CA GLN A 37 -18.34 -6.32 14.66
C GLN A 37 -17.90 -6.28 16.12
N SER A 38 -17.12 -5.27 16.46
CA SER A 38 -16.63 -5.11 17.84
C SER A 38 -16.72 -3.65 18.28
N THR A 39 -17.32 -3.42 19.44
CA THR A 39 -17.47 -2.07 19.98
C THR A 39 -16.27 -1.70 20.84
N THR A 40 -16.04 -0.39 20.97
CA THR A 40 -14.93 0.15 21.76
C THR A 40 -13.65 -0.65 21.55
N GLY A 41 -13.49 -1.16 20.33
CA GLY A 41 -12.31 -1.95 20.00
C GLY A 41 -12.20 -2.20 18.50
N GLU A 42 -12.36 -1.15 17.71
CA GLU A 42 -12.28 -1.25 16.26
C GLU A 42 -10.83 -1.15 15.79
N ALA A 43 -10.57 -1.64 14.58
CA ALA A 43 -9.23 -1.61 14.01
C ALA A 43 -9.28 -1.51 12.50
N THR A 44 -9.30 -0.28 11.98
CA THR A 44 -9.33 -0.04 10.54
C THR A 44 -7.92 0.12 9.99
N GLY A 45 -7.75 -0.22 8.71
CA GLY A 45 -6.45 -0.11 8.08
C GLY A 45 -6.51 -0.29 6.57
N ILE A 46 -5.64 0.42 5.86
CA ILE A 46 -5.60 0.33 4.41
C ILE A 46 -4.56 -0.68 3.96
N TYR A 47 -5.01 -1.81 3.45
CA TYR A 47 -4.12 -2.87 3.00
C TYR A 47 -4.51 -3.36 1.60
N VAL A 48 -3.50 -3.69 0.80
CA VAL A 48 -3.73 -4.18 -0.56
C VAL A 48 -3.99 -5.69 -0.55
N LYS A 49 -5.08 -6.10 -1.19
CA LYS A 49 -5.43 -7.51 -1.26
C LYS A 49 -5.20 -8.06 -2.66
N SER A 50 -5.22 -7.18 -3.66
CA SER A 50 -5.02 -7.60 -5.04
C SER A 50 -4.40 -6.49 -5.87
N LEU A 51 -3.99 -6.83 -7.08
CA LEU A 51 -3.38 -5.88 -8.00
C LEU A 51 -3.96 -6.02 -9.40
N ILE A 52 -3.86 -4.96 -10.19
CA ILE A 52 -4.38 -4.96 -11.55
C ILE A 52 -3.25 -5.16 -12.56
N PRO A 53 -3.12 -6.38 -13.14
CA PRO A 53 -2.08 -6.68 -14.13
C PRO A 53 -2.10 -5.71 -15.31
N GLY A 54 -0.92 -5.20 -15.66
CA GLY A 54 -0.84 -4.26 -16.77
C GLY A 54 -0.50 -2.85 -16.32
N SER A 55 -0.83 -2.55 -15.06
CA SER A 55 -0.55 -1.22 -14.51
C SER A 55 0.90 -1.10 -14.07
N ALA A 56 1.26 0.05 -13.52
CA ALA A 56 2.61 0.30 -13.06
C ALA A 56 2.98 -0.61 -11.88
N ALA A 57 2.13 -0.60 -10.85
CA ALA A 57 2.37 -1.42 -9.67
C ALA A 57 2.54 -2.89 -10.01
N ALA A 58 1.81 -3.35 -11.04
CA ALA A 58 1.89 -4.73 -11.47
C ALA A 58 3.22 -5.03 -12.16
N LEU A 59 3.58 -4.19 -13.12
CA LEU A 59 4.83 -4.35 -13.87
C LEU A 59 6.03 -4.21 -12.95
N ASP A 60 5.81 -3.57 -11.80
CA ASP A 60 6.89 -3.37 -10.82
C ASP A 60 7.43 -4.70 -10.32
N GLY A 61 6.55 -5.52 -9.78
CA GLY A 61 6.96 -6.83 -9.28
C GLY A 61 7.20 -6.84 -7.78
N ARG A 62 8.00 -5.88 -7.30
CA ARG A 62 8.31 -5.80 -5.88
C ARG A 62 7.04 -5.69 -5.04
N ILE A 63 5.99 -5.13 -5.63
CA ILE A 63 4.72 -4.98 -4.93
C ILE A 63 3.93 -6.29 -4.96
N GLU A 64 3.88 -6.96 -3.82
CA GLU A 64 3.16 -8.22 -3.71
C GLU A 64 1.88 -8.05 -2.90
N PRO A 65 0.75 -8.65 -3.33
CA PRO A 65 -0.53 -8.55 -2.62
C PRO A 65 -0.42 -8.94 -1.16
N ASN A 66 -1.53 -8.78 -0.43
CA ASN A 66 -1.58 -9.11 0.99
C ASN A 66 -0.59 -8.25 1.78
N ASP A 67 -0.47 -6.99 1.39
CA ASP A 67 0.44 -6.06 2.06
C ASP A 67 -0.34 -4.96 2.77
N LYS A 68 0.30 -4.27 3.71
CA LYS A 68 -0.36 -3.19 4.44
C LYS A 68 0.22 -1.84 4.07
N ILE A 69 -0.62 -0.98 3.48
CA ILE A 69 -0.19 0.35 3.08
C ILE A 69 -0.10 1.28 4.28
N LEU A 70 0.85 2.20 4.24
CA LEU A 70 1.05 3.16 5.33
C LEU A 70 0.96 4.60 4.83
N ARG A 71 1.86 4.97 3.93
CA ARG A 71 1.87 6.33 3.39
C ARG A 71 2.28 6.35 1.91
N VAL A 72 1.64 7.24 1.16
CA VAL A 72 1.93 7.40 -0.26
C VAL A 72 2.84 8.61 -0.46
N ASP A 73 3.31 8.82 -1.69
CA ASP A 73 4.18 9.95 -2.00
C ASP A 73 3.65 11.24 -1.39
N ASP A 74 4.34 11.73 -0.36
CA ASP A 74 3.95 12.96 0.32
C ASP A 74 2.49 12.93 0.76
N VAL A 75 2.01 11.76 1.14
CA VAL A 75 0.63 11.59 1.58
C VAL A 75 0.52 10.49 2.64
N ASN A 76 -0.42 10.64 3.56
CA ASN A 76 -0.63 9.66 4.62
C ASN A 76 -2.01 9.02 4.47
N VAL A 77 -2.05 7.69 4.40
CA VAL A 77 -3.32 6.98 4.26
C VAL A 77 -3.71 6.26 5.55
N GLN A 78 -3.21 6.76 6.67
CA GLN A 78 -3.52 6.18 7.98
C GLN A 78 -4.66 6.93 8.64
N GLY A 79 -5.60 7.42 7.83
CA GLY A 79 -6.73 8.14 8.36
C GLY A 79 -7.63 8.71 7.28
N MET A 80 -7.56 8.13 6.09
CA MET A 80 -8.39 8.59 4.97
C MET A 80 -9.34 7.49 4.51
N ALA A 81 -10.54 7.90 4.09
CA ALA A 81 -11.55 6.96 3.63
C ALA A 81 -11.08 6.19 2.41
N GLN A 82 -11.69 5.04 2.17
CA GLN A 82 -11.32 4.18 1.03
C GLN A 82 -11.32 4.98 -0.27
N SER A 83 -12.47 5.50 -0.64
CA SER A 83 -12.61 6.28 -1.87
C SER A 83 -11.58 7.40 -1.94
N ASP A 84 -11.24 7.96 -0.78
CA ASP A 84 -10.27 9.04 -0.73
C ASP A 84 -8.89 8.57 -1.20
N VAL A 85 -8.49 7.38 -0.76
CA VAL A 85 -7.20 6.83 -1.15
C VAL A 85 -7.14 6.62 -2.67
N VAL A 86 -8.27 6.17 -3.25
CA VAL A 86 -8.34 5.95 -4.68
C VAL A 86 -8.14 7.23 -5.46
N GLU A 87 -8.66 8.34 -4.91
CA GLU A 87 -8.54 9.64 -5.55
C GLU A 87 -7.07 10.07 -5.64
N VAL A 88 -6.36 9.94 -4.53
CA VAL A 88 -4.95 10.32 -4.48
C VAL A 88 -4.15 9.62 -5.58
N LEU A 89 -4.26 8.30 -5.62
CA LEU A 89 -3.54 7.52 -6.63
C LEU A 89 -3.92 7.96 -8.03
N ARG A 90 -5.17 8.39 -8.20
CA ARG A 90 -5.66 8.84 -9.50
C ARG A 90 -5.23 10.27 -9.79
N ASN A 91 -4.75 10.96 -8.75
CA ASN A 91 -4.30 12.34 -8.90
C ASN A 91 -2.79 12.40 -9.11
N ALA A 92 -2.13 11.27 -8.85
CA ALA A 92 -0.68 11.18 -9.01
C ALA A 92 -0.24 11.61 -10.41
N GLY A 93 -0.31 10.69 -11.37
CA GLY A 93 0.10 11.02 -12.73
C GLY A 93 1.57 11.38 -12.81
N ASN A 94 2.31 11.06 -11.76
CA ASN A 94 3.74 11.35 -11.69
C ASN A 94 4.48 10.26 -10.91
N PRO A 95 5.83 10.27 -10.94
CA PRO A 95 6.62 9.29 -10.18
C PRO A 95 6.38 9.42 -8.68
N VAL A 96 5.52 8.55 -8.15
CA VAL A 96 5.18 8.56 -6.73
C VAL A 96 5.82 7.41 -5.98
N ARG A 97 6.11 7.63 -4.71
CA ARG A 97 6.72 6.61 -3.86
C ARG A 97 5.65 5.89 -3.05
N LEU A 98 5.81 4.59 -2.90
CA LEU A 98 4.86 3.77 -2.16
C LEU A 98 5.50 3.19 -0.90
N LEU A 99 5.06 3.65 0.25
CA LEU A 99 5.60 3.16 1.52
C LEU A 99 4.63 2.18 2.18
N LEU A 100 4.96 0.90 2.11
CA LEU A 100 4.12 -0.14 2.69
C LEU A 100 4.96 -1.13 3.49
N ILE A 101 4.31 -1.81 4.44
CA ILE A 101 5.00 -2.80 5.26
C ILE A 101 4.64 -4.22 4.84
N ARG A 102 5.66 -5.08 4.78
CA ARG A 102 5.47 -6.47 4.38
C ARG A 102 5.82 -7.41 5.53
N ARG A 103 5.04 -8.48 5.67
CA ARG A 103 5.27 -9.46 6.73
C ARG A 103 6.22 -10.55 6.26
N LEU A 104 7.28 -10.77 7.03
CA LEU A 104 8.27 -11.79 6.71
C LEU A 104 8.07 -13.03 7.56
N PRO A 105 7.50 -14.11 6.98
CA PRO A 105 7.26 -15.36 7.72
C PRO A 105 8.56 -16.02 8.17
N LEU A 106 8.43 -17.13 8.90
CA LEU A 106 9.59 -17.86 9.40
C LEU A 106 9.38 -19.37 9.28
N LEU A 107 10.47 -20.09 9.03
CA LEU A 107 10.41 -21.54 8.90
C LEU A 107 10.39 -22.21 10.26
N GLU A 108 9.21 -22.68 10.68
CA GLU A 108 9.06 -23.34 11.97
C GLU A 108 8.35 -24.68 11.82
N GLY A 1 17.36 3.21 15.03
CA GLY A 1 15.94 3.17 14.59
C GLY A 1 15.57 4.35 13.71
N SER A 2 15.98 4.30 12.45
CA SER A 2 15.67 5.37 11.51
C SER A 2 14.41 5.06 10.71
N HIS A 3 14.44 3.93 10.00
CA HIS A 3 13.30 3.51 9.20
C HIS A 3 12.14 3.06 10.09
N GLY A 4 12.42 2.17 11.02
CA GLY A 4 11.41 1.67 11.92
C GLY A 4 11.51 0.18 12.15
N TYR A 5 10.59 -0.57 11.53
CA TYR A 5 10.58 -2.03 11.67
C TYR A 5 11.46 -2.67 10.61
N SER A 6 12.31 -3.61 11.03
CA SER A 6 13.19 -4.31 10.13
C SER A 6 13.55 -5.69 10.67
N ASP A 7 13.04 -6.73 10.01
CA ASP A 7 13.29 -8.10 10.41
C ASP A 7 12.84 -8.33 11.86
N ALA A 8 11.52 -8.27 12.08
CA ALA A 8 10.97 -8.47 13.40
C ALA A 8 9.59 -9.15 13.34
N SER A 9 9.54 -10.40 13.79
CA SER A 9 8.30 -11.17 13.78
C SER A 9 7.70 -11.24 12.38
N GLY A 10 8.55 -11.11 11.37
CA GLY A 10 8.07 -11.17 10.00
C GLY A 10 7.40 -9.89 9.56
N PHE A 11 7.93 -8.76 10.02
CA PHE A 11 7.38 -7.45 9.68
C PHE A 11 8.49 -6.45 9.37
N SER A 12 8.57 -6.04 8.11
CA SER A 12 9.59 -5.09 7.69
C SER A 12 9.00 -4.03 6.77
N LEU A 13 9.44 -2.79 6.95
CA LEU A 13 8.94 -1.68 6.14
C LEU A 13 9.61 -1.66 4.76
N TYR A 14 8.79 -1.75 3.72
CA TYR A 14 9.29 -1.75 2.35
C TYR A 14 8.77 -0.54 1.58
N SER A 15 9.51 -0.12 0.56
CA SER A 15 9.13 1.03 -0.24
C SER A 15 9.65 0.91 -1.68
N VAL A 16 8.78 1.20 -2.64
CA VAL A 16 9.15 1.14 -4.05
C VAL A 16 8.71 2.41 -4.78
N GLU A 17 9.51 2.83 -5.77
CA GLU A 17 9.21 4.04 -6.52
C GLU A 17 8.47 3.71 -7.82
N LEU A 18 7.22 4.16 -7.92
CA LEU A 18 6.40 3.94 -9.10
C LEU A 18 5.92 5.26 -9.68
N PHE A 19 6.20 5.49 -10.97
CA PHE A 19 5.79 6.71 -11.63
C PHE A 19 4.57 6.49 -12.51
N ARG A 20 3.59 7.38 -12.41
CA ARG A 20 2.38 7.27 -13.21
C ARG A 20 2.40 8.25 -14.38
N GLU A 21 2.85 7.77 -15.54
CA GLU A 21 2.92 8.62 -16.73
C GLU A 21 1.77 8.30 -17.67
N LYS A 22 1.21 7.10 -17.52
CA LYS A 22 0.10 6.67 -18.35
C LYS A 22 -1.23 7.16 -17.78
N ASP A 23 -2.13 7.57 -18.67
CA ASP A 23 -3.44 8.07 -18.26
C ASP A 23 -4.42 6.92 -18.01
N THR A 24 -3.90 5.83 -17.46
CA THR A 24 -4.73 4.66 -17.17
C THR A 24 -5.65 4.92 -15.98
N SER A 25 -5.38 6.01 -15.27
CA SER A 25 -6.19 6.39 -14.10
C SER A 25 -6.14 5.29 -13.04
N SER A 26 -5.18 4.39 -13.17
CA SER A 26 -5.03 3.29 -12.22
C SER A 26 -3.57 2.89 -12.07
N LEU A 27 -3.15 2.64 -10.83
CA LEU A 27 -1.79 2.24 -10.55
C LEU A 27 -1.66 0.73 -10.42
N GLY A 28 -2.79 0.08 -10.11
CA GLY A 28 -2.79 -1.36 -9.96
C GLY A 28 -2.98 -1.79 -8.52
N ILE A 29 -3.20 -0.83 -7.64
CA ILE A 29 -3.40 -1.13 -6.22
C ILE A 29 -4.87 -1.38 -5.92
N SER A 30 -5.18 -2.61 -5.52
CA SER A 30 -6.55 -2.99 -5.18
C SER A 30 -6.69 -3.26 -3.70
N ILE A 31 -7.09 -2.23 -2.95
CA ILE A 31 -7.25 -2.35 -1.51
C ILE A 31 -8.65 -2.83 -1.14
N SER A 32 -8.81 -3.28 0.10
CA SER A 32 -10.09 -3.77 0.58
C SER A 32 -10.28 -3.37 2.05
N GLY A 33 -11.46 -2.87 2.37
CA GLY A 33 -11.75 -2.46 3.74
C GLY A 33 -12.31 -3.59 4.59
N MET A 34 -11.67 -3.84 5.72
CA MET A 34 -12.11 -4.89 6.63
C MET A 34 -13.31 -4.42 7.45
N ARG A 35 -14.51 -4.66 6.93
CA ARG A 35 -15.73 -4.25 7.61
C ARG A 35 -16.17 -5.32 8.62
N ASP A 36 -17.07 -4.93 9.52
CA ASP A 36 -17.57 -5.85 10.53
C ASP A 36 -19.04 -5.53 10.86
N GLN A 37 -19.66 -4.70 10.04
CA GLN A 37 -21.05 -4.31 10.24
C GLN A 37 -21.25 -3.69 11.62
N SER A 38 -20.20 -3.06 12.14
CA SER A 38 -20.26 -2.44 13.45
C SER A 38 -19.77 -0.98 13.36
N THR A 39 -19.36 -0.42 14.49
CA THR A 39 -18.88 0.95 14.53
C THR A 39 -17.81 1.19 13.46
N THR A 40 -17.89 2.36 12.82
CA THR A 40 -16.94 2.71 11.77
C THR A 40 -15.76 3.52 12.33
N GLY A 41 -15.83 3.80 13.63
CA GLY A 41 -14.76 4.56 14.27
C GLY A 41 -13.47 3.77 14.38
N GLU A 42 -13.55 2.58 14.96
CA GLU A 42 -12.39 1.72 15.13
C GLU A 42 -12.48 0.49 14.23
N ALA A 43 -11.47 -0.37 14.31
CA ALA A 43 -11.43 -1.59 13.52
C ALA A 43 -11.52 -1.28 12.03
N THR A 44 -10.81 -0.24 11.61
CA THR A 44 -10.80 0.17 10.21
C THR A 44 -9.39 0.45 9.73
N GLY A 45 -9.00 -0.19 8.63
CA GLY A 45 -7.67 0.00 8.08
C GLY A 45 -7.63 -0.16 6.56
N ILE A 46 -6.49 0.17 5.96
CA ILE A 46 -6.32 0.05 4.52
C ILE A 46 -5.21 -0.95 4.19
N TYR A 47 -5.59 -2.05 3.53
CA TYR A 47 -4.63 -3.07 3.15
C TYR A 47 -4.93 -3.61 1.75
N VAL A 48 -3.87 -3.79 0.97
CA VAL A 48 -4.01 -4.31 -0.39
C VAL A 48 -4.23 -5.82 -0.38
N LYS A 49 -5.13 -6.29 -1.25
CA LYS A 49 -5.45 -7.70 -1.33
C LYS A 49 -5.16 -8.24 -2.73
N SER A 50 -5.26 -7.38 -3.73
CA SER A 50 -5.03 -7.79 -5.11
C SER A 50 -4.34 -6.69 -5.92
N LEU A 51 -3.96 -7.03 -7.14
CA LEU A 51 -3.29 -6.08 -8.04
C LEU A 51 -3.85 -6.20 -9.45
N ILE A 52 -3.61 -5.18 -10.27
CA ILE A 52 -4.10 -5.16 -11.64
C ILE A 52 -2.96 -5.39 -12.63
N PRO A 53 -2.82 -6.62 -13.18
CA PRO A 53 -1.76 -6.94 -14.14
C PRO A 53 -1.75 -6.01 -15.35
N GLY A 54 -0.59 -5.46 -15.65
CA GLY A 54 -0.47 -4.56 -16.78
C GLY A 54 -0.20 -3.13 -16.36
N SER A 55 -0.47 -2.83 -15.10
CA SER A 55 -0.27 -1.49 -14.56
C SER A 55 1.18 -1.31 -14.10
N ALA A 56 1.47 -0.14 -13.53
CA ALA A 56 2.82 0.15 -13.06
C ALA A 56 3.18 -0.72 -11.86
N ALA A 57 2.32 -0.70 -10.84
CA ALA A 57 2.53 -1.48 -9.63
C ALA A 57 2.68 -2.97 -9.94
N ALA A 58 1.89 -3.46 -10.89
CA ALA A 58 1.93 -4.86 -11.27
C ALA A 58 3.24 -5.23 -11.97
N LEU A 59 3.57 -4.49 -13.03
CA LEU A 59 4.78 -4.73 -13.79
C LEU A 59 6.02 -4.57 -12.91
N ASP A 60 5.86 -3.86 -11.80
CA ASP A 60 6.95 -3.62 -10.87
C ASP A 60 7.51 -4.94 -10.34
N GLY A 61 6.62 -5.81 -9.86
CA GLY A 61 7.03 -7.09 -9.35
C GLY A 61 7.33 -7.06 -7.85
N ARG A 62 8.05 -6.04 -7.41
CA ARG A 62 8.41 -5.91 -6.00
C ARG A 62 7.16 -5.78 -5.13
N ILE A 63 6.06 -5.36 -5.74
CA ILE A 63 4.80 -5.20 -5.01
C ILE A 63 3.98 -6.48 -5.04
N GLU A 64 3.78 -7.07 -3.87
CA GLU A 64 3.01 -8.30 -3.74
C GLU A 64 1.76 -8.07 -2.90
N PRO A 65 0.61 -8.68 -3.29
CA PRO A 65 -0.64 -8.54 -2.54
C PRO A 65 -0.51 -8.94 -1.08
N ASN A 66 -1.61 -8.86 -0.34
CA ASN A 66 -1.60 -9.21 1.08
C ASN A 66 -0.66 -8.30 1.85
N ASP A 67 -0.73 -7.00 1.58
CA ASP A 67 0.12 -6.03 2.24
C ASP A 67 -0.72 -4.91 2.84
N LYS A 68 -0.06 -3.98 3.53
CA LYS A 68 -0.76 -2.86 4.15
C LYS A 68 -0.09 -1.53 3.80
N ILE A 69 -0.86 -0.62 3.21
CA ILE A 69 -0.34 0.69 2.83
C ILE A 69 -0.19 1.58 4.06
N LEU A 70 0.85 2.41 4.06
CA LEU A 70 1.10 3.30 5.19
C LEU A 70 1.15 4.76 4.74
N ARG A 71 2.16 5.09 3.94
CA ARG A 71 2.32 6.46 3.46
C ARG A 71 2.63 6.49 1.97
N VAL A 72 2.00 7.43 1.27
CA VAL A 72 2.20 7.61 -0.16
C VAL A 72 3.07 8.84 -0.41
N ASP A 73 3.48 9.05 -1.65
CA ASP A 73 4.31 10.21 -2.00
C ASP A 73 3.76 11.50 -1.41
N ASP A 74 4.46 12.02 -0.39
CA ASP A 74 4.07 13.26 0.28
C ASP A 74 2.59 13.27 0.67
N VAL A 75 2.00 12.08 0.80
CA VAL A 75 0.59 11.98 1.19
C VAL A 75 0.33 10.77 2.08
N ASN A 76 0.14 11.03 3.37
CA ASN A 76 -0.12 9.95 4.33
C ASN A 76 -1.52 9.38 4.10
N VAL A 77 -1.67 8.07 4.30
CA VAL A 77 -2.96 7.42 4.11
C VAL A 77 -3.35 6.60 5.34
N GLN A 78 -2.95 7.06 6.51
CA GLN A 78 -3.27 6.37 7.76
C GLN A 78 -4.44 7.03 8.47
N GLY A 79 -5.37 7.60 7.69
CA GLY A 79 -6.53 8.25 8.27
C GLY A 79 -7.48 8.79 7.23
N MET A 80 -7.69 8.03 6.15
CA MET A 80 -8.59 8.46 5.08
C MET A 80 -9.45 7.29 4.60
N ALA A 81 -10.69 7.59 4.24
CA ALA A 81 -11.62 6.57 3.75
C ALA A 81 -11.15 5.99 2.41
N GLN A 82 -11.67 4.82 2.07
CA GLN A 82 -11.31 4.15 0.82
C GLN A 82 -11.39 5.11 -0.37
N SER A 83 -12.54 5.75 -0.52
CA SER A 83 -12.75 6.70 -1.63
C SER A 83 -11.64 7.74 -1.68
N ASP A 84 -11.19 8.19 -0.51
CA ASP A 84 -10.14 9.20 -0.43
C ASP A 84 -8.80 8.63 -0.90
N VAL A 85 -8.53 7.38 -0.55
CA VAL A 85 -7.27 6.73 -0.93
C VAL A 85 -7.17 6.62 -2.45
N VAL A 86 -8.27 6.26 -3.10
CA VAL A 86 -8.30 6.12 -4.54
C VAL A 86 -8.08 7.46 -5.22
N GLU A 87 -8.63 8.53 -4.63
CA GLU A 87 -8.50 9.87 -5.17
C GLU A 87 -7.02 10.26 -5.29
N VAL A 88 -6.28 10.07 -4.21
CA VAL A 88 -4.86 10.40 -4.19
C VAL A 88 -4.09 9.66 -5.29
N LEU A 89 -4.25 8.34 -5.31
CA LEU A 89 -3.56 7.51 -6.30
C LEU A 89 -3.94 7.91 -7.72
N ARG A 90 -5.17 8.39 -7.90
CA ARG A 90 -5.64 8.81 -9.22
C ARG A 90 -5.23 10.25 -9.52
N ASN A 91 -4.78 10.96 -8.50
CA ASN A 91 -4.35 12.35 -8.66
C ASN A 91 -2.84 12.45 -8.82
N ALA A 92 -2.15 11.34 -8.56
CA ALA A 92 -0.69 11.29 -8.68
C ALA A 92 -0.24 11.74 -10.08
N GLY A 93 -0.21 10.81 -11.03
CA GLY A 93 0.22 11.12 -12.38
C GLY A 93 1.66 11.58 -12.44
N ASN A 94 2.42 11.25 -11.41
CA ASN A 94 3.84 11.62 -11.33
C ASN A 94 4.63 10.54 -10.60
N PRO A 95 5.99 10.61 -10.65
CA PRO A 95 6.84 9.64 -9.94
C PRO A 95 6.58 9.67 -8.43
N VAL A 96 5.64 8.85 -7.99
CA VAL A 96 5.27 8.79 -6.58
C VAL A 96 5.92 7.61 -5.86
N ARG A 97 6.15 7.78 -4.56
CA ARG A 97 6.74 6.72 -3.75
C ARG A 97 5.65 5.96 -3.01
N LEU A 98 5.85 4.66 -2.86
CA LEU A 98 4.89 3.80 -2.18
C LEU A 98 5.51 3.16 -0.93
N LEU A 99 5.13 3.68 0.24
CA LEU A 99 5.64 3.16 1.50
C LEU A 99 4.62 2.25 2.15
N LEU A 100 4.81 0.94 1.99
CA LEU A 100 3.91 -0.06 2.56
C LEU A 100 4.67 -1.12 3.33
N ILE A 101 4.01 -1.71 4.32
CA ILE A 101 4.62 -2.75 5.14
C ILE A 101 4.29 -4.14 4.58
N ARG A 102 5.29 -5.01 4.52
CA ARG A 102 5.10 -6.36 4.01
C ARG A 102 5.48 -7.39 5.07
N ARG A 103 4.76 -8.51 5.07
CA ARG A 103 5.00 -9.57 6.03
C ARG A 103 5.88 -10.66 5.42
N LEU A 104 6.94 -11.03 6.14
CA LEU A 104 7.86 -12.06 5.67
C LEU A 104 7.20 -13.44 5.72
N PRO A 105 7.54 -14.32 4.76
CA PRO A 105 6.97 -15.67 4.70
C PRO A 105 7.67 -16.64 5.65
N LEU A 106 7.60 -16.33 6.94
CA LEU A 106 8.22 -17.14 7.96
C LEU A 106 7.22 -18.15 8.55
N LEU A 107 7.29 -19.39 8.08
CA LEU A 107 6.39 -20.43 8.55
C LEU A 107 6.96 -21.12 9.79
N GLU A 108 6.42 -20.76 10.95
CA GLU A 108 6.87 -21.34 12.21
C GLU A 108 6.61 -22.85 12.24
N GLY A 1 13.41 8.93 15.73
CA GLY A 1 11.99 9.30 15.47
C GLY A 1 11.02 8.18 15.81
N SER A 2 9.96 8.06 15.02
CA SER A 2 8.96 7.03 15.23
C SER A 2 9.30 5.76 14.46
N HIS A 3 9.25 5.85 13.13
CA HIS A 3 9.54 4.72 12.27
C HIS A 3 10.99 4.27 12.45
N GLY A 4 11.17 2.97 12.70
CA GLY A 4 12.51 2.43 12.89
C GLY A 4 12.51 0.94 13.15
N TYR A 5 11.71 0.21 12.37
CA TYR A 5 11.62 -1.24 12.52
C TYR A 5 12.43 -1.95 11.43
N SER A 6 13.75 -1.87 11.55
CA SER A 6 14.65 -2.49 10.58
C SER A 6 14.60 -4.01 10.70
N ASP A 7 13.64 -4.63 10.02
CA ASP A 7 13.49 -6.08 10.05
C ASP A 7 13.35 -6.58 11.49
N ALA A 8 12.12 -6.57 11.99
CA ALA A 8 11.86 -7.02 13.35
C ALA A 8 10.72 -8.04 13.39
N SER A 9 11.04 -9.26 13.79
CA SER A 9 10.05 -10.33 13.88
C SER A 9 9.33 -10.53 12.54
N GLY A 10 10.05 -10.30 11.45
CA GLY A 10 9.47 -10.45 10.13
C GLY A 10 8.99 -9.14 9.55
N PHE A 11 8.41 -8.30 10.40
CA PHE A 11 7.90 -7.00 9.97
C PHE A 11 9.02 -6.13 9.40
N SER A 12 9.19 -6.17 8.09
CA SER A 12 10.22 -5.38 7.42
C SER A 12 9.62 -4.26 6.59
N LEU A 13 10.27 -3.10 6.60
CA LEU A 13 9.80 -1.95 5.85
C LEU A 13 10.16 -2.07 4.38
N TYR A 14 9.15 -2.03 3.52
CA TYR A 14 9.36 -2.14 2.08
C TYR A 14 8.99 -0.84 1.37
N SER A 15 9.94 -0.31 0.61
CA SER A 15 9.72 0.95 -0.12
C SER A 15 9.87 0.73 -1.62
N VAL A 16 8.86 1.14 -2.37
CA VAL A 16 8.87 1.00 -3.82
C VAL A 16 8.64 2.36 -4.49
N GLU A 17 9.12 2.51 -5.72
CA GLU A 17 8.97 3.77 -6.45
C GLU A 17 8.25 3.56 -7.77
N LEU A 18 7.11 4.22 -7.93
CA LEU A 18 6.32 4.14 -9.14
C LEU A 18 6.28 5.48 -9.85
N PHE A 19 5.82 5.49 -11.10
CA PHE A 19 5.76 6.72 -11.88
C PHE A 19 4.41 6.86 -12.58
N ARG A 20 3.62 7.84 -12.15
CA ARG A 20 2.31 8.08 -12.75
C ARG A 20 2.40 9.20 -13.78
N GLU A 21 2.40 8.83 -15.06
CA GLU A 21 2.48 9.80 -16.14
C GLU A 21 2.00 9.19 -17.45
N LYS A 22 1.22 8.12 -17.35
CA LYS A 22 0.69 7.43 -18.52
C LYS A 22 -0.80 7.71 -18.68
N ASP A 23 -1.30 7.48 -19.89
CA ASP A 23 -2.72 7.70 -20.19
C ASP A 23 -3.57 6.51 -19.76
N THR A 24 -3.37 6.07 -18.51
CA THR A 24 -4.13 4.95 -17.97
C THR A 24 -4.99 5.37 -16.79
N SER A 25 -4.59 6.47 -16.15
CA SER A 25 -5.33 6.99 -15.00
C SER A 25 -5.43 5.96 -13.88
N SER A 26 -4.60 4.92 -13.96
CA SER A 26 -4.60 3.87 -12.96
C SER A 26 -3.19 3.36 -12.71
N LEU A 27 -2.97 2.81 -11.51
CA LEU A 27 -1.66 2.29 -11.14
C LEU A 27 -1.73 0.78 -10.94
N GLY A 28 -2.93 0.27 -10.70
CA GLY A 28 -3.10 -1.16 -10.48
C GLY A 28 -3.11 -1.54 -9.02
N ILE A 29 -3.60 -0.63 -8.17
CA ILE A 29 -3.65 -0.87 -6.74
C ILE A 29 -5.09 -1.06 -6.27
N SER A 30 -5.39 -2.25 -5.77
CA SER A 30 -6.74 -2.55 -5.29
C SER A 30 -6.72 -2.77 -3.78
N ILE A 31 -7.25 -1.80 -3.04
CA ILE A 31 -7.30 -1.88 -1.59
C ILE A 31 -8.66 -2.37 -1.10
N SER A 32 -8.67 -3.09 0.01
CA SER A 32 -9.91 -3.62 0.58
C SER A 32 -10.24 -2.92 1.89
N GLY A 33 -11.52 -2.62 2.10
CA GLY A 33 -11.94 -1.96 3.31
C GLY A 33 -12.29 -2.94 4.42
N MET A 34 -11.49 -2.94 5.48
CA MET A 34 -11.71 -3.84 6.62
C MET A 34 -12.54 -3.15 7.70
N ARG A 35 -13.73 -3.68 7.96
CA ARG A 35 -14.61 -3.10 8.98
C ARG A 35 -14.73 -4.05 10.17
N ASP A 36 -14.69 -3.48 11.37
CA ASP A 36 -14.81 -4.25 12.59
C ASP A 36 -15.73 -3.56 13.59
N GLN A 37 -16.78 -4.27 14.01
CA GLN A 37 -17.74 -3.72 14.96
C GLN A 37 -17.87 -4.61 16.18
N SER A 38 -16.88 -5.48 16.40
CA SER A 38 -16.89 -6.38 17.54
C SER A 38 -15.85 -5.96 18.57
N THR A 39 -15.86 -6.63 19.72
CA THR A 39 -14.93 -6.35 20.81
C THR A 39 -14.89 -4.86 21.13
N THR A 40 -13.87 -4.45 21.88
CA THR A 40 -13.72 -3.05 22.26
C THR A 40 -12.28 -2.58 22.09
N GLY A 41 -11.61 -3.08 21.04
CA GLY A 41 -10.24 -2.70 20.79
C GLY A 41 -9.80 -3.00 19.37
N GLU A 42 -10.71 -2.85 18.42
CA GLU A 42 -10.41 -3.10 17.01
C GLU A 42 -9.67 -1.92 16.40
N ALA A 43 -9.07 -2.14 15.24
CA ALA A 43 -8.33 -1.10 14.54
C ALA A 43 -8.45 -1.26 13.02
N THR A 44 -8.98 -0.22 12.37
CA THR A 44 -9.15 -0.25 10.92
C THR A 44 -7.88 0.23 10.22
N GLY A 45 -7.70 -0.20 8.98
CA GLY A 45 -6.52 0.19 8.23
C GLY A 45 -6.62 -0.16 6.76
N ILE A 46 -5.89 0.58 5.93
CA ILE A 46 -5.89 0.36 4.49
C ILE A 46 -4.80 -0.63 4.09
N TYR A 47 -5.16 -1.59 3.25
CA TYR A 47 -4.21 -2.61 2.79
C TYR A 47 -4.60 -3.14 1.42
N VAL A 48 -3.60 -3.43 0.59
CA VAL A 48 -3.83 -3.96 -0.75
C VAL A 48 -4.21 -5.44 -0.69
N LYS A 49 -5.38 -5.75 -1.21
CA LYS A 49 -5.87 -7.13 -1.22
C LYS A 49 -5.65 -7.78 -2.59
N SER A 50 -5.54 -6.94 -3.62
CA SER A 50 -5.33 -7.45 -4.98
C SER A 50 -4.62 -6.40 -5.84
N LEU A 51 -4.11 -6.85 -6.98
CA LEU A 51 -3.41 -5.97 -7.91
C LEU A 51 -3.92 -6.16 -9.33
N ILE A 52 -3.78 -5.14 -10.16
CA ILE A 52 -4.23 -5.20 -11.55
C ILE A 52 -3.06 -5.54 -12.48
N PRO A 53 -3.03 -6.76 -13.05
CA PRO A 53 -1.95 -7.18 -13.95
C PRO A 53 -1.83 -6.28 -15.17
N GLY A 54 -0.59 -6.02 -15.58
CA GLY A 54 -0.35 -5.17 -16.73
C GLY A 54 -0.13 -3.72 -16.35
N SER A 55 -0.49 -3.37 -15.12
CA SER A 55 -0.33 -2.01 -14.63
C SER A 55 1.11 -1.75 -14.20
N ALA A 56 1.39 -0.54 -13.75
CA ALA A 56 2.73 -0.18 -13.30
C ALA A 56 3.08 -0.86 -11.99
N ALA A 57 2.16 -0.80 -11.03
CA ALA A 57 2.37 -1.41 -9.72
C ALA A 57 2.62 -2.91 -9.85
N ALA A 58 1.89 -3.56 -10.74
CA ALA A 58 2.03 -5.00 -10.95
C ALA A 58 3.35 -5.33 -11.64
N LEU A 59 3.58 -4.69 -12.79
CA LEU A 59 4.80 -4.92 -13.55
C LEU A 59 6.04 -4.54 -12.74
N ASP A 60 5.84 -3.74 -11.71
CA ASP A 60 6.94 -3.30 -10.85
C ASP A 60 7.74 -4.50 -10.33
N GLY A 61 7.02 -5.47 -9.77
CA GLY A 61 7.68 -6.66 -9.26
C GLY A 61 7.93 -6.62 -7.76
N ARG A 62 8.16 -5.42 -7.23
CA ARG A 62 8.42 -5.25 -5.81
C ARG A 62 7.15 -5.46 -4.99
N ILE A 63 6.05 -4.84 -5.44
CA ILE A 63 4.78 -4.96 -4.74
C ILE A 63 4.25 -6.38 -4.78
N GLU A 64 3.82 -6.88 -3.61
CA GLU A 64 3.30 -8.23 -3.51
C GLU A 64 1.92 -8.22 -2.85
N PRO A 65 0.96 -9.03 -3.37
CA PRO A 65 -0.40 -9.10 -2.82
C PRO A 65 -0.40 -9.27 -1.30
N ASN A 66 -1.51 -8.89 -0.67
CA ASN A 66 -1.64 -8.98 0.78
C ASN A 66 -0.56 -8.17 1.48
N ASP A 67 -0.64 -6.85 1.33
CA ASP A 67 0.33 -5.95 1.94
C ASP A 67 -0.38 -4.77 2.63
N LYS A 68 0.28 -4.18 3.62
CA LYS A 68 -0.30 -3.06 4.35
C LYS A 68 0.31 -1.74 3.92
N ILE A 69 -0.53 -0.76 3.61
CA ILE A 69 -0.06 0.55 3.19
C ILE A 69 0.07 1.50 4.38
N LEU A 70 1.06 2.39 4.32
CA LEU A 70 1.29 3.34 5.40
C LEU A 70 1.05 4.78 4.92
N ARG A 71 1.90 5.25 4.01
CA ARG A 71 1.78 6.59 3.48
C ARG A 71 2.34 6.70 2.07
N VAL A 72 1.66 7.47 1.23
CA VAL A 72 2.09 7.68 -0.15
C VAL A 72 3.01 8.89 -0.23
N ASP A 73 3.55 9.15 -1.42
CA ASP A 73 4.44 10.29 -1.61
C ASP A 73 3.77 11.59 -1.18
N ASP A 74 4.30 12.21 -0.13
CA ASP A 74 3.78 13.47 0.39
C ASP A 74 2.32 13.34 0.84
N VAL A 75 1.88 12.10 1.06
CA VAL A 75 0.51 11.84 1.50
C VAL A 75 0.45 10.69 2.49
N ASN A 76 -0.52 10.72 3.40
CA ASN A 76 -0.68 9.67 4.40
C ASN A 76 -2.05 9.02 4.27
N VAL A 77 -2.09 7.70 4.38
CA VAL A 77 -3.35 6.96 4.27
C VAL A 77 -3.70 6.24 5.57
N GLN A 78 -3.25 6.80 6.68
CA GLN A 78 -3.52 6.22 8.00
C GLN A 78 -4.71 6.91 8.66
N GLY A 79 -5.68 7.32 7.85
CA GLY A 79 -6.85 7.99 8.39
C GLY A 79 -7.76 8.53 7.31
N MET A 80 -7.76 7.90 6.15
CA MET A 80 -8.59 8.33 5.04
C MET A 80 -9.44 7.18 4.51
N ALA A 81 -10.65 7.49 4.07
CA ALA A 81 -11.56 6.47 3.55
C ALA A 81 -11.01 5.84 2.27
N GLN A 82 -11.50 4.64 1.95
CA GLN A 82 -11.05 3.92 0.77
C GLN A 82 -11.09 4.80 -0.48
N SER A 83 -12.28 5.33 -0.78
CA SER A 83 -12.47 6.19 -1.95
C SER A 83 -11.47 7.34 -1.96
N ASP A 84 -11.21 7.91 -0.79
CA ASP A 84 -10.28 9.03 -0.67
C ASP A 84 -8.88 8.62 -1.12
N VAL A 85 -8.41 7.46 -0.62
CA VAL A 85 -7.09 6.95 -0.97
C VAL A 85 -6.95 6.77 -2.47
N VAL A 86 -8.01 6.28 -3.11
CA VAL A 86 -8.00 6.06 -4.54
C VAL A 86 -7.84 7.38 -5.29
N GLU A 87 -8.51 8.42 -4.79
CA GLU A 87 -8.43 9.74 -5.41
C GLU A 87 -6.99 10.22 -5.45
N VAL A 88 -6.26 9.98 -4.36
CA VAL A 88 -4.86 10.39 -4.27
C VAL A 88 -4.02 9.73 -5.36
N LEU A 89 -4.12 8.40 -5.45
CA LEU A 89 -3.36 7.65 -6.44
C LEU A 89 -3.60 8.17 -7.85
N ARG A 90 -4.84 8.57 -8.12
CA ARG A 90 -5.21 9.08 -9.44
C ARG A 90 -4.82 10.56 -9.58
N ASN A 91 -4.65 11.23 -8.45
CA ASN A 91 -4.29 12.64 -8.46
C ASN A 91 -2.77 12.82 -8.43
N ALA A 92 -2.05 11.70 -8.31
CA ALA A 92 -0.59 11.74 -8.27
C ALA A 92 -0.03 12.47 -9.49
N GLY A 93 -0.13 11.84 -10.67
CA GLY A 93 0.38 12.45 -11.89
C GLY A 93 1.87 12.67 -11.85
N ASN A 94 2.52 12.09 -10.84
CA ASN A 94 3.97 12.22 -10.68
C ASN A 94 4.55 10.94 -10.06
N PRO A 95 5.89 10.80 -9.96
CA PRO A 95 6.51 9.63 -9.33
C PRO A 95 5.85 9.29 -8.00
N VAL A 96 4.96 8.30 -8.03
CA VAL A 96 4.24 7.89 -6.83
C VAL A 96 5.07 6.97 -5.94
N ARG A 97 5.43 7.46 -4.76
CA ARG A 97 6.21 6.67 -3.83
C ARG A 97 5.29 5.90 -2.90
N LEU A 98 5.48 4.60 -2.82
CA LEU A 98 4.65 3.75 -1.98
C LEU A 98 5.39 3.23 -0.77
N LEU A 99 5.11 3.83 0.39
CA LEU A 99 5.74 3.39 1.64
C LEU A 99 4.82 2.43 2.36
N LEU A 100 5.10 1.14 2.23
CA LEU A 100 4.26 0.11 2.85
C LEU A 100 5.10 -0.89 3.64
N ILE A 101 4.42 -1.70 4.43
CA ILE A 101 5.08 -2.72 5.23
C ILE A 101 4.60 -4.12 4.83
N ARG A 102 5.52 -5.08 4.87
CA ARG A 102 5.19 -6.46 4.52
C ARG A 102 5.72 -7.42 5.58
N ARG A 103 4.83 -8.22 6.15
CA ARG A 103 5.21 -9.18 7.18
C ARG A 103 5.84 -10.43 6.59
N LEU A 104 6.93 -10.88 7.20
CA LEU A 104 7.64 -12.07 6.74
C LEU A 104 7.41 -13.24 7.69
N PRO A 105 7.48 -14.49 7.18
CA PRO A 105 7.29 -15.68 8.00
C PRO A 105 8.54 -16.08 8.77
N LEU A 106 8.37 -16.90 9.79
CA LEU A 106 9.49 -17.36 10.60
C LEU A 106 9.33 -18.83 10.97
N LEU A 107 9.55 -19.70 9.99
CA LEU A 107 9.43 -21.14 10.20
C LEU A 107 10.57 -21.66 11.08
N GLU A 108 10.42 -22.90 11.55
CA GLU A 108 11.43 -23.52 12.40
C GLU A 108 12.06 -24.71 11.71
N GLY A 1 17.77 -1.26 6.90
CA GLY A 1 18.87 -1.58 7.87
C GLY A 1 19.39 -0.35 8.58
N SER A 2 19.06 0.83 8.05
CA SER A 2 19.50 2.08 8.64
C SER A 2 18.46 2.62 9.61
N HIS A 3 17.19 2.37 9.31
CA HIS A 3 16.09 2.84 10.15
C HIS A 3 15.76 1.81 11.23
N GLY A 4 16.34 0.62 11.10
CA GLY A 4 16.09 -0.44 12.06
C GLY A 4 15.00 -1.39 11.61
N TYR A 5 14.38 -2.07 12.58
CA TYR A 5 13.30 -3.01 12.29
C TYR A 5 13.77 -4.08 11.29
N SER A 6 14.61 -4.99 11.74
CA SER A 6 15.12 -6.05 10.89
C SER A 6 14.35 -7.35 11.12
N ASP A 7 13.53 -7.74 10.14
CA ASP A 7 12.72 -8.96 10.22
C ASP A 7 12.15 -9.14 11.63
N ALA A 8 11.53 -8.09 12.14
CA ALA A 8 10.92 -8.12 13.47
C ALA A 8 9.62 -8.90 13.46
N SER A 9 9.68 -10.15 13.94
CA SER A 9 8.50 -11.01 14.00
C SER A 9 7.87 -11.17 12.62
N GLY A 10 8.69 -11.03 11.59
CA GLY A 10 8.18 -11.17 10.23
C GLY A 10 7.58 -9.88 9.71
N PHE A 11 8.15 -8.75 10.11
CA PHE A 11 7.66 -7.45 9.67
C PHE A 11 8.81 -6.51 9.34
N SER A 12 8.77 -5.94 8.14
CA SER A 12 9.80 -5.02 7.69
C SER A 12 9.21 -3.95 6.77
N LEU A 13 9.70 -2.72 6.91
CA LEU A 13 9.22 -1.61 6.10
C LEU A 13 9.88 -1.61 4.73
N TYR A 14 9.06 -1.73 3.69
CA TYR A 14 9.56 -1.73 2.32
C TYR A 14 8.98 -0.56 1.53
N SER A 15 9.71 -0.09 0.54
CA SER A 15 9.26 1.03 -0.28
C SER A 15 9.64 0.84 -1.75
N VAL A 16 8.77 1.31 -2.64
CA VAL A 16 8.99 1.19 -4.08
C VAL A 16 8.68 2.52 -4.78
N GLU A 17 9.51 2.87 -5.75
CA GLU A 17 9.33 4.11 -6.50
C GLU A 17 8.67 3.83 -7.85
N LEU A 18 7.44 4.31 -8.02
CA LEU A 18 6.71 4.11 -9.26
C LEU A 18 6.24 5.44 -9.86
N PHE A 19 6.32 5.54 -11.18
CA PHE A 19 5.90 6.75 -11.88
C PHE A 19 4.76 6.45 -12.84
N ARG A 20 3.79 7.37 -12.94
CA ARG A 20 2.66 7.16 -13.83
C ARG A 20 2.58 8.23 -14.91
N GLU A 21 3.39 8.07 -15.95
CA GLU A 21 3.41 9.03 -17.06
C GLU A 21 2.58 8.53 -18.23
N LYS A 22 1.83 7.46 -18.00
CA LYS A 22 0.99 6.87 -19.03
C LYS A 22 -0.48 7.12 -18.74
N ASP A 23 -1.30 7.09 -19.79
CA ASP A 23 -2.73 7.32 -19.65
C ASP A 23 -3.46 6.03 -19.31
N THR A 24 -3.30 5.57 -18.07
CA THR A 24 -3.95 4.35 -17.61
C THR A 24 -4.99 4.64 -16.54
N SER A 25 -4.85 5.79 -15.88
CA SER A 25 -5.77 6.21 -14.84
C SER A 25 -5.83 5.18 -13.69
N SER A 26 -4.80 4.35 -13.61
CA SER A 26 -4.73 3.32 -12.58
C SER A 26 -3.29 2.86 -12.36
N LEU A 27 -2.94 2.68 -11.08
CA LEU A 27 -1.59 2.24 -10.73
C LEU A 27 -1.57 0.73 -10.48
N GLY A 28 -2.77 0.14 -10.41
CA GLY A 28 -2.87 -1.29 -10.18
C GLY A 28 -2.98 -1.64 -8.71
N ILE A 29 -3.28 -0.65 -7.88
CA ILE A 29 -3.41 -0.87 -6.44
C ILE A 29 -4.88 -1.01 -6.05
N SER A 30 -5.27 -2.22 -5.65
CA SER A 30 -6.65 -2.48 -5.23
C SER A 30 -6.72 -2.76 -3.74
N ILE A 31 -7.13 -1.76 -2.97
CA ILE A 31 -7.24 -1.89 -1.53
C ILE A 31 -8.64 -2.32 -1.11
N SER A 32 -8.79 -2.73 0.15
CA SER A 32 -10.07 -3.17 0.68
C SER A 32 -10.36 -2.51 2.02
N GLY A 33 -11.59 -2.02 2.18
CA GLY A 33 -11.98 -1.38 3.42
C GLY A 33 -11.83 -2.28 4.63
N MET A 34 -11.13 -1.80 5.66
CA MET A 34 -10.91 -2.58 6.87
C MET A 34 -12.07 -2.37 7.85
N ARG A 35 -12.97 -3.35 7.92
CA ARG A 35 -14.11 -3.28 8.82
C ARG A 35 -13.92 -4.21 10.01
N ASP A 36 -12.70 -4.27 10.53
CA ASP A 36 -12.39 -5.12 11.67
C ASP A 36 -11.99 -4.28 12.88
N GLN A 37 -12.11 -4.87 14.06
CA GLN A 37 -11.76 -4.19 15.31
C GLN A 37 -12.57 -2.90 15.46
N SER A 38 -13.74 -3.01 16.07
CA SER A 38 -14.62 -1.85 16.28
C SER A 38 -14.01 -0.91 17.30
N THR A 39 -13.15 0.00 16.83
CA THR A 39 -12.51 0.97 17.70
C THR A 39 -12.53 2.36 17.09
N THR A 40 -12.72 3.37 17.93
CA THR A 40 -12.76 4.75 17.48
C THR A 40 -11.49 5.51 17.85
N GLY A 41 -10.39 4.78 17.92
CA GLY A 41 -9.11 5.39 18.27
C GLY A 41 -7.98 4.90 17.40
N GLU A 42 -7.88 3.58 17.24
CA GLU A 42 -6.83 2.98 16.43
C GLU A 42 -7.38 1.82 15.60
N ALA A 43 -7.75 2.12 14.36
CA ALA A 43 -8.30 1.11 13.46
C ALA A 43 -7.83 1.36 12.03
N THR A 44 -8.55 0.79 11.08
CA THR A 44 -8.23 0.93 9.66
C THR A 44 -6.76 0.63 9.39
N GLY A 45 -6.31 0.99 8.19
CA GLY A 45 -4.92 0.76 7.82
C GLY A 45 -4.70 0.74 6.32
N ILE A 46 -5.77 0.44 5.58
CA ILE A 46 -5.71 0.38 4.12
C ILE A 46 -4.67 -0.62 3.65
N TYR A 47 -5.12 -1.84 3.34
CA TYR A 47 -4.24 -2.90 2.90
C TYR A 47 -4.63 -3.38 1.50
N VAL A 48 -3.63 -3.62 0.66
CA VAL A 48 -3.86 -4.08 -0.71
C VAL A 48 -4.11 -5.59 -0.72
N LYS A 49 -5.24 -5.98 -1.29
CA LYS A 49 -5.61 -7.39 -1.36
C LYS A 49 -5.46 -7.91 -2.79
N SER A 50 -5.65 -7.03 -3.77
CA SER A 50 -5.54 -7.42 -5.17
C SER A 50 -4.78 -6.38 -5.99
N LEU A 51 -4.41 -6.77 -7.21
CA LEU A 51 -3.68 -5.88 -8.11
C LEU A 51 -4.22 -5.99 -9.53
N ILE A 52 -3.88 -5.01 -10.36
CA ILE A 52 -4.32 -4.99 -11.74
C ILE A 52 -3.19 -5.44 -12.68
N PRO A 53 -3.22 -6.70 -13.15
CA PRO A 53 -2.20 -7.24 -14.05
C PRO A 53 -2.06 -6.42 -15.33
N GLY A 54 -1.13 -5.47 -15.33
CA GLY A 54 -0.92 -4.64 -16.49
C GLY A 54 -0.56 -3.21 -16.11
N SER A 55 -0.64 -2.90 -14.83
CA SER A 55 -0.32 -1.56 -14.35
C SER A 55 1.12 -1.51 -13.82
N ALA A 56 1.53 -0.33 -13.38
CA ALA A 56 2.89 -0.13 -12.86
C ALA A 56 3.18 -1.05 -11.69
N ALA A 57 2.31 -1.01 -10.68
CA ALA A 57 2.48 -1.84 -9.48
C ALA A 57 2.61 -3.32 -9.83
N ALA A 58 1.87 -3.77 -10.83
CA ALA A 58 1.89 -5.17 -11.25
C ALA A 58 3.13 -5.49 -12.09
N LEU A 59 3.59 -4.52 -12.86
CA LEU A 59 4.77 -4.72 -13.71
C LEU A 59 6.01 -5.01 -12.88
N ASP A 60 6.31 -4.12 -11.94
CA ASP A 60 7.48 -4.28 -11.08
C ASP A 60 7.41 -5.60 -10.31
N GLY A 61 6.22 -5.92 -9.81
CA GLY A 61 6.04 -7.15 -9.06
C GLY A 61 6.52 -7.03 -7.63
N ARG A 62 7.24 -5.96 -7.32
CA ARG A 62 7.75 -5.75 -5.98
C ARG A 62 6.61 -5.59 -4.98
N ILE A 63 5.41 -5.33 -5.49
CA ILE A 63 4.24 -5.17 -4.64
C ILE A 63 3.35 -6.41 -4.70
N GLU A 64 3.22 -7.09 -3.57
CA GLU A 64 2.40 -8.29 -3.49
C GLU A 64 0.94 -7.95 -3.19
N PRO A 65 0.00 -8.84 -3.59
CA PRO A 65 -1.44 -8.63 -3.35
C PRO A 65 -1.85 -8.94 -1.92
N ASN A 66 -0.99 -8.58 -0.96
CA ASN A 66 -1.27 -8.83 0.44
C ASN A 66 -0.33 -8.01 1.33
N ASP A 67 -0.45 -6.68 1.25
CA ASP A 67 0.39 -5.80 2.04
C ASP A 67 -0.46 -4.72 2.72
N LYS A 68 0.14 -4.01 3.67
CA LYS A 68 -0.58 -2.95 4.38
C LYS A 68 0.00 -1.58 4.06
N ILE A 69 -0.75 -0.81 3.27
CA ILE A 69 -0.32 0.53 2.89
C ILE A 69 -0.23 1.44 4.11
N LEU A 70 0.76 2.33 4.10
CA LEU A 70 0.96 3.26 5.21
C LEU A 70 0.77 4.71 4.76
N ARG A 71 1.56 5.13 3.77
CA ARG A 71 1.48 6.49 3.27
C ARG A 71 2.09 6.60 1.87
N VAL A 72 1.39 7.32 1.00
CA VAL A 72 1.85 7.53 -0.37
C VAL A 72 2.72 8.79 -0.43
N ASP A 73 3.29 9.07 -1.60
CA ASP A 73 4.14 10.24 -1.79
C ASP A 73 3.55 11.49 -1.14
N ASP A 74 4.16 11.93 -0.04
CA ASP A 74 3.71 13.13 0.68
C ASP A 74 2.23 13.06 1.04
N VAL A 75 1.75 11.86 1.32
CA VAL A 75 0.34 11.66 1.69
C VAL A 75 0.19 10.51 2.68
N ASN A 76 -0.46 10.78 3.80
CA ASN A 76 -0.68 9.77 4.83
C ASN A 76 -2.07 9.15 4.67
N VAL A 77 -2.12 7.82 4.52
CA VAL A 77 -3.39 7.12 4.35
C VAL A 77 -3.75 6.31 5.59
N GLN A 78 -3.25 6.74 6.74
CA GLN A 78 -3.52 6.05 7.99
C GLN A 78 -4.72 6.68 8.71
N GLY A 79 -5.59 7.32 7.94
CA GLY A 79 -6.75 7.96 8.52
C GLY A 79 -7.75 8.43 7.47
N MET A 80 -7.60 7.92 6.25
CA MET A 80 -8.50 8.30 5.16
C MET A 80 -9.25 7.08 4.63
N ALA A 81 -10.51 7.29 4.26
CA ALA A 81 -11.35 6.21 3.74
C ALA A 81 -10.81 5.68 2.42
N GLN A 82 -11.30 4.51 2.02
CA GLN A 82 -10.87 3.87 0.78
C GLN A 82 -10.96 4.83 -0.40
N SER A 83 -12.15 5.38 -0.62
CA SER A 83 -12.39 6.31 -1.71
C SER A 83 -11.34 7.43 -1.74
N ASP A 84 -11.02 7.96 -0.57
CA ASP A 84 -10.04 9.03 -0.46
C ASP A 84 -8.68 8.59 -0.98
N VAL A 85 -8.22 7.43 -0.51
CA VAL A 85 -6.94 6.89 -0.91
C VAL A 85 -6.88 6.65 -2.42
N VAL A 86 -8.02 6.28 -3.00
CA VAL A 86 -8.10 6.01 -4.43
C VAL A 86 -7.90 7.30 -5.23
N GLU A 87 -8.54 8.39 -4.78
CA GLU A 87 -8.43 9.67 -5.46
C GLU A 87 -6.96 10.11 -5.54
N VAL A 88 -6.25 9.98 -4.43
CA VAL A 88 -4.84 10.35 -4.38
C VAL A 88 -4.05 9.60 -5.45
N LEU A 89 -4.19 8.28 -5.46
CA LEU A 89 -3.48 7.45 -6.43
C LEU A 89 -3.89 7.81 -7.85
N ARG A 90 -5.09 8.35 -8.01
CA ARG A 90 -5.60 8.73 -9.32
C ARG A 90 -5.19 10.16 -9.67
N ASN A 91 -4.66 10.88 -8.68
CA ASN A 91 -4.22 12.27 -8.89
C ASN A 91 -2.71 12.31 -9.07
N ALA A 92 -2.04 11.20 -8.76
CA ALA A 92 -0.59 11.12 -8.88
C ALA A 92 -0.14 11.41 -10.32
N GLY A 93 -0.14 10.38 -11.16
CA GLY A 93 0.29 10.56 -12.54
C GLY A 93 1.73 11.02 -12.65
N ASN A 94 2.50 10.76 -11.60
CA ASN A 94 3.91 11.15 -11.55
C ASN A 94 4.73 10.14 -10.75
N PRO A 95 6.08 10.29 -10.70
CA PRO A 95 6.93 9.37 -9.91
C PRO A 95 6.68 9.51 -8.42
N VAL A 96 5.64 8.84 -7.94
CA VAL A 96 5.28 8.89 -6.52
C VAL A 96 5.95 7.75 -5.74
N ARG A 97 6.14 7.98 -4.44
CA ARG A 97 6.76 6.99 -3.57
C ARG A 97 5.68 6.15 -2.89
N LEU A 98 5.96 4.87 -2.70
CA LEU A 98 5.02 3.97 -2.07
C LEU A 98 5.60 3.39 -0.78
N LEU A 99 5.13 3.90 0.35
CA LEU A 99 5.61 3.42 1.66
C LEU A 99 4.61 2.46 2.27
N LEU A 100 4.94 1.17 2.22
CA LEU A 100 4.07 0.14 2.77
C LEU A 100 4.87 -0.89 3.56
N ILE A 101 4.18 -1.74 4.31
CA ILE A 101 4.85 -2.76 5.12
C ILE A 101 4.52 -4.16 4.61
N ARG A 102 5.56 -4.99 4.50
CA ARG A 102 5.42 -6.36 4.04
C ARG A 102 5.77 -7.35 5.15
N ARG A 103 5.09 -8.48 5.16
CA ARG A 103 5.34 -9.51 6.17
C ARG A 103 6.26 -10.60 5.65
N LEU A 104 7.36 -10.82 6.35
CA LEU A 104 8.34 -11.83 5.95
C LEU A 104 8.08 -13.15 6.68
N PRO A 105 8.27 -14.29 5.99
CA PRO A 105 8.05 -15.62 6.58
C PRO A 105 9.24 -16.10 7.40
N LEU A 106 9.03 -17.14 8.21
CA LEU A 106 10.08 -17.69 9.04
C LEU A 106 10.09 -19.22 8.95
N LEU A 107 11.25 -19.81 9.21
CA LEU A 107 11.40 -21.26 9.15
C LEU A 107 11.36 -21.86 10.56
N GLU A 108 10.66 -22.98 10.69
CA GLU A 108 10.53 -23.65 11.98
C GLU A 108 10.56 -25.17 11.80
N GLY A 1 14.62 0.74 14.60
CA GLY A 1 16.09 0.59 14.42
C GLY A 1 16.75 1.89 13.99
N SER A 2 16.88 2.09 12.67
CA SER A 2 17.50 3.29 12.14
C SER A 2 16.46 4.38 11.88
N HIS A 3 15.45 4.04 11.09
CA HIS A 3 14.39 4.99 10.76
C HIS A 3 13.18 4.81 11.68
N GLY A 4 12.54 3.64 11.58
CA GLY A 4 11.38 3.36 12.40
C GLY A 4 11.32 1.91 12.85
N TYR A 5 10.52 1.12 12.15
CA TYR A 5 10.37 -0.30 12.47
C TYR A 5 11.32 -1.15 11.63
N SER A 6 12.15 -1.94 12.30
CA SER A 6 13.10 -2.80 11.62
C SER A 6 12.65 -4.26 11.70
N ASP A 7 13.54 -5.18 11.30
CA ASP A 7 13.22 -6.60 11.34
C ASP A 7 12.75 -7.03 12.73
N ALA A 8 11.44 -7.21 12.86
CA ALA A 8 10.86 -7.62 14.14
C ALA A 8 9.66 -8.54 13.93
N SER A 9 9.81 -9.80 14.33
CA SER A 9 8.75 -10.79 14.17
C SER A 9 8.30 -10.90 12.72
N GLY A 10 9.16 -10.45 11.80
CA GLY A 10 8.84 -10.51 10.39
C GLY A 10 8.47 -9.16 9.81
N PHE A 11 7.63 -8.42 10.53
CA PHE A 11 7.18 -7.10 10.08
C PHE A 11 8.37 -6.21 9.73
N SER A 12 8.51 -5.92 8.43
CA SER A 12 9.61 -5.09 7.95
C SER A 12 9.06 -3.99 7.03
N LEU A 13 9.64 -2.80 7.15
CA LEU A 13 9.23 -1.66 6.33
C LEU A 13 9.82 -1.73 4.93
N TYR A 14 8.95 -1.78 3.92
CA TYR A 14 9.38 -1.84 2.53
C TYR A 14 8.97 -0.57 1.78
N SER A 15 9.67 -0.28 0.68
CA SER A 15 9.37 0.91 -0.10
C SER A 15 9.68 0.68 -1.58
N VAL A 16 8.73 1.04 -2.44
CA VAL A 16 8.90 0.88 -3.88
C VAL A 16 8.69 2.21 -4.60
N GLU A 17 9.64 2.57 -5.46
CA GLU A 17 9.55 3.81 -6.22
C GLU A 17 8.95 3.58 -7.59
N LEU A 18 7.72 4.06 -7.79
CA LEU A 18 7.03 3.91 -9.07
C LEU A 18 6.79 5.27 -9.71
N PHE A 19 6.43 5.26 -11.00
CA PHE A 19 6.18 6.49 -11.72
C PHE A 19 5.14 6.27 -12.82
N ARG A 20 4.17 7.18 -12.91
CA ARG A 20 3.13 7.07 -13.92
C ARG A 20 3.30 8.15 -14.99
N GLU A 21 3.44 7.72 -16.24
CA GLU A 21 3.61 8.64 -17.35
C GLU A 21 2.51 8.44 -18.38
N LYS A 22 1.97 7.24 -18.41
CA LYS A 22 0.89 6.90 -19.36
C LYS A 22 -0.41 7.59 -18.97
N ASP A 23 -1.40 7.53 -19.84
CA ASP A 23 -2.69 8.15 -19.59
C ASP A 23 -3.67 7.13 -19.03
N THR A 24 -3.26 6.42 -17.98
CA THR A 24 -4.11 5.42 -17.36
C THR A 24 -4.70 5.94 -16.05
N SER A 25 -4.03 6.91 -15.44
CA SER A 25 -4.48 7.52 -14.19
C SER A 25 -4.61 6.47 -13.09
N SER A 26 -3.91 5.34 -13.27
CA SER A 26 -3.95 4.26 -12.28
C SER A 26 -2.59 3.57 -12.18
N LEU A 27 -2.32 2.98 -11.01
CA LEU A 27 -1.07 2.28 -10.79
C LEU A 27 -1.31 0.79 -10.58
N GLY A 28 -2.58 0.42 -10.47
CA GLY A 28 -2.93 -0.99 -10.28
C GLY A 28 -3.19 -1.33 -8.82
N ILE A 29 -2.82 -0.42 -7.92
CA ILE A 29 -3.00 -0.64 -6.49
C ILE A 29 -4.49 -0.76 -6.15
N SER A 30 -4.92 -1.97 -5.81
CA SER A 30 -6.31 -2.20 -5.44
C SER A 30 -6.43 -2.56 -3.97
N ILE A 31 -7.08 -1.70 -3.20
CA ILE A 31 -7.25 -1.92 -1.77
C ILE A 31 -8.61 -2.56 -1.46
N SER A 32 -8.88 -2.79 -0.18
CA SER A 32 -10.13 -3.38 0.24
C SER A 32 -10.36 -3.16 1.73
N GLY A 33 -11.60 -2.82 2.10
CA GLY A 33 -11.93 -2.59 3.49
C GLY A 33 -12.36 -3.85 4.20
N MET A 34 -11.64 -4.20 5.26
CA MET A 34 -11.95 -5.40 6.04
C MET A 34 -13.23 -5.20 6.85
N ARG A 35 -13.98 -6.28 7.03
CA ARG A 35 -15.23 -6.23 7.79
C ARG A 35 -15.47 -7.54 8.52
N ASP A 36 -15.97 -7.45 9.75
CA ASP A 36 -16.25 -8.63 10.57
C ASP A 36 -17.76 -8.81 10.76
N GLN A 37 -18.14 -9.95 11.34
CA GLN A 37 -19.54 -10.25 11.59
C GLN A 37 -19.98 -9.70 12.94
N SER A 38 -19.33 -8.62 13.38
CA SER A 38 -19.65 -8.00 14.66
C SER A 38 -19.25 -6.52 14.65
N THR A 39 -20.08 -5.70 14.03
CA THR A 39 -19.82 -4.26 13.95
C THR A 39 -19.77 -3.64 15.34
N THR A 40 -18.76 -2.81 15.56
CA THR A 40 -18.58 -2.14 16.85
C THR A 40 -17.52 -1.05 16.77
N GLY A 41 -17.18 -0.67 15.54
CA GLY A 41 -16.17 0.37 15.34
C GLY A 41 -14.76 -0.15 15.49
N GLU A 42 -13.78 0.68 15.14
CA GLU A 42 -12.38 0.30 15.24
C GLU A 42 -12.08 -0.94 14.41
N ALA A 43 -10.82 -1.40 14.47
CA ALA A 43 -10.40 -2.58 13.72
C ALA A 43 -10.62 -2.40 12.23
N THR A 44 -10.16 -1.26 11.70
CA THR A 44 -10.32 -0.96 10.28
C THR A 44 -9.07 -0.27 9.73
N GLY A 45 -8.52 -0.83 8.65
CA GLY A 45 -7.34 -0.26 8.05
C GLY A 45 -7.29 -0.48 6.54
N ILE A 46 -6.47 0.31 5.85
CA ILE A 46 -6.33 0.20 4.41
C ILE A 46 -5.19 -0.75 4.05
N TYR A 47 -5.47 -1.68 3.14
CA TYR A 47 -4.47 -2.66 2.71
C TYR A 47 -4.75 -3.16 1.30
N VAL A 48 -3.68 -3.42 0.55
CA VAL A 48 -3.79 -3.91 -0.82
C VAL A 48 -4.08 -5.40 -0.83
N LYS A 49 -5.06 -5.80 -1.64
CA LYS A 49 -5.45 -7.20 -1.75
C LYS A 49 -5.42 -7.66 -3.20
N SER A 50 -5.60 -6.73 -4.12
CA SER A 50 -5.60 -7.05 -5.55
C SER A 50 -4.68 -6.11 -6.33
N LEU A 51 -4.31 -6.54 -7.54
CA LEU A 51 -3.43 -5.76 -8.40
C LEU A 51 -3.88 -5.85 -9.85
N ILE A 52 -4.03 -4.71 -10.50
CA ILE A 52 -4.44 -4.67 -11.91
C ILE A 52 -3.34 -5.23 -12.81
N PRO A 53 -3.62 -6.34 -13.53
CA PRO A 53 -2.64 -6.95 -14.43
C PRO A 53 -2.37 -6.09 -15.66
N GLY A 54 -1.29 -5.31 -15.60
CA GLY A 54 -0.93 -4.46 -16.71
C GLY A 54 -0.49 -3.08 -16.26
N SER A 55 -0.50 -2.85 -14.95
CA SER A 55 -0.11 -1.57 -14.40
C SER A 55 1.32 -1.62 -13.84
N ALA A 56 1.85 -0.48 -13.46
CA ALA A 56 3.20 -0.39 -12.92
C ALA A 56 3.38 -1.27 -11.68
N ALA A 57 2.50 -1.07 -10.70
CA ALA A 57 2.57 -1.82 -9.45
C ALA A 57 2.73 -3.33 -9.69
N ALA A 58 2.03 -3.85 -10.69
CA ALA A 58 2.10 -5.27 -11.01
C ALA A 58 3.34 -5.61 -11.84
N LEU A 59 3.70 -4.73 -12.77
CA LEU A 59 4.85 -4.95 -13.64
C LEU A 59 6.12 -5.16 -12.82
N ASP A 60 6.45 -4.20 -11.95
CA ASP A 60 7.64 -4.29 -11.13
C ASP A 60 7.65 -5.57 -10.29
N GLY A 61 6.46 -5.99 -9.86
CA GLY A 61 6.34 -7.19 -9.06
C GLY A 61 6.71 -6.96 -7.62
N ARG A 62 7.33 -5.81 -7.34
CA ARG A 62 7.75 -5.48 -5.98
C ARG A 62 6.54 -5.43 -5.04
N ILE A 63 5.37 -5.11 -5.59
CA ILE A 63 4.15 -5.04 -4.81
C ILE A 63 3.39 -6.35 -4.86
N GLU A 64 3.29 -7.02 -3.72
CA GLU A 64 2.58 -8.29 -3.63
C GLU A 64 1.31 -8.16 -2.80
N PRO A 65 0.35 -9.07 -2.99
CA PRO A 65 -0.92 -9.04 -2.24
C PRO A 65 -0.69 -9.17 -0.74
N ASN A 66 -1.77 -9.01 0.03
CA ASN A 66 -1.69 -9.10 1.49
C ASN A 66 -0.63 -8.15 2.03
N ASP A 67 -0.80 -6.86 1.75
CA ASP A 67 0.14 -5.84 2.20
C ASP A 67 -0.62 -4.62 2.73
N LYS A 68 0.02 -3.87 3.63
CA LYS A 68 -0.61 -2.69 4.20
C LYS A 68 0.06 -1.41 3.72
N ILE A 69 -0.76 -0.42 3.38
CA ILE A 69 -0.26 0.86 2.91
C ILE A 69 -0.22 1.87 4.05
N LEU A 70 0.96 2.40 4.34
CA LEU A 70 1.13 3.37 5.42
C LEU A 70 1.03 4.79 4.91
N ARG A 71 1.96 5.18 4.04
CA ARG A 71 1.97 6.54 3.50
C ARG A 71 2.38 6.54 2.02
N VAL A 72 1.73 7.41 1.26
CA VAL A 72 2.02 7.55 -0.17
C VAL A 72 2.91 8.77 -0.40
N ASP A 73 3.36 8.95 -1.64
CA ASP A 73 4.21 10.10 -1.98
C ASP A 73 3.59 11.41 -1.49
N ASP A 74 4.22 12.01 -0.48
CA ASP A 74 3.75 13.28 0.08
C ASP A 74 2.30 13.16 0.56
N VAL A 75 1.89 11.95 0.90
CA VAL A 75 0.53 11.69 1.37
C VAL A 75 0.53 10.60 2.43
N ASN A 76 -0.47 10.63 3.31
CA ASN A 76 -0.58 9.64 4.37
C ASN A 76 -1.98 9.02 4.40
N VAL A 77 -2.04 7.70 4.36
CA VAL A 77 -3.32 7.00 4.37
C VAL A 77 -3.58 6.37 5.73
N GLN A 78 -2.98 6.93 6.77
CA GLN A 78 -3.15 6.43 8.13
C GLN A 78 -4.33 7.11 8.81
N GLY A 79 -5.29 7.56 8.01
CA GLY A 79 -6.46 8.20 8.58
C GLY A 79 -7.40 8.76 7.52
N MET A 80 -7.49 8.08 6.38
CA MET A 80 -8.35 8.52 5.29
C MET A 80 -9.29 7.39 4.86
N ALA A 81 -10.48 7.78 4.42
CA ALA A 81 -11.49 6.80 3.99
C ALA A 81 -10.99 6.00 2.79
N GLN A 82 -11.55 4.81 2.61
CA GLN A 82 -11.17 3.93 1.51
C GLN A 82 -11.20 4.68 0.18
N SER A 83 -12.37 5.20 -0.17
CA SER A 83 -12.56 5.93 -1.41
C SER A 83 -11.57 7.08 -1.52
N ASP A 84 -11.30 7.73 -0.39
CA ASP A 84 -10.37 8.86 -0.38
C ASP A 84 -8.99 8.44 -0.85
N VAL A 85 -8.51 7.30 -0.32
CA VAL A 85 -7.20 6.78 -0.69
C VAL A 85 -7.12 6.51 -2.18
N VAL A 86 -8.21 6.01 -2.75
CA VAL A 86 -8.27 5.71 -4.17
C VAL A 86 -8.13 6.98 -5.01
N GLU A 87 -8.80 8.05 -4.58
CA GLU A 87 -8.74 9.32 -5.28
C GLU A 87 -7.30 9.81 -5.39
N VAL A 88 -6.56 9.71 -4.29
CA VAL A 88 -5.17 10.13 -4.26
C VAL A 88 -4.36 9.41 -5.33
N LEU A 89 -4.39 8.08 -5.30
CA LEU A 89 -3.65 7.27 -6.26
C LEU A 89 -4.04 7.62 -7.69
N ARG A 90 -5.29 8.05 -7.89
CA ARG A 90 -5.78 8.41 -9.21
C ARG A 90 -5.38 9.84 -9.58
N ASN A 91 -5.08 10.64 -8.56
CA ASN A 91 -4.68 12.03 -8.78
C ASN A 91 -3.18 12.12 -9.03
N ALA A 92 -2.45 11.07 -8.66
CA ALA A 92 -1.00 11.05 -8.86
C ALA A 92 -0.65 11.12 -10.35
N GLY A 93 -0.63 9.97 -11.01
CA GLY A 93 -0.31 9.92 -12.42
C GLY A 93 1.08 10.45 -12.72
N ASN A 94 1.95 10.41 -11.71
CA ASN A 94 3.32 10.90 -11.86
C ASN A 94 4.27 10.09 -10.99
N PRO A 95 5.60 10.34 -11.06
CA PRO A 95 6.58 9.64 -10.23
C PRO A 95 6.28 9.78 -8.74
N VAL A 96 5.73 8.72 -8.15
CA VAL A 96 5.37 8.75 -6.73
C VAL A 96 6.04 7.62 -5.96
N ARG A 97 6.33 7.89 -4.68
CA ARG A 97 6.96 6.92 -3.81
C ARG A 97 5.90 6.14 -3.03
N LEU A 98 6.13 4.86 -2.82
CA LEU A 98 5.19 4.01 -2.11
C LEU A 98 5.80 3.48 -0.82
N LEU A 99 5.23 3.88 0.31
CA LEU A 99 5.71 3.42 1.62
C LEU A 99 4.71 2.46 2.24
N LEU A 100 5.03 1.17 2.18
CA LEU A 100 4.14 0.14 2.73
C LEU A 100 4.92 -0.85 3.59
N ILE A 101 4.19 -1.64 4.37
CA ILE A 101 4.80 -2.64 5.24
C ILE A 101 4.33 -4.05 4.89
N ARG A 102 5.25 -5.00 4.95
CA ARG A 102 4.93 -6.39 4.64
C ARG A 102 5.46 -7.31 5.73
N ARG A 103 4.58 -8.14 6.28
CA ARG A 103 4.96 -9.06 7.35
C ARG A 103 5.59 -10.33 6.77
N LEU A 104 6.64 -10.81 7.42
CA LEU A 104 7.34 -12.01 6.98
C LEU A 104 6.94 -13.21 7.84
N PRO A 105 6.86 -14.41 7.24
CA PRO A 105 6.48 -15.62 7.96
C PRO A 105 7.64 -16.24 8.74
N LEU A 106 7.31 -17.11 9.68
CA LEU A 106 8.32 -17.77 10.50
C LEU A 106 8.01 -19.25 10.68
N LEU A 107 8.82 -20.11 10.05
CA LEU A 107 8.62 -21.54 10.13
C LEU A 107 9.04 -22.07 11.49
N GLU A 108 8.36 -23.13 11.95
CA GLU A 108 8.65 -23.72 13.24
C GLU A 108 8.91 -25.22 13.09
N GLY A 1 9.22 6.92 17.11
CA GLY A 1 7.83 7.36 16.84
C GLY A 1 6.98 6.25 16.24
N SER A 2 6.99 6.17 14.90
CA SER A 2 6.22 5.14 14.20
C SER A 2 7.14 4.13 13.53
N HIS A 3 8.31 4.59 13.11
CA HIS A 3 9.29 3.72 12.47
C HIS A 3 10.20 3.07 13.49
N GLY A 4 9.85 1.85 13.90
CA GLY A 4 10.64 1.13 14.88
C GLY A 4 10.57 -0.37 14.69
N TYR A 5 10.88 -0.83 13.49
CA TYR A 5 10.84 -2.26 13.18
C TYR A 5 12.03 -2.66 12.31
N SER A 6 12.38 -3.93 12.35
CA SER A 6 13.49 -4.47 11.57
C SER A 6 13.19 -5.87 11.09
N ASP A 7 14.20 -6.56 10.58
CA ASP A 7 14.04 -7.93 10.08
C ASP A 7 13.45 -8.83 11.16
N ALA A 8 12.13 -9.04 11.10
CA ALA A 8 11.44 -9.87 12.08
C ALA A 8 10.46 -10.81 11.37
N SER A 9 10.87 -12.06 11.20
CA SER A 9 10.03 -13.06 10.54
C SER A 9 9.63 -12.59 9.15
N GLY A 10 10.41 -11.68 8.57
CA GLY A 10 10.12 -11.16 7.25
C GLY A 10 9.47 -9.79 7.28
N PHE A 11 8.61 -9.56 8.28
CA PHE A 11 7.92 -8.29 8.42
C PHE A 11 8.91 -7.13 8.50
N SER A 12 8.82 -6.22 7.53
CA SER A 12 9.71 -5.07 7.47
C SER A 12 9.06 -3.91 6.72
N LEU A 13 9.58 -2.72 6.97
CA LEU A 13 9.08 -1.51 6.33
C LEU A 13 9.92 -1.17 5.09
N TYR A 14 9.37 -1.39 3.92
CA TYR A 14 10.08 -1.12 2.67
C TYR A 14 9.24 -0.24 1.74
N SER A 15 9.93 0.56 0.93
CA SER A 15 9.26 1.44 -0.01
C SER A 15 9.72 1.20 -1.44
N VAL A 16 8.75 1.15 -2.36
CA VAL A 16 9.05 0.93 -3.77
C VAL A 16 8.78 2.20 -4.58
N GLU A 17 9.60 2.44 -5.59
CA GLU A 17 9.45 3.62 -6.42
C GLU A 17 8.50 3.36 -7.59
N LEU A 18 7.44 4.17 -7.67
CA LEU A 18 6.45 4.03 -8.73
C LEU A 18 6.24 5.37 -9.44
N PHE A 19 5.58 5.32 -10.59
CA PHE A 19 5.31 6.52 -11.37
C PHE A 19 4.05 6.36 -12.22
N ARG A 20 3.16 7.34 -12.14
CA ARG A 20 1.92 7.30 -12.91
C ARG A 20 1.95 8.32 -14.04
N GLU A 21 2.10 7.83 -15.27
CA GLU A 21 2.16 8.69 -16.45
C GLU A 21 1.25 8.19 -17.56
N LYS A 22 1.05 6.87 -17.60
CA LYS A 22 0.21 6.26 -18.61
C LYS A 22 -1.24 6.72 -18.47
N ASP A 23 -2.02 6.55 -19.55
CA ASP A 23 -3.42 6.94 -19.56
C ASP A 23 -4.30 5.87 -18.94
N THR A 24 -3.80 5.23 -17.89
CA THR A 24 -4.54 4.18 -17.20
C THR A 24 -5.41 4.76 -16.11
N SER A 25 -5.13 6.01 -15.72
CA SER A 25 -5.88 6.70 -14.68
C SER A 25 -5.85 5.92 -13.37
N SER A 26 -4.87 5.03 -13.23
CA SER A 26 -4.73 4.22 -12.03
C SER A 26 -3.32 3.68 -11.89
N LEU A 27 -3.09 2.87 -10.86
CA LEU A 27 -1.78 2.29 -10.61
C LEU A 27 -1.88 0.78 -10.44
N GLY A 28 -3.11 0.26 -10.53
CA GLY A 28 -3.32 -1.16 -10.38
C GLY A 28 -3.38 -1.59 -8.93
N ILE A 29 -3.78 -0.66 -8.05
CA ILE A 29 -3.87 -0.95 -6.63
C ILE A 29 -5.31 -1.22 -6.21
N SER A 30 -5.59 -2.44 -5.78
CA SER A 30 -6.92 -2.82 -5.35
C SER A 30 -6.98 -3.02 -3.84
N ILE A 31 -7.34 -1.96 -3.13
CA ILE A 31 -7.41 -2.02 -1.67
C ILE A 31 -8.82 -2.42 -1.22
N SER A 32 -8.93 -2.79 0.05
CA SER A 32 -10.21 -3.20 0.61
C SER A 32 -10.31 -2.78 2.07
N GLY A 33 -11.47 -2.22 2.45
CA GLY A 33 -11.68 -1.77 3.82
C GLY A 33 -11.72 -2.92 4.79
N MET A 34 -10.98 -2.81 5.88
CA MET A 34 -10.93 -3.85 6.91
C MET A 34 -12.31 -4.09 7.50
N ARG A 35 -12.59 -5.34 7.86
CA ARG A 35 -13.88 -5.70 8.45
C ARG A 35 -13.70 -6.26 9.85
N ASP A 36 -14.48 -5.74 10.79
CA ASP A 36 -14.41 -6.20 12.18
C ASP A 36 -15.81 -6.41 12.75
N GLN A 37 -15.90 -7.27 13.76
CA GLN A 37 -17.18 -7.57 14.40
C GLN A 37 -17.22 -7.00 15.81
N SER A 38 -18.34 -6.35 16.15
CA SER A 38 -18.52 -5.76 17.46
C SER A 38 -17.37 -4.81 17.79
N THR A 39 -17.35 -3.66 17.11
CA THR A 39 -16.29 -2.68 17.32
C THR A 39 -16.58 -1.82 18.55
N THR A 40 -15.52 -1.39 19.22
CA THR A 40 -15.65 -0.56 20.41
C THR A 40 -15.41 0.91 20.07
N GLY A 41 -15.32 1.20 18.78
CA GLY A 41 -15.10 2.57 18.34
C GLY A 41 -14.46 2.64 16.97
N GLU A 42 -13.14 2.50 16.93
CA GLU A 42 -12.40 2.55 15.67
C GLU A 42 -11.54 1.30 15.49
N ALA A 43 -11.60 0.72 14.29
CA ALA A 43 -10.83 -0.49 14.00
C ALA A 43 -10.80 -0.76 12.50
N THR A 44 -10.35 0.22 11.72
CA THR A 44 -10.28 0.08 10.27
C THR A 44 -8.84 0.20 9.78
N GLY A 45 -8.55 -0.44 8.65
CA GLY A 45 -7.21 -0.39 8.10
C GLY A 45 -7.19 -0.55 6.59
N ILE A 46 -6.29 0.18 5.93
CA ILE A 46 -6.17 0.11 4.48
C ILE A 46 -5.09 -0.89 4.06
N TYR A 47 -5.46 -1.83 3.21
CA TYR A 47 -4.53 -2.84 2.74
C TYR A 47 -4.86 -3.30 1.33
N VAL A 48 -3.83 -3.61 0.55
CA VAL A 48 -4.00 -4.08 -0.81
C VAL A 48 -4.28 -5.57 -0.85
N LYS A 49 -5.47 -5.94 -1.31
CA LYS A 49 -5.88 -7.34 -1.38
C LYS A 49 -5.49 -7.96 -2.71
N SER A 50 -5.48 -7.15 -3.77
CA SER A 50 -5.13 -7.64 -5.10
C SER A 50 -4.52 -6.55 -5.97
N LEU A 51 -3.96 -6.94 -7.11
CA LEU A 51 -3.34 -6.00 -8.04
C LEU A 51 -3.96 -6.15 -9.43
N ILE A 52 -3.63 -5.21 -10.31
CA ILE A 52 -4.15 -5.24 -11.67
C ILE A 52 -3.05 -5.61 -12.68
N PRO A 53 -3.00 -6.88 -13.12
CA PRO A 53 -1.99 -7.35 -14.07
C PRO A 53 -1.92 -6.46 -15.32
N GLY A 54 -0.77 -5.82 -15.50
CA GLY A 54 -0.58 -4.95 -16.65
C GLY A 54 -0.49 -3.49 -16.26
N SER A 55 -0.51 -3.23 -14.95
CA SER A 55 -0.43 -1.87 -14.44
C SER A 55 0.98 -1.54 -13.98
N ALA A 56 1.21 -0.28 -13.60
CA ALA A 56 2.53 0.15 -13.15
C ALA A 56 2.98 -0.65 -11.93
N ALA A 57 2.17 -0.63 -10.88
CA ALA A 57 2.48 -1.35 -9.65
C ALA A 57 2.77 -2.82 -9.93
N ALA A 58 2.09 -3.38 -10.92
CA ALA A 58 2.27 -4.79 -11.29
C ALA A 58 3.52 -4.99 -12.14
N LEU A 59 3.93 -3.94 -12.86
CA LEU A 59 5.11 -4.02 -13.71
C LEU A 59 6.39 -4.10 -12.89
N ASP A 60 6.42 -3.38 -11.77
CA ASP A 60 7.59 -3.36 -10.91
C ASP A 60 7.87 -4.76 -10.35
N GLY A 61 6.80 -5.47 -9.98
CA GLY A 61 6.95 -6.81 -9.44
C GLY A 61 7.36 -6.81 -7.98
N ARG A 62 7.81 -5.66 -7.49
CA ARG A 62 8.23 -5.54 -6.10
C ARG A 62 7.03 -5.50 -5.16
N ILE A 63 5.88 -5.12 -5.70
CA ILE A 63 4.66 -5.05 -4.90
C ILE A 63 3.99 -6.42 -4.83
N GLU A 64 3.85 -6.94 -3.61
CA GLU A 64 3.23 -8.24 -3.39
C GLU A 64 1.84 -8.08 -2.79
N PRO A 65 0.85 -8.85 -3.29
CA PRO A 65 -0.53 -8.77 -2.79
C PRO A 65 -0.61 -9.01 -1.28
N ASN A 66 -1.74 -8.63 -0.69
CA ASN A 66 -1.96 -8.80 0.74
C ASN A 66 -0.95 -7.99 1.55
N ASP A 67 -0.76 -6.73 1.15
CA ASP A 67 0.17 -5.84 1.84
C ASP A 67 -0.60 -4.74 2.59
N LYS A 68 0.10 -4.06 3.49
CA LYS A 68 -0.52 -3.00 4.28
C LYS A 68 0.06 -1.64 3.93
N ILE A 69 -0.71 -0.83 3.21
CA ILE A 69 -0.28 0.51 2.82
C ILE A 69 -0.11 1.40 4.04
N LEU A 70 0.98 2.17 4.06
CA LEU A 70 1.24 3.07 5.19
C LEU A 70 1.16 4.54 4.76
N ARG A 71 2.14 4.98 3.99
CA ARG A 71 2.17 6.38 3.54
C ARG A 71 2.54 6.47 2.05
N VAL A 72 1.83 7.34 1.33
CA VAL A 72 2.09 7.54 -0.08
C VAL A 72 2.95 8.80 -0.27
N ASP A 73 3.46 9.00 -1.48
CA ASP A 73 4.29 10.16 -1.78
C ASP A 73 3.65 11.46 -1.29
N ASP A 74 4.25 12.03 -0.23
CA ASP A 74 3.78 13.28 0.34
C ASP A 74 2.32 13.21 0.82
N VAL A 75 1.73 12.02 0.77
CA VAL A 75 0.34 11.86 1.19
C VAL A 75 0.14 10.56 1.97
N ASN A 76 0.08 10.67 3.29
CA ASN A 76 -0.13 9.51 4.15
C ASN A 76 -1.56 9.02 4.06
N VAL A 77 -1.78 7.73 4.32
CA VAL A 77 -3.11 7.14 4.25
C VAL A 77 -3.48 6.43 5.56
N GLN A 78 -2.90 6.89 6.66
CA GLN A 78 -3.16 6.30 7.97
C GLN A 78 -4.29 7.05 8.69
N GLY A 79 -5.34 7.39 7.95
CA GLY A 79 -6.46 8.11 8.55
C GLY A 79 -7.39 8.71 7.52
N MET A 80 -7.53 8.04 6.38
CA MET A 80 -8.40 8.54 5.31
C MET A 80 -9.32 7.42 4.81
N ALA A 81 -10.49 7.82 4.30
CA ALA A 81 -11.46 6.87 3.78
C ALA A 81 -10.91 6.13 2.56
N GLN A 82 -11.41 4.91 2.34
CA GLN A 82 -10.96 4.10 1.22
C GLN A 82 -11.07 4.87 -0.10
N SER A 83 -12.27 5.36 -0.39
CA SER A 83 -12.52 6.11 -1.62
C SER A 83 -11.54 7.27 -1.77
N ASP A 84 -11.25 7.94 -0.66
CA ASP A 84 -10.33 9.08 -0.67
C ASP A 84 -8.93 8.65 -1.10
N VAL A 85 -8.45 7.55 -0.52
CA VAL A 85 -7.13 7.03 -0.84
C VAL A 85 -6.99 6.73 -2.33
N VAL A 86 -8.08 6.25 -2.93
CA VAL A 86 -8.08 5.92 -4.36
C VAL A 86 -7.92 7.17 -5.20
N GLU A 87 -8.63 8.23 -4.83
CA GLU A 87 -8.56 9.50 -5.56
C GLU A 87 -7.12 10.01 -5.62
N VAL A 88 -6.41 9.84 -4.51
CA VAL A 88 -5.01 10.28 -4.43
C VAL A 88 -4.15 9.53 -5.43
N LEU A 89 -4.21 8.21 -5.38
CA LEU A 89 -3.41 7.37 -6.27
C LEU A 89 -3.64 7.76 -7.74
N ARG A 90 -4.84 8.25 -8.03
CA ARG A 90 -5.18 8.65 -9.39
C ARG A 90 -4.77 10.11 -9.66
N ASN A 91 -4.72 10.91 -8.60
CA ASN A 91 -4.36 12.32 -8.73
C ASN A 91 -2.84 12.47 -8.87
N ALA A 92 -2.11 11.39 -8.62
CA ALA A 92 -0.65 11.40 -8.73
C ALA A 92 -0.21 12.00 -10.07
N GLY A 93 -0.25 11.19 -11.13
CA GLY A 93 0.15 11.66 -12.44
C GLY A 93 1.64 11.98 -12.49
N ASN A 94 2.36 11.59 -11.46
CA ASN A 94 3.80 11.85 -11.37
C ASN A 94 4.50 10.70 -10.64
N PRO A 95 5.86 10.65 -10.67
CA PRO A 95 6.61 9.61 -9.97
C PRO A 95 6.37 9.67 -8.46
N VAL A 96 5.53 8.76 -7.96
CA VAL A 96 5.21 8.73 -6.53
C VAL A 96 5.85 7.55 -5.83
N ARG A 97 6.21 7.76 -4.57
CA ARG A 97 6.83 6.71 -3.76
C ARG A 97 5.75 5.95 -2.99
N LEU A 98 5.94 4.65 -2.86
CA LEU A 98 4.98 3.81 -2.16
C LEU A 98 5.62 3.20 -0.91
N LEU A 99 5.27 3.75 0.25
CA LEU A 99 5.80 3.25 1.51
C LEU A 99 4.78 2.34 2.19
N LEU A 100 5.12 1.06 2.30
CA LEU A 100 4.23 0.08 2.92
C LEU A 100 5.02 -1.00 3.65
N ILE A 101 4.30 -1.79 4.45
CA ILE A 101 4.91 -2.87 5.21
C ILE A 101 4.38 -4.22 4.76
N ARG A 102 5.27 -5.20 4.67
CA ARG A 102 4.88 -6.54 4.24
C ARG A 102 5.99 -7.54 4.54
N ARG A 103 5.61 -8.71 5.01
CA ARG A 103 6.57 -9.76 5.36
C ARG A 103 7.34 -10.21 4.12
N LEU A 104 8.61 -10.56 4.33
CA LEU A 104 9.48 -11.02 3.25
C LEU A 104 9.71 -12.52 3.34
N PRO A 105 10.03 -13.17 2.21
CA PRO A 105 10.29 -14.62 2.18
C PRO A 105 11.53 -15.00 2.95
N LEU A 106 11.73 -16.30 3.13
CA LEU A 106 12.89 -16.82 3.85
C LEU A 106 13.38 -18.13 3.24
N LEU A 107 14.67 -18.19 2.92
CA LEU A 107 15.25 -19.39 2.34
C LEU A 107 15.84 -20.29 3.43
N GLU A 108 16.15 -21.53 3.06
CA GLU A 108 16.72 -22.48 4.00
C GLU A 108 17.95 -23.17 3.41
N GLY A 1 7.97 8.44 19.34
CA GLY A 1 8.04 7.09 19.95
C GLY A 1 9.18 6.27 19.39
N SER A 2 9.03 5.86 18.13
CA SER A 2 10.05 5.05 17.47
C SER A 2 10.00 5.24 15.96
N HIS A 3 8.98 4.67 15.33
CA HIS A 3 8.80 4.76 13.89
C HIS A 3 10.04 4.27 13.15
N GLY A 4 10.13 2.95 12.99
CA GLY A 4 11.27 2.36 12.31
C GLY A 4 11.58 0.96 12.79
N TYR A 5 10.96 -0.03 12.15
CA TYR A 5 11.17 -1.42 12.52
C TYR A 5 12.02 -2.15 11.47
N SER A 6 13.32 -2.19 11.70
CA SER A 6 14.24 -2.84 10.78
C SER A 6 14.40 -4.32 11.13
N ASP A 7 13.69 -5.18 10.41
CA ASP A 7 13.75 -6.61 10.65
C ASP A 7 13.40 -6.94 12.10
N ALA A 8 12.10 -6.99 12.40
CA ALA A 8 11.64 -7.28 13.75
C ALA A 8 10.36 -8.13 13.72
N SER A 9 10.48 -9.38 14.15
CA SER A 9 9.35 -10.30 14.20
C SER A 9 8.70 -10.44 12.83
N GLY A 10 9.48 -10.21 11.77
CA GLY A 10 8.95 -10.33 10.42
C GLY A 10 8.56 -8.98 9.83
N PHE A 11 7.74 -8.23 10.57
CA PHE A 11 7.29 -6.91 10.11
C PHE A 11 8.48 -6.06 9.67
N SER A 12 8.64 -5.92 8.36
CA SER A 12 9.72 -5.13 7.79
C SER A 12 9.18 -4.05 6.87
N LEU A 13 9.81 -2.88 6.89
CA LEU A 13 9.38 -1.75 6.07
C LEU A 13 9.82 -1.92 4.62
N TYR A 14 8.87 -1.77 3.70
CA TYR A 14 9.16 -1.91 2.27
C TYR A 14 8.95 -0.59 1.55
N SER A 15 9.91 -0.22 0.72
CA SER A 15 9.84 1.04 -0.04
C SER A 15 10.00 0.77 -1.54
N VAL A 16 9.07 1.30 -2.32
CA VAL A 16 9.09 1.13 -3.76
C VAL A 16 8.85 2.46 -4.48
N GLU A 17 9.44 2.61 -5.66
CA GLU A 17 9.28 3.83 -6.44
C GLU A 17 8.45 3.58 -7.70
N LEU A 18 7.33 4.29 -7.81
CA LEU A 18 6.45 4.16 -8.97
C LEU A 18 6.28 5.49 -9.69
N PHE A 19 5.74 5.42 -10.91
CA PHE A 19 5.52 6.61 -11.71
C PHE A 19 4.28 6.46 -12.58
N ARG A 20 3.38 7.45 -12.53
CA ARG A 20 2.16 7.40 -13.32
C ARG A 20 2.21 8.42 -14.46
N GLU A 21 2.20 7.91 -15.69
CA GLU A 21 2.24 8.77 -16.87
C GLU A 21 1.54 8.10 -18.06
N LYS A 22 0.79 7.04 -17.77
CA LYS A 22 0.07 6.31 -18.81
C LYS A 22 -1.42 6.65 -18.77
N ASP A 23 -2.10 6.40 -19.87
CA ASP A 23 -3.53 6.68 -19.97
C ASP A 23 -4.35 5.47 -19.53
N THR A 24 -4.14 5.03 -18.29
CA THR A 24 -4.85 3.89 -17.75
C THR A 24 -5.67 4.28 -16.52
N SER A 25 -5.43 5.50 -16.03
CA SER A 25 -6.13 6.03 -14.86
C SER A 25 -6.11 5.04 -13.71
N SER A 26 -5.09 4.19 -13.68
CA SER A 26 -4.96 3.18 -12.62
C SER A 26 -3.49 2.82 -12.39
N LEU A 27 -3.11 2.70 -11.12
CA LEU A 27 -1.74 2.34 -10.77
C LEU A 27 -1.60 0.83 -10.62
N GLY A 28 -2.65 0.19 -10.12
CA GLY A 28 -2.62 -1.25 -9.93
C GLY A 28 -3.01 -1.65 -8.52
N ILE A 29 -2.77 -0.76 -7.57
CA ILE A 29 -3.09 -1.03 -6.17
C ILE A 29 -4.59 -1.21 -5.98
N SER A 30 -5.00 -2.41 -5.62
CA SER A 30 -6.42 -2.71 -5.41
C SER A 30 -6.70 -3.04 -3.95
N ILE A 31 -7.21 -2.05 -3.21
CA ILE A 31 -7.52 -2.22 -1.81
C ILE A 31 -9.00 -2.54 -1.61
N SER A 32 -9.32 -3.14 -0.46
CA SER A 32 -10.71 -3.50 -0.16
C SER A 32 -11.22 -2.71 1.04
N GLY A 33 -12.53 -2.40 1.02
CA GLY A 33 -13.13 -1.65 2.10
C GLY A 33 -13.05 -2.37 3.42
N MET A 34 -13.14 -1.62 4.52
CA MET A 34 -13.08 -2.19 5.85
C MET A 34 -14.37 -1.96 6.61
N ARG A 35 -14.75 -2.93 7.44
CA ARG A 35 -15.96 -2.82 8.25
C ARG A 35 -15.68 -3.14 9.71
N ASP A 36 -15.01 -2.22 10.39
CA ASP A 36 -14.66 -2.40 11.80
C ASP A 36 -15.63 -1.65 12.70
N GLN A 37 -15.79 -2.14 13.91
CA GLN A 37 -16.70 -1.53 14.89
C GLN A 37 -15.94 -0.56 15.79
N SER A 38 -16.62 0.49 16.22
CA SER A 38 -16.03 1.50 17.09
C SER A 38 -15.56 0.87 18.40
N THR A 39 -14.26 0.66 18.51
CA THR A 39 -13.68 0.07 19.72
C THR A 39 -12.52 0.92 20.24
N THR A 40 -12.15 0.68 21.50
CA THR A 40 -11.06 1.42 22.12
C THR A 40 -9.70 0.96 21.60
N GLY A 41 -9.73 0.00 20.67
CA GLY A 41 -8.50 -0.50 20.10
C GLY A 41 -8.42 -0.30 18.60
N GLU A 42 -7.63 0.68 18.18
CA GLU A 42 -7.46 0.98 16.75
C GLU A 42 -8.79 1.34 16.11
N ALA A 43 -8.76 1.60 14.81
CA ALA A 43 -9.97 1.95 14.07
C ALA A 43 -9.75 1.83 12.56
N THR A 44 -10.50 0.92 11.93
CA THR A 44 -10.41 0.69 10.49
C THR A 44 -8.97 0.48 10.04
N GLY A 45 -8.75 0.52 8.73
CA GLY A 45 -7.41 0.33 8.19
C GLY A 45 -7.44 -0.08 6.74
N ILE A 46 -6.51 0.47 5.96
CA ILE A 46 -6.42 0.15 4.53
C ILE A 46 -5.34 -0.88 4.26
N TYR A 47 -5.63 -1.83 3.39
CA TYR A 47 -4.67 -2.88 3.05
C TYR A 47 -4.90 -3.39 1.62
N VAL A 48 -3.81 -3.71 0.93
CA VAL A 48 -3.89 -4.22 -0.43
C VAL A 48 -4.31 -5.68 -0.44
N LYS A 49 -5.25 -6.01 -1.33
CA LYS A 49 -5.75 -7.37 -1.44
C LYS A 49 -5.36 -8.00 -2.77
N SER A 50 -5.26 -7.17 -3.81
CA SER A 50 -4.90 -7.66 -5.13
C SER A 50 -4.23 -6.57 -5.97
N LEU A 51 -3.80 -6.94 -7.17
CA LEU A 51 -3.15 -6.00 -8.07
C LEU A 51 -3.72 -6.12 -9.48
N ILE A 52 -3.72 -5.01 -10.22
CA ILE A 52 -4.24 -4.98 -11.58
C ILE A 52 -3.22 -5.53 -12.57
N PRO A 53 -3.55 -6.59 -13.32
CA PRO A 53 -2.64 -7.19 -14.31
C PRO A 53 -2.44 -6.28 -15.52
N GLY A 54 -1.21 -5.79 -15.69
CA GLY A 54 -0.91 -4.93 -16.81
C GLY A 54 -0.76 -3.47 -16.41
N SER A 55 -0.58 -3.24 -15.10
CA SER A 55 -0.42 -1.88 -14.60
C SER A 55 1.03 -1.63 -14.17
N ALA A 56 1.32 -0.41 -13.75
CA ALA A 56 2.66 -0.04 -13.33
C ALA A 56 3.07 -0.83 -12.09
N ALA A 57 2.28 -0.70 -11.02
CA ALA A 57 2.56 -1.40 -9.76
C ALA A 57 2.79 -2.89 -9.98
N ALA A 58 2.17 -3.44 -11.02
CA ALA A 58 2.31 -4.87 -11.34
C ALA A 58 3.64 -5.15 -12.05
N LEU A 59 4.02 -4.25 -12.96
CA LEU A 59 5.27 -4.42 -13.70
C LEU A 59 6.47 -4.41 -12.77
N ASP A 60 6.40 -3.60 -11.72
CA ASP A 60 7.49 -3.50 -10.75
C ASP A 60 7.73 -4.83 -10.06
N GLY A 61 6.66 -5.45 -9.60
CA GLY A 61 6.77 -6.73 -8.92
C GLY A 61 7.15 -6.57 -7.46
N ARG A 62 7.72 -5.43 -7.12
CA ARG A 62 8.13 -5.16 -5.75
C ARG A 62 6.93 -5.16 -4.81
N ILE A 63 5.74 -4.95 -5.37
CA ILE A 63 4.51 -4.93 -4.58
C ILE A 63 3.88 -6.32 -4.53
N GLU A 64 3.90 -6.92 -3.34
CA GLU A 64 3.33 -8.25 -3.15
C GLU A 64 1.93 -8.14 -2.54
N PRO A 65 0.95 -8.91 -3.08
CA PRO A 65 -0.43 -8.88 -2.57
C PRO A 65 -0.51 -9.13 -1.07
N ASN A 66 -1.62 -8.72 -0.47
CA ASN A 66 -1.82 -8.89 0.97
C ASN A 66 -0.76 -8.12 1.76
N ASP A 67 -0.99 -6.83 1.95
CA ASP A 67 -0.08 -5.98 2.68
C ASP A 67 -0.79 -4.76 3.25
N LYS A 68 -0.10 -4.01 4.10
CA LYS A 68 -0.68 -2.82 4.71
C LYS A 68 0.04 -1.55 4.24
N ILE A 69 -0.73 -0.60 3.72
CA ILE A 69 -0.17 0.65 3.24
C ILE A 69 -0.01 1.65 4.39
N LEU A 70 1.12 2.35 4.40
CA LEU A 70 1.39 3.33 5.44
C LEU A 70 1.14 4.75 4.94
N ARG A 71 1.87 5.16 3.92
CA ARG A 71 1.72 6.50 3.37
C ARG A 71 2.23 6.59 1.94
N VAL A 72 1.47 7.28 1.09
CA VAL A 72 1.84 7.46 -0.30
C VAL A 72 2.76 8.68 -0.44
N ASP A 73 3.25 8.91 -1.66
CA ASP A 73 4.15 10.05 -1.92
C ASP A 73 3.58 11.35 -1.37
N ASP A 74 4.22 11.87 -0.32
CA ASP A 74 3.80 13.14 0.31
C ASP A 74 2.38 13.05 0.86
N VAL A 75 1.82 11.86 0.89
CA VAL A 75 0.46 11.65 1.40
C VAL A 75 0.44 10.54 2.44
N ASN A 76 -0.37 10.73 3.48
CA ASN A 76 -0.49 9.73 4.54
C ASN A 76 -1.86 9.05 4.49
N VAL A 77 -1.85 7.71 4.51
CA VAL A 77 -3.09 6.95 4.45
C VAL A 77 -3.36 6.23 5.76
N GLN A 78 -2.83 6.78 6.86
CA GLN A 78 -3.02 6.20 8.17
C GLN A 78 -4.31 6.68 8.83
N GLY A 79 -5.31 6.95 8.00
CA GLY A 79 -6.59 7.42 8.52
C GLY A 79 -7.46 8.09 7.47
N MET A 80 -7.53 7.47 6.29
CA MET A 80 -8.34 8.02 5.20
C MET A 80 -9.25 6.94 4.61
N ALA A 81 -10.49 7.32 4.32
CA ALA A 81 -11.46 6.38 3.76
C ALA A 81 -10.98 5.85 2.41
N GLN A 82 -11.49 4.68 2.02
CA GLN A 82 -11.12 4.07 0.75
C GLN A 82 -11.19 5.07 -0.41
N SER A 83 -12.32 5.78 -0.49
CA SER A 83 -12.53 6.76 -1.54
C SER A 83 -11.38 7.78 -1.60
N ASP A 84 -10.97 8.27 -0.43
CA ASP A 84 -9.89 9.24 -0.35
C ASP A 84 -8.58 8.67 -0.90
N VAL A 85 -8.26 7.44 -0.51
CA VAL A 85 -7.04 6.79 -0.95
C VAL A 85 -7.01 6.67 -2.48
N VAL A 86 -8.16 6.33 -3.05
CA VAL A 86 -8.28 6.18 -4.51
C VAL A 86 -8.05 7.51 -5.21
N GLU A 87 -8.54 8.59 -4.61
CA GLU A 87 -8.38 9.92 -5.18
C GLU A 87 -6.90 10.26 -5.36
N VAL A 88 -6.12 10.01 -4.32
CA VAL A 88 -4.68 10.29 -4.36
C VAL A 88 -4.02 9.55 -5.51
N LEU A 89 -4.20 8.23 -5.54
CA LEU A 89 -3.60 7.39 -6.57
C LEU A 89 -3.93 7.90 -7.98
N ARG A 90 -5.14 8.42 -8.16
CA ARG A 90 -5.57 8.92 -9.46
C ARG A 90 -5.11 10.37 -9.68
N ASN A 91 -4.77 11.05 -8.60
CA ASN A 91 -4.33 12.44 -8.69
C ASN A 91 -2.81 12.51 -8.86
N ALA A 92 -2.15 11.36 -8.74
CA ALA A 92 -0.70 11.29 -8.89
C ALA A 92 -0.25 11.86 -10.24
N GLY A 93 -0.30 11.04 -11.27
CA GLY A 93 0.10 11.47 -12.59
C GLY A 93 1.57 11.88 -12.64
N ASN A 94 2.31 11.49 -11.61
CA ASN A 94 3.72 11.82 -11.53
C ASN A 94 4.49 10.69 -10.81
N PRO A 95 5.84 10.72 -10.84
CA PRO A 95 6.65 9.71 -10.16
C PRO A 95 6.43 9.75 -8.65
N VAL A 96 5.55 8.87 -8.16
CA VAL A 96 5.23 8.83 -6.74
C VAL A 96 5.86 7.62 -6.05
N ARG A 97 6.11 7.77 -4.75
CA ARG A 97 6.70 6.70 -3.96
C ARG A 97 5.63 6.02 -3.13
N LEU A 98 5.77 4.71 -2.95
CA LEU A 98 4.81 3.94 -2.16
C LEU A 98 5.47 3.33 -0.94
N LEU A 99 5.16 3.88 0.24
CA LEU A 99 5.72 3.37 1.48
C LEU A 99 4.74 2.45 2.18
N LEU A 100 4.96 1.15 2.06
CA LEU A 100 4.09 0.15 2.67
C LEU A 100 4.89 -0.86 3.50
N ILE A 101 4.21 -1.58 4.37
CA ILE A 101 4.86 -2.57 5.22
C ILE A 101 4.32 -3.98 4.92
N ARG A 102 5.22 -4.96 4.94
CA ARG A 102 4.85 -6.34 4.68
C ARG A 102 5.54 -7.28 5.67
N ARG A 103 4.76 -8.16 6.29
CA ARG A 103 5.29 -9.11 7.25
C ARG A 103 5.97 -10.29 6.56
N LEU A 104 7.10 -10.72 7.11
CA LEU A 104 7.85 -11.84 6.55
C LEU A 104 7.31 -13.16 7.08
N PRO A 105 7.17 -14.18 6.22
CA PRO A 105 6.67 -15.50 6.62
C PRO A 105 7.75 -16.37 7.25
N LEU A 106 8.32 -15.84 8.32
CA LEU A 106 9.39 -16.55 9.05
C LEU A 106 8.80 -17.48 10.11
N LEU A 107 9.48 -18.60 10.32
CA LEU A 107 9.03 -19.58 11.31
C LEU A 107 9.92 -19.53 12.55
N GLU A 108 9.31 -19.67 13.72
CA GLU A 108 10.05 -19.65 14.98
C GLU A 108 10.64 -21.02 15.29
N GLY A 1 19.89 -0.67 9.34
CA GLY A 1 19.50 0.20 10.50
C GLY A 1 19.17 1.61 10.07
N SER A 2 18.75 1.76 8.82
CA SER A 2 18.39 3.07 8.29
C SER A 2 16.99 3.48 8.74
N HIS A 3 15.99 2.76 8.23
CA HIS A 3 14.60 3.04 8.59
C HIS A 3 14.33 2.72 10.05
N GLY A 4 15.15 1.84 10.62
CA GLY A 4 14.98 1.45 12.01
C GLY A 4 14.22 0.15 12.16
N TYR A 5 12.98 0.13 11.67
CA TYR A 5 12.15 -1.06 11.74
C TYR A 5 12.18 -1.85 10.44
N SER A 6 13.24 -2.63 10.26
CA SER A 6 13.39 -3.43 9.05
C SER A 6 13.71 -4.88 9.40
N ASP A 7 13.37 -5.26 10.63
CA ASP A 7 13.60 -6.61 11.13
C ASP A 7 13.09 -6.76 12.56
N ALA A 8 11.83 -7.15 12.69
CA ALA A 8 11.22 -7.33 14.01
C ALA A 8 9.98 -8.20 13.93
N SER A 9 10.13 -9.47 14.33
CA SER A 9 9.02 -10.42 14.30
C SER A 9 8.51 -10.60 12.88
N GLY A 10 9.36 -10.29 11.90
CA GLY A 10 8.97 -10.43 10.51
C GLY A 10 8.29 -9.19 9.96
N PHE A 11 8.33 -8.11 10.72
CA PHE A 11 7.70 -6.86 10.29
C PHE A 11 8.76 -5.85 9.84
N SER A 12 9.05 -5.86 8.55
CA SER A 12 10.03 -4.96 7.98
C SER A 12 9.35 -3.92 7.07
N LEU A 13 9.86 -2.70 7.09
CA LEU A 13 9.31 -1.63 6.28
C LEU A 13 9.87 -1.66 4.88
N TYR A 14 9.00 -1.79 3.89
CA TYR A 14 9.41 -1.83 2.49
C TYR A 14 8.87 -0.62 1.73
N SER A 15 9.60 -0.20 0.70
CA SER A 15 9.21 0.95 -0.10
C SER A 15 9.62 0.77 -1.56
N VAL A 16 8.73 1.14 -2.48
CA VAL A 16 9.00 1.03 -3.91
C VAL A 16 8.53 2.28 -4.65
N GLU A 17 9.34 2.75 -5.59
CA GLU A 17 8.99 3.93 -6.37
C GLU A 17 8.21 3.55 -7.64
N LEU A 18 6.95 3.95 -7.67
CA LEU A 18 6.09 3.66 -8.82
C LEU A 18 5.65 4.94 -9.51
N PHE A 19 6.11 5.13 -10.74
CA PHE A 19 5.77 6.32 -11.52
C PHE A 19 4.59 6.07 -12.43
N ARG A 20 3.64 7.01 -12.44
CA ARG A 20 2.46 6.87 -13.29
C ARG A 20 2.47 7.88 -14.43
N GLU A 21 3.09 7.51 -15.54
CA GLU A 21 3.17 8.40 -16.70
C GLU A 21 3.42 7.60 -17.99
N LYS A 22 2.45 6.76 -18.35
CA LYS A 22 2.54 5.94 -19.55
C LYS A 22 1.18 5.77 -20.19
N ASP A 23 0.37 6.80 -20.08
CA ASP A 23 -0.99 6.80 -20.64
C ASP A 23 -1.81 5.67 -20.05
N THR A 24 -1.45 5.23 -18.85
CA THR A 24 -2.17 4.15 -18.17
C THR A 24 -3.27 4.70 -17.26
N SER A 25 -3.06 5.91 -16.77
CA SER A 25 -4.01 6.57 -15.89
C SER A 25 -4.46 5.66 -14.75
N SER A 26 -3.61 4.70 -14.40
CA SER A 26 -3.91 3.76 -13.33
C SER A 26 -2.64 3.10 -12.81
N LEU A 27 -2.61 2.84 -11.50
CA LEU A 27 -1.46 2.20 -10.88
C LEU A 27 -1.73 0.72 -10.64
N GLY A 28 -3.00 0.37 -10.53
CA GLY A 28 -3.37 -1.01 -10.30
C GLY A 28 -3.55 -1.34 -8.83
N ILE A 29 -3.15 -0.41 -7.97
CA ILE A 29 -3.27 -0.61 -6.53
C ILE A 29 -4.72 -0.85 -6.13
N SER A 30 -5.02 -2.09 -5.75
CA SER A 30 -6.37 -2.47 -5.35
C SER A 30 -6.42 -2.79 -3.86
N ILE A 31 -7.06 -1.91 -3.10
CA ILE A 31 -7.18 -2.08 -1.66
C ILE A 31 -8.56 -2.63 -1.28
N SER A 32 -8.72 -2.97 0.00
CA SER A 32 -9.98 -3.50 0.48
C SER A 32 -10.24 -3.07 1.93
N GLY A 33 -11.49 -2.70 2.22
CA GLY A 33 -11.84 -2.27 3.55
C GLY A 33 -11.97 -3.43 4.53
N MET A 34 -11.91 -3.13 5.82
CA MET A 34 -12.03 -4.15 6.85
C MET A 34 -13.37 -4.04 7.58
N ARG A 35 -13.97 -5.19 7.87
CA ARG A 35 -15.24 -5.23 8.56
C ARG A 35 -15.53 -6.63 9.10
N ASP A 36 -15.94 -6.71 10.36
CA ASP A 36 -16.24 -7.98 11.00
C ASP A 36 -17.32 -7.82 12.06
N GLN A 37 -16.97 -7.13 13.15
CA GLN A 37 -17.91 -6.90 14.24
C GLN A 37 -18.02 -5.42 14.56
N SER A 38 -19.23 -4.99 14.94
CA SER A 38 -19.47 -3.60 15.28
C SER A 38 -18.70 -3.18 16.52
N THR A 39 -17.52 -2.60 16.31
CA THR A 39 -16.67 -2.16 17.40
C THR A 39 -17.05 -0.76 17.87
N THR A 40 -16.91 -0.51 19.17
CA THR A 40 -17.25 0.79 19.74
C THR A 40 -16.11 1.79 19.53
N GLY A 41 -15.08 1.35 18.83
CA GLY A 41 -13.94 2.22 18.56
C GLY A 41 -13.49 2.16 17.11
N GLU A 42 -12.23 1.78 16.89
CA GLU A 42 -11.68 1.68 15.55
C GLU A 42 -11.33 0.23 15.22
N ALA A 43 -11.47 -0.13 13.94
CA ALA A 43 -11.17 -1.47 13.49
C ALA A 43 -11.14 -1.55 11.96
N THR A 44 -10.59 -0.51 11.33
CA THR A 44 -10.49 -0.45 9.88
C THR A 44 -9.14 0.13 9.45
N GLY A 45 -8.55 -0.48 8.42
CA GLY A 45 -7.26 -0.02 7.93
C GLY A 45 -7.12 -0.20 6.44
N ILE A 46 -6.22 0.57 5.83
CA ILE A 46 -5.98 0.48 4.39
C ILE A 46 -4.87 -0.51 4.08
N TYR A 47 -5.15 -1.44 3.18
CA TYR A 47 -4.17 -2.46 2.79
C TYR A 47 -4.48 -3.01 1.40
N VAL A 48 -3.44 -3.28 0.63
CA VAL A 48 -3.59 -3.82 -0.72
C VAL A 48 -3.71 -5.35 -0.68
N LYS A 49 -4.66 -5.88 -1.44
CA LYS A 49 -4.88 -7.32 -1.49
C LYS A 49 -4.79 -7.83 -2.93
N SER A 50 -4.98 -6.92 -3.89
CA SER A 50 -4.92 -7.30 -5.30
C SER A 50 -4.22 -6.23 -6.13
N LEU A 51 -3.78 -6.63 -7.33
CA LEU A 51 -3.09 -5.72 -8.24
C LEU A 51 -3.60 -5.91 -9.66
N ILE A 52 -4.01 -4.82 -10.29
CA ILE A 52 -4.51 -4.86 -11.66
C ILE A 52 -3.42 -5.32 -12.63
N PRO A 53 -3.58 -6.52 -13.23
CA PRO A 53 -2.59 -7.06 -14.17
C PRO A 53 -2.48 -6.21 -15.44
N GLY A 54 -1.42 -5.41 -15.51
CA GLY A 54 -1.21 -4.55 -16.66
C GLY A 54 -0.95 -3.12 -16.28
N SER A 55 -0.97 -2.84 -14.98
CA SER A 55 -0.73 -1.48 -14.49
C SER A 55 0.71 -1.31 -14.03
N ALA A 56 1.08 -0.08 -13.68
CA ALA A 56 2.44 0.22 -13.24
C ALA A 56 2.86 -0.66 -12.07
N ALA A 57 2.10 -0.59 -10.98
CA ALA A 57 2.40 -1.37 -9.78
C ALA A 57 2.60 -2.86 -10.11
N ALA A 58 1.89 -3.32 -11.13
CA ALA A 58 1.99 -4.72 -11.55
C ALA A 58 3.22 -4.96 -12.41
N LEU A 59 3.61 -3.95 -13.19
CA LEU A 59 4.78 -4.06 -14.06
C LEU A 59 6.05 -4.26 -13.25
N ASP A 60 6.31 -3.34 -12.33
CA ASP A 60 7.50 -3.40 -11.49
C ASP A 60 7.57 -4.74 -10.75
N GLY A 61 6.41 -5.23 -10.33
CA GLY A 61 6.35 -6.50 -9.63
C GLY A 61 7.10 -6.47 -8.31
N ARG A 62 7.55 -5.29 -7.91
CA ARG A 62 8.28 -5.14 -6.65
C ARG A 62 7.32 -5.00 -5.48
N ILE A 63 6.03 -5.12 -5.76
CA ILE A 63 5.01 -5.02 -4.72
C ILE A 63 4.34 -6.38 -4.48
N GLU A 64 4.21 -6.73 -3.21
CA GLU A 64 3.59 -8.00 -2.83
C GLU A 64 2.20 -7.77 -2.22
N PRO A 65 1.16 -8.44 -2.77
CA PRO A 65 -0.21 -8.30 -2.27
C PRO A 65 -0.32 -8.60 -0.78
N ASN A 66 -1.50 -8.39 -0.22
CA ASN A 66 -1.73 -8.63 1.21
C ASN A 66 -0.83 -7.74 2.05
N ASP A 67 -0.43 -6.61 1.48
CA ASP A 67 0.44 -5.66 2.18
C ASP A 67 -0.38 -4.56 2.84
N LYS A 68 0.17 -3.96 3.89
CA LYS A 68 -0.52 -2.88 4.60
C LYS A 68 0.07 -1.52 4.25
N ILE A 69 -0.70 -0.73 3.51
CA ILE A 69 -0.27 0.61 3.10
C ILE A 69 -0.19 1.54 4.31
N LEU A 70 0.92 2.27 4.42
CA LEU A 70 1.12 3.19 5.51
C LEU A 70 0.93 4.63 5.06
N ARG A 71 1.79 5.07 4.15
CA ARG A 71 1.72 6.43 3.63
C ARG A 71 2.23 6.51 2.19
N VAL A 72 1.49 7.25 1.36
CA VAL A 72 1.85 7.44 -0.04
C VAL A 72 2.75 8.66 -0.18
N ASP A 73 3.31 8.86 -1.37
CA ASP A 73 4.18 10.00 -1.63
C ASP A 73 3.56 11.31 -1.14
N ASP A 74 4.13 11.85 -0.06
CA ASP A 74 3.68 13.12 0.51
C ASP A 74 2.20 13.07 0.92
N VAL A 75 1.60 11.89 0.84
CA VAL A 75 0.19 11.74 1.21
C VAL A 75 -0.04 10.47 2.03
N ASN A 76 -0.12 10.62 3.35
CA ASN A 76 -0.35 9.49 4.23
C ASN A 76 -1.78 8.97 4.11
N VAL A 77 -1.98 7.68 4.38
CA VAL A 77 -3.30 7.09 4.29
C VAL A 77 -3.73 6.50 5.64
N GLN A 78 -3.18 7.04 6.72
CA GLN A 78 -3.49 6.58 8.06
C GLN A 78 -4.67 7.35 8.65
N GLY A 79 -5.54 7.85 7.78
CA GLY A 79 -6.69 8.61 8.24
C GLY A 79 -7.63 9.00 7.12
N MET A 80 -7.54 8.30 5.99
CA MET A 80 -8.39 8.59 4.84
C MET A 80 -9.21 7.37 4.45
N ALA A 81 -10.48 7.61 4.11
CA ALA A 81 -11.38 6.53 3.72
C ALA A 81 -10.91 5.88 2.42
N GLN A 82 -11.33 4.63 2.21
CA GLN A 82 -10.95 3.88 1.01
C GLN A 82 -11.09 4.74 -0.25
N SER A 83 -12.19 5.48 -0.34
CA SER A 83 -12.44 6.34 -1.50
C SER A 83 -11.33 7.37 -1.67
N ASP A 84 -11.04 8.11 -0.60
CA ASP A 84 -10.01 9.15 -0.63
C ASP A 84 -8.67 8.58 -1.10
N VAL A 85 -8.36 7.36 -0.66
CA VAL A 85 -7.10 6.72 -1.04
C VAL A 85 -7.03 6.50 -2.54
N VAL A 86 -8.14 6.07 -3.13
CA VAL A 86 -8.20 5.82 -4.57
C VAL A 86 -7.96 7.10 -5.36
N GLU A 87 -8.58 8.20 -4.93
CA GLU A 87 -8.44 9.48 -5.60
C GLU A 87 -6.98 9.91 -5.67
N VAL A 88 -6.28 9.80 -4.55
CA VAL A 88 -4.87 10.18 -4.49
C VAL A 88 -4.05 9.41 -5.52
N LEU A 89 -4.08 8.09 -5.45
CA LEU A 89 -3.34 7.25 -6.37
C LEU A 89 -3.77 7.49 -7.82
N ARG A 90 -4.99 7.99 -7.99
CA ARG A 90 -5.53 8.24 -9.32
C ARG A 90 -5.19 9.66 -9.79
N ASN A 91 -4.71 10.50 -8.87
CA ASN A 91 -4.36 11.88 -9.19
C ASN A 91 -2.85 12.05 -9.29
N ALA A 92 -2.12 11.02 -8.88
CA ALA A 92 -0.66 11.05 -8.91
C ALA A 92 -0.14 11.49 -10.30
N GLY A 93 -0.15 10.56 -11.24
CA GLY A 93 0.32 10.87 -12.59
C GLY A 93 1.77 11.29 -12.60
N ASN A 94 2.49 10.95 -11.54
CA ASN A 94 3.90 11.29 -11.41
C ASN A 94 4.66 10.20 -10.63
N PRO A 95 6.01 10.25 -10.61
CA PRO A 95 6.82 9.28 -9.87
C PRO A 95 6.59 9.38 -8.36
N VAL A 96 5.66 8.58 -7.85
CA VAL A 96 5.33 8.58 -6.43
C VAL A 96 5.96 7.41 -5.69
N ARG A 97 6.19 7.61 -4.40
CA ARG A 97 6.79 6.58 -3.55
C ARG A 97 5.69 5.86 -2.77
N LEU A 98 5.89 4.57 -2.57
CA LEU A 98 4.91 3.75 -1.84
C LEU A 98 5.54 3.16 -0.57
N LEU A 99 5.21 3.74 0.58
CA LEU A 99 5.74 3.26 1.85
C LEU A 99 4.74 2.34 2.54
N LEU A 100 5.01 1.04 2.50
CA LEU A 100 4.12 0.06 3.10
C LEU A 100 4.91 -0.96 3.92
N ILE A 101 4.23 -1.63 4.84
CA ILE A 101 4.86 -2.64 5.68
C ILE A 101 4.43 -4.04 5.23
N ARG A 102 5.39 -4.95 5.14
CA ARG A 102 5.10 -6.31 4.70
C ARG A 102 5.66 -7.34 5.69
N ARG A 103 4.83 -8.31 6.04
CA ARG A 103 5.24 -9.37 6.97
C ARG A 103 5.96 -10.49 6.23
N LEU A 104 6.98 -11.04 6.86
CA LEU A 104 7.76 -12.12 6.27
C LEU A 104 7.11 -13.48 6.55
N PRO A 105 7.31 -14.47 5.66
CA PRO A 105 6.74 -15.81 5.82
C PRO A 105 7.53 -16.65 6.82
N LEU A 106 7.58 -16.16 8.06
CA LEU A 106 8.29 -16.84 9.13
C LEU A 106 7.73 -18.24 9.36
N LEU A 107 8.51 -19.25 9.02
CA LEU A 107 8.10 -20.64 9.19
C LEU A 107 8.76 -21.25 10.41
N GLU A 108 8.03 -21.28 11.53
CA GLU A 108 8.55 -21.83 12.78
C GLU A 108 9.82 -21.11 13.22
N GLY A 1 16.01 2.17 3.53
CA GLY A 1 15.81 0.74 3.88
C GLY A 1 16.45 0.38 5.21
N SER A 2 17.31 1.25 5.70
CA SER A 2 18.00 1.03 6.98
C SER A 2 17.39 1.89 8.08
N HIS A 3 16.62 2.89 7.67
CA HIS A 3 15.99 3.80 8.62
C HIS A 3 14.80 3.13 9.31
N GLY A 4 14.74 3.26 10.63
CA GLY A 4 13.66 2.67 11.40
C GLY A 4 13.79 1.16 11.52
N TYR A 5 12.75 0.45 11.11
CA TYR A 5 12.76 -1.02 11.17
C TYR A 5 13.50 -1.62 10.00
N SER A 6 14.29 -2.66 10.25
CA SER A 6 15.05 -3.33 9.22
C SER A 6 15.07 -4.84 9.42
N ASP A 7 14.09 -5.51 8.82
CA ASP A 7 13.96 -6.96 8.92
C ASP A 7 13.91 -7.41 10.39
N ALA A 8 12.70 -7.43 10.96
CA ALA A 8 12.52 -7.82 12.34
C ALA A 8 11.28 -8.70 12.49
N SER A 9 11.50 -9.96 12.86
CA SER A 9 10.40 -10.91 13.03
C SER A 9 9.53 -10.98 11.78
N GLY A 10 10.15 -10.78 10.63
CA GLY A 10 9.42 -10.83 9.37
C GLY A 10 8.94 -9.45 8.94
N PHE A 11 8.34 -8.71 9.87
CA PHE A 11 7.83 -7.39 9.58
C PHE A 11 8.94 -6.45 9.15
N SER A 12 9.09 -6.27 7.85
CA SER A 12 10.11 -5.39 7.29
C SER A 12 9.48 -4.28 6.46
N LEU A 13 10.10 -3.11 6.46
CA LEU A 13 9.59 -1.97 5.71
C LEU A 13 10.07 -2.00 4.27
N TYR A 14 9.13 -2.02 3.33
CA TYR A 14 9.46 -2.05 1.92
C TYR A 14 9.01 -0.76 1.23
N SER A 15 9.75 -0.36 0.19
CA SER A 15 9.44 0.86 -0.54
C SER A 15 9.75 0.71 -2.02
N VAL A 16 8.85 1.19 -2.87
CA VAL A 16 9.02 1.12 -4.30
C VAL A 16 8.64 2.45 -4.96
N GLU A 17 9.50 2.94 -5.84
CA GLU A 17 9.27 4.20 -6.52
C GLU A 17 8.56 3.98 -7.86
N LEU A 18 7.43 4.65 -8.04
CA LEU A 18 6.66 4.55 -9.27
C LEU A 18 6.53 5.92 -9.94
N PHE A 19 6.39 5.90 -11.26
CA PHE A 19 6.26 7.14 -12.02
C PHE A 19 4.97 7.12 -12.84
N ARG A 20 3.98 7.90 -12.42
CA ARG A 20 2.71 7.95 -13.14
C ARG A 20 2.67 9.15 -14.07
N GLU A 21 2.39 8.90 -15.34
CA GLU A 21 2.31 9.95 -16.34
C GLU A 21 1.18 9.70 -17.33
N LYS A 22 0.98 8.43 -17.66
CA LYS A 22 -0.07 8.03 -18.59
C LYS A 22 -1.45 8.26 -18.00
N ASP A 23 -2.45 8.46 -18.86
CA ASP A 23 -3.81 8.70 -18.41
C ASP A 23 -4.54 7.38 -18.13
N THR A 24 -3.96 6.56 -17.26
CA THR A 24 -4.56 5.28 -16.91
C THR A 24 -5.46 5.41 -15.68
N SER A 25 -5.23 6.46 -14.91
CA SER A 25 -6.02 6.73 -13.71
C SER A 25 -5.95 5.56 -12.73
N SER A 26 -4.95 4.71 -12.89
CA SER A 26 -4.78 3.54 -12.02
C SER A 26 -3.32 3.11 -11.98
N LEU A 27 -2.86 2.71 -10.80
CA LEU A 27 -1.47 2.25 -10.63
C LEU A 27 -1.42 0.74 -10.43
N GLY A 28 -2.58 0.15 -10.14
CA GLY A 28 -2.63 -1.29 -9.93
C GLY A 28 -2.85 -1.66 -8.48
N ILE A 29 -3.22 -0.68 -7.66
CA ILE A 29 -3.47 -0.92 -6.23
C ILE A 29 -4.95 -1.12 -5.96
N SER A 30 -5.30 -2.34 -5.54
CA SER A 30 -6.69 -2.66 -5.24
C SER A 30 -6.87 -2.95 -3.75
N ILE A 31 -7.43 -1.98 -3.04
CA ILE A 31 -7.65 -2.13 -1.61
C ILE A 31 -9.11 -2.45 -1.30
N SER A 32 -9.34 -3.23 -0.25
CA SER A 32 -10.69 -3.62 0.15
C SER A 32 -11.04 -3.01 1.50
N GLY A 33 -12.21 -2.39 1.58
CA GLY A 33 -12.65 -1.78 2.82
C GLY A 33 -12.86 -2.79 3.93
N MET A 34 -12.32 -2.51 5.11
CA MET A 34 -12.44 -3.40 6.25
C MET A 34 -13.32 -2.79 7.33
N ARG A 35 -14.62 -3.01 7.24
CA ARG A 35 -15.57 -2.49 8.21
C ARG A 35 -16.79 -3.40 8.34
N ASP A 36 -16.63 -4.51 9.05
CA ASP A 36 -17.71 -5.46 9.25
C ASP A 36 -18.89 -4.81 9.93
N GLN A 37 -20.08 -5.36 9.70
CA GLN A 37 -21.31 -4.83 10.29
C GLN A 37 -21.62 -5.54 11.62
N SER A 38 -20.62 -6.24 12.15
CA SER A 38 -20.79 -6.95 13.41
C SER A 38 -19.54 -6.81 14.28
N THR A 39 -18.81 -5.71 14.09
CA THR A 39 -17.60 -5.46 14.85
C THR A 39 -17.91 -5.26 16.33
N THR A 40 -17.07 -5.84 17.19
CA THR A 40 -17.25 -5.74 18.63
C THR A 40 -16.41 -4.61 19.20
N GLY A 41 -15.58 -3.99 18.36
CA GLY A 41 -14.73 -2.91 18.79
C GLY A 41 -14.15 -2.13 17.63
N GLU A 42 -12.83 -1.91 17.68
CA GLU A 42 -12.14 -1.17 16.62
C GLU A 42 -11.30 -2.12 15.77
N ALA A 43 -11.50 -2.07 14.46
CA ALA A 43 -10.76 -2.91 13.54
C ALA A 43 -10.87 -2.40 12.10
N THR A 44 -10.07 -1.38 11.78
CA THR A 44 -10.08 -0.80 10.44
C THR A 44 -8.67 -0.48 9.96
N GLY A 45 -8.49 -0.42 8.64
CA GLY A 45 -7.19 -0.13 8.07
C GLY A 45 -7.13 -0.41 6.58
N ILE A 46 -6.24 0.29 5.88
CA ILE A 46 -6.09 0.12 4.45
C ILE A 46 -5.04 -0.95 4.13
N TYR A 47 -5.39 -1.88 3.25
CA TYR A 47 -4.47 -2.95 2.88
C TYR A 47 -4.76 -3.46 1.47
N VAL A 48 -3.70 -3.64 0.68
CA VAL A 48 -3.83 -4.13 -0.69
C VAL A 48 -4.23 -5.59 -0.70
N LYS A 49 -5.45 -5.86 -1.17
CA LYS A 49 -5.97 -7.22 -1.24
C LYS A 49 -5.60 -7.89 -2.56
N SER A 50 -5.45 -7.08 -3.60
CA SER A 50 -5.09 -7.59 -4.92
C SER A 50 -4.43 -6.52 -5.77
N LEU A 51 -3.90 -6.93 -6.93
CA LEU A 51 -3.24 -6.01 -7.84
C LEU A 51 -3.80 -6.15 -9.26
N ILE A 52 -3.74 -5.07 -10.02
CA ILE A 52 -4.24 -5.07 -11.38
C ILE A 52 -3.19 -5.61 -12.35
N PRO A 53 -3.44 -6.78 -12.97
CA PRO A 53 -2.50 -7.40 -13.91
C PRO A 53 -2.18 -6.50 -15.09
N GLY A 54 -0.88 -6.36 -15.40
CA GLY A 54 -0.46 -5.54 -16.51
C GLY A 54 -0.33 -4.08 -16.14
N SER A 55 -0.39 -3.78 -14.84
CA SER A 55 -0.26 -2.41 -14.37
C SER A 55 1.15 -2.13 -13.87
N ALA A 56 1.43 -0.85 -13.59
CA ALA A 56 2.75 -0.44 -13.12
C ALA A 56 3.14 -1.19 -11.85
N ALA A 57 2.28 -1.11 -10.84
CA ALA A 57 2.52 -1.79 -9.56
C ALA A 57 2.93 -3.24 -9.76
N ALA A 58 2.22 -3.94 -10.65
CA ALA A 58 2.51 -5.33 -10.92
C ALA A 58 3.86 -5.51 -11.60
N LEU A 59 4.24 -4.53 -12.42
CA LEU A 59 5.53 -4.58 -13.13
C LEU A 59 6.70 -4.51 -12.16
N ASP A 60 6.52 -3.77 -11.07
CA ASP A 60 7.57 -3.63 -10.06
C ASP A 60 7.97 -4.99 -9.51
N GLY A 61 6.96 -5.79 -9.16
CA GLY A 61 7.22 -7.11 -8.61
C GLY A 61 7.44 -7.09 -7.11
N ARG A 62 8.04 -6.01 -6.62
CA ARG A 62 8.31 -5.87 -5.19
C ARG A 62 7.01 -5.72 -4.41
N ILE A 63 5.95 -5.30 -5.09
CA ILE A 63 4.66 -5.12 -4.47
C ILE A 63 3.80 -6.37 -4.63
N GLU A 64 3.48 -7.02 -3.51
CA GLU A 64 2.67 -8.23 -3.53
C GLU A 64 1.38 -8.01 -2.74
N PRO A 65 0.33 -8.83 -3.00
CA PRO A 65 -0.95 -8.72 -2.30
C PRO A 65 -0.81 -8.89 -0.80
N ASN A 66 -1.92 -8.77 -0.07
CA ASN A 66 -1.92 -8.91 1.38
C ASN A 66 -0.92 -7.96 2.02
N ASP A 67 -0.78 -6.77 1.42
CA ASP A 67 0.16 -5.77 1.93
C ASP A 67 -0.58 -4.70 2.73
N LYS A 68 0.12 -4.08 3.67
CA LYS A 68 -0.49 -3.04 4.50
C LYS A 68 0.10 -1.68 4.16
N ILE A 69 -0.59 -0.93 3.30
CA ILE A 69 -0.14 0.38 2.89
C ILE A 69 -0.05 1.33 4.08
N LEU A 70 1.07 2.04 4.19
CA LEU A 70 1.27 2.98 5.29
C LEU A 70 1.02 4.40 4.83
N ARG A 71 1.85 4.90 3.91
CA ARG A 71 1.70 6.25 3.42
C ARG A 71 2.20 6.40 1.99
N VAL A 72 1.41 7.08 1.16
CA VAL A 72 1.75 7.32 -0.23
C VAL A 72 2.59 8.60 -0.34
N ASP A 73 3.15 8.84 -1.53
CA ASP A 73 3.96 10.02 -1.76
C ASP A 73 3.28 11.29 -1.22
N ASP A 74 3.96 11.93 -0.25
CA ASP A 74 3.46 13.16 0.38
C ASP A 74 1.99 13.07 0.79
N VAL A 75 1.47 11.85 0.91
CA VAL A 75 0.08 11.64 1.31
C VAL A 75 -0.07 10.35 2.10
N ASN A 76 -0.15 10.49 3.43
CA ASN A 76 -0.30 9.34 4.31
C ASN A 76 -1.74 8.82 4.27
N VAL A 77 -1.90 7.50 4.35
CA VAL A 77 -3.21 6.88 4.33
C VAL A 77 -3.51 6.15 5.64
N GLN A 78 -2.94 6.65 6.73
CA GLN A 78 -3.15 6.05 8.04
C GLN A 78 -4.36 6.66 8.75
N GLY A 79 -5.43 6.87 8.00
CA GLY A 79 -6.63 7.43 8.57
C GLY A 79 -7.54 8.09 7.54
N MET A 80 -7.44 7.64 6.29
CA MET A 80 -8.26 8.20 5.22
C MET A 80 -9.17 7.14 4.62
N ALA A 81 -10.41 7.53 4.35
CA ALA A 81 -11.39 6.61 3.78
C ALA A 81 -10.92 6.06 2.44
N GLN A 82 -11.51 4.95 2.01
CA GLN A 82 -11.14 4.32 0.75
C GLN A 82 -11.24 5.32 -0.41
N SER A 83 -12.43 5.90 -0.59
CA SER A 83 -12.66 6.87 -1.66
C SER A 83 -11.59 7.95 -1.66
N ASP A 84 -11.09 8.30 -0.48
CA ASP A 84 -10.06 9.32 -0.36
C ASP A 84 -8.73 8.85 -0.94
N VAL A 85 -8.34 7.63 -0.59
CA VAL A 85 -7.10 7.05 -1.09
C VAL A 85 -7.14 6.86 -2.60
N VAL A 86 -8.35 6.64 -3.11
CA VAL A 86 -8.55 6.44 -4.55
C VAL A 86 -8.23 7.69 -5.33
N GLU A 87 -8.93 8.79 -5.02
CA GLU A 87 -8.71 10.05 -5.71
C GLU A 87 -7.24 10.46 -5.65
N VAL A 88 -6.59 10.18 -4.53
CA VAL A 88 -5.18 10.52 -4.35
C VAL A 88 -4.33 9.88 -5.44
N LEU A 89 -4.43 8.56 -5.56
CA LEU A 89 -3.66 7.82 -6.56
C LEU A 89 -3.96 8.34 -7.98
N ARG A 90 -5.15 8.88 -8.16
CA ARG A 90 -5.55 9.40 -9.48
C ARG A 90 -5.10 10.85 -9.65
N ASN A 91 -4.78 11.51 -8.55
CA ASN A 91 -4.35 12.91 -8.59
C ASN A 91 -2.83 12.99 -8.71
N ALA A 92 -2.15 11.87 -8.48
CA ALA A 92 -0.70 11.79 -8.56
C ALA A 92 -0.19 12.40 -9.87
N GLY A 93 -0.17 11.58 -10.92
CA GLY A 93 0.30 12.06 -12.21
C GLY A 93 1.77 12.45 -12.19
N ASN A 94 2.48 12.00 -11.17
CA ASN A 94 3.90 12.31 -11.01
C ASN A 94 4.65 11.15 -10.36
N PRO A 95 6.00 11.22 -10.28
CA PRO A 95 6.80 10.17 -9.63
C PRO A 95 6.45 10.03 -8.15
N VAL A 96 5.51 9.13 -7.86
CA VAL A 96 5.07 8.91 -6.49
C VAL A 96 5.79 7.72 -5.85
N ARG A 97 6.05 7.83 -4.55
CA ARG A 97 6.71 6.78 -3.81
C ARG A 97 5.68 6.01 -2.99
N LEU A 98 5.88 4.70 -2.89
CA LEU A 98 4.96 3.84 -2.16
C LEU A 98 5.61 3.26 -0.91
N LEU A 99 5.22 3.76 0.25
CA LEU A 99 5.77 3.26 1.51
C LEU A 99 4.80 2.28 2.16
N LEU A 100 5.07 0.99 2.00
CA LEU A 100 4.21 -0.05 2.56
C LEU A 100 5.03 -1.05 3.38
N ILE A 101 4.33 -1.83 4.19
CA ILE A 101 4.98 -2.84 5.04
C ILE A 101 4.52 -4.25 4.68
N ARG A 102 5.46 -5.19 4.66
CA ARG A 102 5.17 -6.57 4.33
C ARG A 102 5.77 -7.52 5.37
N ARG A 103 4.99 -8.49 5.80
CA ARG A 103 5.45 -9.46 6.79
C ARG A 103 5.94 -10.73 6.11
N LEU A 104 7.07 -11.25 6.58
CA LEU A 104 7.65 -12.47 6.02
C LEU A 104 7.07 -13.71 6.71
N PRO A 105 6.95 -14.83 5.98
CA PRO A 105 6.41 -16.07 6.53
C PRO A 105 7.46 -16.84 7.33
N LEU A 106 7.96 -16.20 8.37
CA LEU A 106 8.96 -16.79 9.24
C LEU A 106 8.30 -17.53 10.40
N LEU A 107 8.17 -18.85 10.25
CA LEU A 107 7.57 -19.68 11.28
C LEU A 107 8.64 -20.40 12.10
N GLU A 108 8.21 -21.12 13.12
CA GLU A 108 9.14 -21.85 13.98
C GLU A 108 8.40 -22.94 14.77
N GLY A 1 11.44 8.16 17.75
CA GLY A 1 11.19 6.92 18.54
C GLY A 1 10.38 5.89 17.78
N SER A 2 9.25 6.32 17.22
CA SER A 2 8.39 5.43 16.46
C SER A 2 8.95 5.19 15.06
N HIS A 3 8.22 4.42 14.25
CA HIS A 3 8.64 4.12 12.88
C HIS A 3 10.01 3.46 12.87
N GLY A 4 10.20 2.48 13.75
CA GLY A 4 11.47 1.78 13.82
C GLY A 4 11.31 0.31 14.11
N TYR A 5 10.69 -0.41 13.17
CA TYR A 5 10.46 -1.84 13.33
C TYR A 5 11.15 -2.61 12.20
N SER A 6 12.47 -2.51 12.14
CA SER A 6 13.25 -3.19 11.11
C SER A 6 13.63 -4.60 11.56
N ASP A 7 12.89 -5.59 11.07
CA ASP A 7 13.13 -6.98 11.41
C ASP A 7 13.15 -7.18 12.93
N ALA A 8 11.96 -7.14 13.54
CA ALA A 8 11.84 -7.30 14.98
C ALA A 8 11.28 -8.68 15.34
N SER A 9 10.38 -9.18 14.48
CA SER A 9 9.76 -10.48 14.70
C SER A 9 8.82 -10.81 13.54
N GLY A 10 9.18 -10.34 12.36
CA GLY A 10 8.36 -10.59 11.18
C GLY A 10 7.77 -9.32 10.60
N PHE A 11 8.37 -8.18 10.96
CA PHE A 11 7.91 -6.89 10.46
C PHE A 11 9.08 -6.04 9.99
N SER A 12 8.95 -5.46 8.80
CA SER A 12 10.01 -4.62 8.25
C SER A 12 9.44 -3.57 7.31
N LEU A 13 9.97 -2.35 7.40
CA LEU A 13 9.52 -1.25 6.56
C LEU A 13 10.10 -1.37 5.15
N TYR A 14 9.22 -1.48 4.16
CA TYR A 14 9.63 -1.60 2.77
C TYR A 14 9.10 -0.44 1.94
N SER A 15 9.68 -0.24 0.76
CA SER A 15 9.25 0.84 -0.12
C SER A 15 9.50 0.48 -1.58
N VAL A 16 8.62 0.98 -2.45
CA VAL A 16 8.74 0.71 -3.89
C VAL A 16 8.59 2.00 -4.68
N GLU A 17 9.46 2.17 -5.68
CA GLU A 17 9.45 3.37 -6.51
C GLU A 17 8.53 3.18 -7.72
N LEU A 18 7.43 3.94 -7.74
CA LEU A 18 6.48 3.88 -8.84
C LEU A 18 6.39 5.22 -9.55
N PHE A 19 5.78 5.23 -10.73
CA PHE A 19 5.62 6.45 -11.51
C PHE A 19 4.50 6.32 -12.52
N ARG A 20 3.58 7.29 -12.52
CA ARG A 20 2.46 7.29 -13.44
C ARG A 20 2.70 8.23 -14.61
N GLU A 21 3.45 7.76 -15.61
CA GLU A 21 3.76 8.56 -16.78
C GLU A 21 2.81 8.23 -17.93
N LYS A 22 2.16 7.07 -17.83
CA LYS A 22 1.22 6.64 -18.86
C LYS A 22 -0.21 7.02 -18.49
N ASP A 23 -1.00 7.37 -19.50
CA ASP A 23 -2.39 7.76 -19.27
C ASP A 23 -3.28 6.52 -19.10
N THR A 24 -3.12 5.84 -17.97
CA THR A 24 -3.91 4.64 -17.69
C THR A 24 -4.94 4.91 -16.60
N SER A 25 -4.82 6.08 -15.96
CA SER A 25 -5.74 6.48 -14.90
C SER A 25 -5.85 5.39 -13.83
N SER A 26 -4.84 4.53 -13.75
CA SER A 26 -4.83 3.45 -12.77
C SER A 26 -3.40 2.98 -12.50
N LEU A 27 -3.06 2.86 -11.22
CA LEU A 27 -1.73 2.41 -10.81
C LEU A 27 -1.71 0.91 -10.62
N GLY A 28 -2.87 0.34 -10.31
CA GLY A 28 -2.97 -1.10 -10.10
C GLY A 28 -2.97 -1.48 -8.65
N ILE A 29 -3.53 -0.61 -7.80
CA ILE A 29 -3.59 -0.86 -6.37
C ILE A 29 -5.03 -1.14 -5.93
N SER A 30 -5.31 -2.40 -5.59
CA SER A 30 -6.63 -2.80 -5.15
C SER A 30 -6.68 -2.99 -3.65
N ILE A 31 -7.00 -1.91 -2.93
CA ILE A 31 -7.07 -1.95 -1.47
C ILE A 31 -8.47 -2.37 -0.99
N SER A 32 -8.57 -2.71 0.29
CA SER A 32 -9.84 -3.13 0.87
C SER A 32 -9.98 -2.61 2.30
N GLY A 33 -11.16 -2.10 2.63
CA GLY A 33 -11.41 -1.57 3.96
C GLY A 33 -11.33 -2.65 5.03
N MET A 34 -11.14 -2.22 6.28
CA MET A 34 -11.06 -3.15 7.40
C MET A 34 -12.22 -2.95 8.36
N ARG A 35 -13.09 -3.95 8.46
CA ARG A 35 -14.24 -3.90 9.33
C ARG A 35 -14.09 -4.88 10.49
N ASP A 36 -13.67 -4.38 11.65
CA ASP A 36 -13.49 -5.23 12.83
C ASP A 36 -13.78 -4.44 14.11
N GLN A 37 -14.21 -5.16 15.15
CA GLN A 37 -14.53 -4.54 16.42
C GLN A 37 -13.37 -4.70 17.42
N SER A 38 -12.95 -3.59 17.99
CA SER A 38 -11.85 -3.60 18.95
C SER A 38 -12.09 -2.56 20.05
N THR A 39 -12.00 -2.99 21.30
CA THR A 39 -12.20 -2.09 22.43
C THR A 39 -10.89 -1.52 22.94
N THR A 40 -10.99 -0.55 23.86
CA THR A 40 -9.84 0.11 24.46
C THR A 40 -8.78 0.43 23.42
N GLY A 41 -9.23 0.73 22.21
CA GLY A 41 -8.31 1.06 21.13
C GLY A 41 -8.94 0.89 19.77
N GLU A 42 -8.27 1.40 18.74
CA GLU A 42 -8.76 1.30 17.38
C GLU A 42 -8.17 0.09 16.67
N ALA A 43 -8.60 -0.14 15.43
CA ALA A 43 -8.10 -1.27 14.65
C ALA A 43 -8.38 -1.07 13.16
N THR A 44 -8.20 0.16 12.70
CA THR A 44 -8.43 0.47 11.29
C THR A 44 -7.12 0.61 10.53
N GLY A 45 -7.10 0.15 9.29
CA GLY A 45 -5.90 0.23 8.48
C GLY A 45 -6.15 -0.12 7.03
N ILE A 46 -5.37 0.47 6.13
CA ILE A 46 -5.51 0.21 4.71
C ILE A 46 -4.43 -0.76 4.22
N TYR A 47 -4.86 -1.78 3.46
CA TYR A 47 -3.93 -2.77 2.94
C TYR A 47 -4.35 -3.25 1.55
N VAL A 48 -3.38 -3.69 0.76
CA VAL A 48 -3.63 -4.17 -0.58
C VAL A 48 -3.99 -5.65 -0.57
N LYS A 49 -5.16 -5.97 -1.13
CA LYS A 49 -5.62 -7.36 -1.18
C LYS A 49 -5.36 -7.97 -2.56
N SER A 50 -5.31 -7.12 -3.57
CA SER A 50 -5.06 -7.58 -4.94
C SER A 50 -4.38 -6.49 -5.77
N LEU A 51 -3.93 -6.88 -6.96
CA LEU A 51 -3.27 -5.94 -7.86
C LEU A 51 -3.82 -6.07 -9.28
N ILE A 52 -3.85 -4.95 -10.00
CA ILE A 52 -4.35 -4.93 -11.37
C ILE A 52 -3.23 -5.19 -12.37
N PRO A 53 -3.21 -6.39 -13.01
CA PRO A 53 -2.17 -6.74 -13.98
C PRO A 53 -2.16 -5.79 -15.17
N GLY A 54 -0.95 -5.42 -15.60
CA GLY A 54 -0.81 -4.52 -16.73
C GLY A 54 -0.59 -3.09 -16.31
N SER A 55 -0.78 -2.81 -15.02
CA SER A 55 -0.59 -1.46 -14.50
C SER A 55 0.85 -1.24 -14.05
N ALA A 56 1.11 -0.07 -13.48
CA ALA A 56 2.46 0.27 -13.01
C ALA A 56 2.86 -0.60 -11.82
N ALA A 57 2.09 -0.54 -10.75
CA ALA A 57 2.37 -1.29 -9.54
C ALA A 57 2.54 -2.79 -9.84
N ALA A 58 1.82 -3.26 -10.85
CA ALA A 58 1.88 -4.67 -11.23
C ALA A 58 3.17 -4.98 -11.98
N LEU A 59 3.48 -4.17 -13.00
CA LEU A 59 4.67 -4.37 -13.81
C LEU A 59 5.93 -4.20 -12.96
N ASP A 60 5.80 -3.53 -11.82
CA ASP A 60 6.92 -3.31 -10.93
C ASP A 60 7.54 -4.63 -10.48
N GLY A 61 6.71 -5.50 -9.90
CA GLY A 61 7.18 -6.79 -9.45
C GLY A 61 7.44 -6.82 -7.95
N ARG A 62 8.08 -5.79 -7.43
CA ARG A 62 8.39 -5.70 -6.01
C ARG A 62 7.11 -5.71 -5.17
N ILE A 63 6.02 -5.19 -5.74
CA ILE A 63 4.75 -5.14 -5.03
C ILE A 63 3.98 -6.45 -5.19
N GLU A 64 3.89 -7.22 -4.11
CA GLU A 64 3.18 -8.49 -4.13
C GLU A 64 1.91 -8.41 -3.28
N PRO A 65 0.79 -8.99 -3.75
CA PRO A 65 -0.48 -8.97 -3.02
C PRO A 65 -0.32 -9.34 -1.54
N ASN A 66 -1.35 -9.06 -0.75
CA ASN A 66 -1.33 -9.33 0.68
C ASN A 66 -0.26 -8.50 1.38
N ASP A 67 -0.32 -7.19 1.18
CA ASP A 67 0.63 -6.28 1.80
C ASP A 67 -0.09 -5.16 2.53
N LYS A 68 0.60 -4.48 3.45
CA LYS A 68 -0.01 -3.40 4.19
C LYS A 68 0.56 -2.04 3.79
N ILE A 69 -0.30 -1.13 3.35
CA ILE A 69 0.12 0.19 2.94
C ILE A 69 0.09 1.15 4.12
N LEU A 70 1.03 2.10 4.13
CA LEU A 70 1.12 3.08 5.21
C LEU A 70 0.85 4.49 4.69
N ARG A 71 1.76 4.98 3.85
CA ARG A 71 1.61 6.33 3.30
C ARG A 71 2.23 6.45 1.91
N VAL A 72 1.50 7.14 1.03
CA VAL A 72 1.96 7.38 -0.34
C VAL A 72 2.87 8.61 -0.37
N ASP A 73 3.44 8.90 -1.53
CA ASP A 73 4.33 10.05 -1.67
C ASP A 73 3.71 11.32 -1.06
N ASP A 74 4.26 11.75 0.07
CA ASP A 74 3.80 12.95 0.77
C ASP A 74 2.29 12.94 1.02
N VAL A 75 1.67 11.76 0.95
CA VAL A 75 0.24 11.64 1.18
C VAL A 75 -0.11 10.33 1.86
N ASN A 76 -0.37 10.38 3.16
CA ASN A 76 -0.72 9.18 3.93
C ASN A 76 -2.02 8.59 3.42
N VAL A 77 -2.19 7.28 3.58
CA VAL A 77 -3.40 6.60 3.13
C VAL A 77 -3.82 5.49 4.10
N GLN A 78 -3.89 5.83 5.38
CA GLN A 78 -4.31 4.86 6.39
C GLN A 78 -5.14 5.54 7.47
N GLY A 79 -5.72 6.69 7.11
CA GLY A 79 -6.55 7.42 8.04
C GLY A 79 -7.74 8.07 7.36
N MET A 80 -7.80 7.94 6.04
CA MET A 80 -8.89 8.52 5.26
C MET A 80 -9.81 7.43 4.74
N ALA A 81 -10.91 7.84 4.12
CA ALA A 81 -11.89 6.89 3.58
C ALA A 81 -11.31 6.15 2.37
N GLN A 82 -11.98 5.07 1.98
CA GLN A 82 -11.53 4.28 0.84
C GLN A 82 -11.46 5.13 -0.43
N SER A 83 -12.59 5.72 -0.80
CA SER A 83 -12.67 6.56 -2.00
C SER A 83 -11.59 7.63 -2.00
N ASP A 84 -11.33 8.19 -0.83
CA ASP A 84 -10.31 9.24 -0.69
C ASP A 84 -8.96 8.74 -1.17
N VAL A 85 -8.60 7.53 -0.74
CA VAL A 85 -7.34 6.93 -1.14
C VAL A 85 -7.25 6.76 -2.65
N VAL A 86 -8.37 6.39 -3.26
CA VAL A 86 -8.42 6.20 -4.71
C VAL A 86 -8.16 7.51 -5.45
N GLU A 87 -8.70 8.60 -4.92
CA GLU A 87 -8.52 9.91 -5.52
C GLU A 87 -7.04 10.26 -5.61
N VAL A 88 -6.34 10.16 -4.49
CA VAL A 88 -4.91 10.47 -4.43
C VAL A 88 -4.14 9.71 -5.50
N LEU A 89 -4.32 8.39 -5.52
CA LEU A 89 -3.63 7.54 -6.48
C LEU A 89 -3.94 7.94 -7.92
N ARG A 90 -5.15 8.46 -8.12
CA ARG A 90 -5.58 8.88 -9.46
C ARG A 90 -5.12 10.31 -9.75
N ASN A 91 -4.70 11.03 -8.72
CA ASN A 91 -4.25 12.40 -8.87
C ASN A 91 -2.73 12.45 -9.06
N ALA A 92 -2.07 11.35 -8.77
CA ALA A 92 -0.61 11.26 -8.92
C ALA A 92 -0.16 11.72 -10.30
N GLY A 93 -0.20 10.81 -11.26
CA GLY A 93 0.21 11.15 -12.62
C GLY A 93 1.69 11.51 -12.70
N ASN A 94 2.42 11.21 -11.63
CA ASN A 94 3.85 11.51 -11.57
C ASN A 94 4.59 10.45 -10.76
N PRO A 95 5.95 10.47 -10.77
CA PRO A 95 6.75 9.52 -9.99
C PRO A 95 6.48 9.65 -8.50
N VAL A 96 5.76 8.67 -7.95
CA VAL A 96 5.42 8.67 -6.53
C VAL A 96 6.09 7.52 -5.79
N ARG A 97 6.29 7.71 -4.49
CA ARG A 97 6.90 6.69 -3.65
C ARG A 97 5.83 5.98 -2.84
N LEU A 98 5.99 4.67 -2.67
CA LEU A 98 5.03 3.88 -1.92
C LEU A 98 5.66 3.28 -0.66
N LEU A 99 5.26 3.79 0.49
CA LEU A 99 5.78 3.29 1.77
C LEU A 99 4.82 2.27 2.37
N LEU A 100 5.18 0.99 2.25
CA LEU A 100 4.35 -0.10 2.76
C LEU A 100 5.16 -1.05 3.62
N ILE A 101 4.49 -1.73 4.55
CA ILE A 101 5.14 -2.68 5.43
C ILE A 101 4.80 -4.12 5.02
N ARG A 102 5.81 -4.98 5.02
CA ARG A 102 5.64 -6.37 4.66
C ARG A 102 5.97 -7.27 5.84
N ARG A 103 5.25 -8.39 5.94
CA ARG A 103 5.48 -9.32 7.04
C ARG A 103 6.46 -10.42 6.64
N LEU A 104 7.63 -10.41 7.27
CA LEU A 104 8.66 -11.39 6.98
C LEU A 104 8.43 -12.68 7.78
N PRO A 105 8.69 -13.84 7.18
CA PRO A 105 8.50 -15.14 7.83
C PRO A 105 9.70 -15.51 8.69
N LEU A 106 9.49 -16.42 9.64
CA LEU A 106 10.55 -16.87 10.53
C LEU A 106 10.49 -18.38 10.71
N LEU A 107 11.53 -19.08 10.26
CA LEU A 107 11.60 -20.52 10.37
C LEU A 107 11.64 -20.95 11.83
N GLU A 108 10.66 -21.75 12.24
CA GLU A 108 10.57 -22.23 13.61
C GLU A 108 11.26 -23.60 13.75
N GLY A 1 18.93 4.81 17.17
CA GLY A 1 19.33 5.00 15.75
C GLY A 1 18.31 4.43 14.77
N SER A 2 18.74 4.20 13.53
CA SER A 2 17.87 3.65 12.51
C SER A 2 16.68 4.58 12.25
N HIS A 3 15.81 4.16 11.34
CA HIS A 3 14.62 4.95 11.00
C HIS A 3 13.38 4.07 10.93
N GLY A 4 12.83 3.75 12.10
CA GLY A 4 11.65 2.91 12.16
C GLY A 4 11.97 1.47 12.47
N TYR A 5 10.93 0.65 12.66
CA TYR A 5 11.11 -0.76 12.97
C TYR A 5 11.70 -1.51 11.78
N SER A 6 13.02 -1.59 11.73
CA SER A 6 13.71 -2.29 10.64
C SER A 6 14.03 -3.73 11.03
N ASP A 7 13.33 -4.67 10.40
CA ASP A 7 13.53 -6.09 10.68
C ASP A 7 13.31 -6.40 12.16
N ALA A 8 12.19 -5.93 12.69
CA ALA A 8 11.85 -6.15 14.09
C ALA A 8 10.70 -7.14 14.23
N SER A 9 11.00 -8.32 14.75
CA SER A 9 9.99 -9.36 14.94
C SER A 9 9.32 -9.71 13.61
N GLY A 10 10.05 -9.52 12.52
CA GLY A 10 9.50 -9.83 11.21
C GLY A 10 9.03 -8.59 10.48
N PHE A 11 8.45 -7.64 11.21
CA PHE A 11 7.95 -6.41 10.63
C PHE A 11 9.09 -5.60 10.02
N SER A 12 9.14 -5.56 8.69
CA SER A 12 10.17 -4.82 7.98
C SER A 12 9.54 -3.76 7.10
N LEU A 13 10.10 -2.55 7.14
CA LEU A 13 9.60 -1.44 6.34
C LEU A 13 10.04 -1.58 4.89
N TYR A 14 9.07 -1.64 3.99
CA TYR A 14 9.34 -1.77 2.56
C TYR A 14 8.91 -0.52 1.81
N SER A 15 9.53 -0.28 0.66
CA SER A 15 9.22 0.89 -0.16
C SER A 15 9.48 0.62 -1.63
N VAL A 16 8.51 0.99 -2.47
CA VAL A 16 8.63 0.79 -3.91
C VAL A 16 8.26 2.06 -4.66
N GLU A 17 9.14 2.50 -5.56
CA GLU A 17 8.90 3.71 -6.34
C GLU A 17 8.22 3.40 -7.66
N LEU A 18 7.03 3.97 -7.85
CA LEU A 18 6.27 3.77 -9.07
C LEU A 18 6.03 5.11 -9.78
N PHE A 19 6.65 5.27 -10.94
CA PHE A 19 6.51 6.50 -11.72
C PHE A 19 5.19 6.52 -12.48
N ARG A 20 4.31 7.45 -12.12
CA ARG A 20 3.02 7.57 -12.80
C ARG A 20 3.06 8.71 -13.82
N GLU A 21 3.14 8.36 -15.10
CA GLU A 21 3.18 9.35 -16.17
C GLU A 21 2.49 8.82 -17.43
N LYS A 22 1.80 7.70 -17.29
CA LYS A 22 1.10 7.10 -18.42
C LYS A 22 -0.35 7.54 -18.45
N ASP A 23 -0.96 7.48 -19.63
CA ASP A 23 -2.35 7.88 -19.80
C ASP A 23 -3.30 6.74 -19.41
N THR A 24 -3.11 6.22 -18.21
CA THR A 24 -3.93 5.12 -17.71
C THR A 24 -4.66 5.52 -16.43
N SER A 25 -4.04 6.43 -15.67
CA SER A 25 -4.61 6.92 -14.42
C SER A 25 -4.83 5.77 -13.43
N SER A 26 -4.22 4.63 -13.72
CA SER A 26 -4.34 3.46 -12.86
C SER A 26 -2.97 2.96 -12.43
N LEU A 27 -2.82 2.70 -11.14
CA LEU A 27 -1.55 2.21 -10.60
C LEU A 27 -1.62 0.70 -10.34
N GLY A 28 -2.83 0.15 -10.41
CA GLY A 28 -3.01 -1.27 -10.18
C GLY A 28 -3.19 -1.61 -8.72
N ILE A 29 -3.29 -0.59 -7.89
CA ILE A 29 -3.47 -0.77 -6.45
C ILE A 29 -4.93 -0.98 -6.09
N SER A 30 -5.29 -2.20 -5.71
CA SER A 30 -6.66 -2.51 -5.34
C SER A 30 -6.77 -2.86 -3.87
N ILE A 31 -7.20 -1.90 -3.05
CA ILE A 31 -7.32 -2.11 -1.61
C ILE A 31 -8.74 -2.57 -1.26
N SER A 32 -8.85 -3.31 -0.15
CA SER A 32 -10.13 -3.82 0.31
C SER A 32 -10.59 -3.09 1.57
N GLY A 33 -11.86 -2.66 1.57
CA GLY A 33 -12.40 -1.96 2.71
C GLY A 33 -12.38 -2.79 3.98
N MET A 34 -11.50 -2.43 4.91
CA MET A 34 -11.39 -3.15 6.18
C MET A 34 -12.46 -2.70 7.17
N ARG A 35 -13.49 -3.51 7.32
CA ARG A 35 -14.58 -3.20 8.25
C ARG A 35 -14.08 -3.14 9.68
N ASP A 36 -14.85 -2.49 10.55
CA ASP A 36 -14.48 -2.36 11.95
C ASP A 36 -15.27 -3.36 12.81
N GLN A 37 -14.61 -3.91 13.82
CA GLN A 37 -15.23 -4.88 14.71
C GLN A 37 -15.78 -4.21 15.96
N SER A 38 -16.51 -3.12 15.76
CA SER A 38 -17.10 -2.38 16.87
C SER A 38 -16.04 -1.99 17.90
N THR A 39 -15.27 -0.95 17.58
CA THR A 39 -14.22 -0.48 18.48
C THR A 39 -14.25 1.03 18.62
N THR A 40 -14.08 1.52 19.84
CA THR A 40 -14.09 2.95 20.11
C THR A 40 -12.70 3.54 19.95
N GLY A 41 -11.79 2.75 19.39
CA GLY A 41 -10.43 3.22 19.17
C GLY A 41 -10.04 3.25 17.71
N GLU A 42 -11.01 2.96 16.84
CA GLU A 42 -10.78 2.95 15.41
C GLU A 42 -9.66 2.00 15.03
N ALA A 43 -10.01 0.74 14.79
CA ALA A 43 -9.02 -0.27 14.43
C ALA A 43 -9.06 -0.54 12.92
N THR A 44 -9.24 0.52 12.14
CA THR A 44 -9.29 0.41 10.69
C THR A 44 -7.90 0.45 10.09
N GLY A 45 -7.75 -0.15 8.91
CA GLY A 45 -6.47 -0.18 8.24
C GLY A 45 -6.58 -0.42 6.75
N ILE A 46 -5.65 0.15 5.98
CA ILE A 46 -5.65 0.00 4.53
C ILE A 46 -4.51 -0.90 4.08
N TYR A 47 -4.82 -1.88 3.23
CA TYR A 47 -3.82 -2.81 2.74
C TYR A 47 -4.21 -3.38 1.38
N VAL A 48 -3.25 -3.46 0.46
CA VAL A 48 -3.50 -3.98 -0.88
C VAL A 48 -3.90 -5.46 -0.81
N LYS A 49 -5.11 -5.74 -1.30
CA LYS A 49 -5.64 -7.09 -1.29
C LYS A 49 -5.45 -7.75 -2.66
N SER A 50 -5.37 -6.94 -3.70
CA SER A 50 -5.19 -7.45 -5.06
C SER A 50 -4.50 -6.43 -5.95
N LEU A 51 -3.97 -6.89 -7.08
CA LEU A 51 -3.27 -6.03 -8.03
C LEU A 51 -3.90 -6.15 -9.42
N ILE A 52 -3.73 -5.11 -10.22
CA ILE A 52 -4.27 -5.11 -11.58
C ILE A 52 -3.19 -5.46 -12.60
N PRO A 53 -3.33 -6.62 -13.28
CA PRO A 53 -2.35 -7.07 -14.28
C PRO A 53 -2.25 -6.10 -15.46
N GLY A 54 -1.05 -5.55 -15.67
CA GLY A 54 -0.84 -4.61 -16.75
C GLY A 54 -0.65 -3.19 -16.27
N SER A 55 -0.55 -3.03 -14.95
CA SER A 55 -0.37 -1.71 -14.36
C SER A 55 1.06 -1.51 -13.87
N ALA A 56 1.32 -0.40 -13.21
CA ALA A 56 2.65 -0.09 -12.69
C ALA A 56 3.02 -1.04 -11.55
N ALA A 57 2.09 -1.19 -10.61
CA ALA A 57 2.30 -2.05 -9.45
C ALA A 57 2.63 -3.48 -9.87
N ALA A 58 1.92 -3.97 -10.90
CA ALA A 58 2.13 -5.32 -11.38
C ALA A 58 3.46 -5.46 -12.11
N LEU A 59 3.71 -4.60 -13.09
CA LEU A 59 4.94 -4.63 -13.85
C LEU A 59 6.16 -4.41 -12.96
N ASP A 60 5.93 -3.84 -11.78
CA ASP A 60 7.01 -3.58 -10.83
C ASP A 60 7.67 -4.89 -10.39
N GLY A 61 6.86 -5.80 -9.88
CA GLY A 61 7.38 -7.08 -9.43
C GLY A 61 7.45 -7.19 -7.91
N ARG A 62 8.04 -6.19 -7.28
CA ARG A 62 8.17 -6.18 -5.82
C ARG A 62 6.81 -6.01 -5.15
N ILE A 63 5.86 -5.45 -5.87
CA ILE A 63 4.51 -5.25 -5.34
C ILE A 63 3.73 -6.55 -5.31
N GLU A 64 3.25 -6.94 -4.13
CA GLU A 64 2.48 -8.16 -3.97
C GLU A 64 1.02 -7.85 -3.63
N PRO A 65 0.11 -8.80 -3.95
CA PRO A 65 -1.32 -8.63 -3.68
C PRO A 65 -1.68 -8.90 -2.23
N ASN A 66 -0.79 -8.49 -1.32
CA ASN A 66 -1.00 -8.71 0.11
C ASN A 66 0.02 -7.93 0.93
N ASP A 67 -0.17 -6.62 1.02
CA ASP A 67 0.74 -5.76 1.77
C ASP A 67 -0.02 -4.65 2.49
N LYS A 68 0.50 -4.21 3.63
CA LYS A 68 -0.14 -3.15 4.40
C LYS A 68 0.37 -1.77 3.99
N ILE A 69 -0.52 -0.97 3.41
CA ILE A 69 -0.16 0.37 2.98
C ILE A 69 -0.25 1.36 4.14
N LEU A 70 0.74 2.25 4.23
CA LEU A 70 0.78 3.24 5.30
C LEU A 70 0.69 4.65 4.74
N ARG A 71 1.71 5.04 3.98
CA ARG A 71 1.75 6.38 3.41
C ARG A 71 2.10 6.34 1.92
N VAL A 72 1.83 7.45 1.24
CA VAL A 72 2.11 7.58 -0.19
C VAL A 72 2.93 8.85 -0.43
N ASP A 73 3.48 8.98 -1.63
CA ASP A 73 4.30 10.13 -1.99
C ASP A 73 3.71 11.45 -1.48
N ASP A 74 4.36 12.02 -0.46
CA ASP A 74 3.96 13.30 0.14
C ASP A 74 2.52 13.29 0.65
N VAL A 75 1.83 12.17 0.56
CA VAL A 75 0.44 12.08 1.03
C VAL A 75 0.15 10.73 1.66
N ASN A 76 -0.10 10.72 2.97
CA ASN A 76 -0.42 9.48 3.67
C ASN A 76 -1.78 8.97 3.24
N VAL A 77 -2.07 7.71 3.52
CA VAL A 77 -3.35 7.12 3.15
C VAL A 77 -3.95 6.32 4.29
N GLN A 78 -3.25 6.27 5.42
CA GLN A 78 -3.72 5.54 6.58
C GLN A 78 -4.53 6.46 7.49
N GLY A 79 -5.84 6.23 7.54
CA GLY A 79 -6.71 7.04 8.37
C GLY A 79 -7.86 7.65 7.59
N MET A 80 -7.76 7.60 6.26
CA MET A 80 -8.80 8.15 5.39
C MET A 80 -9.64 7.04 4.77
N ALA A 81 -10.85 7.40 4.33
CA ALA A 81 -11.76 6.43 3.72
C ALA A 81 -11.19 5.89 2.41
N GLN A 82 -11.73 4.76 1.95
CA GLN A 82 -11.27 4.14 0.72
C GLN A 82 -11.38 5.12 -0.46
N SER A 83 -12.53 5.78 -0.57
CA SER A 83 -12.75 6.73 -1.64
C SER A 83 -11.64 7.77 -1.71
N ASP A 84 -11.19 8.25 -0.55
CA ASP A 84 -10.13 9.24 -0.49
C ASP A 84 -8.81 8.67 -1.00
N VAL A 85 -8.50 7.45 -0.57
CA VAL A 85 -7.26 6.78 -0.97
C VAL A 85 -7.18 6.65 -2.49
N VAL A 86 -8.30 6.34 -3.13
CA VAL A 86 -8.33 6.19 -4.57
C VAL A 86 -8.12 7.52 -5.28
N GLU A 87 -8.77 8.57 -4.78
CA GLU A 87 -8.63 9.90 -5.36
C GLU A 87 -7.18 10.35 -5.38
N VAL A 88 -6.48 10.11 -4.28
CA VAL A 88 -5.06 10.48 -4.16
C VAL A 88 -4.22 9.76 -5.22
N LEU A 89 -4.30 8.44 -5.22
CA LEU A 89 -3.54 7.62 -6.16
C LEU A 89 -3.76 8.09 -7.60
N ARG A 90 -4.93 8.68 -7.86
CA ARG A 90 -5.26 9.16 -9.19
C ARG A 90 -4.80 10.61 -9.39
N ASN A 91 -4.73 11.36 -8.30
CA ASN A 91 -4.30 12.75 -8.36
C ASN A 91 -2.79 12.84 -8.57
N ALA A 92 -2.11 11.72 -8.36
CA ALA A 92 -0.66 11.66 -8.52
C ALA A 92 -0.24 12.14 -9.92
N GLY A 93 -0.34 11.25 -10.89
CA GLY A 93 0.04 11.60 -12.25
C GLY A 93 1.51 12.00 -12.36
N ASN A 94 2.28 11.63 -11.34
CA ASN A 94 3.71 11.94 -11.29
C ASN A 94 4.48 10.83 -10.58
N PRO A 95 5.84 10.88 -10.61
CA PRO A 95 6.67 9.88 -9.93
C PRO A 95 6.38 9.84 -8.43
N VAL A 96 5.65 8.82 -7.99
CA VAL A 96 5.29 8.68 -6.59
C VAL A 96 5.98 7.49 -5.94
N ARG A 97 6.14 7.55 -4.62
CA ARG A 97 6.76 6.49 -3.85
C ARG A 97 5.73 5.82 -2.95
N LEU A 98 5.87 4.51 -2.77
CA LEU A 98 4.93 3.77 -1.94
C LEU A 98 5.58 3.31 -0.65
N LEU A 99 4.98 3.68 0.48
CA LEU A 99 5.49 3.29 1.79
C LEU A 99 4.57 2.26 2.44
N LEU A 100 4.96 1.00 2.38
CA LEU A 100 4.16 -0.08 2.96
C LEU A 100 5.01 -0.99 3.84
N ILE A 101 4.34 -1.74 4.71
CA ILE A 101 5.01 -2.66 5.61
C ILE A 101 4.62 -4.10 5.32
N ARG A 102 5.58 -5.00 5.43
CA ARG A 102 5.35 -6.42 5.16
C ARG A 102 6.12 -7.29 6.15
N ARG A 103 5.43 -8.27 6.73
CA ARG A 103 6.05 -9.18 7.70
C ARG A 103 6.97 -10.17 6.99
N LEU A 104 8.08 -10.51 7.62
CA LEU A 104 9.03 -11.46 7.04
C LEU A 104 8.66 -12.90 7.39
N PRO A 105 8.81 -13.82 6.44
CA PRO A 105 8.49 -15.24 6.65
C PRO A 105 9.61 -16.00 7.37
N LEU A 106 9.90 -15.57 8.58
CA LEU A 106 10.94 -16.19 9.39
C LEU A 106 10.62 -17.65 9.66
N LEU A 107 11.43 -18.54 9.08
CA LEU A 107 11.23 -19.98 9.26
C LEU A 107 11.56 -20.41 10.68
N GLU A 108 10.63 -21.16 11.30
CA GLU A 108 10.82 -21.64 12.66
C GLU A 108 11.06 -20.48 13.63
N GLY A 1 19.96 0.90 4.05
CA GLY A 1 20.32 -0.24 4.93
C GLY A 1 19.35 -0.40 6.09
N SER A 2 19.16 0.67 6.85
CA SER A 2 18.26 0.66 8.00
C SER A 2 17.14 1.67 7.83
N HIS A 3 16.02 1.42 8.50
CA HIS A 3 14.86 2.30 8.43
C HIS A 3 14.12 2.33 9.77
N GLY A 4 14.57 1.49 10.71
CA GLY A 4 13.93 1.42 12.01
C GLY A 4 13.67 0.00 12.45
N TYR A 5 12.84 -0.71 11.69
CA TYR A 5 12.49 -2.09 12.00
C TYR A 5 13.19 -3.04 11.04
N SER A 6 13.93 -4.01 11.59
CA SER A 6 14.65 -4.98 10.77
C SER A 6 14.33 -6.40 11.21
N ASP A 7 13.36 -7.02 10.54
CA ASP A 7 12.95 -8.39 10.85
C ASP A 7 12.53 -8.52 12.31
N ALA A 8 11.30 -8.10 12.60
CA ALA A 8 10.78 -8.17 13.96
C ALA A 8 9.36 -8.74 13.96
N SER A 9 9.21 -9.93 14.54
CA SER A 9 7.91 -10.60 14.61
C SER A 9 7.33 -10.80 13.21
N GLY A 10 8.19 -10.74 12.20
CA GLY A 10 7.75 -10.92 10.83
C GLY A 10 7.23 -9.64 10.21
N PHE A 11 7.86 -8.53 10.55
CA PHE A 11 7.45 -7.23 10.01
C PHE A 11 8.66 -6.41 9.57
N SER A 12 8.53 -5.76 8.42
CA SER A 12 9.61 -4.95 7.88
C SER A 12 9.06 -3.90 6.91
N LEU A 13 9.62 -2.70 6.99
CA LEU A 13 9.20 -1.60 6.11
C LEU A 13 9.79 -1.76 4.71
N TYR A 14 8.92 -1.74 3.71
CA TYR A 14 9.35 -1.88 2.33
C TYR A 14 8.89 -0.69 1.49
N SER A 15 9.82 -0.11 0.74
CA SER A 15 9.50 1.04 -0.12
C SER A 15 9.79 0.74 -1.58
N VAL A 16 8.90 1.19 -2.46
CA VAL A 16 9.07 0.97 -3.89
C VAL A 16 8.86 2.26 -4.67
N GLU A 17 9.59 2.42 -5.76
CA GLU A 17 9.48 3.62 -6.59
C GLU A 17 8.66 3.36 -7.85
N LEU A 18 7.50 4.01 -7.93
CA LEU A 18 6.63 3.86 -9.10
C LEU A 18 6.49 5.18 -9.84
N PHE A 19 5.96 5.11 -11.07
CA PHE A 19 5.79 6.30 -11.89
C PHE A 19 4.75 6.07 -12.97
N ARG A 20 3.80 7.01 -13.10
CA ARG A 20 2.77 6.88 -14.12
C ARG A 20 2.96 7.91 -15.23
N GLU A 21 2.91 7.44 -16.47
CA GLU A 21 3.08 8.32 -17.63
C GLU A 21 2.04 8.01 -18.68
N LYS A 22 1.09 7.14 -18.33
CA LYS A 22 0.02 6.76 -19.26
C LYS A 22 -1.32 7.26 -18.76
N ASP A 23 -2.31 7.29 -19.66
CA ASP A 23 -3.65 7.77 -19.32
C ASP A 23 -4.49 6.63 -18.76
N THR A 24 -3.89 5.83 -17.87
CA THR A 24 -4.60 4.70 -17.27
C THR A 24 -5.34 5.13 -16.01
N SER A 25 -5.03 6.34 -15.52
CA SER A 25 -5.65 6.89 -14.34
C SER A 25 -5.61 5.90 -13.17
N SER A 26 -4.64 5.00 -13.21
CA SER A 26 -4.49 3.99 -12.15
C SER A 26 -3.07 3.43 -12.13
N LEU A 27 -2.64 2.97 -10.96
CA LEU A 27 -1.30 2.41 -10.80
C LEU A 27 -1.37 0.90 -10.63
N GLY A 28 -2.57 0.37 -10.38
CA GLY A 28 -2.74 -1.05 -10.20
C GLY A 28 -2.84 -1.46 -8.74
N ILE A 29 -3.16 -0.49 -7.89
CA ILE A 29 -3.29 -0.76 -6.46
C ILE A 29 -4.76 -0.96 -6.08
N SER A 30 -5.11 -2.18 -5.69
CA SER A 30 -6.48 -2.51 -5.32
C SER A 30 -6.58 -2.77 -3.82
N ILE A 31 -7.07 -1.78 -3.09
CA ILE A 31 -7.24 -1.88 -1.64
C ILE A 31 -8.63 -2.40 -1.29
N SER A 32 -8.79 -2.85 -0.06
CA SER A 32 -10.07 -3.37 0.41
C SER A 32 -10.26 -3.09 1.89
N GLY A 33 -11.52 -3.07 2.33
CA GLY A 33 -11.80 -2.80 3.73
C GLY A 33 -12.45 -3.99 4.42
N MET A 34 -11.65 -4.70 5.22
CA MET A 34 -12.13 -5.86 5.95
C MET A 34 -13.21 -5.46 6.97
N ARG A 35 -14.25 -6.28 7.06
CA ARG A 35 -15.34 -6.00 7.98
C ARG A 35 -15.63 -7.22 8.86
N ASP A 36 -14.57 -7.84 9.36
CA ASP A 36 -14.70 -9.02 10.22
C ASP A 36 -14.22 -8.72 11.63
N GLN A 37 -14.93 -9.25 12.62
CA GLN A 37 -14.57 -9.05 14.02
C GLN A 37 -13.79 -10.24 14.56
N SER A 38 -12.50 -10.01 14.82
CA SER A 38 -11.63 -11.07 15.34
C SER A 38 -11.19 -10.75 16.77
N THR A 39 -11.30 -11.75 17.64
CA THR A 39 -10.90 -11.57 19.04
C THR A 39 -9.40 -11.41 19.18
N THR A 40 -8.98 -10.42 19.97
CA THR A 40 -7.57 -10.13 20.21
C THR A 40 -6.76 -10.22 18.92
N GLY A 41 -7.40 -9.84 17.81
CA GLY A 41 -6.74 -9.89 16.52
C GLY A 41 -6.78 -8.55 15.81
N GLU A 42 -6.03 -8.44 14.71
CA GLU A 42 -5.98 -7.20 13.94
C GLU A 42 -7.05 -7.21 12.85
N ALA A 43 -7.49 -6.01 12.46
CA ALA A 43 -8.50 -5.86 11.43
C ALA A 43 -8.52 -4.43 10.91
N THR A 44 -9.55 -4.11 10.14
CA THR A 44 -9.72 -2.78 9.57
C THR A 44 -8.43 -2.30 8.91
N GLY A 45 -8.35 -0.99 8.67
CA GLY A 45 -7.18 -0.42 8.04
C GLY A 45 -7.15 -0.62 6.54
N ILE A 46 -6.43 0.25 5.84
CA ILE A 46 -6.32 0.16 4.39
C ILE A 46 -5.23 -0.83 3.99
N TYR A 47 -5.63 -1.93 3.36
CA TYR A 47 -4.68 -2.95 2.93
C TYR A 47 -4.94 -3.37 1.49
N VAL A 48 -3.87 -3.59 0.74
CA VAL A 48 -3.97 -4.01 -0.66
C VAL A 48 -4.26 -5.49 -0.74
N LYS A 49 -5.46 -5.83 -1.20
CA LYS A 49 -5.87 -7.23 -1.33
C LYS A 49 -5.40 -7.82 -2.65
N SER A 50 -5.38 -7.01 -3.69
CA SER A 50 -4.95 -7.47 -5.01
C SER A 50 -4.34 -6.34 -5.83
N LEU A 51 -3.91 -6.67 -7.05
CA LEU A 51 -3.29 -5.70 -7.95
C LEU A 51 -3.87 -5.83 -9.35
N ILE A 52 -3.71 -4.79 -10.16
CA ILE A 52 -4.22 -4.80 -11.52
C ILE A 52 -3.11 -5.18 -12.52
N PRO A 53 -3.19 -6.40 -13.10
CA PRO A 53 -2.18 -6.87 -14.07
C PRO A 53 -2.08 -5.96 -15.29
N GLY A 54 -0.85 -5.52 -15.59
CA GLY A 54 -0.65 -4.65 -16.73
C GLY A 54 -0.40 -3.20 -16.32
N SER A 55 -0.47 -2.94 -15.02
CA SER A 55 -0.25 -1.59 -14.51
C SER A 55 1.20 -1.42 -14.06
N ALA A 56 1.52 -0.23 -13.54
CA ALA A 56 2.86 0.08 -13.07
C ALA A 56 3.23 -0.78 -11.86
N ALA A 57 2.39 -0.70 -10.82
CA ALA A 57 2.63 -1.46 -9.60
C ALA A 57 2.76 -2.96 -9.89
N ALA A 58 2.03 -3.43 -10.90
CA ALA A 58 2.07 -4.84 -11.27
C ALA A 58 3.39 -5.22 -11.93
N LEU A 59 3.80 -4.43 -12.92
CA LEU A 59 5.04 -4.69 -13.63
C LEU A 59 6.24 -4.61 -12.70
N ASP A 60 6.05 -3.92 -11.57
CA ASP A 60 7.12 -3.76 -10.59
C ASP A 60 7.58 -5.12 -10.05
N GLY A 61 6.63 -5.90 -9.54
CA GLY A 61 6.96 -7.21 -9.02
C GLY A 61 7.16 -7.21 -7.51
N ARG A 62 7.94 -6.25 -7.02
CA ARG A 62 8.22 -6.15 -5.59
C ARG A 62 6.93 -6.05 -4.78
N ILE A 63 5.97 -5.31 -5.32
CA ILE A 63 4.68 -5.13 -4.65
C ILE A 63 3.89 -6.42 -4.64
N GLU A 64 3.77 -7.03 -3.47
CA GLU A 64 3.04 -8.30 -3.32
C GLU A 64 1.71 -8.06 -2.60
N PRO A 65 0.62 -8.70 -3.07
CA PRO A 65 -0.70 -8.56 -2.47
C PRO A 65 -0.69 -8.89 -0.98
N ASN A 66 -1.83 -8.71 -0.32
CA ASN A 66 -1.96 -8.98 1.10
C ASN A 66 -0.96 -8.14 1.89
N ASP A 67 -0.87 -6.85 1.54
CA ASP A 67 0.03 -5.92 2.21
C ASP A 67 -0.74 -4.78 2.84
N LYS A 68 -0.06 -4.01 3.70
CA LYS A 68 -0.69 -2.90 4.38
C LYS A 68 -0.03 -1.58 3.98
N ILE A 69 -0.84 -0.65 3.45
CA ILE A 69 -0.32 0.64 3.02
C ILE A 69 -0.17 1.60 4.20
N LEU A 70 0.93 2.36 4.20
CA LEU A 70 1.20 3.31 5.26
C LEU A 70 0.95 4.74 4.78
N ARG A 71 1.80 5.21 3.87
CA ARG A 71 1.67 6.56 3.33
C ARG A 71 2.20 6.63 1.90
N VAL A 72 1.46 7.34 1.06
CA VAL A 72 1.84 7.51 -0.34
C VAL A 72 2.76 8.72 -0.50
N ASP A 73 3.27 8.94 -1.71
CA ASP A 73 4.15 10.06 -1.98
C ASP A 73 3.57 11.38 -1.47
N ASP A 74 4.21 11.96 -0.46
CA ASP A 74 3.77 13.21 0.13
C ASP A 74 2.33 13.14 0.62
N VAL A 75 1.86 11.93 0.90
CA VAL A 75 0.49 11.73 1.38
C VAL A 75 0.44 10.60 2.41
N ASN A 76 -0.43 10.75 3.41
CA ASN A 76 -0.58 9.75 4.45
C ASN A 76 -1.98 9.13 4.40
N VAL A 77 -2.06 7.81 4.47
CA VAL A 77 -3.34 7.12 4.42
C VAL A 77 -3.57 6.27 5.67
N GLN A 78 -3.10 6.75 6.81
CA GLN A 78 -3.26 6.03 8.07
C GLN A 78 -4.46 6.56 8.85
N GLY A 79 -5.56 6.83 8.16
CA GLY A 79 -6.74 7.33 8.82
C GLY A 79 -7.70 8.04 7.87
N MET A 80 -7.81 7.56 6.64
CA MET A 80 -8.70 8.16 5.66
C MET A 80 -9.61 7.11 5.04
N ALA A 81 -10.74 7.57 4.49
CA ALA A 81 -11.70 6.66 3.87
C ALA A 81 -11.10 5.97 2.65
N GLN A 82 -11.59 4.77 2.35
CA GLN A 82 -11.09 3.99 1.23
C GLN A 82 -11.14 4.80 -0.07
N SER A 83 -12.32 5.31 -0.39
CA SER A 83 -12.52 6.10 -1.60
C SER A 83 -11.52 7.25 -1.69
N ASP A 84 -11.22 7.87 -0.55
CA ASP A 84 -10.28 8.98 -0.49
C ASP A 84 -8.88 8.54 -0.90
N VAL A 85 -8.47 7.37 -0.43
CA VAL A 85 -7.16 6.84 -0.75
C VAL A 85 -7.01 6.60 -2.25
N VAL A 86 -8.06 6.08 -2.87
CA VAL A 86 -8.05 5.82 -4.31
C VAL A 86 -7.90 7.12 -5.10
N GLU A 87 -8.58 8.16 -4.64
CA GLU A 87 -8.52 9.46 -5.31
C GLU A 87 -7.08 9.97 -5.40
N VAL A 88 -6.38 9.92 -4.28
CA VAL A 88 -5.00 10.38 -4.23
C VAL A 88 -4.13 9.63 -5.24
N LEU A 89 -4.12 8.31 -5.15
CA LEU A 89 -3.33 7.48 -6.06
C LEU A 89 -3.60 7.83 -7.52
N ARG A 90 -4.83 8.25 -7.81
CA ARG A 90 -5.22 8.61 -9.16
C ARG A 90 -4.79 10.03 -9.49
N ASN A 91 -4.74 10.89 -8.48
CA ASN A 91 -4.33 12.28 -8.68
C ASN A 91 -2.85 12.36 -9.02
N ALA A 92 -2.09 11.33 -8.66
CA ALA A 92 -0.67 11.28 -8.94
C ALA A 92 -0.39 11.39 -10.43
N GLY A 93 -0.44 10.25 -11.14
CA GLY A 93 -0.19 10.25 -12.56
C GLY A 93 1.22 10.65 -12.90
N ASN A 94 2.12 10.56 -11.91
CA ASN A 94 3.52 10.92 -12.09
C ASN A 94 4.41 10.03 -11.22
N PRO A 95 5.75 10.19 -11.28
CA PRO A 95 6.67 9.40 -10.45
C PRO A 95 6.41 9.61 -8.95
N VAL A 96 5.76 8.64 -8.33
CA VAL A 96 5.43 8.72 -6.91
C VAL A 96 6.05 7.55 -6.13
N ARG A 97 6.24 7.76 -4.83
CA ARG A 97 6.80 6.73 -3.97
C ARG A 97 5.71 6.06 -3.16
N LEU A 98 5.84 4.75 -2.95
CA LEU A 98 4.86 3.98 -2.22
C LEU A 98 5.48 3.36 -0.96
N LEU A 99 5.07 3.84 0.20
CA LEU A 99 5.59 3.32 1.47
C LEU A 99 4.58 2.36 2.10
N LEU A 100 4.85 1.07 1.99
CA LEU A 100 3.97 0.05 2.55
C LEU A 100 4.76 -0.98 3.36
N ILE A 101 4.08 -1.62 4.30
CA ILE A 101 4.72 -2.63 5.14
C ILE A 101 4.33 -4.04 4.70
N ARG A 102 5.32 -4.93 4.66
CA ARG A 102 5.10 -6.30 4.26
C ARG A 102 5.43 -7.26 5.41
N ARG A 103 4.49 -8.15 5.71
CA ARG A 103 4.70 -9.12 6.78
C ARG A 103 5.40 -10.37 6.28
N LEU A 104 6.58 -10.64 6.82
CA LEU A 104 7.36 -11.81 6.43
C LEU A 104 6.90 -13.05 7.19
N PRO A 105 6.98 -14.24 6.57
CA PRO A 105 6.58 -15.49 7.21
C PRO A 105 7.67 -16.06 8.11
N LEU A 106 7.28 -16.96 9.00
CA LEU A 106 8.23 -17.58 9.92
C LEU A 106 8.48 -19.04 9.55
N LEU A 107 9.69 -19.32 9.10
CA LEU A 107 10.07 -20.69 8.71
C LEU A 107 10.89 -21.35 9.81
N GLU A 108 10.22 -22.17 10.62
CA GLU A 108 10.89 -22.87 11.71
C GLU A 108 11.04 -24.36 11.40
N GLY A 1 8.32 6.77 15.11
CA GLY A 1 9.09 7.99 14.74
C GLY A 1 10.43 7.67 14.13
N SER A 2 11.08 6.63 14.64
CA SER A 2 12.38 6.22 14.13
C SER A 2 12.28 4.89 13.37
N HIS A 3 13.37 4.50 12.74
CA HIS A 3 13.41 3.25 11.97
C HIS A 3 14.65 2.44 12.34
N GLY A 4 14.41 1.19 12.75
CA GLY A 4 15.52 0.31 13.12
C GLY A 4 15.14 -1.15 13.02
N TYR A 5 14.42 -1.51 11.96
CA TYR A 5 14.00 -2.89 11.76
C TYR A 5 14.88 -3.60 10.74
N SER A 6 16.01 -4.12 11.22
CA SER A 6 16.95 -4.83 10.35
C SER A 6 16.59 -6.31 10.27
N ASP A 7 15.65 -6.63 9.40
CA ASP A 7 15.21 -8.02 9.21
C ASP A 7 14.67 -8.61 10.51
N ALA A 8 13.35 -8.58 10.67
CA ALA A 8 12.72 -9.11 11.87
C ALA A 8 11.61 -10.10 11.51
N SER A 9 11.99 -11.38 11.39
CA SER A 9 11.04 -12.43 11.05
C SER A 9 10.31 -12.12 9.75
N GLY A 10 10.92 -11.28 8.91
CA GLY A 10 10.32 -10.92 7.65
C GLY A 10 9.69 -9.54 7.68
N PHE A 11 9.01 -9.23 8.78
CA PHE A 11 8.37 -7.93 8.93
C PHE A 11 9.38 -6.79 8.82
N SER A 12 9.14 -5.88 7.88
CA SER A 12 10.02 -4.75 7.68
C SER A 12 9.33 -3.63 6.90
N LEU A 13 9.86 -2.42 7.07
CA LEU A 13 9.31 -1.24 6.40
C LEU A 13 10.11 -0.95 5.14
N TYR A 14 9.55 -1.30 3.99
CA TYR A 14 10.24 -1.08 2.71
C TYR A 14 9.37 -0.25 1.76
N SER A 15 10.02 0.49 0.87
CA SER A 15 9.32 1.33 -0.09
C SER A 15 9.65 0.94 -1.52
N VAL A 16 8.74 1.26 -2.43
CA VAL A 16 8.93 0.96 -3.85
C VAL A 16 8.62 2.18 -4.70
N GLU A 17 9.45 2.43 -5.71
CA GLU A 17 9.25 3.59 -6.58
C GLU A 17 8.34 3.25 -7.76
N LEU A 18 7.18 3.89 -7.80
CA LEU A 18 6.20 3.68 -8.87
C LEU A 18 5.83 5.01 -9.52
N PHE A 19 6.14 5.12 -10.81
CA PHE A 19 5.83 6.35 -11.55
C PHE A 19 4.67 6.12 -12.52
N ARG A 20 3.70 7.05 -12.52
CA ARG A 20 2.56 6.93 -13.41
C ARG A 20 2.64 7.96 -14.54
N GLU A 21 3.03 7.49 -15.73
CA GLU A 21 3.15 8.37 -16.89
C GLU A 21 2.38 7.82 -18.08
N LYS A 22 1.81 6.63 -17.91
CA LYS A 22 1.04 6.00 -18.98
C LYS A 22 -0.40 6.53 -19.00
N ASP A 23 -1.06 6.37 -20.15
CA ASP A 23 -2.44 6.82 -20.31
C ASP A 23 -3.43 5.81 -19.75
N THR A 24 -3.03 5.14 -18.68
CA THR A 24 -3.89 4.14 -18.05
C THR A 24 -4.73 4.75 -16.94
N SER A 25 -4.27 5.88 -16.41
CA SER A 25 -4.98 6.58 -15.34
C SER A 25 -5.21 5.68 -14.13
N SER A 26 -4.37 4.66 -13.99
CA SER A 26 -4.49 3.72 -12.88
C SER A 26 -3.13 3.21 -12.44
N LEU A 27 -3.05 2.73 -11.19
CA LEU A 27 -1.81 2.21 -10.65
C LEU A 27 -1.93 0.72 -10.35
N GLY A 28 -3.08 0.15 -10.66
CA GLY A 28 -3.30 -1.26 -10.42
C GLY A 28 -3.33 -1.62 -8.95
N ILE A 29 -3.65 -0.63 -8.11
CA ILE A 29 -3.71 -0.84 -6.67
C ILE A 29 -5.15 -1.07 -6.21
N SER A 30 -5.45 -2.30 -5.81
CA SER A 30 -6.79 -2.64 -5.35
C SER A 30 -6.82 -2.85 -3.84
N ILE A 31 -7.25 -1.81 -3.12
CA ILE A 31 -7.33 -1.88 -1.66
C ILE A 31 -8.62 -2.54 -1.20
N SER A 32 -8.62 -3.03 0.03
CA SER A 32 -9.79 -3.69 0.59
C SER A 32 -10.01 -3.28 2.04
N GLY A 33 -11.26 -3.32 2.49
CA GLY A 33 -11.59 -2.96 3.85
C GLY A 33 -11.72 -4.16 4.76
N MET A 34 -11.22 -4.03 5.98
CA MET A 34 -11.29 -5.12 6.95
C MET A 34 -12.57 -5.05 7.76
N ARG A 35 -13.39 -6.10 7.68
CA ARG A 35 -14.65 -6.15 8.41
C ARG A 35 -14.49 -6.93 9.71
N ASP A 36 -14.14 -6.21 10.77
CA ASP A 36 -13.96 -6.83 12.08
C ASP A 36 -15.14 -6.49 13.00
N GLN A 37 -15.73 -7.52 13.58
CA GLN A 37 -16.87 -7.34 14.48
C GLN A 37 -16.43 -7.38 15.93
N SER A 38 -15.14 -7.20 16.16
CA SER A 38 -14.59 -7.22 17.51
C SER A 38 -13.28 -6.45 17.57
N THR A 39 -13.17 -5.55 18.55
CA THR A 39 -11.97 -4.75 18.73
C THR A 39 -11.05 -5.35 19.78
N THR A 40 -9.75 -5.27 19.55
CA THR A 40 -8.77 -5.80 20.48
C THR A 40 -7.37 -5.28 20.18
N GLY A 41 -7.29 -4.30 19.28
CA GLY A 41 -6.01 -3.72 18.93
C GLY A 41 -6.03 -3.07 17.57
N GLU A 42 -6.39 -3.84 16.54
CA GLU A 42 -6.45 -3.33 15.18
C GLU A 42 -7.89 -3.06 14.75
N ALA A 43 -8.15 -1.84 14.29
CA ALA A 43 -9.48 -1.45 13.87
C ALA A 43 -9.46 -0.93 12.43
N THR A 44 -9.97 -1.75 11.51
CA THR A 44 -10.03 -1.39 10.09
C THR A 44 -8.66 -0.95 9.58
N GLY A 45 -8.63 -0.46 8.35
CA GLY A 45 -7.38 -0.01 7.76
C GLY A 45 -7.33 -0.23 6.26
N ILE A 46 -6.34 0.37 5.61
CA ILE A 46 -6.18 0.23 4.16
C ILE A 46 -5.02 -0.70 3.82
N TYR A 47 -5.29 -1.69 2.99
CA TYR A 47 -4.26 -2.65 2.58
C TYR A 47 -4.58 -3.23 1.21
N VAL A 48 -3.55 -3.41 0.40
CA VAL A 48 -3.71 -3.96 -0.94
C VAL A 48 -3.98 -5.46 -0.88
N LYS A 49 -5.16 -5.86 -1.34
CA LYS A 49 -5.53 -7.26 -1.34
C LYS A 49 -5.44 -7.85 -2.75
N SER A 50 -5.56 -7.00 -3.75
CA SER A 50 -5.49 -7.43 -5.14
C SER A 50 -4.74 -6.42 -5.99
N LEU A 51 -4.37 -6.84 -7.20
CA LEU A 51 -3.64 -6.00 -8.13
C LEU A 51 -4.20 -6.12 -9.55
N ILE A 52 -3.85 -5.18 -10.40
CA ILE A 52 -4.32 -5.19 -11.78
C ILE A 52 -3.19 -5.54 -12.75
N PRO A 53 -3.16 -6.78 -13.26
CA PRO A 53 -2.11 -7.22 -14.19
C PRO A 53 -1.98 -6.31 -15.40
N GLY A 54 -0.75 -5.92 -15.72
CA GLY A 54 -0.52 -5.03 -16.85
C GLY A 54 -0.32 -3.59 -16.42
N SER A 55 -0.49 -3.33 -15.13
CA SER A 55 -0.33 -1.99 -14.59
C SER A 55 1.09 -1.77 -14.07
N ALA A 56 1.42 -0.51 -13.79
CA ALA A 56 2.75 -0.16 -13.30
C ALA A 56 3.12 -0.97 -12.06
N ALA A 57 2.30 -0.88 -11.03
CA ALA A 57 2.54 -1.60 -9.78
C ALA A 57 2.79 -3.08 -10.03
N ALA A 58 1.98 -3.68 -10.89
CA ALA A 58 2.10 -5.09 -11.22
C ALA A 58 3.39 -5.39 -11.98
N LEU A 59 3.81 -4.45 -12.82
CA LEU A 59 5.03 -4.62 -13.60
C LEU A 59 6.26 -4.74 -12.71
N ASP A 60 6.28 -3.99 -11.62
CA ASP A 60 7.40 -4.01 -10.70
C ASP A 60 7.58 -5.40 -10.09
N GLY A 61 6.47 -6.00 -9.67
CA GLY A 61 6.52 -7.33 -9.08
C GLY A 61 6.85 -7.29 -7.59
N ARG A 62 7.58 -6.26 -7.18
CA ARG A 62 7.96 -6.10 -5.78
C ARG A 62 6.74 -5.96 -4.88
N ILE A 63 5.62 -5.60 -5.48
CA ILE A 63 4.37 -5.43 -4.74
C ILE A 63 3.68 -6.77 -4.53
N GLU A 64 3.77 -7.29 -3.31
CA GLU A 64 3.16 -8.57 -2.96
C GLU A 64 1.76 -8.37 -2.38
N PRO A 65 0.78 -9.20 -2.79
CA PRO A 65 -0.60 -9.09 -2.29
C PRO A 65 -0.66 -9.07 -0.76
N ASN A 66 -1.78 -8.59 -0.23
CA ASN A 66 -1.96 -8.51 1.21
C ASN A 66 -0.88 -7.65 1.86
N ASP A 67 -0.60 -6.51 1.23
CA ASP A 67 0.41 -5.59 1.74
C ASP A 67 -0.22 -4.51 2.61
N LYS A 68 0.50 -4.12 3.67
CA LYS A 68 0.02 -3.10 4.59
C LYS A 68 0.51 -1.71 4.17
N ILE A 69 -0.38 -0.94 3.54
CA ILE A 69 -0.03 0.41 3.09
C ILE A 69 0.03 1.36 4.28
N LEU A 70 1.08 2.18 4.33
CA LEU A 70 1.25 3.13 5.43
C LEU A 70 1.02 4.57 4.94
N ARG A 71 1.78 4.98 3.95
CA ARG A 71 1.66 6.33 3.42
C ARG A 71 2.20 6.43 1.99
N VAL A 72 1.47 7.16 1.15
CA VAL A 72 1.87 7.37 -0.24
C VAL A 72 2.78 8.59 -0.35
N ASP A 73 3.32 8.84 -1.54
CA ASP A 73 4.21 9.98 -1.76
C ASP A 73 3.64 11.26 -1.16
N ASP A 74 4.30 11.75 -0.11
CA ASP A 74 3.90 12.98 0.57
C ASP A 74 2.43 12.95 1.00
N VAL A 75 1.93 11.76 1.28
CA VAL A 75 0.53 11.59 1.71
C VAL A 75 0.41 10.42 2.67
N ASN A 76 -0.37 10.62 3.73
CA ASN A 76 -0.59 9.58 4.73
C ASN A 76 -1.95 8.92 4.55
N VAL A 77 -1.98 7.59 4.56
CA VAL A 77 -3.24 6.86 4.38
C VAL A 77 -3.64 6.12 5.65
N GLN A 78 -3.18 6.63 6.79
CA GLN A 78 -3.48 6.02 8.08
C GLN A 78 -4.69 6.69 8.73
N GLY A 79 -5.60 7.19 7.91
CA GLY A 79 -6.79 7.83 8.44
C GLY A 79 -7.64 8.48 7.35
N MET A 80 -7.73 7.81 6.20
CA MET A 80 -8.52 8.31 5.09
C MET A 80 -9.48 7.23 4.57
N ALA A 81 -10.67 7.65 4.18
CA ALA A 81 -11.68 6.73 3.67
C ALA A 81 -11.20 6.03 2.40
N GLN A 82 -11.84 4.92 2.06
CA GLN A 82 -11.48 4.15 0.88
C GLN A 82 -11.47 5.03 -0.36
N SER A 83 -12.62 5.60 -0.69
CA SER A 83 -12.75 6.47 -1.85
C SER A 83 -11.75 7.62 -1.82
N ASP A 84 -11.33 8.00 -0.62
CA ASP A 84 -10.37 9.09 -0.45
C ASP A 84 -8.99 8.68 -0.94
N VAL A 85 -8.48 7.56 -0.43
CA VAL A 85 -7.17 7.06 -0.82
C VAL A 85 -7.09 6.86 -2.34
N VAL A 86 -8.19 6.36 -2.91
CA VAL A 86 -8.24 6.13 -4.35
C VAL A 86 -7.99 7.43 -5.12
N GLU A 87 -8.80 8.45 -4.82
CA GLU A 87 -8.65 9.75 -5.47
C GLU A 87 -7.20 10.20 -5.49
N VAL A 88 -6.51 9.99 -4.37
CA VAL A 88 -5.11 10.38 -4.26
C VAL A 88 -4.28 9.72 -5.36
N LEU A 89 -4.43 8.40 -5.48
CA LEU A 89 -3.71 7.65 -6.49
C LEU A 89 -3.98 8.20 -7.88
N ARG A 90 -5.17 8.79 -8.06
CA ARG A 90 -5.57 9.35 -9.34
C ARG A 90 -4.93 10.73 -9.53
N ASN A 91 -4.71 11.43 -8.42
CA ASN A 91 -4.11 12.77 -8.47
C ASN A 91 -2.61 12.67 -8.75
N ALA A 92 -2.04 11.50 -8.52
CA ALA A 92 -0.62 11.27 -8.76
C ALA A 92 -0.21 11.66 -10.18
N GLY A 93 -0.30 10.72 -11.11
CA GLY A 93 0.07 10.99 -12.48
C GLY A 93 1.52 11.38 -12.62
N ASN A 94 2.32 11.10 -11.60
CA ASN A 94 3.73 11.42 -11.60
C ASN A 94 4.54 10.37 -10.81
N PRO A 95 5.88 10.45 -10.84
CA PRO A 95 6.73 9.51 -10.10
C PRO A 95 6.50 9.61 -8.59
N VAL A 96 5.67 8.71 -8.07
CA VAL A 96 5.34 8.71 -6.65
C VAL A 96 6.04 7.57 -5.91
N ARG A 97 6.21 7.75 -4.61
CA ARG A 97 6.85 6.74 -3.78
C ARG A 97 5.80 6.00 -2.96
N LEU A 98 6.00 4.70 -2.79
CA LEU A 98 5.06 3.87 -2.04
C LEU A 98 5.70 3.32 -0.78
N LEU A 99 5.34 3.90 0.37
CA LEU A 99 5.87 3.43 1.66
C LEU A 99 4.90 2.45 2.31
N LEU A 100 5.31 1.18 2.38
CA LEU A 100 4.46 0.15 2.96
C LEU A 100 5.27 -0.87 3.75
N ILE A 101 4.57 -1.68 4.54
CA ILE A 101 5.21 -2.71 5.35
C ILE A 101 4.66 -4.09 5.00
N ARG A 102 5.54 -5.07 4.92
CA ARG A 102 5.14 -6.43 4.58
C ARG A 102 6.26 -7.42 4.88
N ARG A 103 5.87 -8.62 5.30
CA ARG A 103 6.84 -9.66 5.63
C ARG A 103 7.66 -10.05 4.41
N LEU A 104 8.93 -10.37 4.64
CA LEU A 104 9.85 -10.76 3.57
C LEU A 104 10.22 -12.23 3.68
N PRO A 105 10.51 -12.89 2.54
CA PRO A 105 10.89 -14.31 2.53
C PRO A 105 12.36 -14.51 2.87
N LEU A 106 12.71 -15.73 3.27
CA LEU A 106 14.08 -16.06 3.62
C LEU A 106 14.46 -17.43 3.08
N LEU A 107 15.43 -17.46 2.17
CA LEU A 107 15.89 -18.71 1.58
C LEU A 107 16.64 -19.56 2.60
N GLU A 108 16.03 -20.65 3.04
CA GLU A 108 16.65 -21.54 4.01
C GLU A 108 16.21 -22.98 3.80
N GLY A 1 8.47 9.39 17.90
CA GLY A 1 9.22 8.10 17.95
C GLY A 1 8.35 6.93 18.36
N SER A 2 7.93 6.14 17.39
CA SER A 2 7.08 4.99 17.65
C SER A 2 7.30 3.89 16.61
N HIS A 3 7.15 4.26 15.34
CA HIS A 3 7.33 3.31 14.24
C HIS A 3 8.77 3.31 13.76
N GLY A 4 9.59 2.43 14.32
CA GLY A 4 10.98 2.35 13.93
C GLY A 4 11.53 0.93 14.05
N TYR A 5 11.34 0.14 13.00
CA TYR A 5 11.81 -1.24 12.99
C TYR A 5 12.93 -1.41 11.97
N SER A 6 13.68 -2.51 12.09
CA SER A 6 14.78 -2.78 11.18
C SER A 6 14.95 -4.29 10.96
N ASP A 7 14.21 -4.82 9.99
CA ASP A 7 14.26 -6.25 9.68
C ASP A 7 13.97 -7.09 10.92
N ALA A 8 12.69 -7.33 11.17
CA ALA A 8 12.26 -8.12 12.33
C ALA A 8 11.33 -9.24 11.91
N SER A 9 11.87 -10.45 11.82
CA SER A 9 11.08 -11.63 11.43
C SER A 9 10.42 -11.42 10.07
N GLY A 10 11.07 -10.62 9.23
CA GLY A 10 10.53 -10.36 7.90
C GLY A 10 9.74 -9.06 7.86
N PHE A 11 8.81 -8.90 8.81
CA PHE A 11 7.99 -7.70 8.87
C PHE A 11 8.86 -6.45 8.95
N SER A 12 8.93 -5.71 7.85
CA SER A 12 9.72 -4.50 7.79
C SER A 12 9.03 -3.41 6.98
N LEU A 13 9.43 -2.16 7.24
CA LEU A 13 8.88 -1.01 6.54
C LEU A 13 9.74 -0.66 5.33
N TYR A 14 9.29 -1.05 4.14
CA TYR A 14 10.04 -0.78 2.93
C TYR A 14 9.20 0.04 1.94
N SER A 15 9.88 0.88 1.16
CA SER A 15 9.20 1.71 0.18
C SER A 15 9.56 1.30 -1.24
N VAL A 16 8.60 1.46 -2.16
CA VAL A 16 8.81 1.10 -3.55
C VAL A 16 8.62 2.31 -4.45
N GLU A 17 9.53 2.49 -5.41
CA GLU A 17 9.46 3.63 -6.32
C GLU A 17 8.69 3.28 -7.60
N LEU A 18 7.51 3.88 -7.75
CA LEU A 18 6.68 3.65 -8.92
C LEU A 18 6.53 4.95 -9.72
N PHE A 19 6.04 4.84 -10.94
CA PHE A 19 5.85 6.01 -11.80
C PHE A 19 4.75 5.79 -12.81
N ARG A 20 3.91 6.80 -13.00
CA ARG A 20 2.81 6.72 -13.97
C ARG A 20 2.93 7.82 -15.01
N GLU A 21 2.64 7.50 -16.26
CA GLU A 21 2.72 8.47 -17.34
C GLU A 21 1.91 8.01 -18.56
N LYS A 22 0.89 7.19 -18.31
CA LYS A 22 0.05 6.69 -19.40
C LYS A 22 -1.42 7.04 -19.13
N ASP A 23 -2.25 6.91 -20.16
CA ASP A 23 -3.67 7.21 -20.02
C ASP A 23 -4.45 5.98 -19.58
N THR A 24 -4.29 5.62 -18.31
CA THR A 24 -4.97 4.46 -17.76
C THR A 24 -5.79 4.84 -16.52
N SER A 25 -5.37 5.93 -15.87
CA SER A 25 -6.04 6.43 -14.68
C SER A 25 -6.08 5.37 -13.58
N SER A 26 -5.15 4.43 -13.64
CA SER A 26 -5.09 3.36 -12.64
C SER A 26 -3.65 2.86 -12.47
N LEU A 27 -3.26 2.67 -11.21
CA LEU A 27 -1.92 2.19 -10.90
C LEU A 27 -1.92 0.68 -10.67
N GLY A 28 -3.11 0.12 -10.54
CA GLY A 28 -3.24 -1.32 -10.33
C GLY A 28 -3.32 -1.67 -8.87
N ILE A 29 -3.67 -0.70 -8.03
CA ILE A 29 -3.78 -0.90 -6.60
C ILE A 29 -5.23 -1.15 -6.19
N SER A 30 -5.51 -2.37 -5.75
CA SER A 30 -6.87 -2.73 -5.33
C SER A 30 -6.90 -3.04 -3.83
N ILE A 31 -7.33 -2.05 -3.04
CA ILE A 31 -7.42 -2.21 -1.60
C ILE A 31 -8.78 -2.72 -1.17
N SER A 32 -8.88 -3.15 0.08
CA SER A 32 -10.13 -3.67 0.63
C SER A 32 -10.24 -3.35 2.12
N GLY A 33 -11.48 -3.25 2.60
CA GLY A 33 -11.70 -2.95 4.01
C GLY A 33 -12.10 -4.18 4.81
N MET A 34 -11.68 -4.23 6.07
CA MET A 34 -12.00 -5.34 6.94
C MET A 34 -13.40 -5.18 7.54
N ARG A 35 -14.14 -6.28 7.65
CA ARG A 35 -15.48 -6.25 8.21
C ARG A 35 -15.46 -6.64 9.69
N ASP A 36 -15.20 -5.66 10.55
CA ASP A 36 -15.15 -5.90 11.98
C ASP A 36 -16.48 -5.55 12.64
N GLN A 37 -16.95 -6.42 13.54
CA GLN A 37 -18.21 -6.21 14.22
C GLN A 37 -17.98 -6.03 15.72
N SER A 38 -16.81 -5.54 16.09
CA SER A 38 -16.47 -5.32 17.49
C SER A 38 -15.38 -4.26 17.63
N THR A 39 -15.74 -3.12 18.20
CA THR A 39 -14.80 -2.02 18.40
C THR A 39 -14.04 -2.19 19.71
N THR A 40 -12.73 -1.91 19.67
CA THR A 40 -11.89 -2.02 20.85
C THR A 40 -10.79 -0.96 20.84
N GLY A 41 -10.74 -0.18 19.77
CA GLY A 41 -9.74 0.86 19.64
C GLY A 41 -9.57 1.34 18.22
N GLU A 42 -9.18 0.43 17.33
CA GLU A 42 -8.99 0.77 15.93
C GLU A 42 -10.23 0.44 15.11
N ALA A 43 -10.29 0.96 13.89
CA ALA A 43 -11.42 0.71 13.00
C ALA A 43 -10.96 0.48 11.57
N THR A 44 -11.21 -0.73 11.07
CA THR A 44 -10.84 -1.11 9.70
C THR A 44 -9.37 -0.82 9.42
N GLY A 45 -8.97 -0.97 8.16
CA GLY A 45 -7.59 -0.73 7.78
C GLY A 45 -7.37 -0.86 6.28
N ILE A 46 -6.60 0.06 5.72
CA ILE A 46 -6.32 0.04 4.28
C ILE A 46 -5.15 -0.89 3.96
N TYR A 47 -5.40 -1.85 3.07
CA TYR A 47 -4.37 -2.80 2.67
C TYR A 47 -4.68 -3.37 1.28
N VAL A 48 -3.64 -3.53 0.47
CA VAL A 48 -3.79 -4.05 -0.88
C VAL A 48 -3.97 -5.57 -0.86
N LYS A 49 -5.04 -6.04 -1.50
CA LYS A 49 -5.33 -7.47 -1.55
C LYS A 49 -5.27 -7.99 -2.99
N SER A 50 -5.44 -7.09 -3.95
CA SER A 50 -5.40 -7.47 -5.36
C SER A 50 -4.65 -6.45 -6.20
N LEU A 51 -4.26 -6.84 -7.41
CA LEU A 51 -3.53 -5.96 -8.32
C LEU A 51 -4.11 -6.05 -9.72
N ILE A 52 -3.78 -5.06 -10.56
CA ILE A 52 -4.26 -5.03 -11.93
C ILE A 52 -3.11 -5.28 -12.92
N PRO A 53 -2.97 -6.53 -13.41
CA PRO A 53 -1.91 -6.88 -14.36
C PRO A 53 -1.88 -5.95 -15.57
N GLY A 54 -0.72 -5.38 -15.84
CA GLY A 54 -0.57 -4.48 -16.97
C GLY A 54 -0.40 -3.03 -16.55
N SER A 55 -0.50 -2.79 -15.24
CA SER A 55 -0.36 -1.44 -14.70
C SER A 55 1.04 -1.22 -14.15
N ALA A 56 1.23 -0.08 -13.49
CA ALA A 56 2.53 0.26 -12.90
C ALA A 56 2.86 -0.66 -11.73
N ALA A 57 1.99 -0.68 -10.73
CA ALA A 57 2.20 -1.51 -9.55
C ALA A 57 2.28 -2.98 -9.92
N ALA A 58 1.71 -3.34 -11.07
CA ALA A 58 1.73 -4.73 -11.52
C ALA A 58 3.06 -5.09 -12.18
N LEU A 59 3.69 -4.11 -12.84
CA LEU A 59 4.95 -4.34 -13.53
C LEU A 59 6.15 -4.26 -12.60
N ASP A 60 6.32 -3.11 -11.95
CA ASP A 60 7.45 -2.90 -11.04
C ASP A 60 7.01 -2.97 -9.58
N GLY A 61 5.74 -2.71 -9.34
CA GLY A 61 5.23 -2.75 -7.99
C GLY A 61 5.28 -4.15 -7.40
N ARG A 62 6.42 -4.49 -6.80
CA ARG A 62 6.60 -5.81 -6.20
C ARG A 62 5.60 -6.04 -5.07
N ILE A 63 4.74 -5.05 -4.83
CA ILE A 63 3.72 -5.14 -3.80
C ILE A 63 2.95 -6.45 -3.87
N GLU A 64 2.92 -7.18 -2.77
CA GLU A 64 2.22 -8.46 -2.71
C GLU A 64 0.72 -8.25 -2.56
N PRO A 65 -0.10 -9.28 -2.90
CA PRO A 65 -1.55 -9.20 -2.79
C PRO A 65 -2.04 -9.28 -1.35
N ASN A 66 -1.20 -8.84 -0.42
CA ASN A 66 -1.53 -8.85 1.00
C ASN A 66 -0.61 -7.92 1.77
N ASP A 67 -0.46 -6.70 1.28
CA ASP A 67 0.40 -5.70 1.91
C ASP A 67 -0.42 -4.61 2.58
N LYS A 68 0.14 -3.99 3.62
CA LYS A 68 -0.56 -2.92 4.34
C LYS A 68 0.05 -1.56 4.02
N ILE A 69 -0.70 -0.73 3.31
CA ILE A 69 -0.23 0.60 2.94
C ILE A 69 -0.17 1.51 4.16
N LEU A 70 0.86 2.35 4.23
CA LEU A 70 1.04 3.26 5.34
C LEU A 70 0.98 4.72 4.89
N ARG A 71 1.97 5.13 4.09
CA ARG A 71 2.03 6.50 3.61
C ARG A 71 2.43 6.54 2.14
N VAL A 72 1.72 7.37 1.36
CA VAL A 72 2.00 7.53 -0.06
C VAL A 72 2.94 8.71 -0.28
N ASP A 73 3.37 8.91 -1.52
CA ASP A 73 4.27 10.02 -1.84
C ASP A 73 3.69 11.36 -1.37
N ASP A 74 4.32 11.92 -0.34
CA ASP A 74 3.90 13.21 0.22
C ASP A 74 2.46 13.15 0.76
N VAL A 75 1.96 11.94 0.95
CA VAL A 75 0.60 11.75 1.47
C VAL A 75 0.55 10.62 2.49
N ASN A 76 -0.45 10.65 3.36
CA ASN A 76 -0.60 9.62 4.39
C ASN A 76 -2.00 9.02 4.36
N VAL A 77 -2.06 7.68 4.33
CA VAL A 77 -3.35 6.99 4.30
C VAL A 77 -3.65 6.35 5.65
N GLN A 78 -3.00 6.85 6.70
CA GLN A 78 -3.20 6.33 8.04
C GLN A 78 -4.40 7.00 8.72
N GLY A 79 -5.31 7.53 7.91
CA GLY A 79 -6.48 8.20 8.46
C GLY A 79 -7.45 8.66 7.38
N MET A 80 -7.31 8.09 6.18
CA MET A 80 -8.19 8.45 5.06
C MET A 80 -9.06 7.27 4.65
N ALA A 81 -10.32 7.55 4.34
CA ALA A 81 -11.26 6.51 3.93
C ALA A 81 -10.86 5.91 2.59
N GLN A 82 -11.32 4.69 2.33
CA GLN A 82 -10.99 3.98 1.08
C GLN A 82 -11.14 4.91 -0.12
N SER A 83 -12.31 5.52 -0.27
CA SER A 83 -12.57 6.42 -1.39
C SER A 83 -11.48 7.47 -1.51
N ASP A 84 -11.12 8.09 -0.40
CA ASP A 84 -10.09 9.13 -0.38
C ASP A 84 -8.75 8.57 -0.87
N VAL A 85 -8.43 7.35 -0.45
CA VAL A 85 -7.18 6.71 -0.85
C VAL A 85 -7.12 6.56 -2.37
N VAL A 86 -8.25 6.21 -2.97
CA VAL A 86 -8.32 6.04 -4.42
C VAL A 86 -8.06 7.37 -5.13
N GLU A 87 -8.55 8.45 -4.54
CA GLU A 87 -8.37 9.78 -5.13
C GLU A 87 -6.88 10.11 -5.26
N VAL A 88 -6.12 9.89 -4.20
CA VAL A 88 -4.70 10.17 -4.21
C VAL A 88 -3.99 9.39 -5.32
N LEU A 89 -4.16 8.08 -5.32
CA LEU A 89 -3.54 7.23 -6.31
C LEU A 89 -3.90 7.66 -7.73
N ARG A 90 -5.12 8.19 -7.89
CA ARG A 90 -5.58 8.64 -9.21
C ARG A 90 -5.05 10.03 -9.53
N ASN A 91 -4.64 10.76 -8.51
CA ASN A 91 -4.11 12.10 -8.69
C ASN A 91 -2.62 12.07 -9.01
N ALA A 92 -1.99 10.94 -8.72
CA ALA A 92 -0.55 10.78 -8.97
C ALA A 92 -0.21 11.00 -10.44
N GLY A 93 -0.32 9.94 -11.24
CA GLY A 93 -0.02 10.05 -12.67
C GLY A 93 1.42 10.48 -12.92
N ASN A 94 2.26 10.34 -11.91
CA ASN A 94 3.67 10.71 -12.02
C ASN A 94 4.54 9.79 -11.15
N PRO A 95 5.88 9.93 -11.19
CA PRO A 95 6.78 9.11 -10.36
C PRO A 95 6.53 9.34 -8.88
N VAL A 96 5.79 8.43 -8.26
CA VAL A 96 5.46 8.54 -6.84
C VAL A 96 6.05 7.38 -6.02
N ARG A 97 6.26 7.63 -4.73
CA ARG A 97 6.81 6.62 -3.84
C ARG A 97 5.70 5.99 -3.00
N LEU A 98 5.85 4.70 -2.71
CA LEU A 98 4.86 3.97 -1.93
C LEU A 98 5.47 3.36 -0.67
N LEU A 99 5.19 3.98 0.48
CA LEU A 99 5.71 3.49 1.75
C LEU A 99 4.72 2.52 2.39
N LEU A 100 5.08 1.23 2.38
CA LEU A 100 4.21 0.20 2.95
C LEU A 100 5.01 -0.83 3.75
N ILE A 101 4.29 -1.66 4.50
CA ILE A 101 4.92 -2.69 5.32
C ILE A 101 4.45 -4.08 4.90
N ARG A 102 5.38 -5.04 4.91
CA ARG A 102 5.05 -6.41 4.53
C ARG A 102 6.18 -7.36 4.94
N ARG A 103 5.81 -8.52 5.47
CA ARG A 103 6.78 -9.51 5.90
C ARG A 103 7.58 -10.04 4.71
N LEU A 104 8.86 -10.29 4.94
CA LEU A 104 9.74 -10.81 3.91
C LEU A 104 9.84 -12.32 3.96
N PRO A 105 10.04 -12.98 2.79
CA PRO A 105 10.16 -14.44 2.70
C PRO A 105 11.55 -14.93 3.05
N LEU A 106 11.97 -14.64 4.28
CA LEU A 106 13.29 -15.05 4.74
C LEU A 106 13.33 -16.55 5.04
N LEU A 107 14.32 -17.23 4.46
CA LEU A 107 14.47 -18.66 4.65
C LEU A 107 15.01 -18.99 6.04
N GLU A 108 14.18 -19.64 6.84
CA GLU A 108 14.56 -20.02 8.20
C GLU A 108 14.97 -18.79 9.02
N GLY A 1 12.45 6.18 5.71
CA GLY A 1 12.19 4.79 5.26
C GLY A 1 12.20 3.80 6.41
N SER A 2 13.20 3.89 7.27
CA SER A 2 13.32 3.00 8.42
C SER A 2 13.41 3.79 9.72
N HIS A 3 12.80 3.24 10.77
CA HIS A 3 12.81 3.88 12.08
C HIS A 3 12.37 2.92 13.17
N GLY A 4 13.33 2.18 13.72
CA GLY A 4 13.02 1.23 14.77
C GLY A 4 12.75 -0.16 14.24
N TYR A 5 12.21 -0.23 13.02
CA TYR A 5 11.89 -1.51 12.39
C TYR A 5 12.67 -1.70 11.10
N SER A 6 13.44 -2.77 11.04
CA SER A 6 14.24 -3.08 9.85
C SER A 6 14.58 -4.56 9.79
N ASP A 7 13.82 -5.30 8.99
CA ASP A 7 14.03 -6.74 8.83
C ASP A 7 13.92 -7.45 10.18
N ALA A 8 12.70 -7.63 10.65
CA ALA A 8 12.45 -8.30 11.93
C ALA A 8 11.34 -9.33 11.80
N SER A 9 11.70 -10.61 11.96
CA SER A 9 10.73 -11.69 11.87
C SER A 9 9.95 -11.62 10.56
N GLY A 10 10.61 -11.18 9.50
CA GLY A 10 9.97 -11.08 8.20
C GLY A 10 9.33 -9.71 7.98
N PHE A 11 8.45 -9.32 8.90
CA PHE A 11 7.77 -8.03 8.80
C PHE A 11 8.78 -6.89 8.74
N SER A 12 8.68 -6.07 7.70
CA SER A 12 9.58 -4.95 7.51
C SER A 12 8.92 -3.82 6.74
N LEU A 13 9.40 -2.60 6.95
CA LEU A 13 8.88 -1.43 6.27
C LEU A 13 9.70 -1.13 5.03
N TYR A 14 9.16 -1.48 3.87
CA TYR A 14 9.87 -1.25 2.61
C TYR A 14 9.01 -0.42 1.66
N SER A 15 9.67 0.34 0.79
CA SER A 15 8.98 1.19 -0.17
C SER A 15 9.36 0.86 -1.61
N VAL A 16 8.54 1.28 -2.55
CA VAL A 16 8.78 1.04 -3.97
C VAL A 16 8.62 2.33 -4.78
N GLU A 17 9.36 2.43 -5.87
CA GLU A 17 9.31 3.61 -6.72
C GLU A 17 8.51 3.36 -8.00
N LEU A 18 7.33 3.98 -8.08
CA LEU A 18 6.47 3.82 -9.24
C LEU A 18 6.08 5.20 -9.82
N PHE A 19 6.38 5.40 -11.09
CA PHE A 19 6.06 6.66 -11.75
C PHE A 19 4.96 6.46 -12.81
N ARG A 20 4.08 7.44 -12.92
CA ARG A 20 2.99 7.35 -13.90
C ARG A 20 2.97 8.58 -14.81
N GLU A 21 2.32 8.45 -15.96
CA GLU A 21 2.23 9.54 -16.92
C GLU A 21 1.19 9.24 -17.99
N LYS A 22 1.06 7.97 -18.33
CA LYS A 22 0.11 7.53 -19.35
C LYS A 22 -1.31 7.92 -18.96
N ASP A 23 -2.21 7.94 -19.94
CA ASP A 23 -3.60 8.31 -19.69
C ASP A 23 -4.41 7.10 -19.23
N THR A 24 -3.88 6.39 -18.23
CA THR A 24 -4.56 5.21 -17.70
C THR A 24 -5.31 5.54 -16.42
N SER A 25 -4.86 6.59 -15.74
CA SER A 25 -5.48 7.04 -14.50
C SER A 25 -5.52 5.92 -13.46
N SER A 26 -4.70 4.89 -13.67
CA SER A 26 -4.64 3.76 -12.76
C SER A 26 -3.21 3.28 -12.55
N LEU A 27 -2.91 2.78 -11.36
CA LEU A 27 -1.58 2.28 -11.03
C LEU A 27 -1.61 0.76 -10.82
N GLY A 28 -2.78 0.24 -10.47
CA GLY A 28 -2.92 -1.19 -10.24
C GLY A 28 -3.16 -1.51 -8.77
N ILE A 29 -2.74 -0.60 -7.90
CA ILE A 29 -2.92 -0.79 -6.47
C ILE A 29 -4.40 -0.87 -6.10
N SER A 30 -4.86 -2.05 -5.74
CA SER A 30 -6.24 -2.26 -5.37
C SER A 30 -6.39 -2.56 -3.88
N ILE A 31 -6.75 -1.54 -3.12
CA ILE A 31 -6.92 -1.67 -1.67
C ILE A 31 -8.31 -2.19 -1.34
N SER A 32 -8.53 -2.48 -0.06
CA SER A 32 -9.81 -2.99 0.42
C SER A 32 -10.18 -2.37 1.76
N GLY A 33 -11.42 -1.88 1.86
CA GLY A 33 -11.88 -1.27 3.09
C GLY A 33 -11.95 -2.27 4.24
N MET A 34 -11.87 -1.75 5.46
CA MET A 34 -11.92 -2.59 6.64
C MET A 34 -13.31 -2.56 7.27
N ARG A 35 -13.84 -3.74 7.59
CA ARG A 35 -15.16 -3.85 8.19
C ARG A 35 -15.34 -5.20 8.89
N ASP A 36 -14.56 -5.43 9.95
CA ASP A 36 -14.63 -6.67 10.70
C ASP A 36 -15.97 -6.80 11.43
N GLN A 37 -16.12 -7.88 12.19
CA GLN A 37 -17.36 -8.12 12.94
C GLN A 37 -17.56 -7.04 14.00
N SER A 38 -18.72 -7.09 14.66
CA SER A 38 -19.06 -6.13 15.71
C SER A 38 -18.85 -4.70 15.22
N THR A 39 -18.83 -3.75 16.16
CA THR A 39 -18.64 -2.35 15.82
C THR A 39 -17.36 -2.15 15.02
N THR A 40 -17.42 -1.29 14.01
CA THR A 40 -16.26 -1.00 13.17
C THR A 40 -15.34 0.03 13.82
N GLY A 41 -15.54 0.26 15.12
CA GLY A 41 -14.73 1.21 15.84
C GLY A 41 -13.37 0.66 16.20
N GLU A 42 -13.28 -0.66 16.34
CA GLU A 42 -12.03 -1.32 16.70
C GLU A 42 -11.44 -2.05 15.49
N ALA A 43 -10.11 -2.14 15.46
CA ALA A 43 -9.41 -2.80 14.36
C ALA A 43 -9.77 -2.17 13.02
N THR A 44 -9.01 -1.14 12.63
CA THR A 44 -9.25 -0.46 11.36
C THR A 44 -7.94 -0.21 10.62
N GLY A 45 -8.01 -0.15 9.30
CA GLY A 45 -6.83 0.08 8.49
C GLY A 45 -6.98 -0.42 7.08
N ILE A 46 -6.40 0.30 6.12
CA ILE A 46 -6.48 -0.08 4.71
C ILE A 46 -5.39 -1.09 4.36
N TYR A 47 -5.59 -1.82 3.27
CA TYR A 47 -4.62 -2.82 2.83
C TYR A 47 -4.86 -3.23 1.39
N VAL A 48 -3.78 -3.40 0.62
CA VAL A 48 -3.88 -3.79 -0.78
C VAL A 48 -4.31 -5.25 -0.89
N LYS A 49 -5.56 -5.45 -1.27
CA LYS A 49 -6.10 -6.80 -1.43
C LYS A 49 -5.42 -7.54 -2.58
N SER A 50 -5.14 -6.81 -3.66
CA SER A 50 -4.48 -7.40 -4.82
C SER A 50 -4.01 -6.34 -5.80
N LEU A 51 -3.32 -6.77 -6.85
CA LEU A 51 -2.80 -5.86 -7.86
C LEU A 51 -3.47 -6.11 -9.21
N ILE A 52 -3.47 -5.08 -10.06
CA ILE A 52 -4.09 -5.19 -11.37
C ILE A 52 -3.05 -5.45 -12.46
N PRO A 53 -3.03 -6.68 -13.02
CA PRO A 53 -2.07 -7.04 -14.07
C PRO A 53 -2.18 -6.13 -15.29
N GLY A 54 -1.02 -5.71 -15.80
CA GLY A 54 -1.01 -4.85 -16.97
C GLY A 54 -0.69 -3.40 -16.62
N SER A 55 -0.82 -3.06 -15.34
CA SER A 55 -0.55 -1.71 -14.88
C SER A 55 0.92 -1.54 -14.50
N ALA A 56 1.26 -0.37 -13.99
CA ALA A 56 2.64 -0.07 -13.59
C ALA A 56 3.04 -0.89 -12.36
N ALA A 57 2.25 -0.77 -11.30
CA ALA A 57 2.52 -1.50 -10.06
C ALA A 57 2.69 -2.99 -10.31
N ALA A 58 1.90 -3.53 -11.24
CA ALA A 58 1.95 -4.94 -11.57
C ALA A 58 3.25 -5.30 -12.31
N LEU A 59 3.59 -4.48 -13.31
CA LEU A 59 4.81 -4.70 -14.09
C LEU A 59 6.05 -4.52 -13.22
N ASP A 60 5.88 -3.82 -12.11
CA ASP A 60 6.99 -3.56 -11.20
C ASP A 60 7.55 -4.87 -10.64
N GLY A 61 6.69 -5.67 -10.03
CA GLY A 61 7.11 -6.95 -9.48
C GLY A 61 7.40 -6.88 -8.00
N ARG A 62 8.20 -5.89 -7.58
CA ARG A 62 8.56 -5.73 -6.18
C ARG A 62 7.32 -5.63 -5.30
N ILE A 63 6.27 -4.98 -5.81
CA ILE A 63 5.03 -4.82 -5.06
C ILE A 63 4.30 -6.16 -4.94
N GLU A 64 4.17 -6.63 -3.71
CA GLU A 64 3.50 -7.90 -3.45
C GLU A 64 2.08 -7.67 -2.92
N PRO A 65 1.08 -8.37 -3.49
CA PRO A 65 -0.32 -8.23 -3.05
C PRO A 65 -0.51 -8.62 -1.59
N ASN A 66 -1.70 -8.36 -1.07
CA ASN A 66 -2.01 -8.68 0.33
C ASN A 66 -1.03 -7.97 1.26
N ASP A 67 -0.90 -6.66 1.09
CA ASP A 67 0.01 -5.87 1.91
C ASP A 67 -0.73 -4.74 2.62
N LYS A 68 -0.03 -4.02 3.49
CA LYS A 68 -0.62 -2.91 4.23
C LYS A 68 0.03 -1.59 3.83
N ILE A 69 -0.80 -0.62 3.46
CA ILE A 69 -0.31 0.70 3.06
C ILE A 69 -0.21 1.63 4.26
N LEU A 70 0.86 2.42 4.30
CA LEU A 70 1.08 3.36 5.39
C LEU A 70 0.92 4.80 4.92
N ARG A 71 1.77 5.22 3.99
CA ARG A 71 1.73 6.58 3.47
C ARG A 71 2.23 6.66 2.04
N VAL A 72 1.52 7.41 1.21
CA VAL A 72 1.88 7.59 -0.19
C VAL A 72 2.83 8.78 -0.34
N ASP A 73 3.31 9.01 -1.56
CA ASP A 73 4.22 10.12 -1.82
C ASP A 73 3.68 11.43 -1.26
N ASP A 74 4.32 11.92 -0.19
CA ASP A 74 3.92 13.18 0.45
C ASP A 74 2.45 13.14 0.89
N VAL A 75 1.96 11.95 1.20
CA VAL A 75 0.58 11.77 1.64
C VAL A 75 0.48 10.65 2.66
N ASN A 76 -0.42 10.81 3.64
CA ASN A 76 -0.61 9.80 4.67
C ASN A 76 -2.01 9.20 4.57
N VAL A 77 -2.09 7.87 4.56
CA VAL A 77 -3.38 7.19 4.46
C VAL A 77 -3.72 6.45 5.74
N GLN A 78 -3.18 6.92 6.86
CA GLN A 78 -3.44 6.31 8.15
C GLN A 78 -4.60 7.00 8.86
N GLY A 79 -5.55 7.50 8.07
CA GLY A 79 -6.69 8.20 8.63
C GLY A 79 -7.63 8.75 7.58
N MET A 80 -7.76 8.05 6.46
CA MET A 80 -8.62 8.48 5.37
C MET A 80 -9.47 7.32 4.85
N ALA A 81 -10.69 7.62 4.45
CA ALA A 81 -11.60 6.61 3.93
C ALA A 81 -11.05 5.98 2.66
N GLN A 82 -11.40 4.71 2.43
CA GLN A 82 -10.93 3.99 1.25
C GLN A 82 -11.07 4.83 -0.01
N SER A 83 -12.27 5.37 -0.24
CA SER A 83 -12.53 6.19 -1.42
C SER A 83 -11.48 7.28 -1.59
N ASP A 84 -11.18 7.99 -0.49
CA ASP A 84 -10.19 9.06 -0.53
C ASP A 84 -8.83 8.54 -0.97
N VAL A 85 -8.45 7.37 -0.45
CA VAL A 85 -7.18 6.76 -0.78
C VAL A 85 -7.06 6.52 -2.29
N VAL A 86 -8.18 6.11 -2.90
CA VAL A 86 -8.21 5.84 -4.33
C VAL A 86 -8.02 7.13 -5.13
N GLU A 87 -8.60 8.22 -4.65
CA GLU A 87 -8.49 9.51 -5.32
C GLU A 87 -7.02 9.91 -5.47
N VAL A 88 -6.26 9.76 -4.38
CA VAL A 88 -4.84 10.10 -4.38
C VAL A 88 -4.09 9.29 -5.43
N LEU A 89 -4.23 7.97 -5.35
CA LEU A 89 -3.55 7.08 -6.29
C LEU A 89 -3.90 7.43 -7.73
N ARG A 90 -5.08 8.02 -7.93
CA ARG A 90 -5.52 8.40 -9.27
C ARG A 90 -5.06 9.81 -9.62
N ASN A 91 -4.73 10.60 -8.60
CA ASN A 91 -4.28 11.97 -8.81
C ASN A 91 -2.76 12.03 -8.99
N ALA A 92 -2.10 10.91 -8.75
CA ALA A 92 -0.65 10.83 -8.88
C ALA A 92 -0.19 11.20 -10.29
N GLY A 93 -0.17 10.21 -11.18
CA GLY A 93 0.24 10.45 -12.56
C GLY A 93 1.67 10.96 -12.64
N ASN A 94 2.44 10.73 -11.58
CA ASN A 94 3.83 11.18 -11.52
C ASN A 94 4.69 10.20 -10.72
N PRO A 95 6.02 10.38 -10.69
CA PRO A 95 6.92 9.51 -9.91
C PRO A 95 6.62 9.59 -8.42
N VAL A 96 5.71 8.73 -7.96
CA VAL A 96 5.33 8.72 -6.55
C VAL A 96 5.96 7.56 -5.79
N ARG A 97 6.16 7.76 -4.50
CA ARG A 97 6.75 6.74 -3.64
C ARG A 97 5.66 6.05 -2.82
N LEU A 98 5.82 4.75 -2.61
CA LEU A 98 4.84 3.97 -1.85
C LEU A 98 5.47 3.32 -0.63
N LEU A 99 5.20 3.86 0.55
CA LEU A 99 5.73 3.30 1.79
C LEU A 99 4.72 2.35 2.42
N LEU A 100 5.01 1.05 2.31
CA LEU A 100 4.12 0.02 2.86
C LEU A 100 4.89 -1.03 3.65
N ILE A 101 4.17 -1.86 4.39
CA ILE A 101 4.78 -2.90 5.19
C ILE A 101 4.24 -4.28 4.80
N ARG A 102 5.12 -5.28 4.80
CA ARG A 102 4.73 -6.64 4.46
C ARG A 102 5.82 -7.62 4.86
N ARG A 103 5.40 -8.74 5.46
CA ARG A 103 6.34 -9.75 5.91
C ARG A 103 7.13 -10.33 4.73
N LEU A 104 8.40 -10.63 4.99
CA LEU A 104 9.27 -11.19 3.96
C LEU A 104 9.47 -12.69 4.19
N PRO A 105 9.76 -13.44 3.12
CA PRO A 105 9.97 -14.89 3.22
C PRO A 105 11.39 -15.23 3.68
N LEU A 106 11.56 -16.44 4.19
CA LEU A 106 12.86 -16.88 4.68
C LEU A 106 13.07 -18.37 4.37
N LEU A 107 14.18 -18.67 3.70
CA LEU A 107 14.50 -20.05 3.34
C LEU A 107 14.79 -20.88 4.58
N GLU A 108 13.81 -21.68 5.01
CA GLU A 108 13.95 -22.53 6.18
C GLU A 108 14.30 -21.70 7.42
N GLY A 1 7.97 9.85 11.19
CA GLY A 1 7.67 8.48 10.67
C GLY A 1 7.85 7.39 11.72
N SER A 2 7.62 6.15 11.33
CA SER A 2 7.76 5.02 12.24
C SER A 2 8.80 4.03 11.72
N HIS A 3 9.48 3.36 12.65
CA HIS A 3 10.50 2.38 12.28
C HIS A 3 10.85 1.49 13.47
N GLY A 4 10.29 0.29 13.49
CA GLY A 4 10.56 -0.63 14.58
C GLY A 4 10.72 -2.06 14.11
N TYR A 5 9.84 -2.49 13.20
CA TYR A 5 9.89 -3.86 12.68
C TYR A 5 10.94 -3.97 11.57
N SER A 6 12.19 -4.18 11.96
CA SER A 6 13.28 -4.30 11.01
C SER A 6 13.52 -5.76 10.64
N ASP A 7 12.80 -6.23 9.62
CA ASP A 7 12.92 -7.62 9.16
C ASP A 7 12.63 -8.60 10.30
N ALA A 8 11.64 -8.27 11.11
CA ALA A 8 11.25 -9.12 12.23
C ALA A 8 10.19 -10.12 11.81
N SER A 9 10.50 -11.41 11.95
CA SER A 9 9.56 -12.47 11.58
C SER A 9 9.14 -12.33 10.12
N GLY A 10 10.00 -11.71 9.32
CA GLY A 10 9.70 -11.51 7.91
C GLY A 10 9.15 -10.14 7.63
N PHE A 11 8.30 -9.64 8.52
CA PHE A 11 7.70 -8.32 8.34
C PHE A 11 8.77 -7.24 8.29
N SER A 12 8.72 -6.40 7.27
CA SER A 12 9.68 -5.33 7.11
C SER A 12 9.07 -4.12 6.41
N LEU A 13 9.54 -2.93 6.78
CA LEU A 13 9.05 -1.69 6.19
C LEU A 13 9.88 -1.32 4.97
N TYR A 14 9.34 -1.57 3.78
CA TYR A 14 10.06 -1.26 2.55
C TYR A 14 9.22 -0.35 1.64
N SER A 15 9.91 0.47 0.87
CA SER A 15 9.24 1.40 -0.05
C SER A 15 9.57 1.06 -1.49
N VAL A 16 8.67 1.44 -2.41
CA VAL A 16 8.86 1.19 -3.82
C VAL A 16 8.78 2.49 -4.61
N GLU A 17 9.37 2.50 -5.80
CA GLU A 17 9.37 3.69 -6.64
C GLU A 17 8.61 3.45 -7.95
N LEU A 18 7.42 4.04 -8.06
CA LEU A 18 6.60 3.90 -9.25
C LEU A 18 6.39 5.25 -9.92
N PHE A 19 6.34 5.25 -11.25
CA PHE A 19 6.15 6.47 -12.01
C PHE A 19 4.86 6.41 -12.82
N ARG A 20 3.95 7.32 -12.52
CA ARG A 20 2.67 7.37 -13.23
C ARG A 20 2.59 8.61 -14.11
N GLU A 21 1.79 8.54 -15.17
CA GLU A 21 1.64 9.65 -16.09
C GLU A 21 0.23 10.22 -16.04
N LYS A 22 -0.72 9.46 -16.55
CA LYS A 22 -2.12 9.87 -16.57
C LYS A 22 -3.03 8.72 -16.15
N ASP A 23 -4.34 8.91 -16.34
CA ASP A 23 -5.31 7.88 -15.98
C ASP A 23 -4.99 6.56 -16.68
N THR A 24 -4.34 6.66 -17.83
CA THR A 24 -3.98 5.49 -18.60
C THR A 24 -2.94 4.66 -17.86
N SER A 25 -2.02 5.34 -17.18
CA SER A 25 -0.96 4.67 -16.43
C SER A 25 -1.48 4.22 -15.06
N SER A 26 -2.47 3.34 -15.08
CA SER A 26 -3.05 2.82 -13.84
C SER A 26 -1.99 2.14 -12.99
N LEU A 27 -2.04 2.38 -11.68
CA LEU A 27 -1.08 1.80 -10.76
C LEU A 27 -1.43 0.36 -10.45
N GLY A 28 -2.74 0.07 -10.39
CA GLY A 28 -3.18 -1.29 -10.13
C GLY A 28 -3.45 -1.56 -8.66
N ILE A 29 -3.12 -0.59 -7.81
CA ILE A 29 -3.32 -0.73 -6.38
C ILE A 29 -4.80 -0.95 -6.06
N SER A 30 -5.14 -2.17 -5.65
CA SER A 30 -6.52 -2.50 -5.31
C SER A 30 -6.66 -2.78 -3.81
N ILE A 31 -7.09 -1.76 -3.07
CA ILE A 31 -7.25 -1.89 -1.62
C ILE A 31 -8.66 -2.38 -1.26
N SER A 32 -8.83 -2.79 -0.01
CA SER A 32 -10.12 -3.29 0.46
C SER A 32 -10.38 -2.87 1.90
N GLY A 33 -11.61 -2.47 2.19
CA GLY A 33 -11.96 -2.05 3.53
C GLY A 33 -12.41 -3.21 4.40
N MET A 34 -11.73 -3.42 5.52
CA MET A 34 -12.06 -4.50 6.43
C MET A 34 -13.44 -4.28 7.04
N ARG A 35 -14.10 -5.38 7.42
CA ARG A 35 -15.42 -5.31 8.02
C ARG A 35 -15.59 -6.38 9.10
N ASP A 36 -14.56 -6.55 9.92
CA ASP A 36 -14.59 -7.53 11.00
C ASP A 36 -15.76 -7.27 11.94
N GLN A 37 -16.39 -8.34 12.42
CA GLN A 37 -17.52 -8.22 13.32
C GLN A 37 -17.23 -8.89 14.66
N SER A 38 -18.22 -8.90 15.55
CA SER A 38 -18.09 -9.50 16.86
C SER A 38 -16.97 -8.84 17.66
N THR A 39 -16.74 -9.34 18.87
CA THR A 39 -15.70 -8.81 19.75
C THR A 39 -15.84 -7.30 19.94
N THR A 40 -14.86 -6.70 20.60
CA THR A 40 -14.87 -5.26 20.85
C THR A 40 -13.50 -4.65 20.52
N GLY A 41 -12.80 -5.25 19.57
CA GLY A 41 -11.49 -4.76 19.18
C GLY A 41 -11.20 -4.99 17.71
N GLU A 42 -11.79 -4.17 16.85
CA GLU A 42 -11.58 -4.29 15.40
C GLU A 42 -10.40 -3.42 14.96
N ALA A 43 -9.77 -3.81 13.85
CA ALA A 43 -8.63 -3.06 13.33
C ALA A 43 -8.79 -2.83 11.82
N THR A 44 -9.65 -1.89 11.46
CA THR A 44 -9.88 -1.55 10.06
C THR A 44 -8.76 -0.67 9.52
N GLY A 45 -8.17 -1.08 8.40
CA GLY A 45 -7.08 -0.30 7.81
C GLY A 45 -7.07 -0.40 6.30
N ILE A 46 -6.14 0.34 5.68
CA ILE A 46 -6.02 0.35 4.23
C ILE A 46 -4.94 -0.64 3.77
N TYR A 47 -5.39 -1.76 3.20
CA TYR A 47 -4.46 -2.77 2.72
C TYR A 47 -4.81 -3.22 1.30
N VAL A 48 -3.79 -3.48 0.50
CA VAL A 48 -3.98 -3.91 -0.88
C VAL A 48 -4.28 -5.41 -0.95
N LYS A 49 -5.47 -5.75 -1.42
CA LYS A 49 -5.88 -7.14 -1.53
C LYS A 49 -5.39 -7.77 -2.83
N SER A 50 -5.36 -6.97 -3.90
CA SER A 50 -4.93 -7.46 -5.20
C SER A 50 -4.28 -6.35 -6.03
N LEU A 51 -3.71 -6.74 -7.16
CA LEU A 51 -3.06 -5.80 -8.07
C LEU A 51 -3.54 -6.02 -9.50
N ILE A 52 -3.72 -4.92 -10.24
CA ILE A 52 -4.16 -5.01 -11.63
C ILE A 52 -3.03 -5.46 -12.55
N PRO A 53 -3.16 -6.64 -13.17
CA PRO A 53 -2.14 -7.17 -14.08
C PRO A 53 -1.83 -6.21 -15.24
N GLY A 54 -0.57 -5.88 -15.41
CA GLY A 54 -0.17 -4.98 -16.48
C GLY A 54 0.01 -3.55 -16.03
N SER A 55 -0.47 -3.25 -14.82
CA SER A 55 -0.36 -1.91 -14.27
C SER A 55 1.07 -1.60 -13.87
N ALA A 56 1.28 -0.41 -13.31
CA ALA A 56 2.62 0.00 -12.88
C ALA A 56 3.10 -0.83 -11.69
N ALA A 57 2.30 -0.84 -10.63
CA ALA A 57 2.64 -1.60 -9.42
C ALA A 57 2.87 -3.07 -9.74
N ALA A 58 2.13 -3.59 -10.70
CA ALA A 58 2.25 -4.99 -11.09
C ALA A 58 3.56 -5.27 -11.82
N LEU A 59 3.81 -4.51 -12.88
CA LEU A 59 5.03 -4.67 -13.66
C LEU A 59 6.27 -4.45 -12.80
N ASP A 60 6.09 -3.76 -11.68
CA ASP A 60 7.19 -3.47 -10.77
C ASP A 60 7.83 -4.77 -10.29
N GLY A 61 7.02 -5.66 -9.76
CA GLY A 61 7.52 -6.94 -9.27
C GLY A 61 7.77 -6.95 -7.78
N ARG A 62 8.14 -5.80 -7.22
CA ARG A 62 8.42 -5.70 -5.80
C ARG A 62 7.13 -5.49 -5.00
N ILE A 63 6.01 -5.45 -5.70
CA ILE A 63 4.72 -5.26 -5.05
C ILE A 63 3.82 -6.48 -5.24
N GLU A 64 3.38 -7.07 -4.13
CA GLU A 64 2.52 -8.24 -4.18
C GLU A 64 1.28 -8.04 -3.31
N PRO A 65 0.19 -8.80 -3.57
CA PRO A 65 -1.05 -8.70 -2.79
C PRO A 65 -0.83 -8.95 -1.31
N ASN A 66 -1.89 -8.82 -0.53
CA ASN A 66 -1.81 -9.03 0.93
C ASN A 66 -0.76 -8.12 1.54
N ASP A 67 -0.84 -6.83 1.21
CA ASP A 67 0.11 -5.84 1.72
C ASP A 67 -0.63 -4.75 2.51
N LYS A 68 0.06 -4.15 3.47
CA LYS A 68 -0.52 -3.09 4.28
C LYS A 68 0.10 -1.74 3.95
N ILE A 69 -0.67 -0.88 3.30
CA ILE A 69 -0.20 0.45 2.92
C ILE A 69 -0.06 1.35 4.14
N LEU A 70 0.98 2.17 4.15
CA LEU A 70 1.23 3.09 5.26
C LEU A 70 1.09 4.54 4.81
N ARG A 71 2.05 5.00 4.04
CA ARG A 71 2.04 6.38 3.55
C ARG A 71 2.41 6.46 2.08
N VAL A 72 1.64 7.25 1.33
CA VAL A 72 1.89 7.44 -0.10
C VAL A 72 2.77 8.66 -0.32
N ASP A 73 3.24 8.85 -1.54
CA ASP A 73 4.09 9.98 -1.88
C ASP A 73 3.55 11.30 -1.33
N ASP A 74 4.22 11.82 -0.30
CA ASP A 74 3.83 13.09 0.33
C ASP A 74 2.37 13.09 0.78
N VAL A 75 1.75 11.92 0.83
CA VAL A 75 0.35 11.81 1.25
C VAL A 75 0.10 10.53 2.02
N ASN A 76 0.06 10.64 3.35
CA ASN A 76 -0.18 9.49 4.21
C ASN A 76 -1.61 8.99 4.04
N VAL A 77 -1.83 7.72 4.33
CA VAL A 77 -3.17 7.14 4.20
C VAL A 77 -3.55 6.31 5.43
N GLN A 78 -3.18 6.82 6.61
CA GLN A 78 -3.49 6.15 7.86
C GLN A 78 -4.56 6.90 8.65
N GLY A 79 -5.51 7.49 7.94
CA GLY A 79 -6.57 8.23 8.59
C GLY A 79 -7.58 8.83 7.62
N MET A 80 -7.71 8.20 6.45
CA MET A 80 -8.65 8.69 5.44
C MET A 80 -9.52 7.55 4.93
N ALA A 81 -10.73 7.89 4.47
CA ALA A 81 -11.67 6.91 3.95
C ALA A 81 -11.11 6.19 2.73
N GLN A 82 -11.54 4.95 2.53
CA GLN A 82 -11.09 4.15 1.39
C GLN A 82 -11.19 4.93 0.09
N SER A 83 -12.39 5.40 -0.22
CA SER A 83 -12.64 6.16 -1.44
C SER A 83 -11.67 7.31 -1.58
N ASP A 84 -11.40 8.00 -0.48
CA ASP A 84 -10.48 9.13 -0.47
C ASP A 84 -9.09 8.71 -0.95
N VAL A 85 -8.63 7.56 -0.47
CA VAL A 85 -7.32 7.04 -0.85
C VAL A 85 -7.25 6.80 -2.35
N VAL A 86 -8.36 6.36 -2.92
CA VAL A 86 -8.43 6.10 -4.36
C VAL A 86 -8.23 7.37 -5.16
N GLU A 87 -8.83 8.46 -4.69
CA GLU A 87 -8.72 9.75 -5.37
C GLU A 87 -7.25 10.18 -5.46
N VAL A 88 -6.56 10.12 -4.33
CA VAL A 88 -5.15 10.51 -4.27
C VAL A 88 -4.33 9.77 -5.33
N LEU A 89 -4.44 8.45 -5.34
CA LEU A 89 -3.70 7.63 -6.29
C LEU A 89 -4.02 8.03 -7.73
N ARG A 90 -5.26 8.46 -7.97
CA ARG A 90 -5.69 8.87 -9.31
C ARG A 90 -5.26 10.31 -9.60
N ASN A 91 -4.89 11.04 -8.55
CA ASN A 91 -4.47 12.43 -8.70
C ASN A 91 -2.96 12.52 -8.89
N ALA A 92 -2.26 11.44 -8.58
CA ALA A 92 -0.80 11.41 -8.71
C ALA A 92 -0.36 11.74 -10.13
N GLY A 93 -0.38 10.73 -11.00
CA GLY A 93 0.04 10.94 -12.39
C GLY A 93 1.49 11.38 -12.50
N ASN A 94 2.27 11.07 -11.47
CA ASN A 94 3.68 11.44 -11.44
C ASN A 94 4.50 10.39 -10.68
N PRO A 95 5.85 10.45 -10.73
CA PRO A 95 6.70 9.52 -10.00
C PRO A 95 6.41 9.55 -8.50
N VAL A 96 5.52 8.68 -8.05
CA VAL A 96 5.14 8.63 -6.65
C VAL A 96 5.79 7.45 -5.93
N ARG A 97 6.06 7.63 -4.64
CA ARG A 97 6.67 6.61 -3.82
C ARG A 97 5.60 5.90 -2.99
N LEU A 98 5.78 4.60 -2.80
CA LEU A 98 4.82 3.81 -2.05
C LEU A 98 5.45 3.19 -0.80
N LEU A 99 5.16 3.78 0.36
CA LEU A 99 5.68 3.28 1.63
C LEU A 99 4.71 2.27 2.22
N LEU A 100 5.11 0.99 2.21
CA LEU A 100 4.25 -0.06 2.74
C LEU A 100 5.04 -1.15 3.46
N ILE A 101 4.33 -2.01 4.18
CA ILE A 101 4.96 -3.09 4.92
C ILE A 101 4.44 -4.44 4.41
N ARG A 102 5.32 -5.43 4.38
CA ARG A 102 4.96 -6.77 3.91
C ARG A 102 6.03 -7.78 4.28
N ARG A 103 5.59 -8.92 4.82
CA ARG A 103 6.52 -9.97 5.21
C ARG A 103 7.29 -10.50 4.01
N LEU A 104 8.54 -10.90 4.27
CA LEU A 104 9.41 -11.41 3.22
C LEU A 104 9.27 -12.93 3.09
N PRO A 105 9.35 -13.47 1.86
CA PRO A 105 9.24 -14.90 1.61
C PRO A 105 10.54 -15.65 1.89
N LEU A 106 10.99 -15.56 3.13
CA LEU A 106 12.22 -16.22 3.55
C LEU A 106 12.19 -17.71 3.21
N LEU A 107 13.03 -18.11 2.26
CA LEU A 107 13.12 -19.50 1.83
C LEU A 107 13.97 -20.32 2.80
N GLU A 108 13.74 -21.63 2.83
CA GLU A 108 14.49 -22.51 3.72
C GLU A 108 14.89 -23.80 2.99
#